data_2LFW
#
_entry.id   2LFW
#
loop_
_entity.id
_entity.type
_entity.pdbx_description
1 polymer 'PhyR sigma-like domain'
2 polymer 'NepR anti sigma factor'
#
loop_
_entity_poly.entity_id
_entity_poly.type
_entity_poly.pdbx_seq_one_letter_code
_entity_poly.pdbx_strand_id
1 'polypeptide(L)'
;MSLGQQLAPHLPFLRRYGRALTGSQNQGDKYVRATLEAIVAAPDQFPRDVDPRLGLYRMFQGIWASANADGEAQTSQSDA
EGTEAVARARLARMTPLSRQALLLTAMEGFSPEDAAYLIEVDTSEVETLVTEALAEIEKQTRALELVPRGSHHHHHH
;
A
2 'polypeptide(L)' MLDLPGNKDKKASSKKSPAKVQSKDRDMGAALRSAYQKTIEEQVPDEMLDLLNKLALELVPR B
#
# COMPACT_ATOMS: atom_id res chain seq x y z
N MET A 1 20.96 16.38 -2.73
CA MET A 1 21.33 16.83 -4.10
C MET A 1 20.44 16.16 -5.13
N SER A 2 19.66 16.96 -5.86
CA SER A 2 18.70 16.49 -6.87
C SER A 2 17.64 15.55 -6.31
N LEU A 3 16.64 15.25 -7.13
CA LEU A 3 15.52 14.39 -6.77
C LEU A 3 15.95 12.92 -6.71
N GLY A 4 17.02 12.54 -7.42
CA GLY A 4 17.44 11.15 -7.49
C GLY A 4 17.82 10.59 -6.12
N GLN A 5 18.36 11.42 -5.23
CA GLN A 5 18.76 11.01 -3.89
C GLN A 5 17.54 10.82 -2.96
N GLN A 6 16.34 11.03 -3.49
CA GLN A 6 15.09 10.85 -2.75
C GLN A 6 14.08 10.07 -3.58
N LEU A 7 14.51 9.60 -4.75
CA LEU A 7 13.71 8.79 -5.65
C LEU A 7 14.26 7.38 -5.71
N ALA A 8 15.59 7.23 -5.88
CA ALA A 8 16.25 5.95 -6.00
C ALA A 8 16.06 5.02 -4.78
N PRO A 9 16.19 5.51 -3.53
CA PRO A 9 16.08 4.66 -2.36
C PRO A 9 14.64 4.21 -2.08
N HIS A 10 13.68 4.66 -2.90
CA HIS A 10 12.27 4.31 -2.75
C HIS A 10 11.65 3.94 -4.10
N LEU A 11 12.50 3.85 -5.13
CA LEU A 11 12.09 3.54 -6.49
C LEU A 11 11.36 2.21 -6.60
N PRO A 12 11.81 1.11 -5.98
CA PRO A 12 11.15 -0.17 -6.08
C PRO A 12 9.91 -0.27 -5.18
N PHE A 13 9.68 0.70 -4.29
CA PHE A 13 8.55 0.63 -3.38
C PHE A 13 7.23 0.73 -4.14
N LEU A 14 7.25 1.26 -5.36
CA LEU A 14 6.05 1.37 -6.18
C LEU A 14 5.67 0.01 -6.77
N ARG A 15 6.62 -0.93 -6.81
CA ARG A 15 6.41 -2.28 -7.30
C ARG A 15 6.27 -3.25 -6.12
N ARG A 16 6.72 -2.81 -4.94
CA ARG A 16 6.63 -3.54 -3.68
C ARG A 16 5.16 -3.85 -3.34
N TYR A 17 4.22 -3.12 -3.96
CA TYR A 17 2.80 -3.44 -3.84
C TYR A 17 2.07 -3.27 -5.17
N GLY A 18 2.68 -2.60 -6.15
CA GLY A 18 2.08 -2.49 -7.48
C GLY A 18 1.93 -3.86 -8.13
N ARG A 19 2.79 -4.82 -7.76
CA ARG A 19 2.73 -6.19 -8.26
C ARG A 19 1.43 -6.89 -7.85
N ALA A 20 0.66 -6.27 -6.95
CA ALA A 20 -0.58 -6.84 -6.44
C ALA A 20 -1.73 -5.83 -6.52
N LEU A 21 -1.50 -4.68 -7.14
CA LEU A 21 -2.52 -3.64 -7.33
C LEU A 21 -2.99 -3.61 -8.78
N THR A 22 -2.36 -4.42 -9.64
CA THR A 22 -2.77 -4.59 -11.02
C THR A 22 -2.49 -6.01 -11.53
N GLY A 23 -1.59 -6.75 -10.88
CA GLY A 23 -1.38 -8.15 -11.16
C GLY A 23 -0.66 -8.41 -12.49
N SER A 24 0.09 -7.43 -13.00
CA SER A 24 0.83 -7.60 -14.23
C SER A 24 2.14 -6.82 -14.17
N GLN A 25 3.23 -7.45 -14.59
CA GLN A 25 4.54 -6.81 -14.59
C GLN A 25 4.63 -5.75 -15.67
N ASN A 26 3.85 -5.89 -16.75
CA ASN A 26 3.85 -4.92 -17.83
C ASN A 26 3.13 -3.65 -17.40
N GLN A 27 2.10 -3.80 -16.56
CA GLN A 27 1.38 -2.66 -16.03
C GLN A 27 2.18 -1.99 -14.93
N GLY A 28 2.83 -2.78 -14.08
CA GLY A 28 3.62 -2.23 -12.97
C GLY A 28 4.82 -1.44 -13.50
N ASP A 29 5.44 -1.91 -14.58
CA ASP A 29 6.59 -1.24 -15.16
C ASP A 29 6.18 0.06 -15.86
N LYS A 30 5.01 0.09 -16.50
CA LYS A 30 4.60 1.29 -17.21
C LYS A 30 3.98 2.31 -16.27
N TYR A 31 3.46 1.89 -15.11
CA TYR A 31 2.89 2.83 -14.16
C TYR A 31 4.01 3.64 -13.50
N VAL A 32 5.09 2.99 -13.07
CA VAL A 32 6.17 3.71 -12.40
C VAL A 32 6.87 4.67 -13.36
N ARG A 33 6.99 4.28 -14.64
CA ARG A 33 7.67 5.12 -15.61
C ARG A 33 6.75 6.25 -16.09
N ALA A 34 5.44 5.99 -16.13
CA ALA A 34 4.48 7.03 -16.48
C ALA A 34 4.30 8.01 -15.32
N THR A 35 4.55 7.56 -14.09
CA THR A 35 4.48 8.42 -12.92
C THR A 35 5.60 9.45 -12.97
N LEU A 36 6.78 9.05 -13.45
CA LEU A 36 7.93 9.94 -13.50
C LEU A 36 7.77 10.94 -14.64
N GLU A 37 7.34 10.47 -15.82
CA GLU A 37 7.17 11.32 -16.98
C GLU A 37 6.09 12.39 -16.70
N ALA A 38 5.16 12.09 -15.79
CA ALA A 38 4.12 13.03 -15.39
C ALA A 38 4.66 14.10 -14.43
N ILE A 39 5.95 14.05 -14.11
CA ILE A 39 6.58 14.98 -13.18
C ILE A 39 7.74 15.70 -13.87
N VAL A 40 8.17 15.19 -15.03
CA VAL A 40 9.19 15.84 -15.86
C VAL A 40 8.77 17.26 -16.27
N ALA A 41 7.49 17.61 -16.11
CA ALA A 41 6.98 18.92 -16.47
C ALA A 41 6.33 19.61 -15.28
N ALA A 42 6.35 18.98 -14.10
CA ALA A 42 5.71 19.50 -12.91
C ALA A 42 6.39 18.95 -11.63
N PRO A 43 7.71 19.12 -11.50
CA PRO A 43 8.45 18.61 -10.35
C PRO A 43 8.04 19.27 -9.04
N ASP A 44 7.27 20.35 -9.10
CA ASP A 44 6.74 21.01 -7.91
C ASP A 44 5.57 20.24 -7.33
N GLN A 45 5.07 19.23 -8.05
CA GLN A 45 3.94 18.42 -7.62
C GLN A 45 4.40 17.13 -6.96
N PHE A 46 5.71 16.99 -6.72
CA PHE A 46 6.29 15.77 -6.17
C PHE A 46 7.20 16.07 -4.99
N PRO A 47 6.66 16.66 -3.92
CA PRO A 47 7.39 16.97 -2.70
C PRO A 47 7.68 15.70 -1.89
N ARG A 48 8.63 15.79 -0.95
CA ARG A 48 9.01 14.68 -0.08
C ARG A 48 9.22 15.16 1.35
N ASP A 49 8.96 16.43 1.63
CA ASP A 49 9.17 17.00 2.96
C ASP A 49 8.16 16.48 3.97
N VAL A 50 7.03 15.92 3.51
CA VAL A 50 6.04 15.33 4.39
C VAL A 50 6.56 14.01 4.96
N ASP A 51 7.05 13.15 4.06
CA ASP A 51 7.74 11.90 4.35
C ASP A 51 8.46 11.47 3.08
N PRO A 52 9.56 10.73 3.20
CA PRO A 52 10.35 10.28 2.08
C PRO A 52 9.65 9.19 1.26
N ARG A 53 8.41 8.83 1.63
CA ARG A 53 7.68 7.74 0.98
C ARG A 53 6.23 8.11 0.70
N LEU A 54 5.67 9.10 1.41
CA LEU A 54 4.28 9.49 1.23
C LEU A 54 4.05 10.13 -0.14
N GLY A 55 5.08 10.80 -0.68
CA GLY A 55 4.96 11.45 -1.98
C GLY A 55 5.10 10.44 -3.12
N LEU A 56 5.92 9.41 -2.92
CA LEU A 56 6.10 8.35 -3.90
C LEU A 56 4.77 7.65 -4.16
N TYR A 57 4.00 7.39 -3.10
CA TYR A 57 2.76 6.64 -3.22
C TYR A 57 1.62 7.49 -3.80
N ARG A 58 1.62 8.80 -3.52
CA ARG A 58 0.57 9.68 -4.02
C ARG A 58 0.60 9.81 -5.54
N MET A 59 1.80 9.85 -6.13
CA MET A 59 1.91 10.02 -7.56
C MET A 59 1.68 8.72 -8.31
N PHE A 60 2.11 7.59 -7.72
CA PHE A 60 1.93 6.29 -8.36
C PHE A 60 0.45 5.91 -8.43
N GLN A 61 -0.31 6.15 -7.36
CA GLN A 61 -1.71 5.82 -7.36
C GLN A 61 -2.50 6.81 -8.24
N GLY A 62 -1.91 7.98 -8.50
CA GLY A 62 -2.55 8.96 -9.36
C GLY A 62 -2.63 8.45 -10.80
N ILE A 63 -1.59 7.78 -11.29
CA ILE A 63 -1.61 7.20 -12.63
C ILE A 63 -2.55 6.01 -12.65
N TRP A 64 -2.56 5.21 -11.58
CA TRP A 64 -3.42 4.03 -11.51
C TRP A 64 -4.89 4.41 -11.45
N ALA A 65 -5.22 5.47 -10.69
CA ALA A 65 -6.59 5.93 -10.56
C ALA A 65 -7.10 6.57 -11.86
N SER A 66 -6.17 7.06 -12.69
CA SER A 66 -6.53 7.64 -13.98
C SER A 66 -6.68 6.55 -15.04
N ALA A 67 -6.10 5.38 -14.80
CA ALA A 67 -6.14 4.29 -15.76
C ALA A 67 -7.49 3.56 -15.70
N ASN A 68 -7.94 3.18 -14.51
CA ASN A 68 -9.21 2.48 -14.37
C ASN A 68 -10.40 3.41 -14.57
N ALA A 69 -10.15 4.72 -14.55
CA ALA A 69 -11.16 5.73 -14.80
C ALA A 69 -11.35 5.99 -16.29
N ASP A 70 -10.65 5.25 -17.14
CA ASP A 70 -10.73 5.41 -18.60
C ASP A 70 -10.73 4.05 -19.30
N GLY A 71 -10.72 2.95 -18.54
CA GLY A 71 -10.78 1.60 -19.08
C GLY A 71 -9.40 1.06 -19.44
N GLU A 72 -8.34 1.81 -19.15
CA GLU A 72 -6.97 1.41 -19.43
C GLU A 72 -6.47 0.37 -18.41
N ALA A 73 -7.33 -0.03 -17.47
CA ALA A 73 -6.99 -0.99 -16.44
C ALA A 73 -8.25 -1.72 -15.94
N GLN A 74 -8.05 -2.77 -15.15
CA GLN A 74 -9.11 -3.60 -14.60
C GLN A 74 -8.70 -4.07 -13.21
N THR A 75 -9.54 -4.90 -12.58
CA THR A 75 -9.27 -5.44 -11.25
C THR A 75 -7.93 -6.19 -11.22
N SER A 76 -7.33 -6.31 -10.04
CA SER A 76 -6.03 -6.95 -9.87
C SER A 76 -6.12 -8.46 -10.05
N GLN A 77 -4.95 -9.10 -10.15
CA GLN A 77 -4.81 -10.54 -10.34
C GLN A 77 -3.44 -10.96 -9.82
N SER A 78 -3.01 -12.19 -10.14
CA SER A 78 -1.71 -12.70 -9.72
C SER A 78 -1.12 -13.61 -10.79
N ASP A 79 0.17 -13.95 -10.63
CA ASP A 79 0.89 -14.81 -11.56
C ASP A 79 1.87 -15.73 -10.82
N ALA A 80 1.64 -15.94 -9.52
CA ALA A 80 2.48 -16.77 -8.67
C ALA A 80 1.62 -17.75 -7.88
N GLU A 81 2.18 -18.38 -6.85
CA GLU A 81 1.47 -19.35 -6.04
C GLU A 81 1.83 -19.28 -4.56
N GLY A 82 2.54 -18.23 -4.12
CA GLY A 82 2.92 -18.13 -2.71
C GLY A 82 3.51 -16.79 -2.28
N THR A 83 3.34 -15.72 -3.07
CA THR A 83 3.88 -14.42 -2.69
C THR A 83 3.04 -13.24 -3.17
N GLU A 84 1.97 -13.52 -3.93
CA GLU A 84 1.02 -12.51 -4.36
C GLU A 84 -0.34 -13.16 -4.63
N ALA A 85 -0.34 -14.43 -5.07
CA ALA A 85 -1.56 -15.19 -5.18
C ALA A 85 -2.06 -15.56 -3.79
N VAL A 86 -1.18 -15.53 -2.78
CA VAL A 86 -1.57 -15.78 -1.40
C VAL A 86 -2.42 -14.62 -0.88
N ALA A 87 -2.18 -13.42 -1.40
CA ALA A 87 -2.89 -12.21 -1.01
C ALA A 87 -4.18 -12.05 -1.83
N ARG A 88 -4.45 -12.99 -2.74
CA ARG A 88 -5.63 -12.99 -3.59
C ARG A 88 -6.51 -14.20 -3.26
N ALA A 89 -5.89 -15.38 -3.19
CA ALA A 89 -6.57 -16.64 -2.98
C ALA A 89 -7.20 -16.74 -1.59
N ARG A 90 -7.01 -15.72 -0.74
CA ARG A 90 -7.51 -15.71 0.63
C ARG A 90 -8.30 -14.44 0.93
N LEU A 91 -8.30 -13.48 0.01
CA LEU A 91 -8.89 -12.16 0.24
C LEU A 91 -9.62 -11.65 -1.00
N ALA A 92 -10.01 -12.57 -1.89
CA ALA A 92 -10.71 -12.29 -3.14
C ALA A 92 -12.07 -11.60 -2.95
N ARG A 93 -12.42 -11.20 -1.72
CA ARG A 93 -13.72 -10.60 -1.43
C ARG A 93 -13.61 -9.30 -0.65
N MET A 94 -12.39 -8.91 -0.26
CA MET A 94 -12.16 -7.64 0.42
C MET A 94 -12.29 -6.51 -0.59
N THR A 95 -12.87 -5.38 -0.18
CA THR A 95 -13.09 -4.24 -1.08
C THR A 95 -11.75 -3.71 -1.60
N PRO A 96 -11.71 -3.19 -2.84
CA PRO A 96 -10.51 -2.67 -3.50
C PRO A 96 -9.71 -1.60 -2.74
N LEU A 97 -10.11 -1.21 -1.52
CA LEU A 97 -9.42 -0.14 -0.81
C LEU A 97 -9.05 -0.53 0.62
N SER A 98 -9.77 -1.46 1.25
CA SER A 98 -9.38 -1.92 2.58
C SER A 98 -8.09 -2.73 2.48
N ARG A 99 -7.81 -3.30 1.31
CA ARG A 99 -6.54 -4.00 1.07
C ARG A 99 -5.38 -3.01 0.96
N GLN A 100 -5.66 -1.76 0.57
CA GLN A 100 -4.65 -0.73 0.50
C GLN A 100 -4.41 -0.18 1.91
N ALA A 101 -5.48 -0.04 2.70
CA ALA A 101 -5.38 0.40 4.07
C ALA A 101 -4.61 -0.64 4.90
N LEU A 102 -4.72 -1.92 4.53
CA LEU A 102 -4.03 -2.99 5.23
C LEU A 102 -2.52 -2.88 5.03
N LEU A 103 -2.07 -2.69 3.79
CA LEU A 103 -0.65 -2.54 3.52
C LEU A 103 -0.15 -1.17 3.96
N LEU A 104 -1.05 -0.29 4.43
CA LEU A 104 -0.70 1.06 4.86
C LEU A 104 -0.67 1.19 6.39
N THR A 105 -1.08 0.13 7.12
CA THR A 105 -1.15 0.19 8.58
C THR A 105 -0.69 -1.11 9.24
N ALA A 106 -0.27 -2.11 8.44
CA ALA A 106 0.25 -3.36 8.97
C ALA A 106 1.59 -3.71 8.30
N MET A 107 2.13 -2.77 7.51
CA MET A 107 3.39 -2.95 6.78
C MET A 107 4.22 -1.69 6.73
N GLU A 108 3.73 -0.57 7.29
CA GLU A 108 4.43 0.70 7.17
C GLU A 108 4.39 1.50 8.48
N GLY A 109 3.51 1.12 9.42
CA GLY A 109 3.42 1.74 10.73
C GLY A 109 3.01 3.22 10.70
N PHE A 110 2.61 3.74 9.52
CA PHE A 110 2.22 5.13 9.39
C PHE A 110 0.95 5.43 10.21
N SER A 111 0.79 6.69 10.59
CA SER A 111 -0.37 7.16 11.35
C SER A 111 -1.60 7.15 10.45
N PRO A 112 -2.80 7.08 11.05
CA PRO A 112 -4.05 7.07 10.30
C PRO A 112 -4.35 8.42 9.65
N GLU A 113 -3.66 9.49 10.06
CA GLU A 113 -3.92 10.82 9.52
C GLU A 113 -3.33 10.97 8.13
N ASP A 114 -2.09 10.52 7.93
CA ASP A 114 -1.45 10.59 6.62
C ASP A 114 -1.90 9.42 5.76
N ALA A 115 -2.33 8.33 6.38
CA ALA A 115 -2.90 7.20 5.66
C ALA A 115 -4.25 7.60 5.07
N ALA A 116 -4.96 8.52 5.73
CA ALA A 116 -6.23 9.01 5.23
C ALA A 116 -6.00 9.96 4.06
N TYR A 117 -4.89 10.70 4.08
CA TYR A 117 -4.50 11.56 2.99
C TYR A 117 -4.07 10.73 1.77
N LEU A 118 -3.66 9.48 1.98
CA LEU A 118 -3.18 8.62 0.91
C LEU A 118 -4.33 7.94 0.16
N ILE A 119 -5.57 8.07 0.66
CA ILE A 119 -6.76 7.54 -0.01
C ILE A 119 -7.88 8.57 0.00
N GLU A 120 -7.55 9.82 0.38
CA GLU A 120 -8.45 10.96 0.36
C GLU A 120 -9.76 10.72 1.13
N VAL A 121 -9.61 10.43 2.43
CA VAL A 121 -10.73 10.24 3.36
C VAL A 121 -10.41 10.93 4.68
N ASP A 122 -11.28 10.79 5.68
CA ASP A 122 -11.02 11.33 7.01
C ASP A 122 -10.27 10.29 7.85
N THR A 123 -9.60 10.73 8.92
CA THR A 123 -8.81 9.86 9.78
C THR A 123 -9.66 8.71 10.32
N SER A 124 -10.90 9.00 10.70
CA SER A 124 -11.81 8.04 11.28
C SER A 124 -12.27 7.00 10.26
N GLU A 125 -12.17 7.31 8.96
CA GLU A 125 -12.57 6.35 7.94
C GLU A 125 -11.49 5.29 7.76
N VAL A 126 -10.21 5.65 7.91
CA VAL A 126 -9.14 4.67 7.82
C VAL A 126 -9.27 3.69 8.99
N GLU A 127 -9.68 4.18 10.15
CA GLU A 127 -9.87 3.34 11.32
C GLU A 127 -10.94 2.28 11.05
N THR A 128 -12.00 2.66 10.33
CA THR A 128 -13.06 1.73 9.97
C THR A 128 -12.58 0.76 8.92
N LEU A 129 -11.80 1.22 7.93
CA LEU A 129 -11.32 0.36 6.85
C LEU A 129 -10.39 -0.73 7.37
N VAL A 130 -9.59 -0.45 8.40
CA VAL A 130 -8.70 -1.47 8.95
C VAL A 130 -9.45 -2.39 9.91
N THR A 131 -10.53 -1.88 10.54
CA THR A 131 -11.33 -2.70 11.44
C THR A 131 -12.08 -3.76 10.65
N GLU A 132 -12.56 -3.41 9.45
CA GLU A 132 -13.26 -4.37 8.60
C GLU A 132 -12.25 -5.29 7.92
N ALA A 133 -11.01 -4.84 7.74
CA ALA A 133 -9.99 -5.65 7.10
C ALA A 133 -9.55 -6.78 8.04
N LEU A 134 -9.24 -6.46 9.30
CA LEU A 134 -8.80 -7.47 10.26
C LEU A 134 -9.96 -8.38 10.66
N ALA A 135 -11.20 -7.92 10.51
CA ALA A 135 -12.36 -8.74 10.81
C ALA A 135 -12.51 -9.85 9.76
N GLU A 136 -12.26 -9.51 8.49
CA GLU A 136 -12.33 -10.49 7.42
C GLU A 136 -11.11 -11.42 7.44
N ILE A 137 -10.02 -11.01 8.10
CA ILE A 137 -8.84 -11.86 8.24
C ILE A 137 -9.09 -12.89 9.33
N GLU A 138 -9.43 -12.45 10.54
CA GLU A 138 -9.58 -13.36 11.67
C GLU A 138 -10.73 -14.35 11.43
N LYS A 139 -11.68 -13.99 10.57
CA LYS A 139 -12.85 -14.80 10.28
C LYS A 139 -12.52 -16.07 9.49
N GLN A 140 -11.42 -16.09 8.73
CA GLN A 140 -11.20 -17.22 7.82
C GLN A 140 -9.74 -17.43 7.38
N THR A 141 -8.98 -16.35 7.16
CA THR A 141 -7.65 -16.35 6.53
C THR A 141 -7.50 -17.18 5.25
N ARG A 142 -8.51 -17.95 4.80
CA ARG A 142 -8.43 -18.66 3.52
C ARG A 142 -9.78 -19.09 2.96
N ALA A 143 -10.88 -18.73 3.63
CA ALA A 143 -12.24 -19.04 3.20
C ALA A 143 -12.43 -20.52 2.81
N LEU A 144 -11.80 -21.43 3.57
CA LEU A 144 -11.83 -22.86 3.27
C LEU A 144 -13.25 -23.44 3.18
N GLU A 145 -14.21 -22.85 3.89
CA GLU A 145 -15.59 -23.32 3.91
C GLU A 145 -16.54 -22.15 4.21
N LEU A 146 -17.85 -22.42 4.11
CA LEU A 146 -18.89 -21.45 4.40
C LEU A 146 -20.16 -22.19 4.82
N VAL A 147 -20.99 -21.56 5.67
CA VAL A 147 -22.22 -22.16 6.15
C VAL A 147 -23.24 -21.06 6.49
N PRO A 148 -24.07 -20.66 5.51
CA PRO A 148 -25.08 -19.64 5.69
C PRO A 148 -26.29 -20.15 6.48
N ARG A 149 -26.34 -21.47 6.74
CA ARG A 149 -27.43 -22.09 7.48
C ARG A 149 -27.34 -21.74 8.96
N GLY A 150 -28.37 -22.09 9.72
CA GLY A 150 -28.39 -21.84 11.16
C GLY A 150 -29.74 -22.15 11.80
N SER A 151 -30.79 -22.35 10.99
CA SER A 151 -32.13 -22.63 11.49
C SER A 151 -32.89 -23.50 10.50
N HIS A 152 -34.03 -24.06 10.93
CA HIS A 152 -34.88 -24.91 10.12
C HIS A 152 -36.31 -24.92 10.67
N HIS A 153 -37.22 -25.61 9.98
CA HIS A 153 -38.61 -25.74 10.40
C HIS A 153 -39.17 -27.08 9.91
N HIS A 154 -40.36 -27.46 10.38
CA HIS A 154 -40.94 -28.75 10.07
C HIS A 154 -42.47 -28.72 10.08
N HIS A 155 -43.06 -27.56 9.76
CA HIS A 155 -44.51 -27.41 9.79
C HIS A 155 -45.03 -26.62 8.59
N HIS A 156 -44.22 -26.51 7.52
CA HIS A 156 -44.62 -25.79 6.32
C HIS A 156 -44.16 -26.53 5.05
N HIS A 157 -43.62 -27.74 5.20
CA HIS A 157 -43.15 -28.55 4.07
C HIS A 157 -43.26 -30.03 4.39
N MET B 1 -13.91 48.44 39.83
CA MET B 1 -14.24 47.04 39.49
C MET B 1 -13.26 46.51 38.45
N LEU B 2 -12.53 45.44 38.79
CA LEU B 2 -11.55 44.84 37.90
C LEU B 2 -11.39 43.35 38.20
N ASP B 3 -10.49 42.69 37.47
CA ASP B 3 -10.19 41.27 37.65
C ASP B 3 -8.74 40.98 37.28
N LEU B 4 -8.26 39.78 37.62
CA LEU B 4 -6.90 39.36 37.34
C LEU B 4 -6.81 37.84 37.24
N PRO B 5 -5.81 37.32 36.52
CA PRO B 5 -5.59 35.89 36.38
C PRO B 5 -4.99 35.29 37.66
N GLY B 6 -4.89 33.97 37.71
CA GLY B 6 -4.34 33.28 38.87
C GLY B 6 -4.17 31.78 38.63
N ASN B 7 -4.49 31.30 37.43
CA ASN B 7 -4.37 29.88 37.08
C ASN B 7 -4.16 29.74 35.57
N LYS B 8 -3.78 28.54 35.13
CA LYS B 8 -3.54 28.25 33.71
C LYS B 8 -3.77 26.76 33.44
N ASP B 9 -3.71 26.39 32.16
CA ASP B 9 -3.90 25.00 31.73
C ASP B 9 -3.14 24.74 30.43
N LYS B 10 -3.11 23.46 30.01
CA LYS B 10 -2.39 23.05 28.81
C LYS B 10 -3.17 21.94 28.10
N LYS B 11 -2.71 21.57 26.90
CA LYS B 11 -3.32 20.52 26.08
C LYS B 11 -2.24 19.75 25.31
N ALA B 12 -0.97 19.95 25.66
CA ALA B 12 0.15 19.31 25.02
C ALA B 12 1.30 19.14 26.02
N SER B 13 2.37 18.46 25.61
CA SER B 13 3.50 18.18 26.49
C SER B 13 4.83 18.21 25.73
N SER B 14 4.80 18.58 24.44
CA SER B 14 5.98 18.63 23.59
C SER B 14 6.85 17.38 23.71
N LYS B 15 6.21 16.21 23.88
CA LYS B 15 6.89 14.94 24.09
C LYS B 15 6.15 13.83 23.33
N LYS B 16 6.76 12.65 23.25
CA LYS B 16 6.22 11.52 22.50
C LYS B 16 6.45 10.22 23.28
N SER B 17 5.80 9.14 22.86
CA SER B 17 5.85 7.86 23.54
C SER B 17 5.95 6.72 22.52
N PRO B 18 6.41 5.54 22.94
CA PRO B 18 6.53 4.37 22.08
C PRO B 18 5.17 3.82 21.68
N ALA B 19 5.18 2.77 20.85
CA ALA B 19 3.98 2.15 20.32
C ALA B 19 4.18 0.65 20.12
N LYS B 20 3.19 0.00 19.53
CA LYS B 20 3.27 -1.40 19.14
C LYS B 20 2.50 -1.60 17.85
N VAL B 21 2.96 -2.53 17.02
CA VAL B 21 2.40 -2.77 15.69
C VAL B 21 2.33 -4.27 15.40
N GLN B 22 2.32 -5.08 16.46
CA GLN B 22 2.28 -6.54 16.38
C GLN B 22 1.22 -7.11 17.31
N SER B 23 0.32 -6.24 17.78
CA SER B 23 -0.75 -6.59 18.71
C SER B 23 -2.06 -5.91 18.29
N LYS B 24 -2.13 -5.51 17.02
CA LYS B 24 -3.28 -4.78 16.47
C LYS B 24 -3.70 -5.34 15.11
N ASP B 25 -2.79 -6.08 14.46
CA ASP B 25 -3.03 -6.75 13.19
C ASP B 25 -2.38 -8.13 13.20
N ARG B 26 -1.86 -8.52 14.37
CA ARG B 26 -1.17 -9.79 14.58
C ARG B 26 -0.07 -10.04 13.54
N ASP B 27 0.40 -11.29 13.44
CA ASP B 27 1.47 -11.67 12.54
C ASP B 27 1.09 -11.52 11.07
N MET B 28 -0.19 -11.23 10.76
CA MET B 28 -0.64 -11.10 9.39
C MET B 28 0.06 -9.93 8.70
N GLY B 29 0.48 -8.92 9.46
CA GLY B 29 1.17 -7.78 8.87
C GLY B 29 2.58 -8.17 8.43
N ALA B 30 3.24 -9.04 9.21
CA ALA B 30 4.58 -9.50 8.88
C ALA B 30 4.55 -10.52 7.75
N ALA B 31 3.41 -11.17 7.53
CA ALA B 31 3.27 -12.15 6.47
C ALA B 31 3.27 -11.47 5.11
N LEU B 32 2.53 -10.35 5.00
CA LEU B 32 2.48 -9.57 3.79
C LEU B 32 3.77 -8.79 3.60
N ARG B 33 4.36 -8.28 4.70
CA ARG B 33 5.58 -7.51 4.61
C ARG B 33 6.74 -8.38 4.13
N SER B 34 6.79 -9.64 4.57
CA SER B 34 7.88 -10.54 4.20
C SER B 34 7.80 -10.91 2.72
N ALA B 35 6.59 -11.10 2.19
CA ALA B 35 6.41 -11.46 0.79
C ALA B 35 6.90 -10.34 -0.13
N TYR B 36 6.83 -9.09 0.32
CA TYR B 36 7.24 -7.96 -0.49
C TYR B 36 8.57 -7.38 -0.04
N GLN B 37 9.12 -7.85 1.08
CA GLN B 37 10.48 -7.49 1.44
C GLN B 37 11.43 -8.15 0.43
N LYS B 38 11.07 -9.33 -0.04
CA LYS B 38 11.78 -10.05 -1.08
C LYS B 38 11.87 -9.19 -2.34
N THR B 39 10.84 -8.39 -2.61
CA THR B 39 10.80 -7.48 -3.76
C THR B 39 11.82 -6.34 -3.61
N ILE B 40 12.40 -6.16 -2.42
CA ILE B 40 13.38 -5.09 -2.17
C ILE B 40 14.78 -5.65 -1.98
N GLU B 41 14.90 -6.98 -1.79
CA GLU B 41 16.18 -7.65 -1.67
C GLU B 41 16.84 -7.82 -3.05
N GLU B 42 16.50 -6.96 -4.02
CA GLU B 42 17.01 -7.04 -5.37
C GLU B 42 17.30 -5.65 -5.94
N GLN B 43 17.86 -5.61 -7.16
CA GLN B 43 18.25 -4.39 -7.85
C GLN B 43 17.05 -3.51 -8.22
N VAL B 44 17.33 -2.35 -8.82
CA VAL B 44 16.32 -1.37 -9.21
C VAL B 44 16.65 -0.81 -10.59
N PRO B 45 15.65 -0.28 -11.32
CA PRO B 45 15.87 0.36 -12.60
C PRO B 45 16.49 1.74 -12.40
N ASP B 46 16.81 2.43 -13.50
CA ASP B 46 17.38 3.77 -13.45
C ASP B 46 16.94 4.62 -14.64
N GLU B 47 16.15 4.05 -15.56
CA GLU B 47 15.68 4.77 -16.73
C GLU B 47 14.75 5.92 -16.35
N MET B 48 14.12 5.84 -15.18
CA MET B 48 13.23 6.88 -14.70
C MET B 48 14.02 8.11 -14.27
N LEU B 49 15.21 7.92 -13.69
CA LEU B 49 16.05 9.06 -13.34
C LEU B 49 16.82 9.54 -14.57
N ASP B 50 16.82 8.75 -15.66
CA ASP B 50 17.37 9.22 -16.92
C ASP B 50 16.44 10.26 -17.52
N LEU B 51 15.17 10.26 -17.11
CA LEU B 51 14.22 11.30 -17.51
C LEU B 51 14.56 12.62 -16.83
N LEU B 52 15.39 12.57 -15.78
CA LEU B 52 15.90 13.79 -15.14
C LEU B 52 17.21 14.25 -15.77
N ASN B 53 17.89 13.36 -16.51
CA ASN B 53 19.15 13.70 -17.18
C ASN B 53 18.91 14.63 -18.38
N LYS B 54 17.73 15.25 -18.43
CA LYS B 54 17.36 16.21 -19.47
C LYS B 54 16.72 17.46 -18.86
N LEU B 55 16.74 17.61 -17.53
CA LEU B 55 16.17 18.78 -16.87
C LEU B 55 16.80 19.10 -15.52
N ALA B 56 17.62 18.20 -14.95
CA ALA B 56 18.24 18.46 -13.65
C ALA B 56 19.69 17.95 -13.56
N LEU B 57 20.25 17.45 -14.65
CA LEU B 57 21.63 16.94 -14.64
C LEU B 57 22.30 17.10 -16.02
N GLU B 58 21.81 18.02 -16.84
CA GLU B 58 22.43 18.28 -18.12
C GLU B 58 23.80 18.94 -17.94
N LEU B 59 24.66 18.84 -18.96
CA LEU B 59 25.99 19.43 -18.94
C LEU B 59 26.48 19.60 -20.38
N VAL B 60 27.41 20.54 -20.58
CA VAL B 60 28.01 20.81 -21.88
C VAL B 60 29.48 21.17 -21.68
N PRO B 61 30.39 20.65 -22.51
CA PRO B 61 31.81 20.94 -22.42
C PRO B 61 32.12 22.35 -22.91
N ARG B 62 33.40 22.75 -22.81
CA ARG B 62 33.88 24.07 -23.21
C ARG B 62 32.96 25.19 -22.70
N MET A 1 20.95 19.80 -3.68
CA MET A 1 20.31 18.46 -3.72
C MET A 1 19.49 18.31 -5.00
N SER A 2 18.87 17.14 -5.19
CA SER A 2 18.02 16.87 -6.34
C SER A 2 16.95 15.85 -5.96
N LEU A 3 15.97 15.63 -6.84
CA LEU A 3 14.88 14.70 -6.59
C LEU A 3 15.41 13.28 -6.36
N GLY A 4 16.46 12.88 -7.06
CA GLY A 4 16.98 11.53 -6.96
C GLY A 4 17.54 11.24 -5.58
N GLN A 5 18.02 12.28 -4.88
CA GLN A 5 18.57 12.13 -3.54
C GLN A 5 17.48 11.90 -2.50
N GLN A 6 16.22 11.87 -2.93
CA GLN A 6 15.07 11.63 -2.07
C GLN A 6 14.09 10.64 -2.72
N LEU A 7 14.46 10.12 -3.90
CA LEU A 7 13.64 9.15 -4.63
C LEU A 7 14.37 7.81 -4.70
N ALA A 8 15.69 7.82 -4.94
CA ALA A 8 16.48 6.60 -5.06
C ALA A 8 16.39 5.68 -3.84
N PRO A 9 16.47 6.19 -2.59
CA PRO A 9 16.43 5.35 -1.41
C PRO A 9 15.03 4.79 -1.14
N HIS A 10 14.04 5.15 -1.95
CA HIS A 10 12.66 4.70 -1.78
C HIS A 10 12.05 4.28 -3.11
N LEU A 11 12.89 4.12 -4.14
CA LEU A 11 12.50 3.74 -5.48
C LEU A 11 11.84 2.35 -5.57
N PRO A 12 12.29 1.32 -4.84
CA PRO A 12 11.72 -0.02 -4.97
C PRO A 12 10.36 -0.15 -4.28
N PHE A 13 9.95 0.82 -3.47
CA PHE A 13 8.73 0.68 -2.68
C PHE A 13 7.48 0.73 -3.54
N LEU A 14 7.54 1.34 -4.74
CA LEU A 14 6.38 1.36 -5.63
C LEU A 14 6.15 -0.03 -6.20
N ARG A 15 7.21 -0.82 -6.37
CA ARG A 15 7.13 -2.19 -6.85
C ARG A 15 6.72 -3.12 -5.72
N ARG A 16 7.07 -2.74 -4.48
CA ARG A 16 6.85 -3.55 -3.28
C ARG A 16 5.38 -3.91 -3.10
N TYR A 17 4.47 -3.14 -3.71
CA TYR A 17 3.05 -3.47 -3.67
C TYR A 17 2.38 -3.19 -5.02
N GLY A 18 3.08 -2.54 -5.95
CA GLY A 18 2.52 -2.25 -7.27
C GLY A 18 2.34 -3.53 -8.07
N ARG A 19 3.16 -4.56 -7.82
CA ARG A 19 3.03 -5.85 -8.49
C ARG A 19 1.80 -6.62 -8.01
N ALA A 20 1.09 -6.09 -7.00
CA ALA A 20 -0.06 -6.76 -6.40
C ALA A 20 -1.26 -5.82 -6.32
N LEU A 21 -1.14 -4.61 -6.89
CA LEU A 21 -2.22 -3.64 -6.94
C LEU A 21 -2.91 -3.67 -8.31
N THR A 22 -2.40 -4.52 -9.22
CA THR A 22 -2.96 -4.72 -10.54
C THR A 22 -2.74 -6.15 -11.02
N GLY A 23 -2.09 -6.98 -10.18
CA GLY A 23 -1.93 -8.41 -10.40
C GLY A 23 -1.02 -8.78 -11.57
N SER A 24 -0.47 -7.81 -12.29
CA SER A 24 0.40 -8.10 -13.43
C SER A 24 1.58 -7.14 -13.44
N GLN A 25 2.78 -7.70 -13.65
CA GLN A 25 4.01 -6.93 -13.58
C GLN A 25 4.17 -5.98 -14.77
N ASN A 26 3.52 -6.27 -15.90
CA ASN A 26 3.61 -5.40 -17.06
C ASN A 26 2.99 -4.05 -16.76
N GLN A 27 1.86 -4.05 -16.03
CA GLN A 27 1.18 -2.83 -15.64
C GLN A 27 1.81 -2.24 -14.39
N GLY A 28 2.36 -3.10 -13.51
CA GLY A 28 3.01 -2.63 -12.30
C GLY A 28 4.24 -1.80 -12.66
N ASP A 29 5.06 -2.29 -13.59
CA ASP A 29 6.24 -1.56 -14.02
C ASP A 29 5.87 -0.38 -14.91
N LYS A 30 4.73 -0.46 -15.60
CA LYS A 30 4.26 0.63 -16.43
C LYS A 30 3.86 1.82 -15.57
N TYR A 31 3.11 1.58 -14.49
CA TYR A 31 2.68 2.65 -13.61
C TYR A 31 3.88 3.31 -12.92
N VAL A 32 4.91 2.53 -12.61
CA VAL A 32 6.10 3.05 -11.93
C VAL A 32 6.79 4.11 -12.80
N ARG A 33 7.15 3.75 -14.04
CA ARG A 33 7.88 4.66 -14.89
C ARG A 33 6.97 5.77 -15.42
N ALA A 34 5.67 5.47 -15.58
CA ALA A 34 4.71 6.46 -16.02
C ALA A 34 4.47 7.51 -14.94
N THR A 35 4.70 7.17 -13.66
CA THR A 35 4.55 8.13 -12.58
C THR A 35 5.57 9.24 -12.72
N LEU A 36 6.83 8.91 -12.98
CA LEU A 36 7.86 9.93 -13.06
C LEU A 36 7.84 10.64 -14.42
N GLU A 37 7.57 9.92 -15.51
CA GLU A 37 7.49 10.54 -16.83
C GLU A 37 6.38 11.58 -16.86
N ALA A 38 5.34 11.41 -16.02
CA ALA A 38 4.24 12.35 -15.90
C ALA A 38 4.64 13.60 -15.10
N ILE A 39 5.89 13.64 -14.62
CA ILE A 39 6.41 14.72 -13.79
C ILE A 39 7.60 15.39 -14.49
N VAL A 40 8.14 14.76 -15.53
CA VAL A 40 9.22 15.32 -16.34
C VAL A 40 8.83 16.66 -16.97
N ALA A 41 7.53 17.01 -16.93
CA ALA A 41 7.03 18.26 -17.49
C ALA A 41 6.32 19.10 -16.42
N ALA A 42 6.32 18.63 -15.18
CA ALA A 42 5.65 19.28 -14.07
C ALA A 42 6.27 18.88 -12.73
N PRO A 43 7.60 19.08 -12.57
CA PRO A 43 8.34 18.63 -11.40
C PRO A 43 7.92 19.36 -10.13
N ASP A 44 7.10 20.41 -10.25
CA ASP A 44 6.59 21.14 -9.10
C ASP A 44 5.40 20.41 -8.47
N GLN A 45 4.90 19.36 -9.10
CA GLN A 45 3.75 18.61 -8.61
C GLN A 45 4.16 17.50 -7.66
N PHE A 46 5.45 17.10 -7.67
CA PHE A 46 5.93 16.05 -6.81
C PHE A 46 6.11 16.62 -5.39
N PRO A 47 5.41 16.06 -4.38
CA PRO A 47 5.55 16.49 -2.99
C PRO A 47 7.00 16.47 -2.51
N ARG A 48 7.38 17.50 -1.73
CA ARG A 48 8.72 17.65 -1.16
C ARG A 48 8.62 18.21 0.26
N ASP A 49 7.42 18.15 0.84
CA ASP A 49 7.12 18.74 2.15
C ASP A 49 6.47 17.70 3.07
N VAL A 50 6.67 16.42 2.75
CA VAL A 50 6.13 15.30 3.50
C VAL A 50 7.18 14.20 3.60
N ASP A 51 6.86 13.06 4.21
CA ASP A 51 7.78 11.96 4.34
C ASP A 51 8.32 11.57 2.97
N PRO A 52 9.58 11.11 2.90
CA PRO A 52 10.24 10.76 1.65
C PRO A 52 9.67 9.48 1.03
N ARG A 53 8.53 9.00 1.56
CA ARG A 53 7.83 7.83 1.06
C ARG A 53 6.37 8.14 0.78
N LEU A 54 5.80 9.17 1.41
CA LEU A 54 4.41 9.52 1.18
C LEU A 54 4.26 10.20 -0.18
N GLY A 55 5.27 10.97 -0.60
CA GLY A 55 5.23 11.62 -1.90
C GLY A 55 5.46 10.61 -3.02
N LEU A 56 6.24 9.56 -2.72
CA LEU A 56 6.49 8.47 -3.65
C LEU A 56 5.20 7.72 -3.95
N TYR A 57 4.39 7.45 -2.92
CA TYR A 57 3.17 6.68 -3.08
C TYR A 57 2.03 7.56 -3.60
N ARG A 58 2.05 8.86 -3.28
CA ARG A 58 0.98 9.77 -3.69
C ARG A 58 0.96 9.95 -5.20
N MET A 59 2.13 10.06 -5.84
CA MET A 59 2.18 10.21 -7.28
C MET A 59 1.89 8.87 -7.95
N PHE A 60 2.34 7.76 -7.36
CA PHE A 60 2.07 6.44 -7.89
C PHE A 60 0.58 6.11 -7.81
N GLN A 61 -0.09 6.57 -6.75
CA GLN A 61 -1.51 6.39 -6.57
C GLN A 61 -2.28 7.22 -7.59
N GLY A 62 -1.69 8.33 -8.05
CA GLY A 62 -2.33 9.20 -9.02
C GLY A 62 -2.44 8.53 -10.39
N ILE A 63 -1.44 7.75 -10.78
CA ILE A 63 -1.49 7.05 -12.07
C ILE A 63 -2.50 5.90 -12.00
N TRP A 64 -2.54 5.18 -10.86
CA TRP A 64 -3.45 4.06 -10.71
C TRP A 64 -4.90 4.54 -10.64
N ALA A 65 -5.14 5.69 -10.02
CA ALA A 65 -6.48 6.26 -9.96
C ALA A 65 -6.93 6.74 -11.33
N SER A 66 -5.98 7.12 -12.19
CA SER A 66 -6.29 7.56 -13.54
C SER A 66 -6.51 6.37 -14.47
N ALA A 67 -5.90 5.23 -14.17
CA ALA A 67 -6.05 4.02 -14.97
C ALA A 67 -7.44 3.42 -14.78
N ASN A 68 -8.00 3.56 -13.57
CA ASN A 68 -9.34 3.08 -13.27
C ASN A 68 -10.40 4.12 -13.64
N ALA A 69 -9.97 5.36 -13.91
CA ALA A 69 -10.86 6.43 -14.34
C ALA A 69 -11.00 6.45 -15.87
N ASP A 70 -10.42 5.45 -16.54
CA ASP A 70 -10.47 5.33 -18.00
C ASP A 70 -10.80 3.91 -18.43
N GLY A 71 -11.02 3.01 -17.46
CA GLY A 71 -11.41 1.63 -17.75
C GLY A 71 -10.28 0.82 -18.38
N GLU A 72 -9.02 1.20 -18.12
CA GLU A 72 -7.86 0.51 -18.69
C GLU A 72 -7.80 -0.95 -18.23
N ALA A 73 -8.55 -1.29 -17.17
CA ALA A 73 -8.62 -2.63 -16.63
C ALA A 73 -9.94 -2.84 -15.89
N GLN A 74 -10.29 -4.10 -15.62
CA GLN A 74 -11.50 -4.48 -14.91
C GLN A 74 -11.23 -5.66 -13.97
N THR A 75 -9.96 -6.09 -13.88
CA THR A 75 -9.53 -7.21 -13.06
C THR A 75 -8.03 -7.08 -12.80
N SER A 76 -7.41 -8.10 -12.18
CA SER A 76 -5.98 -8.10 -11.92
C SER A 76 -5.32 -9.39 -12.39
N GLN A 77 -6.12 -10.46 -12.58
CA GLN A 77 -5.71 -11.76 -13.13
C GLN A 77 -4.60 -12.50 -12.36
N SER A 78 -3.83 -11.79 -11.53
CA SER A 78 -2.62 -12.31 -10.89
C SER A 78 -1.57 -12.82 -11.88
N ASP A 79 -0.37 -13.08 -11.37
CA ASP A 79 0.77 -13.50 -12.18
C ASP A 79 1.71 -14.40 -11.38
N ALA A 80 1.23 -14.93 -10.25
CA ALA A 80 2.01 -15.79 -9.37
C ALA A 80 1.13 -16.89 -8.78
N GLU A 81 1.70 -17.71 -7.88
CA GLU A 81 0.98 -18.81 -7.26
C GLU A 81 1.33 -18.93 -5.78
N GLY A 82 2.08 -17.97 -5.21
CA GLY A 82 2.47 -18.04 -3.81
C GLY A 82 3.17 -16.80 -3.28
N THR A 83 3.14 -15.68 -4.03
CA THR A 83 3.81 -14.45 -3.58
C THR A 83 3.05 -13.19 -4.02
N GLU A 84 1.94 -13.35 -4.74
CA GLU A 84 1.10 -12.23 -5.13
C GLU A 84 -0.35 -12.71 -5.24
N ALA A 85 -0.56 -13.86 -5.88
CA ALA A 85 -1.90 -14.44 -5.95
C ALA A 85 -2.36 -14.85 -4.55
N VAL A 86 -1.41 -15.10 -3.64
CA VAL A 86 -1.74 -15.49 -2.27
C VAL A 86 -2.42 -14.32 -1.54
N ALA A 87 -2.12 -13.09 -1.93
CA ALA A 87 -2.63 -11.90 -1.29
C ALA A 87 -3.99 -11.46 -1.86
N ARG A 88 -4.51 -12.19 -2.86
CA ARG A 88 -5.81 -11.87 -3.44
C ARG A 88 -6.70 -13.10 -3.54
N ALA A 89 -6.11 -14.30 -3.52
CA ALA A 89 -6.85 -15.55 -3.54
C ALA A 89 -7.34 -15.90 -2.13
N ARG A 90 -7.01 -15.06 -1.13
CA ARG A 90 -7.37 -15.31 0.26
C ARG A 90 -8.03 -14.09 0.89
N LEU A 91 -8.01 -12.94 0.19
CA LEU A 91 -8.50 -11.67 0.70
C LEU A 91 -9.53 -11.04 -0.23
N ALA A 92 -9.96 -11.76 -1.27
CA ALA A 92 -10.96 -11.27 -2.21
C ALA A 92 -12.29 -10.92 -1.54
N ARG A 93 -12.46 -11.27 -0.27
CA ARG A 93 -13.67 -10.97 0.49
C ARG A 93 -13.73 -9.50 0.88
N MET A 94 -12.71 -8.71 0.51
CA MET A 94 -12.62 -7.30 0.87
C MET A 94 -12.54 -6.42 -0.37
N THR A 95 -12.82 -5.13 -0.19
CA THR A 95 -12.80 -4.13 -1.25
C THR A 95 -11.37 -3.92 -1.76
N PRO A 96 -11.19 -3.68 -3.07
CA PRO A 96 -9.92 -3.32 -3.68
C PRO A 96 -9.23 -2.10 -3.08
N LEU A 97 -9.76 -1.53 -1.99
CA LEU A 97 -9.25 -0.30 -1.40
C LEU A 97 -8.90 -0.54 0.07
N SER A 98 -9.68 -1.34 0.78
CA SER A 98 -9.34 -1.68 2.16
C SER A 98 -8.09 -2.55 2.20
N ARG A 99 -7.75 -3.21 1.09
CA ARG A 99 -6.51 -3.97 0.97
C ARG A 99 -5.31 -3.04 0.90
N GLN A 100 -5.51 -1.79 0.46
CA GLN A 100 -4.44 -0.81 0.42
C GLN A 100 -4.22 -0.26 1.82
N ALA A 101 -5.31 -0.06 2.57
CA ALA A 101 -5.21 0.39 3.95
C ALA A 101 -4.55 -0.69 4.80
N LEU A 102 -4.73 -1.96 4.43
CA LEU A 102 -4.13 -3.09 5.13
C LEU A 102 -2.62 -2.99 5.04
N LEU A 103 -2.07 -2.82 3.83
CA LEU A 103 -0.63 -2.76 3.65
C LEU A 103 -0.05 -1.42 4.15
N LEU A 104 -0.91 -0.48 4.55
CA LEU A 104 -0.46 0.78 5.15
C LEU A 104 -0.44 0.71 6.68
N THR A 105 -0.96 -0.37 7.28
CA THR A 105 -1.00 -0.49 8.73
C THR A 105 -0.58 -1.89 9.21
N ALA A 106 -0.09 -2.73 8.30
CA ALA A 106 0.41 -4.06 8.64
C ALA A 106 1.70 -4.36 7.88
N MET A 107 2.26 -3.37 7.16
CA MET A 107 3.41 -3.57 6.29
C MET A 107 4.46 -2.46 6.44
N GLU A 108 4.11 -1.33 7.06
CA GLU A 108 5.06 -0.24 7.24
C GLU A 108 4.76 0.59 8.50
N GLY A 109 3.53 0.55 9.00
CA GLY A 109 3.19 1.20 10.26
C GLY A 109 2.87 2.69 10.11
N PHE A 110 2.52 3.15 8.91
CA PHE A 110 2.17 4.54 8.68
C PHE A 110 1.01 4.97 9.59
N SER A 111 0.99 6.24 9.98
CA SER A 111 -0.07 6.78 10.82
C SER A 111 -1.36 6.93 10.00
N PRO A 112 -2.53 6.87 10.65
CA PRO A 112 -3.81 7.04 9.99
C PRO A 112 -3.91 8.30 9.13
N GLU A 113 -3.20 9.36 9.51
CA GLU A 113 -3.26 10.62 8.76
C GLU A 113 -2.60 10.48 7.40
N ASP A 114 -1.54 9.67 7.31
CA ASP A 114 -0.81 9.48 6.07
C ASP A 114 -1.51 8.43 5.20
N ALA A 115 -2.06 7.40 5.85
CA ALA A 115 -2.77 6.35 5.13
C ALA A 115 -4.10 6.86 4.57
N ALA A 116 -4.73 7.82 5.24
CA ALA A 116 -5.99 8.38 4.75
C ALA A 116 -5.73 9.33 3.57
N TYR A 117 -4.63 10.07 3.61
CA TYR A 117 -4.25 10.99 2.55
C TYR A 117 -3.85 10.23 1.29
N LEU A 118 -3.42 8.98 1.44
CA LEU A 118 -2.98 8.14 0.33
C LEU A 118 -4.14 7.40 -0.33
N ILE A 119 -5.36 7.54 0.21
CA ILE A 119 -6.54 6.90 -0.36
C ILE A 119 -7.71 7.89 -0.43
N GLU A 120 -7.43 9.17 -0.19
CA GLU A 120 -8.38 10.27 -0.35
C GLU A 120 -9.64 10.12 0.52
N VAL A 121 -9.44 9.88 1.83
CA VAL A 121 -10.53 9.83 2.80
C VAL A 121 -10.14 10.58 4.07
N ASP A 122 -11.07 10.71 5.02
CA ASP A 122 -10.81 11.35 6.30
C ASP A 122 -9.96 10.43 7.18
N THR A 123 -9.25 11.00 8.16
CA THR A 123 -8.43 10.22 9.06
C THR A 123 -9.27 9.20 9.82
N SER A 124 -10.50 9.56 10.19
CA SER A 124 -11.36 8.65 10.94
C SER A 124 -11.90 7.54 10.04
N GLU A 125 -11.97 7.78 8.73
CA GLU A 125 -12.47 6.77 7.82
C GLU A 125 -11.45 5.64 7.66
N VAL A 126 -10.16 5.96 7.54
CA VAL A 126 -9.17 4.91 7.35
C VAL A 126 -9.04 4.08 8.62
N GLU A 127 -9.29 4.69 9.79
CA GLU A 127 -9.27 3.95 11.05
C GLU A 127 -10.36 2.88 11.05
N THR A 128 -11.52 3.18 10.47
CA THR A 128 -12.60 2.20 10.38
C THR A 128 -12.33 1.19 9.27
N LEU A 129 -11.72 1.64 8.16
CA LEU A 129 -11.45 0.76 7.03
C LEU A 129 -10.42 -0.31 7.38
N VAL A 130 -9.48 -0.03 8.29
CA VAL A 130 -8.52 -1.05 8.72
C VAL A 130 -9.13 -1.93 9.80
N THR A 131 -10.08 -1.40 10.58
CA THR A 131 -10.73 -2.20 11.61
C THR A 131 -11.61 -3.26 10.96
N GLU A 132 -12.29 -2.93 9.86
CA GLU A 132 -13.09 -3.89 9.14
C GLU A 132 -12.22 -4.82 8.31
N ALA A 133 -11.03 -4.36 7.90
CA ALA A 133 -10.12 -5.18 7.11
C ALA A 133 -9.52 -6.28 7.97
N LEU A 134 -9.00 -5.95 9.16
CA LEU A 134 -8.39 -6.94 10.03
C LEU A 134 -9.44 -7.89 10.60
N ALA A 135 -10.71 -7.46 10.66
CA ALA A 135 -11.77 -8.33 11.12
C ALA A 135 -12.06 -9.41 10.09
N GLU A 136 -12.02 -9.05 8.80
CA GLU A 136 -12.23 -10.01 7.72
C GLU A 136 -10.99 -10.88 7.52
N ILE A 137 -9.83 -10.47 8.01
CA ILE A 137 -8.63 -11.29 7.94
C ILE A 137 -8.71 -12.39 8.98
N GLU A 138 -8.91 -12.03 10.25
CA GLU A 138 -8.93 -13.01 11.34
C GLU A 138 -10.11 -13.98 11.21
N LYS A 139 -11.13 -13.60 10.42
CA LYS A 139 -12.32 -14.41 10.24
C LYS A 139 -12.10 -15.62 9.34
N GLN A 140 -11.08 -15.61 8.47
CA GLN A 140 -10.97 -16.65 7.47
C GLN A 140 -9.58 -16.84 6.86
N THR A 141 -8.83 -15.76 6.63
CA THR A 141 -7.58 -15.78 5.86
C THR A 141 -7.68 -16.64 4.59
N ARG A 142 -8.90 -16.81 4.05
CA ARG A 142 -9.16 -17.72 2.93
C ARG A 142 -10.23 -17.18 1.98
N ALA A 143 -10.87 -16.06 2.32
CA ALA A 143 -11.96 -15.44 1.56
C ALA A 143 -13.11 -16.39 1.21
N LEU A 144 -13.13 -17.62 1.76
CA LEU A 144 -14.11 -18.62 1.39
C LEU A 144 -14.56 -19.47 2.59
N GLU A 145 -14.18 -19.08 3.80
CA GLU A 145 -14.55 -19.84 4.99
C GLU A 145 -16.05 -19.68 5.30
N LEU A 146 -16.60 -18.49 5.02
CA LEU A 146 -17.98 -18.14 5.32
C LEU A 146 -18.40 -18.54 6.75
N VAL A 147 -19.71 -18.51 7.02
CA VAL A 147 -20.27 -18.88 8.32
C VAL A 147 -21.57 -19.69 8.12
N PRO A 148 -21.52 -20.77 7.33
CA PRO A 148 -22.70 -21.58 7.02
C PRO A 148 -23.11 -22.43 8.23
N ARG A 149 -24.27 -23.08 8.12
CA ARG A 149 -24.81 -23.97 9.14
C ARG A 149 -25.53 -25.13 8.47
N GLY A 150 -25.78 -26.21 9.22
CA GLY A 150 -26.42 -27.40 8.67
C GLY A 150 -26.45 -28.57 9.63
N SER A 151 -26.45 -28.32 10.94
CA SER A 151 -26.42 -29.37 11.95
C SER A 151 -27.26 -28.98 13.16
N HIS A 152 -27.34 -29.88 14.15
CA HIS A 152 -28.18 -29.75 15.33
C HIS A 152 -29.66 -29.54 15.00
N HIS A 153 -30.49 -29.36 16.03
CA HIS A 153 -31.93 -29.21 15.92
C HIS A 153 -32.56 -30.36 15.12
N HIS A 154 -31.89 -31.51 15.09
CA HIS A 154 -32.35 -32.69 14.37
C HIS A 154 -32.04 -33.98 15.14
N HIS A 155 -31.57 -33.85 16.39
CA HIS A 155 -31.23 -34.99 17.24
C HIS A 155 -31.51 -34.68 18.71
N HIS A 156 -32.13 -33.54 19.00
CA HIS A 156 -32.45 -33.12 20.35
C HIS A 156 -33.70 -32.24 20.38
N HIS A 157 -34.40 -32.16 19.24
CA HIS A 157 -35.61 -31.36 19.09
C HIS A 157 -36.67 -31.75 20.12
N MET B 1 20.13 -2.17 27.31
CA MET B 1 20.19 -1.65 28.68
C MET B 1 19.35 -0.39 28.83
N LEU B 2 19.76 0.69 28.15
CA LEU B 2 19.13 2.01 28.20
C LEU B 2 19.15 2.62 26.80
N ASP B 3 19.08 1.76 25.79
CA ASP B 3 19.28 2.11 24.39
C ASP B 3 18.20 1.50 23.49
N LEU B 4 17.11 1.02 24.08
CA LEU B 4 16.02 0.39 23.34
C LEU B 4 14.67 0.66 24.02
N PRO B 5 13.55 0.45 23.30
CA PRO B 5 12.20 0.64 23.81
C PRO B 5 11.91 -0.11 25.11
N GLY B 6 10.79 0.22 25.75
CA GLY B 6 10.35 -0.40 26.98
C GLY B 6 8.93 0.04 27.32
N ASN B 7 8.36 -0.55 28.39
CA ASN B 7 7.00 -0.30 28.84
C ASN B 7 5.96 -0.46 27.73
N LYS B 8 6.32 -1.17 26.66
CA LYS B 8 5.45 -1.40 25.49
C LYS B 8 5.68 -2.82 24.96
N ASP B 9 6.24 -3.69 25.79
CA ASP B 9 6.61 -5.05 25.42
C ASP B 9 6.21 -6.05 26.52
N LYS B 10 5.29 -5.63 27.41
CA LYS B 10 4.83 -6.43 28.52
C LYS B 10 3.32 -6.32 28.69
N LYS B 11 2.62 -5.89 27.62
CA LYS B 11 1.18 -5.73 27.60
C LYS B 11 0.44 -7.06 27.75
N ALA B 12 1.18 -8.17 27.75
CA ALA B 12 0.62 -9.51 27.90
C ALA B 12 1.66 -10.43 28.54
N SER B 13 1.22 -11.60 29.02
CA SER B 13 2.07 -12.57 29.70
C SER B 13 1.55 -13.98 29.45
N SER B 14 2.25 -14.97 30.00
CA SER B 14 1.89 -16.38 29.87
C SER B 14 0.51 -16.67 30.46
N LYS B 15 -0.01 -17.86 30.19
CA LYS B 15 -1.34 -18.28 30.64
C LYS B 15 -1.46 -18.37 32.16
N LYS B 16 -0.35 -18.18 32.89
CA LYS B 16 -0.34 -18.19 34.34
C LYS B 16 -0.51 -16.78 34.90
N SER B 17 -0.62 -15.77 34.02
CA SER B 17 -0.80 -14.38 34.41
C SER B 17 -1.55 -13.62 33.30
N PRO B 18 -2.73 -14.09 32.89
CA PRO B 18 -3.51 -13.48 31.82
C PRO B 18 -4.08 -12.13 32.24
N ALA B 19 -4.69 -11.42 31.29
CA ALA B 19 -5.24 -10.10 31.52
C ALA B 19 -6.45 -9.87 30.62
N LYS B 20 -7.12 -8.72 30.80
CA LYS B 20 -8.31 -8.35 30.03
C LYS B 20 -8.01 -8.12 28.54
N VAL B 21 -6.73 -8.17 28.14
CA VAL B 21 -6.31 -7.99 26.76
C VAL B 21 -5.11 -8.90 26.46
N GLN B 22 -4.67 -8.87 25.20
CA GLN B 22 -3.57 -9.70 24.72
C GLN B 22 -2.85 -9.00 23.57
N SER B 23 -1.78 -9.62 23.06
CA SER B 23 -0.99 -9.07 21.97
C SER B 23 -0.52 -10.19 21.04
N LYS B 24 0.03 -9.81 19.88
CA LYS B 24 0.51 -10.74 18.87
C LYS B 24 -0.50 -11.84 18.55
N ASP B 25 -1.80 -11.52 18.66
CA ASP B 25 -2.88 -12.46 18.41
C ASP B 25 -2.96 -12.87 16.93
N ARG B 26 -2.15 -12.25 16.07
CA ARG B 26 -2.08 -12.57 14.65
C ARG B 26 -0.66 -12.35 14.13
N ASP B 27 -0.40 -12.75 12.89
CA ASP B 27 0.91 -12.65 12.27
C ASP B 27 0.79 -12.37 10.76
N MET B 28 -0.42 -12.02 10.30
CA MET B 28 -0.70 -11.78 8.90
C MET B 28 0.17 -10.66 8.32
N GLY B 29 0.59 -9.72 9.16
CA GLY B 29 1.42 -8.60 8.71
C GLY B 29 2.81 -9.07 8.31
N ALA B 30 3.32 -10.12 8.95
CA ALA B 30 4.63 -10.66 8.65
C ALA B 30 4.56 -11.61 7.44
N ALA B 31 3.35 -12.06 7.08
CA ALA B 31 3.17 -12.97 5.97
C ALA B 31 3.19 -12.19 4.66
N LEU B 32 2.46 -11.07 4.63
CA LEU B 32 2.42 -10.19 3.48
C LEU B 32 3.78 -9.49 3.32
N ARG B 33 4.39 -9.10 4.45
CA ARG B 33 5.68 -8.43 4.41
C ARG B 33 6.78 -9.36 3.90
N SER B 34 6.65 -10.67 4.14
CA SER B 34 7.66 -11.61 3.65
C SER B 34 7.65 -11.67 2.12
N ALA B 35 6.45 -11.75 1.55
CA ALA B 35 6.29 -11.81 0.10
C ALA B 35 6.78 -10.53 -0.57
N TYR B 36 6.78 -9.41 0.16
CA TYR B 36 7.16 -8.13 -0.41
C TYR B 36 8.53 -7.66 0.09
N GLN B 37 9.10 -8.34 1.09
CA GLN B 37 10.45 -8.05 1.54
C GLN B 37 11.43 -8.50 0.47
N LYS B 38 11.15 -9.62 -0.21
CA LYS B 38 11.99 -10.07 -1.31
C LYS B 38 11.89 -9.14 -2.51
N THR B 39 10.80 -8.36 -2.59
CA THR B 39 10.59 -7.38 -3.66
C THR B 39 11.45 -6.12 -3.44
N ILE B 40 12.07 -5.99 -2.27
CA ILE B 40 12.90 -4.84 -1.93
C ILE B 40 14.31 -5.30 -1.52
N GLU B 41 14.74 -6.42 -2.10
CA GLU B 41 16.07 -6.98 -1.90
C GLU B 41 16.73 -7.25 -3.25
N GLU B 42 16.34 -6.48 -4.27
CA GLU B 42 16.87 -6.60 -5.63
C GLU B 42 17.03 -5.22 -6.26
N GLN B 43 17.44 -5.18 -7.54
CA GLN B 43 17.69 -3.95 -8.28
C GLN B 43 16.45 -3.05 -8.39
N VAL B 44 16.63 -1.89 -9.03
CA VAL B 44 15.58 -0.89 -9.16
C VAL B 44 15.56 -0.29 -10.57
N PRO B 45 14.40 0.25 -10.99
CA PRO B 45 14.22 0.95 -12.25
C PRO B 45 14.80 2.35 -12.17
N ASP B 46 16.11 2.46 -11.89
CA ASP B 46 16.82 3.73 -11.79
C ASP B 46 16.76 4.50 -13.11
N GLU B 47 16.26 3.86 -14.18
CA GLU B 47 16.08 4.49 -15.47
C GLU B 47 15.20 5.73 -15.38
N MET B 48 14.34 5.83 -14.35
CA MET B 48 13.48 6.98 -14.22
C MET B 48 14.25 8.19 -13.72
N LEU B 49 15.32 7.98 -12.94
CA LEU B 49 16.19 9.07 -12.54
C LEU B 49 17.16 9.41 -13.67
N ASP B 50 17.23 8.56 -14.70
CA ASP B 50 17.94 8.95 -15.92
C ASP B 50 17.11 9.98 -16.68
N LEU B 51 15.80 10.04 -16.40
CA LEU B 51 14.93 11.07 -16.95
C LEU B 51 15.12 12.39 -16.20
N LEU B 52 15.86 12.36 -15.09
CA LEU B 52 16.26 13.56 -14.36
C LEU B 52 17.60 14.06 -14.91
N ASN B 53 18.35 13.19 -15.60
CA ASN B 53 19.60 13.58 -16.25
C ASN B 53 19.34 14.41 -17.51
N LYS B 54 18.10 14.88 -17.68
CA LYS B 54 17.70 15.78 -18.76
C LYS B 54 16.93 16.97 -18.20
N LEU B 55 16.97 17.14 -16.87
CA LEU B 55 16.31 18.25 -16.18
C LEU B 55 17.21 18.85 -15.10
N ALA B 56 18.13 18.06 -14.54
CA ALA B 56 19.03 18.54 -13.50
C ALA B 56 20.30 19.17 -14.10
N LEU B 57 20.56 18.93 -15.38
CA LEU B 57 21.71 19.46 -16.08
C LEU B 57 21.47 19.48 -17.59
N GLU B 58 22.44 19.97 -18.36
CA GLU B 58 22.37 20.01 -19.82
C GLU B 58 23.76 20.03 -20.43
N LEU B 59 23.83 19.81 -21.74
CA LEU B 59 25.08 19.83 -22.48
C LEU B 59 24.90 20.38 -23.90
N VAL B 60 23.65 20.63 -24.32
CA VAL B 60 23.33 21.12 -25.65
C VAL B 60 22.11 22.03 -25.53
N PRO B 61 22.10 23.18 -26.23
CA PRO B 61 21.00 24.13 -26.20
C PRO B 61 19.78 23.57 -26.94
N ARG B 62 18.63 24.22 -26.77
CA ARG B 62 17.36 23.82 -27.36
C ARG B 62 16.60 25.05 -27.85
N MET A 1 20.59 18.62 -10.51
CA MET A 1 20.82 17.89 -9.24
C MET A 1 19.52 17.81 -8.45
N SER A 2 19.60 17.36 -7.20
CA SER A 2 18.47 17.18 -6.30
C SER A 2 17.42 16.20 -6.83
N LEU A 3 16.39 15.96 -6.02
CA LEU A 3 15.28 15.04 -6.25
C LEU A 3 15.68 13.56 -6.39
N GLY A 4 16.80 13.26 -7.05
CA GLY A 4 17.22 11.88 -7.25
C GLY A 4 17.86 11.28 -5.99
N GLN A 5 18.42 12.13 -5.12
CA GLN A 5 19.00 11.70 -3.87
C GLN A 5 17.92 11.19 -2.90
N GLN A 6 16.65 11.25 -3.30
CA GLN A 6 15.53 10.81 -2.50
C GLN A 6 14.61 9.90 -3.32
N LEU A 7 14.66 10.00 -4.65
CA LEU A 7 13.90 9.10 -5.50
C LEU A 7 14.61 7.74 -5.60
N ALA A 8 15.93 7.75 -5.80
CA ALA A 8 16.71 6.55 -6.05
C ALA A 8 16.58 5.48 -4.96
N PRO A 9 16.68 5.83 -3.66
CA PRO A 9 16.64 4.85 -2.58
C PRO A 9 15.23 4.32 -2.33
N HIS A 10 14.23 4.78 -3.08
CA HIS A 10 12.84 4.39 -2.86
C HIS A 10 12.11 4.01 -4.15
N LEU A 11 12.84 3.82 -5.25
CA LEU A 11 12.26 3.41 -6.52
C LEU A 11 11.43 2.12 -6.43
N PRO A 12 11.89 1.07 -5.73
CA PRO A 12 11.24 -0.23 -5.77
C PRO A 12 10.00 -0.35 -4.87
N PHE A 13 9.78 0.59 -3.96
CA PHE A 13 8.62 0.51 -3.07
C PHE A 13 7.31 0.63 -3.83
N LEU A 14 7.32 1.25 -5.02
CA LEU A 14 6.11 1.41 -5.80
C LEU A 14 5.64 0.07 -6.35
N ARG A 15 6.53 -0.93 -6.39
CA ARG A 15 6.17 -2.26 -6.87
C ARG A 15 5.89 -3.19 -5.68
N ARG A 16 6.38 -2.83 -4.49
CA ARG A 16 6.19 -3.61 -3.26
C ARG A 16 4.72 -3.80 -2.95
N TYR A 17 3.85 -2.93 -3.46
CA TYR A 17 2.42 -3.03 -3.26
C TYR A 17 1.64 -2.70 -4.53
N GLY A 18 2.23 -1.89 -5.43
CA GLY A 18 1.58 -1.54 -6.69
C GLY A 18 1.31 -2.79 -7.53
N ARG A 19 2.15 -3.82 -7.38
CA ARG A 19 1.96 -5.09 -8.05
C ARG A 19 0.68 -5.77 -7.56
N ALA A 20 0.35 -5.58 -6.28
CA ALA A 20 -0.83 -6.21 -5.68
C ALA A 20 -2.13 -5.50 -6.09
N LEU A 21 -2.02 -4.37 -6.79
CA LEU A 21 -3.19 -3.63 -7.27
C LEU A 21 -3.54 -3.96 -8.72
N THR A 22 -2.84 -4.92 -9.34
CA THR A 22 -3.06 -5.26 -10.73
C THR A 22 -2.64 -6.70 -11.07
N GLY A 23 -1.84 -7.34 -10.20
CA GLY A 23 -1.46 -8.73 -10.40
C GLY A 23 -0.52 -8.93 -11.58
N SER A 24 0.23 -7.89 -11.96
CA SER A 24 1.17 -8.00 -13.07
C SER A 24 2.36 -7.05 -12.87
N GLN A 25 3.56 -7.53 -13.21
CA GLN A 25 4.77 -6.72 -13.11
C GLN A 25 4.89 -5.80 -14.33
N ASN A 26 4.20 -6.13 -15.43
CA ASN A 26 4.25 -5.32 -16.64
C ASN A 26 3.48 -4.01 -16.41
N GLN A 27 2.38 -4.08 -15.66
CA GLN A 27 1.62 -2.89 -15.31
C GLN A 27 2.34 -2.13 -14.19
N GLY A 28 3.03 -2.84 -13.30
CA GLY A 28 3.77 -2.21 -12.22
C GLY A 28 4.93 -1.39 -12.77
N ASP A 29 5.66 -1.95 -13.74
CA ASP A 29 6.77 -1.25 -14.37
C ASP A 29 6.26 -0.07 -15.19
N LYS A 30 5.06 -0.20 -15.76
CA LYS A 30 4.44 0.85 -16.55
C LYS A 30 4.00 1.99 -15.65
N TYR A 31 3.40 1.68 -14.50
CA TYR A 31 2.89 2.70 -13.60
C TYR A 31 4.02 3.55 -13.03
N VAL A 32 5.15 2.94 -12.64
CA VAL A 32 6.22 3.73 -12.03
C VAL A 32 6.86 4.67 -13.03
N ARG A 33 7.02 4.23 -14.28
CA ARG A 33 7.65 5.07 -15.29
C ARG A 33 6.67 6.12 -15.81
N ALA A 34 5.39 5.79 -15.82
CA ALA A 34 4.35 6.74 -16.20
C ALA A 34 4.17 7.80 -15.11
N THR A 35 4.49 7.44 -13.85
CA THR A 35 4.41 8.37 -12.74
C THR A 35 5.42 9.49 -12.92
N LEU A 36 6.63 9.15 -13.37
CA LEU A 36 7.70 10.13 -13.52
C LEU A 36 7.45 11.01 -14.75
N GLU A 37 7.02 10.41 -15.86
CA GLU A 37 6.78 11.17 -17.08
C GLU A 37 5.68 12.20 -16.87
N ALA A 38 4.78 11.96 -15.91
CA ALA A 38 3.72 12.88 -15.54
C ALA A 38 4.24 14.03 -14.66
N ILE A 39 5.54 14.02 -14.36
CA ILE A 39 6.18 15.00 -13.47
C ILE A 39 7.30 15.71 -14.22
N VAL A 40 7.73 15.18 -15.37
CA VAL A 40 8.74 15.81 -16.23
C VAL A 40 8.26 17.18 -16.71
N ALA A 41 6.97 17.49 -16.56
CA ALA A 41 6.39 18.76 -16.96
C ALA A 41 5.70 19.44 -15.77
N ALA A 42 5.82 18.84 -14.59
CA ALA A 42 5.17 19.32 -13.38
C ALA A 42 5.94 18.89 -12.13
N PRO A 43 7.25 19.17 -12.04
CA PRO A 43 8.09 18.76 -10.93
C PRO A 43 7.68 19.41 -9.61
N ASP A 44 6.79 20.42 -9.66
CA ASP A 44 6.27 21.06 -8.48
C ASP A 44 5.24 20.18 -7.77
N GLN A 45 4.76 19.13 -8.44
CA GLN A 45 3.76 18.22 -7.90
C GLN A 45 4.42 17.05 -7.16
N PHE A 46 5.75 17.05 -7.05
CA PHE A 46 6.49 15.94 -6.46
C PHE A 46 7.54 16.43 -5.47
N PRO A 47 7.10 17.05 -4.37
CA PRO A 47 7.95 17.68 -3.38
C PRO A 47 8.62 16.64 -2.48
N ARG A 48 9.43 17.14 -1.54
CA ARG A 48 10.11 16.34 -0.53
C ARG A 48 9.93 16.97 0.85
N ASP A 49 8.94 17.88 0.96
CA ASP A 49 8.54 18.50 2.21
C ASP A 49 7.80 17.49 3.11
N VAL A 50 7.79 16.22 2.70
CA VAL A 50 7.14 15.13 3.41
C VAL A 50 8.11 13.94 3.49
N ASP A 51 7.70 12.85 4.13
CA ASP A 51 8.53 11.65 4.22
C ASP A 51 8.98 11.23 2.81
N PRO A 52 10.20 10.69 2.69
CA PRO A 52 10.79 10.32 1.41
C PRO A 52 10.09 9.11 0.78
N ARG A 53 8.94 8.71 1.34
CA ARG A 53 8.16 7.59 0.84
C ARG A 53 6.68 7.96 0.73
N LEU A 54 6.23 9.04 1.39
CA LEU A 54 4.83 9.43 1.34
C LEU A 54 4.52 10.11 0.01
N GLY A 55 5.46 10.88 -0.54
CA GLY A 55 5.25 11.55 -1.82
C GLY A 55 5.37 10.54 -2.96
N LEU A 56 6.23 9.54 -2.78
CA LEU A 56 6.43 8.46 -3.73
C LEU A 56 5.11 7.74 -3.99
N TYR A 57 4.36 7.47 -2.93
CA TYR A 57 3.12 6.72 -3.03
C TYR A 57 1.96 7.57 -3.54
N ARG A 58 1.99 8.89 -3.27
CA ARG A 58 0.92 9.78 -3.71
C ARG A 58 0.89 9.91 -5.23
N MET A 59 2.06 10.00 -5.87
CA MET A 59 2.11 10.15 -7.31
C MET A 59 1.81 8.82 -7.99
N PHE A 60 2.19 7.71 -7.36
CA PHE A 60 1.88 6.39 -7.89
C PHE A 60 0.38 6.13 -7.80
N GLN A 61 -0.26 6.61 -6.72
CA GLN A 61 -1.70 6.50 -6.54
C GLN A 61 -2.44 7.31 -7.60
N GLY A 62 -1.80 8.36 -8.12
CA GLY A 62 -2.40 9.20 -9.14
C GLY A 62 -2.49 8.48 -10.48
N ILE A 63 -1.47 7.68 -10.83
CA ILE A 63 -1.52 6.92 -12.07
C ILE A 63 -2.47 5.74 -11.93
N TRP A 64 -2.53 5.12 -10.74
CA TRP A 64 -3.43 3.99 -10.53
C TRP A 64 -4.88 4.46 -10.58
N ALA A 65 -5.17 5.69 -10.15
CA ALA A 65 -6.50 6.24 -10.24
C ALA A 65 -6.86 6.52 -11.70
N SER A 66 -5.86 6.89 -12.51
CA SER A 66 -6.06 7.13 -13.93
C SER A 66 -6.27 5.81 -14.66
N ALA A 67 -5.72 4.71 -14.13
CA ALA A 67 -5.89 3.39 -14.71
C ALA A 67 -7.28 2.83 -14.37
N ASN A 68 -7.84 3.21 -13.20
CA ASN A 68 -9.20 2.85 -12.86
C ASN A 68 -10.18 3.74 -13.61
N ALA A 69 -9.70 4.84 -14.18
CA ALA A 69 -10.50 5.77 -14.96
C ALA A 69 -10.44 5.42 -16.45
N ASP A 70 -9.84 4.27 -16.78
CA ASP A 70 -9.70 3.81 -18.15
C ASP A 70 -9.96 2.31 -18.26
N GLY A 71 -10.28 1.65 -17.14
CA GLY A 71 -10.64 0.23 -17.15
C GLY A 71 -9.43 -0.68 -17.29
N GLU A 72 -8.27 -0.28 -16.74
CA GLU A 72 -7.04 -1.05 -16.87
C GLU A 72 -6.47 -1.40 -15.48
N ALA A 73 -7.25 -1.17 -14.42
CA ALA A 73 -6.85 -1.48 -13.06
C ALA A 73 -8.05 -1.95 -12.23
N GLN A 74 -9.07 -2.48 -12.91
CA GLN A 74 -10.28 -2.96 -12.25
C GLN A 74 -10.29 -4.49 -12.18
N THR A 75 -9.18 -5.11 -12.56
CA THR A 75 -9.03 -6.57 -12.57
C THR A 75 -7.56 -6.94 -12.46
N SER A 76 -7.27 -8.24 -12.33
CA SER A 76 -5.92 -8.75 -12.21
C SER A 76 -5.83 -10.20 -12.71
N GLN A 77 -4.62 -10.76 -12.71
CA GLN A 77 -4.37 -12.11 -13.22
C GLN A 77 -3.27 -12.83 -12.45
N SER A 78 -2.51 -12.08 -11.63
CA SER A 78 -1.34 -12.58 -10.91
C SER A 78 -0.23 -13.06 -11.84
N ASP A 79 0.95 -13.29 -11.28
CA ASP A 79 2.14 -13.70 -12.01
C ASP A 79 2.98 -14.66 -11.16
N ALA A 80 2.39 -15.19 -10.08
CA ALA A 80 3.03 -16.15 -9.19
C ALA A 80 1.99 -17.12 -8.65
N GLU A 81 2.41 -18.07 -7.80
CA GLU A 81 1.53 -19.09 -7.26
C GLU A 81 1.76 -19.30 -5.76
N GLY A 82 2.51 -18.42 -5.10
CA GLY A 82 2.78 -18.56 -3.67
C GLY A 82 3.32 -17.28 -3.02
N THR A 83 3.25 -16.14 -3.71
CA THR A 83 3.73 -14.87 -3.15
C THR A 83 2.94 -13.68 -3.69
N GLU A 84 1.86 -13.96 -4.43
CA GLU A 84 1.01 -12.92 -5.00
C GLU A 84 -0.42 -13.43 -5.13
N ALA A 85 -0.58 -14.63 -5.69
CA ALA A 85 -1.89 -15.25 -5.77
C ALA A 85 -2.42 -15.57 -4.38
N VAL A 86 -1.52 -15.70 -3.39
CA VAL A 86 -1.90 -15.98 -2.01
C VAL A 86 -2.65 -14.79 -1.41
N ALA A 87 -2.35 -13.57 -1.88
CA ALA A 87 -2.94 -12.35 -1.38
C ALA A 87 -4.25 -12.02 -2.09
N ARG A 88 -4.69 -12.86 -3.03
CA ARG A 88 -5.95 -12.70 -3.72
C ARG A 88 -6.83 -13.92 -3.52
N ALA A 89 -6.24 -15.12 -3.54
CA ALA A 89 -6.97 -16.35 -3.38
C ALA A 89 -7.51 -16.54 -1.96
N ARG A 90 -7.23 -15.59 -1.06
CA ARG A 90 -7.65 -15.66 0.34
C ARG A 90 -8.34 -14.37 0.78
N LEU A 91 -8.40 -13.38 -0.11
CA LEU A 91 -8.96 -12.05 0.19
C LEU A 91 -9.84 -11.55 -0.97
N ALA A 92 -10.30 -12.48 -1.82
CA ALA A 92 -11.07 -12.19 -3.02
C ALA A 92 -12.40 -11.45 -2.80
N ARG A 93 -12.72 -11.05 -1.56
CA ARG A 93 -13.96 -10.34 -1.26
C ARG A 93 -13.71 -9.06 -0.46
N MET A 94 -12.45 -8.73 -0.15
CA MET A 94 -12.13 -7.50 0.56
C MET A 94 -12.34 -6.31 -0.38
N THR A 95 -12.70 -5.15 0.18
CA THR A 95 -12.90 -3.92 -0.57
C THR A 95 -11.63 -3.57 -1.34
N PRO A 96 -11.74 -3.09 -2.58
CA PRO A 96 -10.61 -2.77 -3.44
C PRO A 96 -9.74 -1.61 -2.92
N LEU A 97 -10.03 -1.08 -1.73
CA LEU A 97 -9.23 -0.03 -1.12
C LEU A 97 -8.83 -0.40 0.30
N SER A 98 -9.58 -1.30 0.95
CA SER A 98 -9.21 -1.79 2.27
C SER A 98 -7.96 -2.66 2.17
N ARG A 99 -7.69 -3.22 0.98
CA ARG A 99 -6.47 -3.98 0.76
C ARG A 99 -5.27 -3.05 0.79
N GLN A 100 -5.43 -1.79 0.35
CA GLN A 100 -4.35 -0.82 0.37
C GLN A 100 -4.14 -0.32 1.80
N ALA A 101 -5.24 -0.11 2.54
CA ALA A 101 -5.18 0.32 3.91
C ALA A 101 -4.51 -0.74 4.77
N LEU A 102 -4.66 -2.03 4.39
CA LEU A 102 -4.07 -3.13 5.13
C LEU A 102 -2.55 -3.08 5.02
N LEU A 103 -2.00 -2.87 3.82
CA LEU A 103 -0.56 -2.80 3.64
C LEU A 103 -0.02 -1.47 4.16
N LEU A 104 -0.90 -0.54 4.49
CA LEU A 104 -0.52 0.79 4.93
C LEU A 104 -0.47 0.91 6.46
N THR A 105 -0.93 -0.11 7.19
CA THR A 105 -0.89 -0.08 8.65
C THR A 105 -0.51 -1.41 9.29
N ALA A 106 -0.66 -2.54 8.56
CA ALA A 106 -0.32 -3.83 9.12
C ALA A 106 1.18 -4.12 8.98
N MET A 107 1.90 -3.32 8.21
CA MET A 107 3.31 -3.61 7.93
C MET A 107 4.16 -2.37 7.69
N GLU A 108 3.66 -1.17 7.98
CA GLU A 108 4.44 0.04 7.79
C GLU A 108 4.28 1.04 8.95
N GLY A 109 3.29 0.81 9.81
CA GLY A 109 3.10 1.60 11.03
C GLY A 109 2.80 3.07 10.79
N PHE A 110 2.52 3.48 9.55
CA PHE A 110 2.17 4.87 9.26
C PHE A 110 0.93 5.27 10.05
N SER A 111 0.83 6.55 10.39
CA SER A 111 -0.31 7.09 11.12
C SER A 111 -1.57 7.04 10.26
N PRO A 112 -2.75 7.04 10.88
CA PRO A 112 -4.00 7.05 10.16
C PRO A 112 -4.22 8.40 9.46
N GLU A 113 -3.48 9.43 9.86
CA GLU A 113 -3.61 10.76 9.28
C GLU A 113 -2.90 10.84 7.94
N ASP A 114 -1.67 10.30 7.85
CA ASP A 114 -0.95 10.31 6.58
C ASP A 114 -1.47 9.19 5.68
N ALA A 115 -2.01 8.12 6.28
CA ALA A 115 -2.63 7.06 5.52
C ALA A 115 -3.95 7.52 4.90
N ALA A 116 -4.61 8.51 5.52
CA ALA A 116 -5.85 9.04 5.00
C ALA A 116 -5.58 9.96 3.81
N TYR A 117 -4.43 10.65 3.84
CA TYR A 117 -4.00 11.51 2.75
C TYR A 117 -3.60 10.66 1.53
N LEU A 118 -3.12 9.43 1.77
CA LEU A 118 -2.68 8.54 0.72
C LEU A 118 -3.84 7.88 -0.06
N ILE A 119 -5.08 8.04 0.43
CA ILE A 119 -6.26 7.54 -0.28
C ILE A 119 -7.36 8.60 -0.29
N GLU A 120 -7.03 9.83 0.07
CA GLU A 120 -7.92 10.99 0.05
C GLU A 120 -9.24 10.76 0.79
N VAL A 121 -9.14 10.48 2.09
CA VAL A 121 -10.29 10.32 2.99
C VAL A 121 -10.01 11.03 4.30
N ASP A 122 -10.90 10.89 5.28
CA ASP A 122 -10.70 11.45 6.61
C ASP A 122 -9.97 10.43 7.48
N THR A 123 -9.36 10.89 8.58
CA THR A 123 -8.59 10.02 9.46
C THR A 123 -9.44 8.87 9.98
N SER A 124 -10.71 9.18 10.32
CA SER A 124 -11.62 8.19 10.88
C SER A 124 -12.04 7.15 9.85
N GLU A 125 -11.92 7.46 8.55
CA GLU A 125 -12.27 6.48 7.52
C GLU A 125 -11.20 5.41 7.44
N VAL A 126 -9.92 5.78 7.60
CA VAL A 126 -8.86 4.79 7.57
C VAL A 126 -9.03 3.83 8.74
N GLU A 127 -9.44 4.35 9.90
CA GLU A 127 -9.67 3.53 11.07
C GLU A 127 -10.79 2.53 10.82
N THR A 128 -11.78 2.92 10.02
CA THR A 128 -12.90 2.04 9.69
C THR A 128 -12.49 1.03 8.63
N LEU A 129 -11.70 1.45 7.64
CA LEU A 129 -11.25 0.56 6.57
C LEU A 129 -10.37 -0.55 7.11
N VAL A 130 -9.56 -0.29 8.13
CA VAL A 130 -8.71 -1.33 8.71
C VAL A 130 -9.50 -2.21 9.67
N THR A 131 -10.55 -1.66 10.29
CA THR A 131 -11.39 -2.44 11.20
C THR A 131 -12.18 -3.48 10.41
N GLU A 132 -12.67 -3.11 9.21
CA GLU A 132 -13.38 -4.05 8.37
C GLU A 132 -12.40 -5.00 7.70
N ALA A 133 -11.14 -4.59 7.53
CA ALA A 133 -10.13 -5.44 6.92
C ALA A 133 -9.73 -6.55 7.88
N LEU A 134 -9.43 -6.23 9.14
CA LEU A 134 -9.04 -7.24 10.12
C LEU A 134 -10.21 -8.16 10.44
N ALA A 135 -11.45 -7.72 10.23
CA ALA A 135 -12.62 -8.58 10.41
C ALA A 135 -12.77 -9.52 9.23
N GLU A 136 -12.41 -9.06 8.02
CA GLU A 136 -12.48 -9.85 6.81
C GLU A 136 -11.31 -10.83 6.75
N ILE A 137 -10.19 -10.48 7.40
CA ILE A 137 -9.06 -11.38 7.49
C ILE A 137 -9.44 -12.59 8.34
N GLU A 138 -9.81 -12.36 9.61
CA GLU A 138 -10.00 -13.43 10.56
C GLU A 138 -11.17 -14.35 10.19
N LYS A 139 -12.15 -13.86 9.40
CA LYS A 139 -13.29 -14.69 9.06
C LYS A 139 -12.96 -15.81 8.07
N GLN A 140 -11.76 -15.81 7.47
CA GLN A 140 -11.43 -16.83 6.49
C GLN A 140 -9.94 -17.17 6.38
N THR A 141 -9.08 -16.14 6.25
CA THR A 141 -7.64 -16.21 5.97
C THR A 141 -7.18 -17.20 4.90
N ARG A 142 -8.02 -18.11 4.40
CA ARG A 142 -7.57 -19.15 3.47
C ARG A 142 -8.71 -19.84 2.72
N ALA A 143 -9.93 -19.30 2.78
CA ALA A 143 -11.08 -19.94 2.16
C ALA A 143 -12.07 -18.92 1.59
N LEU A 144 -13.03 -19.42 0.81
CA LEU A 144 -14.07 -18.61 0.18
C LEU A 144 -15.45 -19.18 0.53
N GLU A 145 -15.49 -20.17 1.42
CA GLU A 145 -16.71 -20.89 1.78
C GLU A 145 -17.56 -20.12 2.79
N LEU A 146 -17.39 -18.80 2.88
CA LEU A 146 -18.12 -17.97 3.81
C LEU A 146 -18.57 -16.67 3.15
N VAL A 147 -19.50 -15.97 3.80
CA VAL A 147 -20.13 -14.74 3.32
C VAL A 147 -20.41 -14.75 1.81
N PRO A 148 -21.04 -15.82 1.28
CA PRO A 148 -21.33 -15.95 -0.13
C PRO A 148 -22.51 -15.06 -0.56
N ARG A 149 -23.18 -14.42 0.41
CA ARG A 149 -24.34 -13.58 0.15
C ARG A 149 -24.50 -12.55 1.28
N GLY A 150 -25.61 -11.83 1.29
CA GLY A 150 -25.87 -10.77 2.26
C GLY A 150 -27.36 -10.70 2.59
N SER A 151 -27.75 -9.68 3.38
CA SER A 151 -29.12 -9.54 3.86
C SER A 151 -29.60 -8.09 3.82
N HIS A 152 -28.89 -7.23 3.06
CA HIS A 152 -29.27 -5.82 2.90
C HIS A 152 -30.52 -5.66 2.03
N HIS A 153 -31.14 -6.78 1.62
CA HIS A 153 -32.36 -6.83 0.81
C HIS A 153 -32.26 -6.08 -0.51
N HIS A 154 -31.05 -5.68 -0.94
CA HIS A 154 -30.85 -5.04 -2.24
C HIS A 154 -30.94 -6.06 -3.37
N HIS A 155 -31.18 -7.33 -3.03
CA HIS A 155 -31.23 -8.45 -3.97
C HIS A 155 -32.20 -9.52 -3.48
N HIS A 156 -33.17 -9.13 -2.65
CA HIS A 156 -34.15 -10.06 -2.09
C HIS A 156 -35.49 -9.36 -1.91
N HIS A 157 -36.54 -10.12 -1.57
CA HIS A 157 -37.90 -9.60 -1.43
C HIS A 157 -38.62 -10.35 -0.31
N MET B 1 7.76 34.09 20.76
CA MET B 1 6.72 33.07 20.52
C MET B 1 6.40 33.00 19.03
N LEU B 2 5.98 31.83 18.56
CA LEU B 2 5.61 31.61 17.16
C LEU B 2 4.36 32.43 16.82
N ASP B 3 4.09 32.59 15.52
CA ASP B 3 2.93 33.31 15.03
C ASP B 3 2.42 32.71 13.71
N LEU B 4 3.06 31.64 13.25
CA LEU B 4 2.68 30.93 12.04
C LEU B 4 1.32 30.23 12.23
N PRO B 5 0.66 29.82 11.15
CA PRO B 5 -0.58 29.07 11.18
C PRO B 5 -0.50 27.80 12.04
N GLY B 6 0.71 27.34 12.34
CA GLY B 6 0.94 26.17 13.17
C GLY B 6 2.43 25.86 13.27
N ASN B 7 2.77 24.93 14.15
CA ASN B 7 4.15 24.51 14.37
C ASN B 7 4.18 23.11 14.99
N LYS B 8 5.38 22.54 15.16
CA LYS B 8 5.57 21.23 15.76
C LYS B 8 6.85 21.21 16.60
N ASP B 9 6.90 20.29 17.57
CA ASP B 9 8.05 20.13 18.46
C ASP B 9 8.10 18.72 19.04
N LYS B 10 7.23 17.82 18.53
CA LYS B 10 7.10 16.46 19.04
C LYS B 10 6.65 15.53 17.92
N LYS B 11 6.51 14.23 18.21
CA LYS B 11 6.13 13.22 17.23
C LYS B 11 4.96 12.38 17.76
N ALA B 12 4.29 12.88 18.79
CA ALA B 12 3.16 12.23 19.42
C ALA B 12 2.21 13.28 20.00
N SER B 13 1.08 12.84 20.54
CA SER B 13 0.08 13.74 21.12
C SER B 13 -0.67 13.05 22.26
N SER B 14 -1.62 13.78 22.87
CA SER B 14 -2.36 13.32 24.04
C SER B 14 -3.84 13.71 23.95
N LYS B 15 -4.36 13.87 22.73
CA LYS B 15 -5.73 14.31 22.51
C LYS B 15 -6.49 13.41 21.54
N LYS B 16 -5.88 12.28 21.15
CA LYS B 16 -6.52 11.26 20.33
C LYS B 16 -7.58 10.51 21.15
N SER B 17 -8.19 9.48 20.56
CA SER B 17 -9.27 8.72 21.20
C SER B 17 -9.04 7.23 21.02
N PRO B 18 -9.62 6.40 21.91
CA PRO B 18 -9.48 4.95 21.89
C PRO B 18 -10.30 4.32 20.75
N ALA B 19 -10.21 3.00 20.64
CA ALA B 19 -10.89 2.23 19.60
C ALA B 19 -11.26 0.85 20.14
N LYS B 20 -11.96 0.05 19.32
CA LYS B 20 -12.35 -1.30 19.69
C LYS B 20 -12.47 -2.17 18.45
N VAL B 21 -12.20 -3.47 18.60
CA VAL B 21 -12.25 -4.45 17.52
C VAL B 21 -12.74 -5.79 18.06
N GLN B 22 -12.76 -6.81 17.20
CA GLN B 22 -13.27 -8.13 17.54
C GLN B 22 -12.45 -9.24 16.88
N SER B 23 -11.29 -8.88 16.30
CA SER B 23 -10.43 -9.80 15.59
C SER B 23 -8.96 -9.46 15.83
N LYS B 24 -8.04 -10.12 15.12
CA LYS B 24 -6.62 -9.94 15.34
C LYS B 24 -5.86 -9.70 14.03
N ASP B 25 -4.64 -9.18 14.15
CA ASP B 25 -3.77 -8.85 13.02
C ASP B 25 -2.31 -8.87 13.46
N ARG B 26 -2.03 -9.42 14.65
CA ARG B 26 -0.72 -9.38 15.29
C ARG B 26 0.40 -10.00 14.47
N ASP B 27 0.08 -10.81 13.45
CA ASP B 27 1.11 -11.49 12.67
C ASP B 27 0.74 -11.63 11.20
N MET B 28 -0.50 -11.31 10.81
CA MET B 28 -0.91 -11.39 9.42
C MET B 28 -0.17 -10.34 8.58
N GLY B 29 0.28 -9.25 9.21
CA GLY B 29 1.01 -8.20 8.50
C GLY B 29 2.40 -8.65 8.13
N ALA B 30 3.00 -9.55 8.93
CA ALA B 30 4.33 -10.06 8.67
C ALA B 30 4.30 -11.07 7.53
N ALA B 31 3.15 -11.74 7.34
CA ALA B 31 2.99 -12.69 6.25
C ALA B 31 2.94 -11.96 4.91
N LEU B 32 2.23 -10.83 4.88
CA LEU B 32 2.08 -10.01 3.69
C LEU B 32 3.40 -9.33 3.37
N ARG B 33 4.08 -8.79 4.39
CA ARG B 33 5.33 -8.08 4.17
C ARG B 33 6.44 -9.04 3.74
N SER B 34 6.40 -10.30 4.18
CA SER B 34 7.42 -11.27 3.80
C SER B 34 7.34 -11.55 2.30
N ALA B 35 6.12 -11.72 1.78
CA ALA B 35 5.92 -11.97 0.36
C ALA B 35 6.42 -10.79 -0.48
N TYR B 36 6.35 -9.57 0.08
CA TYR B 36 6.78 -8.38 -0.64
C TYR B 36 8.18 -7.94 -0.19
N GLN B 37 8.77 -8.62 0.79
CA GLN B 37 10.15 -8.36 1.17
C GLN B 37 11.06 -8.86 0.06
N LYS B 38 10.63 -9.92 -0.63
CA LYS B 38 11.32 -10.40 -1.82
C LYS B 38 11.27 -9.32 -2.91
N THR B 39 10.18 -8.55 -2.94
CA THR B 39 9.95 -7.52 -3.94
C THR B 39 10.67 -6.20 -3.63
N ILE B 40 11.35 -6.09 -2.49
CA ILE B 40 12.01 -4.83 -2.12
C ILE B 40 13.52 -5.00 -1.96
N GLU B 41 14.02 -6.23 -1.91
CA GLU B 41 15.45 -6.50 -1.83
C GLU B 41 16.10 -6.44 -3.22
N GLU B 42 15.30 -6.26 -4.27
CA GLU B 42 15.79 -6.20 -5.65
C GLU B 42 16.50 -4.88 -5.94
N GLN B 43 17.16 -4.83 -7.12
CA GLN B 43 17.82 -3.64 -7.63
C GLN B 43 16.78 -2.60 -8.08
N VAL B 44 17.25 -1.51 -8.70
CA VAL B 44 16.37 -0.44 -9.15
C VAL B 44 16.70 -0.07 -10.59
N PRO B 45 15.70 0.39 -11.36
CA PRO B 45 15.85 0.69 -12.78
C PRO B 45 16.59 2.00 -13.05
N ASP B 46 16.49 2.95 -12.12
CA ASP B 46 17.07 4.29 -12.20
C ASP B 46 16.74 5.08 -13.48
N GLU B 47 16.00 4.49 -14.44
CA GLU B 47 15.67 5.16 -15.68
C GLU B 47 14.73 6.34 -15.45
N MET B 48 14.07 6.38 -14.29
CA MET B 48 13.21 7.49 -13.93
C MET B 48 14.04 8.74 -13.64
N LEU B 49 15.26 8.57 -13.11
CA LEU B 49 16.18 9.68 -12.93
C LEU B 49 16.96 9.93 -14.22
N ASP B 50 16.86 9.03 -15.20
CA ASP B 50 17.39 9.32 -16.52
C ASP B 50 16.48 10.33 -17.22
N LEU B 51 15.23 10.45 -16.76
CA LEU B 51 14.31 11.48 -17.23
C LEU B 51 14.65 12.83 -16.61
N LEU B 52 15.51 12.82 -15.59
CA LEU B 52 16.05 14.04 -15.00
C LEU B 52 17.33 14.44 -15.74
N ASN B 53 17.94 13.51 -16.47
CA ASN B 53 19.15 13.78 -17.25
C ASN B 53 18.84 14.51 -18.55
N LYS B 54 17.65 15.12 -18.66
CA LYS B 54 17.25 15.89 -19.84
C LYS B 54 16.65 17.25 -19.46
N LEU B 55 16.59 17.56 -18.16
CA LEU B 55 16.08 18.85 -17.69
C LEU B 55 16.65 19.25 -16.34
N ALA B 56 17.55 18.45 -15.75
CA ALA B 56 18.16 18.76 -14.46
C ALA B 56 19.58 18.23 -14.34
N LEU B 57 20.09 17.56 -15.39
CA LEU B 57 21.44 17.04 -15.42
C LEU B 57 21.92 16.87 -16.86
N GLU B 58 23.24 16.82 -17.06
CA GLU B 58 23.86 16.68 -18.37
C GLU B 58 25.15 15.86 -18.27
N LEU B 59 25.37 15.21 -17.13
CA LEU B 59 26.58 14.45 -16.87
C LEU B 59 26.69 13.20 -17.75
N VAL B 60 25.62 12.84 -18.45
CA VAL B 60 25.59 11.67 -19.32
C VAL B 60 26.63 11.77 -20.43
N PRO B 61 27.10 10.64 -20.96
CA PRO B 61 28.04 10.59 -22.06
C PRO B 61 27.36 10.98 -23.38
N ARG B 62 28.16 11.15 -24.42
CA ARG B 62 27.68 11.51 -25.76
C ARG B 62 28.63 10.96 -26.82
N MET A 1 19.36 20.88 -8.12
CA MET A 1 18.32 19.94 -7.68
C MET A 1 18.95 18.64 -7.18
N SER A 2 18.29 17.95 -6.26
CA SER A 2 18.81 16.73 -5.65
C SER A 2 17.71 15.70 -5.41
N LEU A 3 16.62 15.77 -6.20
CA LEU A 3 15.49 14.87 -6.06
C LEU A 3 15.91 13.41 -6.16
N GLY A 4 16.90 13.09 -7.01
CA GLY A 4 17.34 11.73 -7.21
C GLY A 4 17.91 11.12 -5.94
N GLN A 5 18.62 11.93 -5.14
CA GLN A 5 19.20 11.51 -3.88
C GLN A 5 18.13 11.35 -2.80
N GLN A 6 16.86 11.57 -3.15
CA GLN A 6 15.74 11.46 -2.24
C GLN A 6 14.62 10.60 -2.84
N LEU A 7 14.84 10.08 -4.04
CA LEU A 7 13.90 9.20 -4.71
C LEU A 7 14.48 7.80 -4.85
N ALA A 8 15.79 7.70 -5.13
CA ALA A 8 16.48 6.44 -5.29
C ALA A 8 16.41 5.51 -4.08
N PRO A 9 16.59 5.98 -2.84
CA PRO A 9 16.60 5.12 -1.67
C PRO A 9 15.19 4.62 -1.29
N HIS A 10 14.17 5.03 -2.03
CA HIS A 10 12.78 4.62 -1.78
C HIS A 10 12.11 4.20 -3.08
N LEU A 11 12.89 4.09 -4.16
CA LEU A 11 12.46 3.79 -5.50
C LEU A 11 11.75 2.44 -5.64
N PRO A 12 12.22 1.35 -5.00
CA PRO A 12 11.62 0.05 -5.17
C PRO A 12 10.34 -0.13 -4.36
N PHE A 13 10.05 0.79 -3.44
CA PHE A 13 8.87 0.66 -2.58
C PHE A 13 7.59 0.79 -3.40
N LEU A 14 7.65 1.38 -4.60
CA LEU A 14 6.48 1.50 -5.45
C LEU A 14 6.10 0.14 -6.04
N ARG A 15 7.05 -0.80 -6.09
CA ARG A 15 6.81 -2.13 -6.60
C ARG A 15 6.46 -3.09 -5.46
N ARG A 16 6.87 -2.72 -4.23
CA ARG A 16 6.66 -3.51 -3.03
C ARG A 16 5.18 -3.82 -2.81
N TYR A 17 4.29 -2.97 -3.31
CA TYR A 17 2.85 -3.17 -3.17
C TYR A 17 2.10 -2.81 -4.44
N GLY A 18 2.71 -2.02 -5.34
CA GLY A 18 2.06 -1.63 -6.58
C GLY A 18 1.97 -2.81 -7.54
N ARG A 19 2.87 -3.78 -7.41
CA ARG A 19 2.85 -4.96 -8.26
C ARG A 19 1.84 -5.99 -7.73
N ALA A 20 1.31 -5.76 -6.53
CA ALA A 20 0.30 -6.61 -5.93
C ALA A 20 -1.06 -5.90 -5.90
N LEU A 21 -1.09 -4.65 -6.38
CA LEU A 21 -2.31 -3.86 -6.53
C LEU A 21 -2.93 -4.13 -7.91
N THR A 22 -2.34 -5.07 -8.66
CA THR A 22 -2.74 -5.37 -10.03
C THR A 22 -2.67 -6.87 -10.33
N GLY A 23 -2.01 -7.66 -9.46
CA GLY A 23 -1.89 -9.09 -9.64
C GLY A 23 -1.07 -9.46 -10.89
N SER A 24 -0.36 -8.49 -11.48
CA SER A 24 0.42 -8.73 -12.69
C SER A 24 1.72 -7.95 -12.64
N GLN A 25 2.83 -8.61 -12.97
CA GLN A 25 4.15 -8.00 -12.90
C GLN A 25 4.31 -6.93 -13.98
N ASN A 26 3.60 -7.09 -15.10
CA ASN A 26 3.70 -6.13 -16.21
C ASN A 26 2.96 -4.84 -15.87
N GLN A 27 1.83 -4.95 -15.16
CA GLN A 27 1.04 -3.78 -14.80
C GLN A 27 1.70 -3.01 -13.65
N GLY A 28 2.39 -3.71 -12.75
CA GLY A 28 3.03 -3.04 -11.63
C GLY A 28 4.26 -2.27 -12.08
N ASP A 29 5.07 -2.86 -12.97
CA ASP A 29 6.29 -2.22 -13.41
C ASP A 29 6.00 -1.03 -14.33
N LYS A 30 4.87 -1.05 -15.06
CA LYS A 30 4.56 0.05 -15.97
C LYS A 30 3.93 1.22 -15.24
N TYR A 31 3.27 0.99 -14.10
CA TYR A 31 2.73 2.11 -13.32
C TYR A 31 3.86 2.84 -12.61
N VAL A 32 4.92 2.12 -12.23
CA VAL A 32 6.08 2.73 -11.58
C VAL A 32 6.76 3.71 -12.54
N ARG A 33 7.07 3.26 -13.76
CA ARG A 33 7.78 4.09 -14.70
C ARG A 33 6.87 5.17 -15.28
N ALA A 34 5.56 4.91 -15.35
CA ALA A 34 4.61 5.90 -15.82
C ALA A 34 4.42 7.00 -14.79
N THR A 35 4.68 6.71 -13.51
CA THR A 35 4.56 7.72 -12.46
C THR A 35 5.60 8.81 -12.67
N LEU A 36 6.85 8.45 -12.96
CA LEU A 36 7.89 9.45 -13.13
C LEU A 36 7.71 10.21 -14.45
N GLU A 37 7.24 9.52 -15.50
CA GLU A 37 7.03 10.17 -16.78
C GLU A 37 5.98 11.27 -16.68
N ALA A 38 5.08 11.16 -15.68
CA ALA A 38 4.08 12.18 -15.41
C ALA A 38 4.66 13.36 -14.63
N ILE A 39 5.96 13.32 -14.31
CA ILE A 39 6.65 14.37 -13.59
C ILE A 39 7.64 15.08 -14.53
N VAL A 40 8.01 14.42 -15.64
CA VAL A 40 8.94 14.96 -16.63
C VAL A 40 8.47 16.26 -17.27
N ALA A 41 7.19 16.62 -17.09
CA ALA A 41 6.63 17.83 -17.66
C ALA A 41 6.06 18.76 -16.59
N ALA A 42 6.18 18.35 -15.32
CA ALA A 42 5.65 19.09 -14.20
C ALA A 42 6.35 18.67 -12.89
N PRO A 43 7.67 18.83 -12.81
CA PRO A 43 8.46 18.37 -11.68
C PRO A 43 8.12 19.13 -10.39
N ASP A 44 7.36 20.22 -10.50
CA ASP A 44 6.90 20.98 -9.34
C ASP A 44 5.76 20.25 -8.61
N GLN A 45 5.16 19.24 -9.23
CA GLN A 45 4.06 18.50 -8.62
C GLN A 45 4.58 17.48 -7.61
N PHE A 46 5.84 17.05 -7.74
CA PHE A 46 6.41 16.05 -6.86
C PHE A 46 6.78 16.72 -5.53
N PRO A 47 6.23 16.26 -4.40
CA PRO A 47 6.50 16.84 -3.09
C PRO A 47 7.98 17.01 -2.80
N ARG A 48 8.34 18.10 -2.12
CA ARG A 48 9.71 18.41 -1.73
C ARG A 48 9.74 18.89 -0.27
N ASP A 49 8.61 18.76 0.42
CA ASP A 49 8.39 19.28 1.76
C ASP A 49 7.60 18.28 2.61
N VAL A 50 7.60 17.01 2.19
CA VAL A 50 6.91 15.93 2.86
C VAL A 50 7.88 14.76 2.98
N ASP A 51 7.51 13.72 3.73
CA ASP A 51 8.38 12.56 3.92
C ASP A 51 8.82 11.99 2.56
N PRO A 52 10.06 11.50 2.47
CA PRO A 52 10.66 11.00 1.24
C PRO A 52 10.05 9.66 0.81
N ARG A 53 8.94 9.25 1.44
CA ARG A 53 8.26 8.00 1.11
C ARG A 53 6.77 8.24 0.94
N LEU A 54 6.22 9.28 1.58
CA LEU A 54 4.81 9.62 1.42
C LEU A 54 4.58 10.27 0.07
N GLY A 55 5.52 11.10 -0.39
CA GLY A 55 5.39 11.77 -1.68
C GLY A 55 5.54 10.77 -2.83
N LEU A 56 6.37 9.76 -2.63
CA LEU A 56 6.54 8.68 -3.59
C LEU A 56 5.21 7.98 -3.83
N TYR A 57 4.48 7.69 -2.76
CA TYR A 57 3.23 6.96 -2.87
C TYR A 57 2.09 7.84 -3.40
N ARG A 58 2.17 9.15 -3.22
CA ARG A 58 1.11 10.05 -3.69
C ARG A 58 1.08 10.12 -5.21
N MET A 59 2.24 10.20 -5.86
CA MET A 59 2.25 10.28 -7.31
C MET A 59 1.90 8.92 -7.93
N PHE A 60 2.30 7.82 -7.29
CA PHE A 60 1.98 6.50 -7.79
C PHE A 60 0.48 6.24 -7.69
N GLN A 61 -0.15 6.70 -6.59
CA GLN A 61 -1.58 6.56 -6.40
C GLN A 61 -2.34 7.42 -7.42
N GLY A 62 -1.69 8.47 -7.92
CA GLY A 62 -2.32 9.35 -8.90
C GLY A 62 -2.46 8.66 -10.25
N ILE A 63 -1.48 7.84 -10.64
CA ILE A 63 -1.58 7.09 -11.90
C ILE A 63 -2.64 6.02 -11.78
N TRP A 64 -2.69 5.33 -10.63
CA TRP A 64 -3.64 4.25 -10.44
C TRP A 64 -5.06 4.79 -10.33
N ALA A 65 -5.22 5.98 -9.74
CA ALA A 65 -6.53 6.62 -9.65
C ALA A 65 -7.02 7.03 -11.04
N SER A 66 -6.11 7.43 -11.91
CA SER A 66 -6.45 7.81 -13.28
C SER A 66 -6.80 6.57 -14.10
N ALA A 67 -6.18 5.43 -13.77
CA ALA A 67 -6.46 4.17 -14.46
C ALA A 67 -7.86 3.66 -14.12
N ASN A 68 -8.37 4.00 -12.93
CA ASN A 68 -9.71 3.62 -12.53
C ASN A 68 -10.73 4.68 -12.95
N ALA A 69 -10.26 5.86 -13.35
CA ALA A 69 -11.13 6.95 -13.79
C ALA A 69 -11.49 6.84 -15.27
N ASP A 70 -11.03 5.78 -15.94
CA ASP A 70 -11.32 5.56 -17.35
C ASP A 70 -11.59 4.08 -17.64
N GLY A 71 -11.58 3.24 -16.59
CA GLY A 71 -11.89 1.83 -16.73
C GLY A 71 -10.72 0.99 -17.24
N GLU A 72 -9.52 1.58 -17.32
CA GLU A 72 -8.33 0.87 -17.79
C GLU A 72 -7.93 -0.25 -16.83
N ALA A 73 -8.53 -0.27 -15.64
CA ALA A 73 -8.30 -1.32 -14.65
C ALA A 73 -9.49 -1.39 -13.71
N GLN A 74 -9.95 -2.62 -13.42
CA GLN A 74 -11.09 -2.86 -12.53
C GLN A 74 -10.94 -4.19 -11.78
N THR A 75 -9.80 -4.88 -11.96
CA THR A 75 -9.58 -6.20 -11.39
C THR A 75 -8.08 -6.50 -11.31
N SER A 76 -7.72 -7.72 -10.94
CA SER A 76 -6.33 -8.15 -10.81
C SER A 76 -6.16 -9.56 -11.38
N GLN A 77 -4.95 -10.11 -11.27
CA GLN A 77 -4.62 -11.40 -11.89
C GLN A 77 -3.74 -12.22 -10.93
N SER A 78 -3.19 -13.33 -11.43
CA SER A 78 -2.39 -14.26 -10.63
C SER A 78 -1.08 -14.59 -11.35
N ASP A 79 -0.36 -13.55 -11.77
CA ASP A 79 0.93 -13.65 -12.45
C ASP A 79 2.04 -14.13 -11.50
N ALA A 80 1.67 -14.85 -10.44
CA ALA A 80 2.58 -15.40 -9.45
C ALA A 80 2.02 -16.73 -8.94
N GLU A 81 2.71 -17.38 -7.99
CA GLU A 81 2.27 -18.68 -7.51
C GLU A 81 2.41 -18.84 -5.99
N GLY A 82 2.79 -17.78 -5.27
CA GLY A 82 2.92 -17.89 -3.83
C GLY A 82 3.51 -16.66 -3.15
N THR A 83 3.44 -15.48 -3.79
CA THR A 83 4.03 -14.28 -3.21
C THR A 83 3.26 -13.01 -3.54
N GLU A 84 2.37 -13.05 -4.53
CA GLU A 84 1.54 -11.89 -4.88
C GLU A 84 0.14 -12.36 -5.24
N ALA A 85 0.03 -13.48 -5.96
CA ALA A 85 -1.25 -14.09 -6.23
C ALA A 85 -1.88 -14.58 -4.93
N VAL A 86 -1.04 -14.93 -3.94
CA VAL A 86 -1.50 -15.37 -2.63
C VAL A 86 -2.24 -14.25 -1.92
N ALA A 87 -1.95 -13.00 -2.27
CA ALA A 87 -2.55 -11.84 -1.64
C ALA A 87 -3.87 -11.42 -2.30
N ARG A 88 -4.30 -12.13 -3.35
CA ARG A 88 -5.61 -11.87 -3.95
C ARG A 88 -6.42 -13.15 -4.13
N ALA A 89 -5.74 -14.30 -4.20
CA ALA A 89 -6.40 -15.60 -4.28
C ALA A 89 -6.97 -16.02 -2.92
N ARG A 90 -6.77 -15.19 -1.89
CA ARG A 90 -7.27 -15.47 -0.55
C ARG A 90 -8.16 -14.33 -0.05
N LEU A 91 -8.15 -13.20 -0.77
CA LEU A 91 -8.95 -12.02 -0.44
C LEU A 91 -9.73 -11.55 -1.68
N ALA A 92 -10.07 -12.48 -2.58
CA ALA A 92 -10.83 -12.21 -3.79
C ALA A 92 -12.23 -11.61 -3.53
N ARG A 93 -12.53 -11.21 -2.29
CA ARG A 93 -13.83 -10.67 -1.92
C ARG A 93 -13.69 -9.35 -1.16
N MET A 94 -12.46 -8.87 -0.94
CA MET A 94 -12.22 -7.63 -0.22
C MET A 94 -12.34 -6.44 -1.18
N THR A 95 -12.76 -5.29 -0.63
CA THR A 95 -12.90 -4.05 -1.39
C THR A 95 -11.53 -3.59 -1.90
N PRO A 96 -11.44 -3.10 -3.14
CA PRO A 96 -10.19 -2.67 -3.76
C PRO A 96 -9.61 -1.40 -3.13
N LEU A 97 -10.20 -0.91 -2.04
CA LEU A 97 -9.74 0.29 -1.34
C LEU A 97 -9.41 -0.06 0.10
N SER A 98 -10.20 -0.93 0.73
CA SER A 98 -9.88 -1.44 2.06
C SER A 98 -8.66 -2.38 1.97
N ARG A 99 -8.41 -2.96 0.80
CA ARG A 99 -7.29 -3.85 0.60
C ARG A 99 -5.96 -3.09 0.61
N GLN A 100 -5.93 -1.86 0.07
CA GLN A 100 -4.69 -1.09 0.10
C GLN A 100 -4.50 -0.43 1.45
N ALA A 101 -5.59 -0.21 2.20
CA ALA A 101 -5.47 0.28 3.57
C ALA A 101 -4.74 -0.75 4.42
N LEU A 102 -4.93 -2.04 4.13
CA LEU A 102 -4.22 -3.11 4.82
C LEU A 102 -2.73 -3.04 4.45
N LEU A 103 -2.41 -2.79 3.18
CA LEU A 103 -1.03 -2.65 2.73
C LEU A 103 -0.40 -1.35 3.24
N LEU A 104 -1.19 -0.50 3.90
CA LEU A 104 -0.75 0.81 4.37
C LEU A 104 -0.66 0.87 5.89
N THR A 105 -1.08 -0.19 6.59
CA THR A 105 -1.05 -0.22 8.05
C THR A 105 -0.58 -1.57 8.59
N ALA A 106 -0.18 -2.49 7.71
CA ALA A 106 0.32 -3.80 8.12
C ALA A 106 1.60 -4.17 7.36
N MET A 107 2.12 -3.25 6.54
CA MET A 107 3.37 -3.43 5.81
C MET A 107 4.25 -2.19 5.86
N GLU A 108 3.83 -1.13 6.57
CA GLU A 108 4.63 0.08 6.67
C GLU A 108 4.45 0.80 8.02
N GLY A 109 3.36 0.51 8.73
CA GLY A 109 3.12 1.05 10.07
C GLY A 109 2.91 2.57 10.09
N PHE A 110 2.62 3.18 8.93
CA PHE A 110 2.35 4.62 8.85
C PHE A 110 1.19 5.02 9.76
N SER A 111 1.19 6.28 10.18
CA SER A 111 0.10 6.85 10.97
C SER A 111 -1.17 6.85 10.15
N PRO A 112 -2.35 6.66 10.78
CA PRO A 112 -3.62 6.67 10.08
C PRO A 112 -3.94 8.05 9.51
N GLU A 113 -3.25 9.09 9.98
CA GLU A 113 -3.47 10.44 9.47
C GLU A 113 -2.85 10.58 8.07
N ASP A 114 -1.63 10.05 7.89
CA ASP A 114 -0.95 10.12 6.60
C ASP A 114 -1.54 9.07 5.66
N ALA A 115 -2.01 7.95 6.22
CA ALA A 115 -2.65 6.91 5.44
C ALA A 115 -3.99 7.39 4.89
N ALA A 116 -4.65 8.32 5.60
CA ALA A 116 -5.91 8.87 5.15
C ALA A 116 -5.69 9.84 3.99
N TYR A 117 -4.58 10.57 4.03
CA TYR A 117 -4.21 11.50 2.96
C TYR A 117 -3.83 10.73 1.69
N LEU A 118 -3.36 9.49 1.83
CA LEU A 118 -2.93 8.66 0.71
C LEU A 118 -4.11 8.02 -0.03
N ILE A 119 -5.33 8.10 0.51
CA ILE A 119 -6.52 7.55 -0.14
C ILE A 119 -7.68 8.53 -0.11
N GLU A 120 -7.40 9.80 0.22
CA GLU A 120 -8.37 10.90 0.21
C GLU A 120 -9.59 10.67 1.13
N VAL A 121 -9.33 10.37 2.40
CA VAL A 121 -10.38 10.20 3.41
C VAL A 121 -9.96 10.86 4.72
N ASP A 122 -10.78 10.72 5.77
CA ASP A 122 -10.45 11.23 7.09
C ASP A 122 -9.74 10.15 7.90
N THR A 123 -9.06 10.55 8.98
CA THR A 123 -8.29 9.61 9.79
C THR A 123 -9.17 8.50 10.36
N SER A 124 -10.40 8.83 10.77
CA SER A 124 -11.32 7.87 11.36
C SER A 124 -11.84 6.89 10.32
N GLU A 125 -11.78 7.25 9.03
CA GLU A 125 -12.22 6.34 7.98
C GLU A 125 -11.19 5.24 7.79
N VAL A 126 -9.90 5.56 7.91
CA VAL A 126 -8.87 4.55 7.77
C VAL A 126 -9.01 3.52 8.89
N GLU A 127 -9.35 3.99 10.10
CA GLU A 127 -9.52 3.09 11.23
C GLU A 127 -10.64 2.09 10.98
N THR A 128 -11.72 2.52 10.33
CA THR A 128 -12.83 1.63 10.01
C THR A 128 -12.47 0.72 8.84
N LEU A 129 -11.75 1.23 7.85
CA LEU A 129 -11.39 0.46 6.66
C LEU A 129 -10.44 -0.68 7.00
N VAL A 130 -9.57 -0.51 8.01
CA VAL A 130 -8.66 -1.59 8.40
C VAL A 130 -9.37 -2.56 9.33
N THR A 131 -10.38 -2.09 10.07
CA THR A 131 -11.15 -2.96 10.95
C THR A 131 -11.98 -3.94 10.12
N GLU A 132 -12.48 -3.48 8.97
CA GLU A 132 -13.24 -4.35 8.07
C GLU A 132 -12.30 -5.24 7.27
N ALA A 133 -11.05 -4.78 7.04
CA ALA A 133 -10.09 -5.56 6.29
C ALA A 133 -9.61 -6.77 7.09
N LEU A 134 -9.35 -6.58 8.39
CA LEU A 134 -8.94 -7.68 9.26
C LEU A 134 -10.13 -8.57 9.61
N ALA A 135 -11.35 -8.05 9.52
CA ALA A 135 -12.54 -8.85 9.75
C ALA A 135 -12.75 -9.81 8.57
N GLU A 136 -12.45 -9.37 7.35
CA GLU A 136 -12.55 -10.22 6.18
C GLU A 136 -11.39 -11.23 6.15
N ILE A 137 -10.29 -10.95 6.85
CA ILE A 137 -9.20 -11.91 6.99
C ILE A 137 -9.61 -13.03 7.94
N GLU A 138 -10.05 -12.67 9.15
CA GLU A 138 -10.39 -13.66 10.17
C GLU A 138 -11.57 -14.53 9.75
N LYS A 139 -12.39 -14.03 8.82
CA LYS A 139 -13.59 -14.74 8.38
C LYS A 139 -13.29 -15.95 7.49
N GLN A 140 -12.14 -15.98 6.80
CA GLN A 140 -11.94 -16.98 5.77
C GLN A 140 -10.48 -17.28 5.44
N THR A 141 -9.60 -16.26 5.44
CA THR A 141 -8.22 -16.35 4.98
C THR A 141 -8.04 -17.11 3.65
N ARG A 142 -9.09 -17.27 2.83
CA ARG A 142 -8.97 -18.10 1.64
C ARG A 142 -9.95 -17.75 0.52
N ALA A 143 -10.98 -16.95 0.80
CA ALA A 143 -11.98 -16.53 -0.17
C ALA A 143 -12.68 -17.67 -0.94
N LEU A 144 -12.67 -18.90 -0.42
CA LEU A 144 -13.43 -20.00 -1.02
C LEU A 144 -14.91 -19.91 -0.63
N GLU A 145 -15.33 -18.77 -0.05
CA GLU A 145 -16.69 -18.58 0.42
C GLU A 145 -17.18 -17.17 0.10
N LEU A 146 -18.48 -16.94 0.28
CA LEU A 146 -19.12 -15.67 0.01
C LEU A 146 -20.40 -15.53 0.84
N VAL A 147 -21.08 -14.39 0.73
CA VAL A 147 -22.31 -14.11 1.45
C VAL A 147 -23.24 -13.33 0.52
N PRO A 148 -24.52 -13.73 0.42
CA PRO A 148 -25.55 -13.05 -0.37
C PRO A 148 -25.66 -11.54 -0.15
N ARG A 149 -25.08 -11.03 0.94
CA ARG A 149 -25.17 -9.63 1.32
C ARG A 149 -26.64 -9.15 1.35
N GLY A 150 -26.86 -7.84 1.33
CA GLY A 150 -28.21 -7.28 1.33
C GLY A 150 -28.17 -5.77 1.08
N SER A 151 -29.36 -5.15 1.08
CA SER A 151 -29.51 -3.72 0.85
C SER A 151 -30.68 -3.14 1.64
N HIS A 152 -31.26 -3.95 2.55
CA HIS A 152 -32.39 -3.58 3.39
C HIS A 152 -33.64 -3.16 2.61
N HIS A 153 -33.68 -3.42 1.30
CA HIS A 153 -34.87 -3.14 0.48
C HIS A 153 -34.95 -4.11 -0.70
N HIS A 154 -36.14 -4.21 -1.29
CA HIS A 154 -36.39 -5.08 -2.44
C HIS A 154 -37.73 -4.75 -3.09
N HIS A 155 -37.97 -5.34 -4.27
CA HIS A 155 -39.21 -5.21 -5.04
C HIS A 155 -39.70 -3.77 -5.20
N HIS A 156 -38.81 -2.77 -5.08
CA HIS A 156 -39.17 -1.37 -5.22
C HIS A 156 -37.97 -0.56 -5.72
N HIS A 157 -38.25 0.65 -6.22
CA HIS A 157 -37.26 1.56 -6.79
C HIS A 157 -36.17 0.83 -7.59
N MET B 1 8.13 8.65 29.35
CA MET B 1 9.50 8.10 29.44
C MET B 1 10.28 8.77 30.55
N LEU B 2 10.30 8.15 31.73
CA LEU B 2 11.01 8.65 32.92
C LEU B 2 10.64 10.10 33.23
N ASP B 3 9.44 10.54 32.83
CA ASP B 3 8.99 11.90 33.05
C ASP B 3 7.49 11.98 33.40
N LEU B 4 6.83 10.82 33.45
CA LEU B 4 5.41 10.75 33.78
C LEU B 4 5.11 9.34 34.29
N PRO B 5 4.85 9.18 35.59
CA PRO B 5 4.56 7.90 36.22
C PRO B 5 3.48 7.11 35.49
N GLY B 6 3.64 5.80 35.41
CA GLY B 6 2.68 4.92 34.76
C GLY B 6 3.25 3.52 34.54
N ASN B 7 2.45 2.66 33.90
CA ASN B 7 2.84 1.29 33.59
C ASN B 7 2.06 0.80 32.37
N LYS B 8 2.56 -0.23 31.70
CA LYS B 8 1.97 -0.76 30.47
C LYS B 8 2.10 -2.28 30.35
N ASP B 9 2.66 -2.95 31.37
CA ASP B 9 2.87 -4.39 31.33
C ASP B 9 2.85 -4.99 32.74
N LYS B 10 2.78 -6.32 32.82
CA LYS B 10 2.77 -7.03 34.08
C LYS B 10 3.26 -8.47 33.86
N LYS B 11 3.64 -9.15 34.95
CA LYS B 11 4.18 -10.51 34.91
C LYS B 11 5.29 -10.67 33.87
N ALA B 12 5.98 -9.58 33.53
CA ALA B 12 7.05 -9.58 32.54
C ALA B 12 8.30 -10.32 33.01
N SER B 13 8.20 -11.05 34.14
CA SER B 13 9.31 -11.75 34.74
C SER B 13 8.85 -13.06 35.37
N SER B 14 7.64 -13.51 35.00
CA SER B 14 7.05 -14.73 35.55
C SER B 14 6.21 -15.44 34.49
N LYS B 15 5.82 -16.69 34.76
CA LYS B 15 5.00 -17.47 33.83
C LYS B 15 3.63 -16.82 33.67
N LYS B 16 3.15 -16.78 32.42
CA LYS B 16 1.83 -16.28 32.06
C LYS B 16 1.40 -16.88 30.73
N SER B 17 0.29 -16.39 30.17
CA SER B 17 -0.23 -16.89 28.91
C SER B 17 -0.71 -15.72 28.05
N PRO B 18 -0.74 -15.90 26.72
CA PRO B 18 -1.12 -14.84 25.79
C PRO B 18 -2.62 -14.52 25.90
N ALA B 19 -2.96 -13.27 25.63
CA ALA B 19 -4.33 -12.78 25.64
C ALA B 19 -4.41 -11.45 24.89
N LYS B 20 -5.62 -10.94 24.67
CA LYS B 20 -5.85 -9.66 23.99
C LYS B 20 -5.28 -8.47 24.76
N VAL B 21 -4.62 -8.72 25.90
CA VAL B 21 -4.00 -7.70 26.73
C VAL B 21 -2.64 -8.15 27.25
N GLN B 22 -2.10 -9.24 26.69
CA GLN B 22 -0.81 -9.82 27.09
C GLN B 22 -0.03 -10.32 25.88
N SER B 23 -0.55 -10.07 24.67
CA SER B 23 0.09 -10.51 23.44
C SER B 23 -0.33 -9.61 22.28
N LYS B 24 0.18 -9.90 21.07
CA LYS B 24 -0.14 -9.17 19.85
C LYS B 24 -1.62 -9.30 19.51
N ASP B 25 -2.05 -8.63 18.44
CA ASP B 25 -3.43 -8.63 17.99
C ASP B 25 -3.54 -8.90 16.49
N ARG B 26 -2.40 -9.12 15.81
CA ARG B 26 -2.36 -9.38 14.38
C ARG B 26 -1.06 -10.08 13.99
N ASP B 27 -1.07 -10.71 12.82
CA ASP B 27 0.11 -11.37 12.27
C ASP B 27 0.01 -11.45 10.74
N MET B 28 -1.14 -11.05 10.17
CA MET B 28 -1.35 -11.06 8.73
C MET B 28 -0.39 -10.08 8.05
N GLY B 29 0.08 -9.06 8.77
CA GLY B 29 0.99 -8.08 8.20
C GLY B 29 2.39 -8.67 8.02
N ALA B 30 2.80 -9.56 8.93
CA ALA B 30 4.10 -10.20 8.84
C ALA B 30 4.14 -11.18 7.66
N ALA B 31 2.97 -11.64 7.21
CA ALA B 31 2.90 -12.59 6.11
C ALA B 31 3.01 -11.86 4.77
N LEU B 32 2.33 -10.71 4.67
CA LEU B 32 2.36 -9.90 3.46
C LEU B 32 3.69 -9.18 3.33
N ARG B 33 4.21 -8.62 4.43
CA ARG B 33 5.46 -7.89 4.40
C ARG B 33 6.63 -8.81 4.07
N SER B 34 6.58 -10.08 4.50
CA SER B 34 7.64 -11.01 4.17
C SER B 34 7.66 -11.28 2.66
N ALA B 35 6.47 -11.46 2.07
CA ALA B 35 6.34 -11.72 0.64
C ALA B 35 6.75 -10.50 -0.18
N TYR B 36 6.79 -9.31 0.42
CA TYR B 36 7.15 -8.11 -0.31
C TYR B 36 8.54 -7.61 0.10
N GLN B 37 9.11 -8.13 1.18
CA GLN B 37 10.47 -7.80 1.56
C GLN B 37 11.43 -8.40 0.54
N LYS B 38 11.12 -9.59 0.02
CA LYS B 38 11.92 -10.22 -1.02
C LYS B 38 11.78 -9.49 -2.36
N THR B 39 10.68 -8.75 -2.54
CA THR B 39 10.47 -7.93 -3.73
C THR B 39 11.40 -6.70 -3.75
N ILE B 40 12.06 -6.41 -2.62
CA ILE B 40 12.93 -5.24 -2.51
C ILE B 40 14.29 -5.61 -1.90
N GLU B 41 14.58 -6.91 -1.79
CA GLU B 41 15.84 -7.41 -1.26
C GLU B 41 16.95 -7.33 -2.32
N GLU B 42 16.78 -6.48 -3.32
CA GLU B 42 17.68 -6.39 -4.46
C GLU B 42 17.96 -4.95 -4.84
N GLN B 43 18.77 -4.75 -5.89
CA GLN B 43 19.11 -3.43 -6.42
C GLN B 43 17.88 -2.67 -6.92
N VAL B 44 18.10 -1.45 -7.43
CA VAL B 44 17.02 -0.58 -7.89
C VAL B 44 17.35 -0.03 -9.27
N PRO B 45 16.33 0.34 -10.06
CA PRO B 45 16.52 0.91 -11.39
C PRO B 45 17.00 2.36 -11.28
N ASP B 46 17.28 2.97 -12.44
CA ASP B 46 17.68 4.36 -12.52
C ASP B 46 17.16 5.02 -13.80
N GLU B 47 16.47 4.27 -14.66
CA GLU B 47 15.93 4.77 -15.91
C GLU B 47 14.92 5.88 -15.68
N MET B 48 14.29 5.91 -14.50
CA MET B 48 13.29 6.91 -14.17
C MET B 48 13.96 8.23 -13.77
N LEU B 49 15.09 8.16 -13.07
CA LEU B 49 15.84 9.35 -12.73
C LEU B 49 16.67 9.79 -13.92
N ASP B 50 16.87 8.90 -14.89
CA ASP B 50 17.49 9.27 -16.16
C ASP B 50 16.56 10.17 -16.96
N LEU B 51 15.26 10.14 -16.66
CA LEU B 51 14.31 11.08 -17.24
C LEU B 51 14.57 12.48 -16.68
N LEU B 52 15.25 12.59 -15.54
CA LEU B 52 15.66 13.89 -15.04
C LEU B 52 16.92 14.36 -15.76
N ASN B 53 17.68 13.43 -16.34
CA ASN B 53 18.82 13.77 -17.17
C ASN B 53 18.32 14.28 -18.54
N LYS B 54 17.01 14.52 -18.64
CA LYS B 54 16.34 14.97 -19.84
C LYS B 54 15.66 16.32 -19.58
N LEU B 55 15.75 16.84 -18.35
CA LEU B 55 15.11 18.11 -18.01
C LEU B 55 15.87 18.88 -16.92
N ALA B 56 16.81 18.23 -16.22
CA ALA B 56 17.60 18.86 -15.17
C ALA B 56 19.10 18.67 -15.40
N LEU B 57 19.51 18.38 -16.64
CA LEU B 57 20.91 18.19 -16.98
C LEU B 57 21.17 18.73 -18.38
N GLU B 58 22.32 19.40 -18.56
CA GLU B 58 22.75 19.96 -19.84
C GLU B 58 24.27 20.13 -19.86
N LEU B 59 24.82 20.49 -21.03
CA LEU B 59 26.24 20.70 -21.21
C LEU B 59 26.52 21.73 -22.30
N VAL B 60 27.77 22.15 -22.44
CA VAL B 60 28.20 23.12 -23.44
C VAL B 60 29.68 22.89 -23.77
N PRO B 61 30.06 22.98 -25.05
CA PRO B 61 31.45 22.82 -25.47
C PRO B 61 32.29 24.03 -25.07
N ARG B 62 33.61 23.91 -25.22
CA ARG B 62 34.58 24.95 -24.89
C ARG B 62 35.74 24.92 -25.88
N MET A 1 18.56 19.95 -8.75
CA MET A 1 17.61 19.01 -8.13
C MET A 1 18.33 18.08 -7.15
N SER A 2 17.59 17.38 -6.30
CA SER A 2 18.16 16.46 -5.34
C SER A 2 17.21 15.33 -4.96
N LEU A 3 16.02 15.26 -5.59
CA LEU A 3 15.02 14.25 -5.25
C LEU A 3 15.50 12.83 -5.54
N GLY A 4 16.61 12.66 -6.28
CA GLY A 4 17.17 11.34 -6.51
C GLY A 4 17.51 10.66 -5.19
N GLN A 5 17.82 11.46 -4.16
CA GLN A 5 18.13 10.98 -2.82
C GLN A 5 16.87 10.52 -2.09
N GLN A 6 15.71 10.60 -2.74
CA GLN A 6 14.43 10.23 -2.16
C GLN A 6 13.63 9.34 -3.13
N LEU A 7 14.17 9.08 -4.31
CA LEU A 7 13.54 8.19 -5.28
C LEU A 7 14.35 6.90 -5.45
N ALA A 8 15.68 6.97 -5.31
CA ALA A 8 16.53 5.81 -5.49
C ALA A 8 16.41 4.77 -4.36
N PRO A 9 16.40 5.17 -3.07
CA PRO A 9 16.37 4.23 -1.97
C PRO A 9 15.00 3.61 -1.74
N HIS A 10 13.98 4.04 -2.50
CA HIS A 10 12.62 3.55 -2.35
C HIS A 10 11.99 3.25 -3.72
N LEU A 11 12.83 3.18 -4.76
CA LEU A 11 12.38 3.02 -6.13
C LEU A 11 11.49 1.79 -6.37
N PRO A 12 11.76 0.62 -5.77
CA PRO A 12 10.96 -0.57 -6.00
C PRO A 12 9.66 -0.58 -5.20
N PHE A 13 9.42 0.42 -4.35
CA PHE A 13 8.22 0.44 -3.52
C PHE A 13 6.96 0.58 -4.35
N LEU A 14 7.06 1.14 -5.57
CA LEU A 14 5.89 1.23 -6.44
C LEU A 14 5.55 -0.14 -7.01
N ARG A 15 6.50 -1.08 -7.00
CA ARG A 15 6.29 -2.41 -7.57
C ARG A 15 5.97 -3.42 -6.48
N ARG A 16 6.45 -3.18 -5.25
CA ARG A 16 6.25 -4.10 -4.13
C ARG A 16 4.76 -4.29 -3.81
N TYR A 17 3.90 -3.41 -4.30
CA TYR A 17 2.46 -3.58 -4.16
C TYR A 17 1.70 -3.18 -5.43
N GLY A 18 2.34 -2.44 -6.34
CA GLY A 18 1.66 -2.00 -7.56
C GLY A 18 1.42 -3.17 -8.50
N ARG A 19 2.24 -4.22 -8.43
CA ARG A 19 2.05 -5.40 -9.25
C ARG A 19 0.75 -6.12 -8.87
N ALA A 20 0.44 -6.16 -7.58
CA ALA A 20 -0.77 -6.81 -7.08
C ALA A 20 -2.00 -5.92 -7.25
N LEU A 21 -1.78 -4.62 -7.47
CA LEU A 21 -2.87 -3.66 -7.60
C LEU A 21 -3.52 -3.69 -8.98
N THR A 22 -3.01 -4.54 -9.89
CA THR A 22 -3.58 -4.68 -11.23
C THR A 22 -3.43 -6.11 -11.77
N GLY A 23 -2.55 -6.93 -11.18
CA GLY A 23 -2.44 -8.34 -11.52
C GLY A 23 -1.69 -8.58 -12.83
N SER A 24 -1.03 -7.56 -13.38
CA SER A 24 -0.31 -7.67 -14.64
C SER A 24 0.97 -6.84 -14.58
N GLN A 25 2.12 -7.50 -14.81
CA GLN A 25 3.42 -6.84 -14.74
C GLN A 25 3.58 -5.79 -15.84
N ASN A 26 2.85 -5.92 -16.95
CA ASN A 26 2.97 -4.99 -18.05
C ASN A 26 2.40 -3.62 -17.67
N GLN A 27 1.30 -3.59 -16.92
CA GLN A 27 0.69 -2.35 -16.46
C GLN A 27 1.41 -1.86 -15.21
N GLY A 28 1.92 -2.77 -14.39
CA GLY A 28 2.64 -2.39 -13.18
C GLY A 28 3.92 -1.65 -13.56
N ASP A 29 4.66 -2.14 -14.55
CA ASP A 29 5.88 -1.49 -15.00
C ASP A 29 5.56 -0.18 -15.72
N LYS A 30 4.42 -0.14 -16.42
CA LYS A 30 3.99 1.04 -17.14
C LYS A 30 3.65 2.17 -16.17
N TYR A 31 2.90 1.89 -15.11
CA TYR A 31 2.50 2.92 -14.15
C TYR A 31 3.71 3.50 -13.44
N VAL A 32 4.74 2.68 -13.19
CA VAL A 32 5.93 3.12 -12.47
C VAL A 32 6.65 4.22 -13.24
N ARG A 33 7.01 3.96 -14.50
CA ARG A 33 7.77 4.93 -15.28
C ARG A 33 6.88 6.08 -15.73
N ALA A 34 5.57 5.83 -15.89
CA ALA A 34 4.63 6.87 -16.26
C ALA A 34 4.44 7.85 -15.10
N THR A 35 4.63 7.40 -13.85
CA THR A 35 4.54 8.28 -12.70
C THR A 35 5.65 9.32 -12.75
N LEU A 36 6.84 8.90 -13.19
CA LEU A 36 7.99 9.79 -13.27
C LEU A 36 7.80 10.75 -14.46
N GLU A 37 7.35 10.23 -15.60
CA GLU A 37 7.16 11.01 -16.81
C GLU A 37 6.10 12.10 -16.58
N ALA A 38 5.27 11.96 -15.55
CA ALA A 38 4.28 12.95 -15.19
C ALA A 38 4.84 14.04 -14.27
N ILE A 39 6.13 13.96 -13.93
CA ILE A 39 6.77 14.91 -13.02
C ILE A 39 7.93 15.64 -13.69
N VAL A 40 8.50 15.09 -14.76
CA VAL A 40 9.59 15.77 -15.48
C VAL A 40 9.14 17.06 -16.15
N ALA A 41 7.84 17.37 -16.09
CA ALA A 41 7.28 18.59 -16.64
C ALA A 41 6.50 19.34 -15.56
N ALA A 42 6.52 18.83 -14.33
CA ALA A 42 5.78 19.37 -13.21
C ALA A 42 6.44 18.96 -11.89
N PRO A 43 7.73 19.26 -11.69
CA PRO A 43 8.47 18.86 -10.51
C PRO A 43 7.91 19.51 -9.24
N ASP A 44 7.03 20.50 -9.37
CA ASP A 44 6.36 21.12 -8.23
C ASP A 44 5.35 20.15 -7.62
N GLN A 45 4.97 19.10 -8.35
CA GLN A 45 4.04 18.09 -7.88
C GLN A 45 4.76 17.03 -7.06
N PHE A 46 6.06 17.18 -6.84
CA PHE A 46 6.85 16.23 -6.08
C PHE A 46 7.66 16.94 -4.99
N PRO A 47 6.97 17.49 -3.99
CA PRO A 47 7.59 18.21 -2.88
C PRO A 47 8.35 17.25 -1.97
N ARG A 48 9.17 17.81 -1.08
CA ARG A 48 9.99 17.06 -0.15
C ARG A 48 9.61 17.44 1.29
N ASP A 49 8.50 18.17 1.45
CA ASP A 49 7.96 18.58 2.73
C ASP A 49 7.27 17.40 3.45
N VAL A 50 7.41 16.19 2.89
CA VAL A 50 6.80 14.98 3.44
C VAL A 50 7.81 13.84 3.43
N ASP A 51 7.41 12.68 3.95
CA ASP A 51 8.29 11.52 4.03
C ASP A 51 8.75 11.11 2.62
N PRO A 52 9.94 10.51 2.52
CA PRO A 52 10.53 10.07 1.25
C PRO A 52 9.77 8.87 0.68
N ARG A 53 8.60 8.56 1.22
CA ARG A 53 7.77 7.44 0.76
C ARG A 53 6.31 7.86 0.60
N LEU A 54 5.90 8.98 1.20
CA LEU A 54 4.51 9.43 1.05
C LEU A 54 4.30 10.02 -0.34
N GLY A 55 5.34 10.64 -0.91
CA GLY A 55 5.26 11.19 -2.25
C GLY A 55 5.33 10.08 -3.30
N LEU A 56 5.96 8.95 -2.95
CA LEU A 56 6.10 7.82 -3.86
C LEU A 56 4.72 7.20 -4.10
N TYR A 57 3.92 7.07 -3.04
CA TYR A 57 2.60 6.48 -3.15
C TYR A 57 1.58 7.48 -3.70
N ARG A 58 1.73 8.77 -3.40
CA ARG A 58 0.77 9.78 -3.88
C ARG A 58 0.77 9.87 -5.39
N MET A 59 1.96 9.89 -6.01
CA MET A 59 2.03 10.06 -7.45
C MET A 59 1.68 8.76 -8.18
N PHE A 60 2.02 7.61 -7.59
CA PHE A 60 1.66 6.33 -8.19
C PHE A 60 0.16 6.11 -8.12
N GLN A 61 -0.48 6.59 -7.05
CA GLN A 61 -1.93 6.50 -6.88
C GLN A 61 -2.63 7.37 -7.93
N GLY A 62 -1.97 8.45 -8.36
CA GLY A 62 -2.54 9.36 -9.34
C GLY A 62 -2.63 8.72 -10.72
N ILE A 63 -1.61 7.93 -11.10
CA ILE A 63 -1.64 7.26 -12.39
C ILE A 63 -2.67 6.12 -12.37
N TRP A 64 -2.77 5.40 -11.25
CA TRP A 64 -3.71 4.30 -11.15
C TRP A 64 -5.15 4.82 -11.14
N ALA A 65 -5.39 5.99 -10.55
CA ALA A 65 -6.71 6.59 -10.55
C ALA A 65 -7.08 7.05 -11.96
N SER A 66 -6.09 7.48 -12.75
CA SER A 66 -6.31 7.88 -14.13
C SER A 66 -6.56 6.65 -15.01
N ALA A 67 -6.04 5.49 -14.58
CA ALA A 67 -6.24 4.25 -15.31
C ALA A 67 -7.66 3.71 -15.09
N ASN A 68 -8.20 3.89 -13.88
CA ASN A 68 -9.57 3.49 -13.58
C ASN A 68 -10.55 4.49 -14.19
N ALA A 69 -10.11 5.72 -14.42
CA ALA A 69 -10.93 6.76 -15.03
C ALA A 69 -11.14 6.51 -16.53
N ASP A 70 -10.62 5.41 -17.05
CA ASP A 70 -10.76 5.06 -18.46
C ASP A 70 -11.00 3.55 -18.63
N GLY A 71 -11.12 2.82 -17.51
CA GLY A 71 -11.39 1.39 -17.53
C GLY A 71 -10.18 0.57 -17.97
N GLU A 72 -9.00 1.19 -18.01
CA GLU A 72 -7.77 0.52 -18.43
C GLU A 72 -7.33 -0.52 -17.41
N ALA A 73 -8.02 -0.60 -16.27
CA ALA A 73 -7.69 -1.54 -15.22
C ALA A 73 -8.95 -1.99 -14.48
N GLN A 74 -8.85 -3.14 -13.79
CA GLN A 74 -9.93 -3.78 -13.08
C GLN A 74 -9.35 -4.52 -11.87
N THR A 75 -10.16 -5.39 -11.25
CA THR A 75 -9.70 -6.26 -10.16
C THR A 75 -8.53 -7.12 -10.61
N SER A 76 -7.92 -7.87 -9.69
CA SER A 76 -6.70 -8.63 -9.98
C SER A 76 -6.73 -10.02 -9.35
N GLN A 77 -5.74 -10.83 -9.71
CA GLN A 77 -5.61 -12.20 -9.22
C GLN A 77 -4.13 -12.58 -9.07
N SER A 78 -3.26 -11.58 -9.04
CA SER A 78 -1.81 -11.75 -8.93
C SER A 78 -1.21 -12.53 -10.09
N ASP A 79 0.11 -12.72 -10.07
CA ASP A 79 0.82 -13.46 -11.13
C ASP A 79 1.94 -14.32 -10.54
N ALA A 80 1.80 -14.72 -9.27
CA ALA A 80 2.76 -15.56 -8.57
C ALA A 80 2.07 -16.81 -8.05
N GLU A 81 2.79 -17.62 -7.27
CA GLU A 81 2.26 -18.88 -6.75
C GLU A 81 2.59 -19.09 -5.28
N GLY A 82 3.15 -18.08 -4.60
CA GLY A 82 3.48 -18.22 -3.18
C GLY A 82 3.96 -16.94 -2.52
N THR A 83 3.84 -15.79 -3.19
CA THR A 83 4.27 -14.51 -2.61
C THR A 83 3.42 -13.34 -3.08
N GLU A 84 2.33 -13.60 -3.78
CA GLU A 84 1.39 -12.56 -4.17
C GLU A 84 0.00 -13.16 -4.36
N ALA A 85 -0.10 -14.33 -4.99
CA ALA A 85 -1.36 -15.02 -5.11
C ALA A 85 -1.82 -15.51 -3.73
N VAL A 86 -0.88 -15.68 -2.80
CA VAL A 86 -1.21 -16.07 -1.43
C VAL A 86 -2.02 -14.97 -0.74
N ALA A 87 -1.85 -13.72 -1.18
CA ALA A 87 -2.54 -12.57 -0.61
C ALA A 87 -3.95 -12.43 -1.16
N ARG A 88 -4.35 -13.28 -2.11
CA ARG A 88 -5.71 -13.29 -2.64
C ARG A 88 -6.31 -14.70 -2.63
N ALA A 89 -5.50 -15.73 -2.43
CA ALA A 89 -5.96 -17.10 -2.31
C ALA A 89 -6.56 -17.35 -0.93
N ARG A 90 -6.54 -16.33 -0.07
CA ARG A 90 -7.10 -16.39 1.28
C ARG A 90 -8.09 -15.24 1.51
N LEU A 91 -8.04 -14.22 0.64
CA LEU A 91 -8.83 -13.00 0.74
C LEU A 91 -9.41 -12.62 -0.63
N ALA A 92 -9.84 -13.63 -1.41
CA ALA A 92 -10.42 -13.46 -2.73
C ALA A 92 -11.66 -12.56 -2.77
N ARG A 93 -12.07 -11.98 -1.64
CA ARG A 93 -13.25 -11.11 -1.58
C ARG A 93 -12.95 -9.78 -0.87
N MET A 94 -11.68 -9.50 -0.56
CA MET A 94 -11.29 -8.24 0.06
C MET A 94 -11.63 -7.08 -0.86
N THR A 95 -12.07 -5.96 -0.28
CA THR A 95 -12.40 -4.74 -1.02
C THR A 95 -11.14 -4.20 -1.69
N PRO A 96 -11.23 -3.74 -2.96
CA PRO A 96 -10.11 -3.26 -3.73
C PRO A 96 -9.52 -1.94 -3.21
N LEU A 97 -10.01 -1.44 -2.08
CA LEU A 97 -9.54 -0.19 -1.49
C LEU A 97 -9.16 -0.42 -0.03
N SER A 98 -9.87 -1.31 0.67
CA SER A 98 -9.48 -1.68 2.03
C SER A 98 -8.16 -2.45 2.00
N ARG A 99 -7.85 -3.09 0.87
CA ARG A 99 -6.57 -3.76 0.68
C ARG A 99 -5.43 -2.74 0.64
N GLN A 100 -5.71 -1.53 0.12
CA GLN A 100 -4.70 -0.47 0.07
C GLN A 100 -4.50 0.11 1.47
N ALA A 101 -5.57 0.23 2.24
CA ALA A 101 -5.47 0.71 3.60
C ALA A 101 -4.73 -0.30 4.48
N LEU A 102 -4.93 -1.60 4.20
CA LEU A 102 -4.28 -2.66 4.94
C LEU A 102 -2.77 -2.65 4.73
N LEU A 103 -2.31 -2.43 3.49
CA LEU A 103 -0.87 -2.38 3.22
C LEU A 103 -0.27 -1.06 3.69
N LEU A 104 -1.10 -0.10 4.12
CA LEU A 104 -0.64 1.16 4.69
C LEU A 104 -0.63 1.15 6.21
N THR A 105 -1.12 0.08 6.84
CA THR A 105 -1.16 0.01 8.30
C THR A 105 -0.68 -1.33 8.85
N ALA A 106 -0.22 -2.24 7.98
CA ALA A 106 0.31 -3.52 8.41
C ALA A 106 1.55 -3.94 7.61
N MET A 107 2.11 -3.03 6.80
CA MET A 107 3.29 -3.32 6.00
C MET A 107 4.31 -2.19 6.01
N GLU A 108 3.96 -1.01 6.55
CA GLU A 108 4.92 0.08 6.64
C GLU A 108 4.68 1.00 7.84
N GLY A 109 3.56 0.82 8.55
CA GLY A 109 3.31 1.55 9.80
C GLY A 109 3.05 3.04 9.59
N PHE A 110 2.61 3.47 8.40
CA PHE A 110 2.28 4.87 8.18
C PHE A 110 1.23 5.32 9.19
N SER A 111 1.24 6.62 9.53
CA SER A 111 0.24 7.19 10.41
C SER A 111 -1.12 7.16 9.71
N PRO A 112 -2.23 7.15 10.47
CA PRO A 112 -3.56 7.08 9.90
C PRO A 112 -3.91 8.35 9.12
N GLU A 113 -3.20 9.45 9.39
CA GLU A 113 -3.42 10.69 8.66
C GLU A 113 -2.84 10.57 7.25
N ASP A 114 -1.74 9.83 7.10
CA ASP A 114 -1.08 9.65 5.82
C ASP A 114 -1.76 8.53 5.02
N ALA A 115 -2.18 7.46 5.71
CA ALA A 115 -2.89 6.38 5.06
C ALA A 115 -4.24 6.84 4.52
N ALA A 116 -4.83 7.87 5.14
CA ALA A 116 -6.09 8.44 4.68
C ALA A 116 -5.87 9.39 3.51
N TYR A 117 -4.72 10.07 3.50
CA TYR A 117 -4.36 11.02 2.45
C TYR A 117 -4.03 10.28 1.15
N LEU A 118 -3.50 9.05 1.27
CA LEU A 118 -3.20 8.21 0.11
C LEU A 118 -4.44 7.61 -0.54
N ILE A 119 -5.63 7.79 0.04
CA ILE A 119 -6.86 7.26 -0.53
C ILE A 119 -7.99 8.30 -0.49
N GLU A 120 -7.64 9.56 -0.19
CA GLU A 120 -8.56 10.69 -0.18
C GLU A 120 -9.79 10.50 0.71
N VAL A 121 -9.58 10.18 1.99
CA VAL A 121 -10.65 10.07 2.98
C VAL A 121 -10.24 10.74 4.27
N ASP A 122 -11.16 10.79 5.25
CA ASP A 122 -10.87 11.36 6.56
C ASP A 122 -10.01 10.39 7.36
N THR A 123 -9.28 10.91 8.35
CA THR A 123 -8.40 10.07 9.18
C THR A 123 -9.21 9.01 9.91
N SER A 124 -10.43 9.34 10.35
CA SER A 124 -11.25 8.37 11.07
C SER A 124 -11.85 7.35 10.13
N GLU A 125 -11.95 7.66 8.82
CA GLU A 125 -12.48 6.71 7.86
C GLU A 125 -11.47 5.61 7.58
N VAL A 126 -10.19 5.95 7.40
CA VAL A 126 -9.21 4.91 7.11
C VAL A 126 -9.05 3.99 8.32
N GLU A 127 -9.21 4.54 9.54
CA GLU A 127 -9.16 3.73 10.74
C GLU A 127 -10.31 2.71 10.74
N THR A 128 -11.47 3.08 10.19
CA THR A 128 -12.60 2.18 10.11
C THR A 128 -12.40 1.16 9.01
N LEU A 129 -11.82 1.57 7.88
CA LEU A 129 -11.60 0.68 6.75
C LEU A 129 -10.62 -0.44 7.10
N VAL A 130 -9.63 -0.16 7.96
CA VAL A 130 -8.68 -1.20 8.35
C VAL A 130 -9.25 -2.06 9.47
N THR A 131 -10.15 -1.51 10.29
CA THR A 131 -10.78 -2.28 11.35
C THR A 131 -11.67 -3.35 10.76
N GLU A 132 -12.38 -3.03 9.67
CA GLU A 132 -13.23 -4.00 8.99
C GLU A 132 -12.39 -4.94 8.14
N ALA A 133 -11.22 -4.50 7.69
CA ALA A 133 -10.33 -5.32 6.89
C ALA A 133 -9.71 -6.43 7.74
N LEU A 134 -9.17 -6.06 8.92
CA LEU A 134 -8.56 -7.05 9.81
C LEU A 134 -9.61 -7.96 10.41
N ALA A 135 -10.88 -7.53 10.46
CA ALA A 135 -11.96 -8.37 10.95
C ALA A 135 -12.29 -9.47 9.95
N GLU A 136 -12.22 -9.18 8.64
CA GLU A 136 -12.47 -10.22 7.65
C GLU A 136 -11.22 -11.05 7.40
N ILE A 137 -10.04 -10.57 7.80
CA ILE A 137 -8.84 -11.38 7.75
C ILE A 137 -8.99 -12.59 8.68
N GLU A 138 -9.36 -12.35 9.94
CA GLU A 138 -9.49 -13.42 10.92
C GLU A 138 -10.75 -14.26 10.69
N LYS A 139 -11.72 -13.73 9.93
CA LYS A 139 -12.96 -14.42 9.65
C LYS A 139 -12.77 -15.64 8.73
N GLN A 140 -11.63 -15.76 8.05
CA GLN A 140 -11.45 -16.83 7.08
C GLN A 140 -10.03 -17.36 6.96
N THR A 141 -9.03 -16.47 6.90
CA THR A 141 -7.59 -16.75 6.73
C THR A 141 -7.16 -17.76 5.67
N ARG A 142 -8.04 -18.58 5.08
CA ARG A 142 -7.63 -19.56 4.08
C ARG A 142 -8.77 -20.05 3.18
N ALA A 143 -9.94 -19.43 3.30
CA ALA A 143 -11.13 -19.84 2.58
C ALA A 143 -12.00 -18.63 2.25
N LEU A 144 -13.18 -18.88 1.70
CA LEU A 144 -14.13 -17.82 1.36
C LEU A 144 -15.56 -18.34 1.47
N GLU A 145 -16.53 -17.42 1.41
CA GLU A 145 -17.94 -17.77 1.53
C GLU A 145 -18.80 -16.70 0.84
N LEU A 146 -20.06 -17.01 0.58
CA LEU A 146 -20.99 -16.09 -0.06
C LEU A 146 -21.20 -14.85 0.83
N VAL A 147 -21.30 -13.67 0.21
CA VAL A 147 -21.49 -12.41 0.92
C VAL A 147 -22.33 -11.45 0.08
N PRO A 148 -23.06 -10.54 0.72
CA PRO A 148 -23.86 -9.52 0.06
C PRO A 148 -23.00 -8.39 -0.50
N ARG A 149 -21.68 -8.44 -0.31
CA ARG A 149 -20.78 -7.40 -0.78
C ARG A 149 -20.51 -7.49 -2.28
N GLY A 150 -21.21 -8.36 -3.00
CA GLY A 150 -21.04 -8.47 -4.44
C GLY A 150 -21.58 -9.76 -5.04
N SER A 151 -22.25 -10.61 -4.26
CA SER A 151 -22.73 -11.90 -4.75
C SER A 151 -24.10 -12.29 -4.19
N HIS A 152 -24.70 -11.43 -3.37
CA HIS A 152 -26.00 -11.73 -2.76
C HIS A 152 -26.74 -10.43 -2.43
N HIS A 153 -28.05 -10.52 -2.16
CA HIS A 153 -28.86 -9.38 -1.81
C HIS A 153 -30.10 -9.83 -1.03
N HIS A 154 -30.81 -8.88 -0.44
CA HIS A 154 -32.02 -9.16 0.33
C HIS A 154 -32.91 -7.91 0.38
N HIS A 155 -34.13 -8.07 0.93
CA HIS A 155 -35.12 -7.01 0.98
C HIS A 155 -35.96 -7.10 2.26
N HIS A 156 -35.44 -7.76 3.30
CA HIS A 156 -36.19 -8.01 4.52
C HIS A 156 -35.31 -7.85 5.76
N HIS A 157 -34.20 -7.13 5.63
CA HIS A 157 -33.26 -6.89 6.73
C HIS A 157 -32.65 -5.51 6.62
N MET B 1 -0.44 13.47 41.24
CA MET B 1 -0.26 14.67 40.40
C MET B 1 -0.75 15.91 41.14
N LEU B 2 0.19 16.78 41.54
CA LEU B 2 -0.14 18.03 42.22
C LEU B 2 0.94 19.09 41.97
N ASP B 3 2.18 18.65 41.71
CA ASP B 3 3.28 19.55 41.41
C ASP B 3 4.33 18.89 40.52
N LEU B 4 4.17 17.59 40.26
CA LEU B 4 5.09 16.83 39.42
C LEU B 4 4.38 15.60 38.84
N PRO B 5 4.79 15.15 37.64
CA PRO B 5 4.21 14.02 36.93
C PRO B 5 4.66 12.67 37.49
N GLY B 6 5.42 12.67 38.60
CA GLY B 6 6.01 11.47 39.16
C GLY B 6 5.69 11.30 40.64
N ASN B 7 6.41 10.39 41.29
CA ASN B 7 6.20 10.05 42.70
C ASN B 7 7.55 9.82 43.39
N LYS B 8 7.51 9.64 44.72
CA LYS B 8 8.70 9.46 45.53
C LYS B 8 8.50 8.40 46.61
N ASP B 9 7.38 7.67 46.53
CA ASP B 9 7.04 6.63 47.51
C ASP B 9 6.21 5.54 46.86
N LYS B 10 5.87 4.51 47.64
CA LYS B 10 5.08 3.37 47.18
C LYS B 10 4.17 2.85 48.30
N LYS B 11 3.90 3.69 49.30
CA LYS B 11 3.09 3.34 50.47
C LYS B 11 2.07 4.42 50.79
N ALA B 12 2.01 5.48 49.98
CA ALA B 12 1.05 6.56 50.12
C ALA B 12 0.62 7.07 48.74
N SER B 13 1.03 6.36 47.69
CA SER B 13 0.71 6.68 46.30
C SER B 13 0.72 5.41 45.47
N SER B 14 0.28 5.50 44.21
CA SER B 14 0.19 4.34 43.32
C SER B 14 0.30 4.80 41.86
N LYS B 15 0.38 3.83 40.95
CA LYS B 15 0.48 4.08 39.50
C LYS B 15 -0.37 3.09 38.72
N LYS B 16 -1.18 2.30 39.43
CA LYS B 16 -2.04 1.25 38.86
C LYS B 16 -1.26 0.31 37.93
N SER B 17 -1.98 -0.50 37.14
CA SER B 17 -1.39 -1.45 36.23
C SER B 17 -2.17 -1.51 34.91
N PRO B 18 -2.38 -0.37 34.24
CA PRO B 18 -3.12 -0.28 33.00
C PRO B 18 -2.32 -0.90 31.84
N ALA B 19 -2.93 -0.94 30.66
CA ALA B 19 -2.32 -1.47 29.45
C ALA B 19 -2.84 -0.74 28.22
N LYS B 20 -2.17 -0.95 27.07
CA LYS B 20 -2.60 -0.36 25.81
C LYS B 20 -2.09 -1.20 24.64
N VAL B 21 -2.80 -1.13 23.51
CA VAL B 21 -2.47 -1.87 22.30
C VAL B 21 -2.81 -1.03 21.08
N GLN B 22 -2.69 -1.62 19.88
CA GLN B 22 -2.93 -0.92 18.63
C GLN B 22 -3.85 -1.71 17.70
N SER B 23 -4.33 -2.89 18.16
CA SER B 23 -5.20 -3.78 17.39
C SER B 23 -4.66 -4.10 16.00
N LYS B 24 -3.34 -3.94 15.78
CA LYS B 24 -2.69 -4.21 14.50
C LYS B 24 -1.35 -4.89 14.71
N ASP B 25 -1.03 -5.27 15.95
CA ASP B 25 0.19 -5.98 16.30
C ASP B 25 0.15 -7.43 15.81
N ARG B 26 -0.93 -7.82 15.13
CA ARG B 26 -1.10 -9.16 14.60
C ARG B 26 0.04 -9.52 13.65
N ASP B 27 0.47 -10.79 13.69
CA ASP B 27 1.60 -11.26 12.89
C ASP B 27 1.29 -11.27 11.39
N MET B 28 0.02 -11.05 11.00
CA MET B 28 -0.38 -11.06 9.61
C MET B 28 0.32 -9.96 8.82
N GLY B 29 0.72 -8.87 9.50
CA GLY B 29 1.40 -7.77 8.82
C GLY B 29 2.82 -8.16 8.44
N ALA B 30 3.48 -8.95 9.29
CA ALA B 30 4.84 -9.41 9.02
C ALA B 30 4.84 -10.45 7.90
N ALA B 31 3.67 -11.02 7.56
CA ALA B 31 3.58 -12.04 6.52
C ALA B 31 3.44 -11.36 5.16
N LEU B 32 2.67 -10.28 5.11
CA LEU B 32 2.48 -9.51 3.89
C LEU B 32 3.73 -8.70 3.59
N ARG B 33 4.38 -8.14 4.63
CA ARG B 33 5.59 -7.36 4.42
C ARG B 33 6.73 -8.27 3.96
N SER B 34 6.78 -9.52 4.42
CA SER B 34 7.83 -10.44 4.00
C SER B 34 7.70 -10.77 2.51
N ALA B 35 6.45 -10.88 2.03
CA ALA B 35 6.19 -11.16 0.63
C ALA B 35 6.66 -10.01 -0.26
N TYR B 36 6.59 -8.78 0.27
CA TYR B 36 6.96 -7.60 -0.51
C TYR B 36 8.39 -7.16 -0.18
N GLN B 37 8.99 -7.71 0.88
CA GLN B 37 10.37 -7.40 1.22
C GLN B 37 11.32 -8.03 0.21
N LYS B 38 11.01 -9.23 -0.28
CA LYS B 38 11.86 -9.86 -1.29
C LYS B 38 11.87 -9.05 -2.58
N THR B 39 10.81 -8.26 -2.82
CA THR B 39 10.77 -7.35 -3.97
C THR B 39 11.76 -6.19 -3.79
N ILE B 40 12.30 -6.00 -2.59
CA ILE B 40 13.21 -4.90 -2.29
C ILE B 40 14.65 -5.42 -2.13
N GLU B 41 14.82 -6.73 -1.91
CA GLU B 41 16.12 -7.36 -1.74
C GLU B 41 16.86 -7.53 -3.07
N GLU B 42 16.56 -6.66 -4.06
CA GLU B 42 17.15 -6.73 -5.39
C GLU B 42 17.43 -5.33 -5.95
N GLN B 43 18.04 -5.28 -7.13
CA GLN B 43 18.39 -4.04 -7.81
C GLN B 43 17.14 -3.23 -8.18
N VAL B 44 17.34 -2.03 -8.72
CA VAL B 44 16.24 -1.12 -9.05
C VAL B 44 16.43 -0.54 -10.44
N PRO B 45 15.34 -0.12 -11.10
CA PRO B 45 15.36 0.36 -12.49
C PRO B 45 16.33 1.49 -12.76
N ASP B 46 16.44 2.43 -11.81
CA ASP B 46 17.21 3.67 -11.91
C ASP B 46 16.97 4.51 -13.16
N GLU B 47 16.26 3.99 -14.17
CA GLU B 47 15.99 4.72 -15.40
C GLU B 47 15.07 5.91 -15.17
N MET B 48 14.39 5.94 -14.02
CA MET B 48 13.51 7.04 -13.68
C MET B 48 14.30 8.28 -13.30
N LEU B 49 15.49 8.14 -12.71
CA LEU B 49 16.36 9.27 -12.45
C LEU B 49 17.18 9.58 -13.69
N ASP B 50 17.20 8.68 -14.68
CA ASP B 50 17.77 9.01 -15.97
C ASP B 50 16.86 10.00 -16.71
N LEU B 51 15.59 10.07 -16.31
CA LEU B 51 14.66 11.06 -16.85
C LEU B 51 14.89 12.42 -16.18
N LEU B 52 15.65 12.44 -15.09
CA LEU B 52 16.09 13.68 -14.46
C LEU B 52 17.41 14.12 -15.10
N ASN B 53 18.07 13.21 -15.81
CA ASN B 53 19.35 13.45 -16.46
C ASN B 53 19.17 14.29 -17.75
N LYS B 54 17.96 14.78 -17.99
CA LYS B 54 17.62 15.58 -19.18
C LYS B 54 16.95 16.89 -18.80
N LEU B 55 16.93 17.23 -17.50
CA LEU B 55 16.36 18.49 -17.04
C LEU B 55 17.13 19.04 -15.84
N ALA B 56 17.93 18.21 -15.17
CA ALA B 56 18.81 18.67 -14.11
C ALA B 56 19.93 19.55 -14.66
N LEU B 57 20.68 20.20 -13.77
CA LEU B 57 21.79 21.07 -14.15
C LEU B 57 22.82 21.08 -13.03
N GLU B 58 24.06 21.46 -13.35
CA GLU B 58 25.16 21.52 -12.39
C GLU B 58 26.05 22.72 -12.71
N LEU B 59 26.86 23.14 -11.74
CA LEU B 59 27.77 24.28 -11.90
C LEU B 59 29.00 24.14 -11.00
N VAL B 60 29.16 22.98 -10.35
CA VAL B 60 30.25 22.74 -9.42
C VAL B 60 30.61 21.25 -9.42
N PRO B 61 31.91 20.90 -9.32
CA PRO B 61 32.35 19.51 -9.24
C PRO B 61 31.99 18.88 -7.90
N ARG B 62 32.32 17.59 -7.74
CA ARG B 62 32.03 16.80 -6.56
C ARG B 62 30.59 17.01 -6.06
N MET A 1 21.44 19.46 -3.76
CA MET A 1 20.66 18.21 -3.72
C MET A 1 19.76 18.11 -4.95
N SER A 2 19.13 16.95 -5.14
CA SER A 2 18.22 16.72 -6.26
C SER A 2 17.19 15.64 -5.88
N LEU A 3 16.12 15.52 -6.66
CA LEU A 3 15.07 14.55 -6.43
C LEU A 3 15.64 13.13 -6.46
N GLY A 4 16.71 12.91 -7.24
CA GLY A 4 17.31 11.59 -7.37
C GLY A 4 17.85 11.07 -6.03
N GLN A 5 18.31 11.99 -5.19
CA GLN A 5 18.87 11.65 -3.88
C GLN A 5 17.75 11.32 -2.88
N GLN A 6 16.49 11.38 -3.32
CA GLN A 6 15.34 11.09 -2.48
C GLN A 6 14.37 10.15 -3.20
N LEU A 7 14.75 9.69 -4.41
CA LEU A 7 13.94 8.77 -5.18
C LEU A 7 14.61 7.41 -5.28
N ALA A 8 15.94 7.40 -5.47
CA ALA A 8 16.71 6.19 -5.71
C ALA A 8 16.56 5.13 -4.61
N PRO A 9 16.60 5.48 -3.31
CA PRO A 9 16.54 4.49 -2.24
C PRO A 9 15.14 3.92 -2.03
N HIS A 10 14.14 4.38 -2.81
CA HIS A 10 12.77 3.93 -2.66
C HIS A 10 12.11 3.60 -3.99
N LEU A 11 12.89 3.47 -5.07
CA LEU A 11 12.35 3.09 -6.38
C LEU A 11 11.55 1.79 -6.33
N PRO A 12 12.01 0.72 -5.64
CA PRO A 12 11.32 -0.55 -5.63
C PRO A 12 10.16 -0.59 -4.62
N PHE A 13 10.04 0.42 -3.75
CA PHE A 13 8.94 0.46 -2.80
C PHE A 13 7.61 0.63 -3.51
N LEU A 14 7.63 1.21 -4.72
CA LEU A 14 6.43 1.36 -5.52
C LEU A 14 5.93 -0.01 -5.99
N ARG A 15 6.80 -1.01 -5.94
CA ARG A 15 6.47 -2.38 -6.34
C ARG A 15 6.17 -3.22 -5.11
N ARG A 16 6.52 -2.72 -3.92
CA ARG A 16 6.26 -3.40 -2.65
C ARG A 16 4.77 -3.57 -2.42
N TYR A 17 3.93 -2.82 -3.15
CA TYR A 17 2.49 -3.02 -3.09
C TYR A 17 1.83 -2.87 -4.48
N GLY A 18 2.50 -2.19 -5.42
CA GLY A 18 1.97 -2.02 -6.76
C GLY A 18 1.99 -3.34 -7.54
N ARG A 19 2.86 -4.28 -7.14
CA ARG A 19 2.97 -5.58 -7.79
C ARG A 19 1.76 -6.47 -7.47
N ALA A 20 0.92 -6.05 -6.51
CA ALA A 20 -0.23 -6.83 -6.07
C ALA A 20 -1.51 -5.99 -6.08
N LEU A 21 -1.43 -4.76 -6.60
CA LEU A 21 -2.57 -3.88 -6.75
C LEU A 21 -3.21 -4.06 -8.13
N THR A 22 -2.63 -4.93 -8.97
CA THR A 22 -3.10 -5.15 -10.33
C THR A 22 -2.80 -6.58 -10.82
N GLY A 23 -2.09 -7.39 -10.04
CA GLY A 23 -1.86 -8.80 -10.36
C GLY A 23 -0.95 -9.02 -11.58
N SER A 24 -0.19 -8.01 -12.00
CA SER A 24 0.70 -8.14 -13.15
C SER A 24 1.98 -7.37 -12.92
N GLN A 25 3.13 -8.01 -13.16
CA GLN A 25 4.42 -7.39 -12.96
C GLN A 25 4.70 -6.39 -14.07
N ASN A 26 4.04 -6.56 -15.23
CA ASN A 26 4.21 -5.64 -16.35
C ASN A 26 3.45 -4.34 -16.09
N GLN A 27 2.28 -4.44 -15.45
CA GLN A 27 1.52 -3.25 -15.10
C GLN A 27 2.19 -2.53 -13.93
N GLY A 28 2.78 -3.27 -12.99
CA GLY A 28 3.49 -2.67 -11.88
C GLY A 28 4.75 -1.97 -12.36
N ASP A 29 5.43 -2.54 -13.36
CA ASP A 29 6.64 -1.94 -13.92
C ASP A 29 6.31 -0.66 -14.69
N LYS A 30 5.17 -0.62 -15.39
CA LYS A 30 4.85 0.54 -16.21
C LYS A 30 4.18 1.63 -15.39
N TYR A 31 3.44 1.30 -14.33
CA TYR A 31 2.85 2.33 -13.48
C TYR A 31 3.97 3.10 -12.78
N VAL A 32 5.05 2.42 -12.41
CA VAL A 32 6.20 3.05 -11.79
C VAL A 32 6.84 4.05 -12.74
N ARG A 33 7.18 3.61 -13.95
CA ARG A 33 7.86 4.45 -14.91
C ARG A 33 6.95 5.53 -15.46
N ALA A 34 5.64 5.26 -15.51
CA ALA A 34 4.67 6.24 -15.95
C ALA A 34 4.46 7.32 -14.88
N THR A 35 4.78 7.03 -13.62
CA THR A 35 4.65 8.00 -12.55
C THR A 35 5.64 9.14 -12.78
N LEU A 36 6.89 8.82 -13.12
CA LEU A 36 7.88 9.87 -13.33
C LEU A 36 7.62 10.58 -14.65
N GLU A 37 7.21 9.84 -15.69
CA GLU A 37 6.94 10.43 -16.99
C GLU A 37 5.73 11.35 -16.95
N ALA A 38 4.93 11.27 -15.89
CA ALA A 38 3.81 12.18 -15.65
C ALA A 38 4.26 13.43 -14.89
N ILE A 39 5.55 13.53 -14.56
CA ILE A 39 6.09 14.59 -13.73
C ILE A 39 7.21 15.34 -14.44
N VAL A 40 7.75 14.78 -15.54
CA VAL A 40 8.79 15.46 -16.33
C VAL A 40 8.33 16.80 -16.90
N ALA A 41 7.07 17.18 -16.71
CA ALA A 41 6.53 18.44 -17.19
C ALA A 41 5.91 19.25 -16.05
N ALA A 42 5.98 18.72 -14.82
CA ALA A 42 5.39 19.33 -13.64
C ALA A 42 6.09 18.82 -12.37
N PRO A 43 7.42 18.96 -12.28
CA PRO A 43 8.21 18.42 -11.18
C PRO A 43 7.88 19.06 -9.83
N ASP A 44 7.14 20.18 -9.84
CA ASP A 44 6.72 20.85 -8.62
C ASP A 44 5.58 20.09 -7.94
N GLN A 45 4.94 19.15 -8.64
CA GLN A 45 3.83 18.38 -8.09
C GLN A 45 4.34 17.28 -7.18
N PHE A 46 5.62 16.91 -7.32
CA PHE A 46 6.23 15.89 -6.48
C PHE A 46 6.67 16.56 -5.17
N PRO A 47 6.08 16.20 -4.03
CA PRO A 47 6.38 16.85 -2.76
C PRO A 47 7.82 16.58 -2.33
N ARG A 48 8.37 17.49 -1.51
CA ARG A 48 9.77 17.46 -1.09
C ARG A 48 9.89 17.76 0.40
N ASP A 49 8.77 17.73 1.12
CA ASP A 49 8.71 18.14 2.52
C ASP A 49 7.92 17.14 3.36
N VAL A 50 7.92 15.87 2.93
CA VAL A 50 7.24 14.78 3.61
C VAL A 50 8.16 13.57 3.68
N ASP A 51 7.72 12.48 4.30
CA ASP A 51 8.52 11.26 4.39
C ASP A 51 8.97 10.83 3.00
N PRO A 52 10.16 10.23 2.90
CA PRO A 52 10.76 9.83 1.63
C PRO A 52 10.04 8.63 1.02
N ARG A 53 8.87 8.25 1.58
CA ARG A 53 8.06 7.15 1.08
C ARG A 53 6.61 7.61 0.90
N LEU A 54 6.20 8.72 1.51
CA LEU A 54 4.85 9.23 1.36
C LEU A 54 4.70 9.95 0.02
N GLY A 55 5.77 10.62 -0.44
CA GLY A 55 5.74 11.31 -1.73
C GLY A 55 5.80 10.30 -2.87
N LEU A 56 6.48 9.18 -2.64
CA LEU A 56 6.58 8.10 -3.61
C LEU A 56 5.19 7.51 -3.85
N TYR A 57 4.46 7.22 -2.76
CA TYR A 57 3.14 6.60 -2.87
C TYR A 57 2.09 7.60 -3.34
N ARG A 58 2.26 8.89 -3.01
CA ARG A 58 1.28 9.90 -3.41
C ARG A 58 1.19 10.00 -4.93
N MET A 59 2.35 10.04 -5.61
CA MET A 59 2.34 10.19 -7.06
C MET A 59 1.92 8.89 -7.74
N PHE A 60 2.22 7.74 -7.13
CA PHE A 60 1.83 6.46 -7.69
C PHE A 60 0.32 6.25 -7.59
N GLN A 61 -0.30 6.70 -6.49
CA GLN A 61 -1.74 6.62 -6.33
C GLN A 61 -2.43 7.52 -7.35
N GLY A 62 -1.74 8.56 -7.83
CA GLY A 62 -2.27 9.45 -8.83
C GLY A 62 -2.35 8.76 -10.19
N ILE A 63 -1.37 7.93 -10.53
CA ILE A 63 -1.39 7.20 -11.79
C ILE A 63 -2.43 6.08 -11.73
N TRP A 64 -2.53 5.39 -10.60
CA TRP A 64 -3.46 4.28 -10.47
C TRP A 64 -4.91 4.77 -10.51
N ALA A 65 -5.19 5.96 -9.97
CA ALA A 65 -6.51 6.53 -10.04
C ALA A 65 -6.85 6.96 -11.47
N SER A 66 -5.84 7.36 -12.24
CA SER A 66 -6.03 7.74 -13.62
C SER A 66 -6.21 6.51 -14.51
N ALA A 67 -5.65 5.36 -14.08
CA ALA A 67 -5.76 4.11 -14.82
C ALA A 67 -7.19 3.55 -14.72
N ASN A 68 -7.82 3.69 -13.56
CA ASN A 68 -9.20 3.26 -13.38
C ASN A 68 -10.16 4.26 -14.02
N ALA A 69 -9.71 5.50 -14.19
CA ALA A 69 -10.49 6.55 -14.84
C ALA A 69 -10.47 6.43 -16.37
N ASP A 70 -9.82 5.38 -16.89
CA ASP A 70 -9.72 5.15 -18.32
C ASP A 70 -9.91 3.66 -18.66
N GLY A 71 -10.18 2.83 -17.65
CA GLY A 71 -10.47 1.42 -17.85
C GLY A 71 -9.24 0.61 -18.26
N GLU A 72 -8.04 1.05 -17.87
CA GLU A 72 -6.80 0.35 -18.21
C GLU A 72 -6.75 -1.05 -17.60
N ALA A 73 -7.67 -1.37 -16.68
CA ALA A 73 -7.73 -2.66 -16.04
C ALA A 73 -9.16 -2.94 -15.55
N GLN A 74 -9.48 -4.23 -15.34
CA GLN A 74 -10.79 -4.66 -14.88
C GLN A 74 -10.67 -5.87 -13.95
N THR A 75 -9.44 -6.26 -13.61
CA THR A 75 -9.18 -7.43 -12.79
C THR A 75 -7.82 -7.29 -12.11
N SER A 76 -7.46 -8.29 -11.28
CA SER A 76 -6.18 -8.32 -10.57
C SER A 76 -5.68 -9.75 -10.43
N GLN A 77 -6.22 -10.67 -11.24
CA GLN A 77 -5.80 -12.06 -11.26
C GLN A 77 -4.30 -12.16 -11.53
N SER A 78 -3.66 -13.20 -11.00
CA SER A 78 -2.23 -13.44 -11.18
C SER A 78 -1.96 -14.94 -11.27
N ASP A 79 -0.70 -15.34 -11.36
CA ASP A 79 -0.30 -16.72 -11.57
C ASP A 79 0.93 -17.10 -10.76
N ALA A 80 1.33 -16.25 -9.79
CA ALA A 80 2.47 -16.53 -8.93
C ALA A 80 2.24 -17.83 -8.14
N GLU A 81 3.33 -18.46 -7.69
CA GLU A 81 3.26 -19.75 -7.01
C GLU A 81 2.86 -19.61 -5.53
N GLY A 82 2.85 -18.40 -4.99
CA GLY A 82 2.48 -18.21 -3.59
C GLY A 82 3.05 -16.94 -2.96
N THR A 83 3.34 -15.90 -3.76
CA THR A 83 3.94 -14.68 -3.24
C THR A 83 3.32 -13.43 -3.86
N GLU A 84 2.17 -13.59 -4.53
CA GLU A 84 1.43 -12.47 -5.08
C GLU A 84 -0.05 -12.86 -5.23
N ALA A 85 -0.31 -14.02 -5.83
CA ALA A 85 -1.65 -14.53 -5.97
C ALA A 85 -2.21 -14.93 -4.61
N VAL A 86 -1.35 -15.17 -3.62
CA VAL A 86 -1.78 -15.54 -2.28
C VAL A 86 -2.48 -14.37 -1.60
N ALA A 87 -2.10 -13.14 -1.95
CA ALA A 87 -2.68 -11.95 -1.36
C ALA A 87 -3.99 -11.56 -2.03
N ARG A 88 -4.40 -12.31 -3.06
CA ARG A 88 -5.67 -12.10 -3.73
C ARG A 88 -6.58 -13.30 -3.54
N ALA A 89 -6.03 -14.51 -3.71
CA ALA A 89 -6.80 -15.73 -3.71
C ALA A 89 -7.47 -16.02 -2.36
N ARG A 90 -7.24 -15.15 -1.36
CA ARG A 90 -7.83 -15.29 -0.03
C ARG A 90 -8.67 -14.07 0.34
N LEU A 91 -8.52 -12.96 -0.39
CA LEU A 91 -9.24 -11.71 -0.13
C LEU A 91 -9.80 -11.12 -1.43
N ALA A 92 -10.09 -11.98 -2.43
CA ALA A 92 -10.55 -11.58 -3.75
C ALA A 92 -11.85 -10.78 -3.75
N ARG A 93 -12.43 -10.51 -2.58
CA ARG A 93 -13.72 -9.84 -2.48
C ARG A 93 -13.70 -8.66 -1.50
N MET A 94 -12.55 -8.39 -0.89
CA MET A 94 -12.40 -7.27 0.03
C MET A 94 -12.72 -5.96 -0.71
N THR A 95 -13.19 -4.95 0.02
CA THR A 95 -13.54 -3.65 -0.54
C THR A 95 -12.38 -3.08 -1.35
N PRO A 96 -12.63 -2.49 -2.52
CA PRO A 96 -11.63 -1.89 -3.41
C PRO A 96 -10.69 -0.87 -2.75
N LEU A 97 -10.90 -0.52 -1.47
CA LEU A 97 -10.06 0.46 -0.81
C LEU A 97 -9.65 -0.01 0.59
N SER A 98 -10.39 -0.92 1.21
CA SER A 98 -9.97 -1.48 2.49
C SER A 98 -8.75 -2.35 2.29
N ARG A 99 -8.57 -2.89 1.08
CA ARG A 99 -7.39 -3.69 0.75
C ARG A 99 -6.16 -2.79 0.62
N GLN A 100 -6.35 -1.52 0.25
CA GLN A 100 -5.26 -0.57 0.19
C GLN A 100 -4.92 -0.10 1.60
N ALA A 101 -5.94 0.04 2.46
CA ALA A 101 -5.73 0.42 3.83
C ALA A 101 -4.97 -0.68 4.57
N LEU A 102 -5.18 -1.95 4.20
CA LEU A 102 -4.50 -3.07 4.81
C LEU A 102 -3.00 -3.01 4.50
N LEU A 103 -2.64 -2.83 3.22
CA LEU A 103 -1.24 -2.77 2.82
C LEU A 103 -0.59 -1.44 3.23
N LEU A 104 -1.39 -0.52 3.79
CA LEU A 104 -0.90 0.78 4.23
C LEU A 104 -0.80 0.86 5.75
N THR A 105 -1.24 -0.18 6.48
CA THR A 105 -1.22 -0.18 7.94
C THR A 105 -0.81 -1.52 8.53
N ALA A 106 -0.46 -2.51 7.70
CA ALA A 106 -0.02 -3.81 8.17
C ALA A 106 1.28 -4.26 7.50
N MET A 107 1.91 -3.39 6.70
CA MET A 107 3.19 -3.67 6.08
C MET A 107 4.22 -2.57 6.35
N GLU A 108 3.81 -1.45 6.97
CA GLU A 108 4.76 -0.41 7.32
C GLU A 108 4.31 0.38 8.56
N GLY A 109 3.01 0.39 8.87
CA GLY A 109 2.52 1.01 10.08
C GLY A 109 2.41 2.53 9.98
N PHE A 110 2.19 3.07 8.77
CA PHE A 110 2.02 4.51 8.59
C PHE A 110 0.95 5.05 9.54
N SER A 111 1.10 6.31 9.96
CA SER A 111 0.11 6.98 10.80
C SER A 111 -1.22 7.06 10.04
N PRO A 112 -2.36 7.10 10.75
CA PRO A 112 -3.67 7.10 10.14
C PRO A 112 -3.96 8.43 9.40
N GLU A 113 -3.20 9.47 9.70
CA GLU A 113 -3.37 10.76 9.02
C GLU A 113 -2.72 10.73 7.65
N ASP A 114 -1.53 10.13 7.55
CA ASP A 114 -0.83 10.03 6.28
C ASP A 114 -1.43 8.90 5.44
N ALA A 115 -1.94 7.85 6.11
CA ALA A 115 -2.62 6.77 5.42
C ALA A 115 -3.95 7.25 4.82
N ALA A 116 -4.53 8.31 5.38
CA ALA A 116 -5.76 8.88 4.88
C ALA A 116 -5.48 9.81 3.69
N TYR A 117 -4.28 10.40 3.65
CA TYR A 117 -3.87 11.28 2.57
C TYR A 117 -3.64 10.51 1.27
N LEU A 118 -3.16 9.27 1.36
CA LEU A 118 -2.92 8.43 0.18
C LEU A 118 -4.21 7.90 -0.46
N ILE A 119 -5.36 8.16 0.15
CA ILE A 119 -6.66 7.75 -0.41
C ILE A 119 -7.68 8.87 -0.30
N GLU A 120 -7.23 10.07 0.08
CA GLU A 120 -8.05 11.27 0.21
C GLU A 120 -9.33 11.07 1.04
N VAL A 121 -9.17 10.69 2.30
CA VAL A 121 -10.27 10.55 3.26
C VAL A 121 -9.89 11.20 4.59
N ASP A 122 -10.76 11.08 5.60
CA ASP A 122 -10.47 11.61 6.93
C ASP A 122 -9.75 10.55 7.76
N THR A 123 -9.06 10.97 8.82
CA THR A 123 -8.29 10.07 9.67
C THR A 123 -9.17 8.95 10.23
N SER A 124 -10.41 9.30 10.61
CA SER A 124 -11.33 8.36 11.22
C SER A 124 -11.84 7.32 10.22
N GLU A 125 -11.75 7.60 8.92
CA GLU A 125 -12.18 6.64 7.91
C GLU A 125 -11.17 5.52 7.81
N VAL A 126 -9.87 5.83 7.87
CA VAL A 126 -8.85 4.79 7.79
C VAL A 126 -8.96 3.87 9.00
N GLU A 127 -9.27 4.42 10.17
CA GLU A 127 -9.43 3.62 11.38
C GLU A 127 -10.55 2.60 11.21
N THR A 128 -11.64 3.01 10.54
CA THR A 128 -12.77 2.13 10.30
C THR A 128 -12.45 1.12 9.19
N LEU A 129 -11.73 1.56 8.15
CA LEU A 129 -11.41 0.70 7.02
C LEU A 129 -10.47 -0.42 7.42
N VAL A 130 -9.55 -0.19 8.37
CA VAL A 130 -8.65 -1.25 8.81
C VAL A 130 -9.33 -2.15 9.83
N THR A 131 -10.30 -1.63 10.59
CA THR A 131 -11.01 -2.43 11.57
C THR A 131 -11.85 -3.50 10.87
N GLU A 132 -12.49 -3.13 9.76
CA GLU A 132 -13.28 -4.08 8.99
C GLU A 132 -12.38 -5.01 8.18
N ALA A 133 -11.19 -4.54 7.81
CA ALA A 133 -10.25 -5.34 7.04
C ALA A 133 -9.65 -6.47 7.87
N LEU A 134 -9.24 -6.16 9.11
CA LEU A 134 -8.63 -7.16 9.97
C LEU A 134 -9.69 -8.15 10.49
N ALA A 135 -10.96 -7.72 10.52
CA ALA A 135 -12.03 -8.59 10.97
C ALA A 135 -12.29 -9.71 9.96
N GLU A 136 -12.29 -9.38 8.66
CA GLU A 136 -12.52 -10.40 7.65
C GLU A 136 -11.25 -11.23 7.41
N ILE A 137 -10.09 -10.73 7.84
CA ILE A 137 -8.87 -11.51 7.77
C ILE A 137 -8.88 -12.58 8.85
N GLU A 138 -9.09 -12.20 10.11
CA GLU A 138 -8.97 -13.15 11.22
C GLU A 138 -10.07 -14.19 11.23
N LYS A 139 -11.18 -13.96 10.51
CA LYS A 139 -12.30 -14.91 10.53
C LYS A 139 -12.15 -16.06 9.53
N GLN A 140 -11.19 -15.99 8.60
CA GLN A 140 -11.07 -17.03 7.59
C GLN A 140 -9.67 -17.16 6.98
N THR A 141 -8.95 -16.04 6.78
CA THR A 141 -7.70 -15.99 6.01
C THR A 141 -7.78 -16.78 4.70
N ARG A 142 -8.99 -17.06 4.21
CA ARG A 142 -9.22 -17.96 3.09
C ARG A 142 -10.44 -17.50 2.28
N ALA A 143 -10.62 -18.08 1.10
CA ALA A 143 -11.77 -17.80 0.25
C ALA A 143 -12.09 -19.03 -0.63
N LEU A 144 -11.51 -20.18 -0.31
CA LEU A 144 -11.63 -21.39 -1.11
C LEU A 144 -13.01 -22.05 -0.97
N GLU A 145 -13.85 -21.58 -0.03
CA GLU A 145 -15.17 -22.16 0.16
C GLU A 145 -16.18 -21.14 0.71
N LEU A 146 -15.76 -19.88 0.89
CA LEU A 146 -16.62 -18.83 1.42
C LEU A 146 -16.12 -17.46 0.97
N VAL A 147 -16.97 -16.44 1.11
CA VAL A 147 -16.64 -15.07 0.74
C VAL A 147 -17.36 -14.09 1.67
N PRO A 148 -16.85 -12.86 1.77
CA PRO A 148 -17.49 -11.73 2.42
C PRO A 148 -18.93 -11.49 1.95
N ARG A 149 -19.60 -10.50 2.56
CA ARG A 149 -20.98 -10.16 2.25
C ARG A 149 -21.20 -8.66 2.32
N GLY A 150 -22.43 -8.21 2.02
CA GLY A 150 -22.78 -6.81 2.01
C GLY A 150 -24.30 -6.62 2.05
N SER A 151 -24.75 -5.37 1.93
CA SER A 151 -26.18 -5.04 1.99
C SER A 151 -26.53 -3.88 1.06
N HIS A 152 -25.61 -3.49 0.17
CA HIS A 152 -25.84 -2.43 -0.79
C HIS A 152 -26.98 -2.79 -1.73
N HIS A 153 -27.50 -1.79 -2.46
CA HIS A 153 -28.61 -1.98 -3.37
C HIS A 153 -28.56 -0.95 -4.51
N HIS A 154 -29.53 -1.01 -5.42
CA HIS A 154 -29.57 -0.14 -6.60
C HIS A 154 -30.99 0.34 -6.87
N HIS A 155 -31.88 0.24 -5.89
CA HIS A 155 -33.26 0.69 -6.00
C HIS A 155 -33.73 1.25 -4.66
N HIS A 156 -34.93 1.84 -4.63
CA HIS A 156 -35.44 2.52 -3.46
C HIS A 156 -36.96 2.32 -3.33
N HIS A 157 -37.55 2.92 -2.29
CA HIS A 157 -38.98 2.80 -2.00
C HIS A 157 -39.54 4.15 -1.55
N MET B 1 3.34 24.37 34.08
CA MET B 1 2.66 25.69 34.05
C MET B 1 2.09 26.05 35.43
N LEU B 2 0.89 25.60 35.78
CA LEU B 2 0.30 25.90 37.09
C LEU B 2 -0.69 24.82 37.55
N ASP B 3 -0.76 23.70 36.83
CA ASP B 3 -1.66 22.60 37.16
C ASP B 3 -1.08 21.27 36.68
N LEU B 4 -1.68 20.17 37.12
CA LEU B 4 -1.26 18.81 36.79
C LEU B 4 -2.47 18.01 36.29
N PRO B 5 -2.25 16.96 35.51
CA PRO B 5 -3.30 16.11 35.00
C PRO B 5 -3.88 15.23 36.11
N GLY B 6 -4.97 14.53 35.81
CA GLY B 6 -5.63 13.66 36.77
C GLY B 6 -6.65 12.73 36.12
N ASN B 7 -6.77 12.76 34.79
CA ASN B 7 -7.69 11.90 34.06
C ASN B 7 -7.22 10.44 34.04
N LYS B 8 -6.05 10.17 34.63
CA LYS B 8 -5.47 8.83 34.68
C LYS B 8 -4.60 8.71 35.93
N ASP B 9 -4.46 7.49 36.45
CA ASP B 9 -3.71 7.25 37.68
C ASP B 9 -3.12 5.84 37.70
N LYS B 10 -2.97 5.22 36.52
CA LYS B 10 -2.42 3.87 36.39
C LYS B 10 -0.99 3.80 36.95
N LYS B 11 -0.64 2.65 37.53
CA LYS B 11 0.68 2.39 38.11
C LYS B 11 1.10 0.94 37.84
N ALA B 12 0.53 0.33 36.79
CA ALA B 12 0.77 -1.06 36.41
C ALA B 12 0.45 -2.06 37.52
N SER B 13 -0.17 -1.62 38.62
CA SER B 13 -0.60 -2.49 39.70
C SER B 13 -1.70 -1.80 40.50
N SER B 14 -2.60 -2.60 41.09
CA SER B 14 -3.77 -2.15 41.84
C SER B 14 -4.58 -1.06 41.13
N LYS B 15 -4.39 -0.89 39.81
CA LYS B 15 -5.03 0.15 39.02
C LYS B 15 -5.34 -0.37 37.61
N LYS B 16 -5.47 -1.69 37.48
CA LYS B 16 -5.67 -2.34 36.19
C LYS B 16 -6.64 -3.51 36.33
N SER B 17 -7.10 -4.04 35.19
CA SER B 17 -8.08 -5.12 35.15
C SER B 17 -7.86 -6.04 33.95
N PRO B 18 -6.64 -6.60 33.79
CA PRO B 18 -6.31 -7.49 32.69
C PRO B 18 -7.04 -8.83 32.83
N ALA B 19 -6.95 -9.67 31.80
CA ALA B 19 -7.59 -10.97 31.78
C ALA B 19 -6.82 -11.95 30.89
N LYS B 20 -7.26 -13.21 30.87
CA LYS B 20 -6.62 -14.27 30.09
C LYS B 20 -7.63 -15.29 29.55
N VAL B 21 -8.92 -14.97 29.64
CA VAL B 21 -9.98 -15.84 29.16
C VAL B 21 -9.88 -16.06 27.65
N GLN B 22 -9.15 -15.18 26.95
CA GLN B 22 -8.93 -15.28 25.52
C GLN B 22 -7.61 -14.62 25.15
N SER B 23 -7.11 -14.91 23.95
CA SER B 23 -5.84 -14.39 23.46
C SER B 23 -5.87 -14.27 21.94
N LYS B 24 -4.79 -13.72 21.37
CA LYS B 24 -4.64 -13.56 19.92
C LYS B 24 -3.19 -13.84 19.53
N ASP B 25 -2.97 -14.17 18.25
CA ASP B 25 -1.65 -14.51 17.75
C ASP B 25 -1.51 -14.20 16.25
N ARG B 26 -2.47 -13.46 15.69
CA ARG B 26 -2.46 -13.11 14.27
C ARG B 26 -1.16 -12.44 13.85
N ASP B 27 -0.77 -12.64 12.60
CA ASP B 27 0.46 -12.08 12.04
C ASP B 27 0.34 -11.91 10.53
N MET B 28 -0.88 -11.93 9.99
CA MET B 28 -1.12 -11.86 8.56
C MET B 28 -0.52 -10.61 7.92
N GLY B 29 -0.37 -9.52 8.70
CA GLY B 29 0.23 -8.31 8.17
C GLY B 29 1.70 -8.55 7.82
N ALA B 30 2.42 -9.27 8.68
CA ALA B 30 3.80 -9.59 8.44
C ALA B 30 3.94 -10.62 7.31
N ALA B 31 2.86 -11.36 7.02
CA ALA B 31 2.89 -12.35 5.96
C ALA B 31 2.92 -11.66 4.60
N LEU B 32 2.21 -10.54 4.48
CA LEU B 32 2.21 -9.74 3.28
C LEU B 32 3.55 -9.02 3.14
N ARG B 33 4.11 -8.56 4.26
CA ARG B 33 5.39 -7.87 4.26
C ARG B 33 6.51 -8.83 3.85
N SER B 34 6.41 -10.12 4.19
CA SER B 34 7.42 -11.09 3.81
C SER B 34 7.43 -11.28 2.29
N ALA B 35 6.24 -11.36 1.68
CA ALA B 35 6.12 -11.56 0.25
C ALA B 35 6.62 -10.35 -0.54
N TYR B 36 6.60 -9.16 0.08
CA TYR B 36 6.97 -7.94 -0.61
C TYR B 36 8.31 -7.40 -0.15
N GLN B 37 8.85 -7.90 0.96
CA GLN B 37 10.21 -7.59 1.34
C GLN B 37 11.17 -8.24 0.35
N LYS B 38 10.76 -9.39 -0.19
CA LYS B 38 11.52 -10.07 -1.24
C LYS B 38 11.73 -9.14 -2.43
N THR B 39 10.70 -8.33 -2.73
CA THR B 39 10.77 -7.35 -3.82
C THR B 39 11.74 -6.22 -3.52
N ILE B 40 12.21 -6.08 -2.27
CA ILE B 40 13.12 -5.01 -1.88
C ILE B 40 14.54 -5.54 -1.67
N GLU B 41 14.70 -6.85 -1.55
CA GLU B 41 16.00 -7.49 -1.44
C GLU B 41 16.67 -7.59 -2.82
N GLU B 42 16.35 -6.66 -3.72
CA GLU B 42 16.81 -6.70 -5.10
C GLU B 42 17.33 -5.33 -5.56
N GLN B 43 17.89 -5.29 -6.77
CA GLN B 43 18.45 -4.09 -7.37
C GLN B 43 17.34 -3.10 -7.73
N VAL B 44 17.71 -1.94 -8.27
CA VAL B 44 16.78 -0.89 -8.64
C VAL B 44 17.15 -0.30 -10.01
N PRO B 45 16.17 0.28 -10.71
CA PRO B 45 16.38 0.93 -11.99
C PRO B 45 17.00 2.31 -11.80
N ASP B 46 17.27 3.01 -12.90
CA ASP B 46 17.77 4.38 -12.88
C ASP B 46 17.23 5.19 -14.06
N GLU B 47 16.43 4.55 -14.92
CA GLU B 47 15.89 5.18 -16.12
C GLU B 47 14.95 6.33 -15.79
N MET B 48 14.33 6.31 -14.60
CA MET B 48 13.41 7.37 -14.20
C MET B 48 14.17 8.63 -13.82
N LEU B 49 15.38 8.48 -13.26
CA LEU B 49 16.21 9.64 -12.96
C LEU B 49 16.97 10.07 -14.21
N ASP B 50 16.99 9.24 -15.24
CA ASP B 50 17.53 9.65 -16.53
C ASP B 50 16.57 10.62 -17.19
N LEU B 51 15.30 10.62 -16.77
CA LEU B 51 14.34 11.61 -17.23
C LEU B 51 14.65 12.96 -16.62
N LEU B 52 15.44 13.00 -15.54
CA LEU B 52 15.91 14.26 -15.00
C LEU B 52 17.17 14.73 -15.72
N ASN B 53 17.86 13.83 -16.42
CA ASN B 53 19.03 14.20 -17.21
C ASN B 53 18.61 14.94 -18.49
N LYS B 54 17.34 15.29 -18.60
CA LYS B 54 16.80 16.08 -19.71
C LYS B 54 15.95 17.24 -19.17
N LEU B 55 16.05 17.52 -17.86
CA LEU B 55 15.32 18.59 -17.20
C LEU B 55 16.22 19.45 -16.33
N ALA B 56 17.32 18.89 -15.82
CA ALA B 56 18.33 19.68 -15.15
C ALA B 56 18.83 20.81 -16.05
N LEU B 57 19.29 21.92 -15.46
CA LEU B 57 19.70 23.09 -16.22
C LEU B 57 20.72 23.92 -15.42
N GLU B 58 21.43 24.81 -16.11
CA GLU B 58 22.39 25.71 -15.48
C GLU B 58 21.71 26.66 -14.50
N LEU B 59 22.52 27.37 -13.71
CA LEU B 59 22.06 28.31 -12.69
C LEU B 59 22.97 29.53 -12.64
N VAL B 60 22.57 30.54 -11.86
CA VAL B 60 23.33 31.78 -11.71
C VAL B 60 23.09 32.36 -10.31
N PRO B 61 24.12 32.89 -9.66
CA PRO B 61 24.00 33.51 -8.34
C PRO B 61 23.28 34.85 -8.41
N ARG B 62 22.94 35.42 -7.24
CA ARG B 62 22.24 36.69 -7.13
C ARG B 62 22.63 37.38 -5.83
N MET A 1 18.18 20.94 -7.11
CA MET A 1 17.28 19.80 -6.87
C MET A 1 18.06 18.62 -6.29
N SER A 2 17.40 17.84 -5.45
CA SER A 2 18.00 16.67 -4.80
C SER A 2 17.02 15.51 -4.72
N LEU A 3 15.98 15.54 -5.56
CA LEU A 3 14.93 14.54 -5.59
C LEU A 3 15.49 13.13 -5.80
N GLY A 4 16.58 12.98 -6.56
CA GLY A 4 17.12 11.67 -6.86
C GLY A 4 17.62 10.95 -5.61
N GLN A 5 18.20 11.71 -4.67
CA GLN A 5 18.69 11.19 -3.41
C GLN A 5 17.54 10.84 -2.46
N GLN A 6 16.30 10.99 -2.93
CA GLN A 6 15.09 10.75 -2.14
C GLN A 6 14.11 9.88 -2.92
N LEU A 7 14.45 9.53 -4.16
CA LEU A 7 13.61 8.69 -5.01
C LEU A 7 14.26 7.32 -5.23
N ALA A 8 15.58 7.30 -5.48
CA ALA A 8 16.31 6.09 -5.79
C ALA A 8 16.15 4.97 -4.76
N PRO A 9 16.24 5.24 -3.45
CA PRO A 9 16.17 4.19 -2.43
C PRO A 9 14.75 3.67 -2.21
N HIS A 10 13.77 4.16 -2.97
CA HIS A 10 12.38 3.79 -2.81
C HIS A 10 11.72 3.41 -4.14
N LEU A 11 12.53 3.26 -5.20
CA LEU A 11 12.06 2.88 -6.52
C LEU A 11 11.28 1.54 -6.54
N PRO A 12 11.73 0.49 -5.83
CA PRO A 12 11.11 -0.83 -5.94
C PRO A 12 9.83 -0.94 -5.11
N PHE A 13 9.51 0.08 -4.29
CA PHE A 13 8.33 0.01 -3.45
C PHE A 13 7.04 0.15 -4.26
N LEU A 14 7.12 0.69 -5.48
CA LEU A 14 5.94 0.89 -6.31
C LEU A 14 5.49 -0.42 -6.95
N ARG A 15 6.42 -1.38 -7.09
CA ARG A 15 6.09 -2.69 -7.65
C ARG A 15 5.95 -3.72 -6.54
N ARG A 16 6.44 -3.39 -5.34
CA ARG A 16 6.32 -4.20 -4.13
C ARG A 16 4.86 -4.57 -3.88
N TYR A 17 3.94 -3.73 -4.35
CA TYR A 17 2.51 -4.00 -4.25
C TYR A 17 1.78 -3.64 -5.55
N GLY A 18 2.44 -2.91 -6.45
CA GLY A 18 1.84 -2.55 -7.72
C GLY A 18 1.51 -3.79 -8.53
N ARG A 19 2.32 -4.85 -8.43
CA ARG A 19 2.07 -6.09 -9.17
C ARG A 19 0.78 -6.77 -8.68
N ALA A 20 0.33 -6.45 -7.46
CA ALA A 20 -0.89 -6.98 -6.91
C ALA A 20 -2.09 -6.07 -7.22
N LEU A 21 -1.82 -4.92 -7.87
CA LEU A 21 -2.83 -3.94 -8.24
C LEU A 21 -3.00 -3.89 -9.76
N THR A 22 -2.37 -4.79 -10.51
CA THR A 22 -2.44 -4.76 -11.97
C THR A 22 -2.56 -6.15 -12.59
N GLY A 23 -2.13 -7.20 -11.88
CA GLY A 23 -2.18 -8.55 -12.41
C GLY A 23 -1.19 -8.78 -13.56
N SER A 24 -0.30 -7.81 -13.82
CA SER A 24 0.67 -7.94 -14.89
C SER A 24 1.92 -7.10 -14.61
N GLN A 25 3.10 -7.66 -14.89
CA GLN A 25 4.35 -6.93 -14.70
C GLN A 25 4.52 -5.86 -15.77
N ASN A 26 3.84 -6.02 -16.92
CA ASN A 26 3.96 -5.06 -18.01
C ASN A 26 3.28 -3.74 -17.66
N GLN A 27 2.13 -3.81 -16.97
CA GLN A 27 1.41 -2.62 -16.55
C GLN A 27 2.00 -2.06 -15.27
N GLY A 28 2.53 -2.93 -14.40
CA GLY A 28 3.12 -2.48 -13.15
C GLY A 28 4.39 -1.69 -13.43
N ASP A 29 5.23 -2.17 -14.34
CA ASP A 29 6.47 -1.48 -14.69
C ASP A 29 6.18 -0.22 -15.51
N LYS A 30 5.08 -0.23 -16.28
CA LYS A 30 4.69 0.90 -17.09
C LYS A 30 4.21 2.06 -16.21
N TYR A 31 3.38 1.78 -15.21
CA TYR A 31 2.88 2.82 -14.32
C TYR A 31 4.03 3.45 -13.52
N VAL A 32 5.06 2.66 -13.20
CA VAL A 32 6.21 3.18 -12.46
C VAL A 32 6.91 4.27 -13.25
N ARG A 33 7.29 4.00 -14.51
CA ARG A 33 8.03 4.96 -15.29
C ARG A 33 7.12 6.08 -15.80
N ALA A 34 5.83 5.80 -15.98
CA ALA A 34 4.85 6.79 -16.38
C ALA A 34 4.57 7.77 -15.25
N THR A 35 4.77 7.35 -13.99
CA THR A 35 4.61 8.24 -12.85
C THR A 35 5.67 9.33 -12.91
N LEU A 36 6.90 8.95 -13.29
CA LEU A 36 7.99 9.91 -13.39
C LEU A 36 7.75 10.85 -14.56
N GLU A 37 7.38 10.31 -15.72
CA GLU A 37 7.14 11.09 -16.93
C GLU A 37 6.02 12.12 -16.72
N ALA A 38 5.11 11.85 -15.77
CA ALA A 38 4.02 12.74 -15.46
C ALA A 38 4.47 13.88 -14.54
N ILE A 39 5.75 13.92 -14.18
CA ILE A 39 6.31 14.91 -13.26
C ILE A 39 7.47 15.66 -13.91
N VAL A 40 8.01 15.13 -15.01
CA VAL A 40 9.08 15.80 -15.77
C VAL A 40 8.64 17.17 -16.29
N ALA A 41 7.34 17.46 -16.24
CA ALA A 41 6.80 18.72 -16.70
C ALA A 41 6.02 19.43 -15.59
N ALA A 42 6.02 18.85 -14.39
CA ALA A 42 5.28 19.37 -13.25
C ALA A 42 5.91 18.91 -11.94
N PRO A 43 7.21 19.17 -11.71
CA PRO A 43 7.91 18.75 -10.51
C PRO A 43 7.37 19.43 -9.25
N ASP A 44 6.49 20.43 -9.41
CA ASP A 44 5.82 21.07 -8.30
C ASP A 44 4.66 20.21 -7.78
N GLN A 45 4.35 19.11 -8.49
CA GLN A 45 3.28 18.20 -8.13
C GLN A 45 3.83 16.98 -7.40
N PHE A 46 5.13 17.00 -7.05
CA PHE A 46 5.79 15.90 -6.38
C PHE A 46 6.63 16.42 -5.22
N PRO A 47 5.99 17.05 -4.22
CA PRO A 47 6.65 17.69 -3.08
C PRO A 47 7.64 16.80 -2.33
N ARG A 48 8.48 17.46 -1.52
CA ARG A 48 9.47 16.81 -0.67
C ARG A 48 9.22 17.20 0.79
N ASP A 49 8.09 17.88 1.05
CA ASP A 49 7.69 18.33 2.37
C ASP A 49 7.15 17.17 3.22
N VAL A 50 7.23 15.93 2.71
CA VAL A 50 6.74 14.74 3.39
C VAL A 50 7.76 13.62 3.23
N ASP A 51 7.46 12.44 3.79
CA ASP A 51 8.36 11.30 3.70
C ASP A 51 8.71 11.00 2.24
N PRO A 52 9.92 10.51 1.98
CA PRO A 52 10.39 10.13 0.66
C PRO A 52 9.69 8.84 0.21
N ARG A 53 8.57 8.50 0.84
CA ARG A 53 7.81 7.29 0.56
C ARG A 53 6.32 7.60 0.39
N LEU A 54 5.83 8.63 1.07
CA LEU A 54 4.41 8.99 1.00
C LEU A 54 4.08 9.60 -0.35
N GLY A 55 4.98 10.44 -0.89
CA GLY A 55 4.75 11.07 -2.18
C GLY A 55 4.93 10.07 -3.31
N LEU A 56 5.79 9.06 -3.10
CA LEU A 56 6.04 8.03 -4.10
C LEU A 56 4.76 7.23 -4.35
N TYR A 57 4.02 6.92 -3.29
CA TYR A 57 2.80 6.13 -3.43
C TYR A 57 1.65 7.02 -3.90
N ARG A 58 1.70 8.32 -3.60
CA ARG A 58 0.63 9.24 -3.95
C ARG A 58 0.57 9.44 -5.46
N MET A 59 1.72 9.56 -6.10
CA MET A 59 1.78 9.80 -7.53
C MET A 59 1.62 8.49 -8.31
N PHE A 60 2.08 7.38 -7.74
CA PHE A 60 1.93 6.08 -8.39
C PHE A 60 0.46 5.69 -8.44
N GLN A 61 -0.29 6.01 -7.37
CA GLN A 61 -1.71 5.76 -7.32
C GLN A 61 -2.45 6.72 -8.27
N GLY A 62 -1.84 7.88 -8.55
CA GLY A 62 -2.43 8.84 -9.48
C GLY A 62 -2.48 8.29 -10.90
N ILE A 63 -1.47 7.53 -11.32
CA ILE A 63 -1.48 6.90 -12.63
C ILE A 63 -2.45 5.73 -12.64
N TRP A 64 -2.55 5.00 -11.51
CA TRP A 64 -3.46 3.88 -11.42
C TRP A 64 -4.91 4.35 -11.51
N ALA A 65 -5.21 5.51 -10.91
CA ALA A 65 -6.54 6.08 -10.98
C ALA A 65 -6.85 6.58 -12.40
N SER A 66 -5.81 7.01 -13.13
CA SER A 66 -5.98 7.48 -14.49
C SER A 66 -6.19 6.29 -15.44
N ALA A 67 -5.64 5.12 -15.10
CA ALA A 67 -5.80 3.93 -15.90
C ALA A 67 -7.22 3.38 -15.77
N ASN A 68 -7.87 3.57 -14.62
CA ASN A 68 -9.25 3.18 -14.40
C ASN A 68 -10.20 4.25 -14.93
N ALA A 69 -9.67 5.45 -15.26
CA ALA A 69 -10.46 6.54 -15.79
C ALA A 69 -10.45 6.52 -17.32
N ASP A 70 -9.86 5.50 -17.92
CA ASP A 70 -9.77 5.35 -19.37
C ASP A 70 -10.06 3.91 -19.81
N GLY A 71 -10.35 3.03 -18.85
CA GLY A 71 -10.71 1.66 -19.14
C GLY A 71 -9.51 0.76 -19.44
N GLU A 72 -8.29 1.28 -19.29
CA GLU A 72 -7.08 0.50 -19.55
C GLU A 72 -6.94 -0.64 -18.54
N ALA A 73 -7.63 -0.52 -17.41
CA ALA A 73 -7.65 -1.53 -16.37
C ALA A 73 -8.93 -1.37 -15.53
N GLN A 74 -9.40 -2.47 -14.94
CA GLN A 74 -10.60 -2.46 -14.10
C GLN A 74 -10.52 -3.49 -12.97
N THR A 75 -9.42 -4.24 -12.88
CA THR A 75 -9.26 -5.29 -11.87
C THR A 75 -7.78 -5.64 -11.69
N SER A 76 -7.48 -6.52 -10.74
CA SER A 76 -6.13 -6.97 -10.46
C SER A 76 -6.17 -8.37 -9.84
N GLN A 77 -5.04 -9.08 -9.91
CA GLN A 77 -4.94 -10.46 -9.42
C GLN A 77 -3.45 -10.81 -9.21
N SER A 78 -3.18 -12.01 -8.71
CA SER A 78 -1.82 -12.51 -8.52
C SER A 78 -1.77 -14.00 -8.88
N ASP A 79 -0.58 -14.49 -9.25
CA ASP A 79 -0.44 -15.86 -9.74
C ASP A 79 0.95 -16.43 -9.48
N ALA A 80 1.74 -15.79 -8.61
CA ALA A 80 3.07 -16.27 -8.26
C ALA A 80 3.01 -17.67 -7.64
N GLU A 81 4.17 -18.33 -7.55
CA GLU A 81 4.24 -19.71 -7.10
C GLU A 81 3.88 -19.90 -5.63
N GLY A 82 3.75 -18.80 -4.87
CA GLY A 82 3.39 -18.91 -3.46
C GLY A 82 3.74 -17.67 -2.64
N THR A 83 3.90 -16.50 -3.27
CA THR A 83 4.31 -15.30 -2.55
C THR A 83 3.53 -14.05 -3.00
N GLU A 84 2.52 -14.23 -3.86
CA GLU A 84 1.60 -13.16 -4.23
C GLU A 84 0.19 -13.72 -4.41
N ALA A 85 0.09 -14.95 -4.94
CA ALA A 85 -1.20 -15.61 -5.08
C ALA A 85 -1.77 -15.94 -3.70
N VAL A 86 -0.90 -16.09 -2.69
CA VAL A 86 -1.31 -16.34 -1.32
C VAL A 86 -2.02 -15.11 -0.75
N ALA A 87 -1.72 -13.93 -1.30
CA ALA A 87 -2.29 -12.67 -0.84
C ALA A 87 -3.65 -12.40 -1.48
N ARG A 88 -4.10 -13.28 -2.37
CA ARG A 88 -5.43 -13.15 -2.98
C ARG A 88 -6.22 -14.45 -2.90
N ALA A 89 -5.55 -15.57 -2.63
CA ALA A 89 -6.22 -16.84 -2.39
C ALA A 89 -6.81 -16.90 -0.99
N ARG A 90 -6.61 -15.83 -0.19
CA ARG A 90 -7.07 -15.75 1.18
C ARG A 90 -7.82 -14.45 1.45
N LEU A 91 -7.82 -13.49 0.51
CA LEU A 91 -8.32 -12.14 0.75
C LEU A 91 -9.11 -11.58 -0.43
N ALA A 92 -9.49 -12.42 -1.40
CA ALA A 92 -10.22 -12.01 -2.60
C ALA A 92 -11.59 -11.36 -2.34
N ARG A 93 -11.96 -11.12 -1.09
CA ARG A 93 -13.30 -10.63 -0.77
C ARG A 93 -13.28 -9.42 0.15
N MET A 94 -12.09 -8.92 0.49
CA MET A 94 -11.94 -7.71 1.29
C MET A 94 -12.46 -6.50 0.52
N THR A 95 -12.80 -5.42 1.23
CA THR A 95 -13.31 -4.20 0.62
C THR A 95 -12.26 -3.64 -0.36
N PRO A 96 -12.70 -3.16 -1.54
CA PRO A 96 -11.84 -2.61 -2.59
C PRO A 96 -10.85 -1.53 -2.17
N LEU A 97 -10.93 -1.03 -0.93
CA LEU A 97 -10.02 0.03 -0.47
C LEU A 97 -9.42 -0.30 0.90
N SER A 98 -10.06 -1.17 1.68
CA SER A 98 -9.49 -1.60 2.94
C SER A 98 -8.23 -2.43 2.69
N ARG A 99 -8.07 -2.96 1.47
CA ARG A 99 -6.87 -3.68 1.07
C ARG A 99 -5.67 -2.73 1.04
N GLN A 100 -5.89 -1.47 0.68
CA GLN A 100 -4.82 -0.49 0.66
C GLN A 100 -4.58 0.05 2.08
N ALA A 101 -5.65 0.18 2.88
CA ALA A 101 -5.49 0.61 4.26
C ALA A 101 -4.72 -0.43 5.05
N LEU A 102 -4.88 -1.71 4.68
CA LEU A 102 -4.19 -2.81 5.33
C LEU A 102 -2.69 -2.76 5.05
N LEU A 103 -2.30 -2.55 3.79
CA LEU A 103 -0.87 -2.52 3.46
C LEU A 103 -0.22 -1.21 3.93
N LEU A 104 -1.02 -0.25 4.42
CA LEU A 104 -0.51 1.00 4.97
C LEU A 104 -0.44 0.98 6.49
N THR A 105 -0.95 -0.08 7.14
CA THR A 105 -0.96 -0.15 8.60
C THR A 105 -0.52 -1.53 9.11
N ALA A 106 -0.10 -2.42 8.22
CA ALA A 106 0.43 -3.72 8.60
C ALA A 106 1.60 -4.14 7.71
N MET A 107 2.08 -3.22 6.85
CA MET A 107 3.21 -3.48 5.95
C MET A 107 4.11 -2.26 5.81
N GLU A 108 3.82 -1.17 6.52
CA GLU A 108 4.66 0.02 6.45
C GLU A 108 4.65 0.82 7.75
N GLY A 109 3.66 0.58 8.63
CA GLY A 109 3.60 1.21 9.93
C GLY A 109 3.24 2.69 9.88
N PHE A 110 2.80 3.20 8.72
CA PHE A 110 2.42 4.61 8.62
C PHE A 110 1.28 4.92 9.58
N SER A 111 1.24 6.15 10.08
CA SER A 111 0.16 6.60 10.95
C SER A 111 -1.12 6.74 10.13
N PRO A 112 -2.29 6.58 10.76
CA PRO A 112 -3.58 6.74 10.10
C PRO A 112 -3.73 8.07 9.37
N GLU A 113 -2.97 9.09 9.79
CA GLU A 113 -3.04 10.41 9.18
C GLU A 113 -2.38 10.44 7.80
N ASP A 114 -1.32 9.66 7.61
CA ASP A 114 -0.62 9.62 6.34
C ASP A 114 -1.37 8.73 5.35
N ALA A 115 -1.94 7.62 5.85
CA ALA A 115 -2.73 6.74 5.04
C ALA A 115 -4.05 7.41 4.62
N ALA A 116 -4.52 8.40 5.39
CA ALA A 116 -5.74 9.12 5.07
C ALA A 116 -5.51 10.07 3.89
N TYR A 117 -4.34 10.71 3.86
CA TYR A 117 -3.95 11.57 2.76
C TYR A 117 -3.75 10.76 1.49
N LEU A 118 -3.41 9.48 1.63
CA LEU A 118 -3.09 8.62 0.50
C LEU A 118 -4.35 8.01 -0.15
N ILE A 119 -5.53 8.22 0.44
CA ILE A 119 -6.78 7.74 -0.15
C ILE A 119 -7.88 8.82 -0.09
N GLU A 120 -7.49 10.06 0.23
CA GLU A 120 -8.38 11.22 0.25
C GLU A 120 -9.60 11.04 1.17
N VAL A 121 -9.36 10.68 2.44
CA VAL A 121 -10.40 10.56 3.45
C VAL A 121 -9.95 11.20 4.76
N ASP A 122 -10.81 11.18 5.78
CA ASP A 122 -10.48 11.70 7.09
C ASP A 122 -9.66 10.68 7.86
N THR A 123 -8.90 11.11 8.86
CA THR A 123 -8.10 10.20 9.67
C THR A 123 -8.99 9.19 10.38
N SER A 124 -10.19 9.60 10.79
CA SER A 124 -11.12 8.70 11.46
C SER A 124 -11.71 7.68 10.51
N GLU A 125 -11.70 7.95 9.20
CA GLU A 125 -12.17 6.97 8.23
C GLU A 125 -11.15 5.85 8.09
N VAL A 126 -9.86 6.18 8.15
CA VAL A 126 -8.82 5.15 8.07
C VAL A 126 -8.94 4.22 9.27
N GLU A 127 -9.25 4.77 10.44
CA GLU A 127 -9.44 3.95 11.64
C GLU A 127 -10.59 2.97 11.45
N THR A 128 -11.60 3.38 10.68
CA THR A 128 -12.73 2.52 10.37
C THR A 128 -12.36 1.50 9.30
N LEU A 129 -11.58 1.90 8.30
CA LEU A 129 -11.19 1.00 7.22
C LEU A 129 -10.29 -0.13 7.74
N VAL A 130 -9.41 0.13 8.71
CA VAL A 130 -8.58 -0.92 9.26
C VAL A 130 -9.38 -1.81 10.20
N THR A 131 -10.43 -1.27 10.83
CA THR A 131 -11.29 -2.06 11.69
C THR A 131 -12.07 -3.07 10.85
N GLU A 132 -12.45 -2.68 9.63
CA GLU A 132 -13.14 -3.58 8.72
C GLU A 132 -12.15 -4.49 8.01
N ALA A 133 -10.89 -4.06 7.88
CA ALA A 133 -9.87 -4.89 7.25
C ALA A 133 -9.55 -6.09 8.13
N LEU A 134 -9.33 -5.86 9.42
CA LEU A 134 -9.04 -6.94 10.36
C LEU A 134 -10.27 -7.80 10.61
N ALA A 135 -11.47 -7.24 10.38
CA ALA A 135 -12.70 -8.02 10.51
C ALA A 135 -12.81 -9.00 9.34
N GLU A 136 -12.39 -8.59 8.14
CA GLU A 136 -12.39 -9.47 6.97
C GLU A 136 -11.28 -10.52 7.10
N ILE A 137 -10.22 -10.21 7.85
CA ILE A 137 -9.16 -11.18 8.11
C ILE A 137 -9.69 -12.24 9.08
N GLU A 138 -10.20 -11.80 10.24
CA GLU A 138 -10.64 -12.71 11.29
C GLU A 138 -11.79 -13.61 10.81
N LYS A 139 -12.50 -13.18 9.76
CA LYS A 139 -13.65 -13.90 9.25
C LYS A 139 -13.29 -15.19 8.52
N GLN A 140 -12.07 -15.31 7.97
CA GLN A 140 -11.78 -16.43 7.08
C GLN A 140 -10.31 -16.84 6.99
N THR A 141 -9.40 -15.91 6.70
CA THR A 141 -7.98 -16.17 6.41
C THR A 141 -7.68 -17.31 5.42
N ARG A 142 -8.66 -17.94 4.76
CA ARG A 142 -8.33 -19.01 3.80
C ARG A 142 -9.41 -19.24 2.73
N ALA A 143 -10.41 -18.37 2.65
CA ALA A 143 -11.53 -18.58 1.74
C ALA A 143 -12.01 -17.27 1.12
N LEU A 144 -12.96 -17.40 0.19
CA LEU A 144 -13.59 -16.26 -0.50
C LEU A 144 -15.04 -16.59 -0.86
N GLU A 145 -15.54 -17.73 -0.37
CA GLU A 145 -16.90 -18.20 -0.63
C GLU A 145 -17.49 -18.82 0.64
N LEU A 146 -16.94 -18.45 1.81
CA LEU A 146 -17.38 -18.97 3.09
C LEU A 146 -18.87 -18.71 3.31
N VAL A 147 -19.51 -19.52 4.16
CA VAL A 147 -20.93 -19.44 4.43
C VAL A 147 -21.19 -19.71 5.91
N PRO A 148 -22.35 -19.26 6.43
CA PRO A 148 -22.77 -19.51 7.80
C PRO A 148 -23.11 -20.99 8.01
N ARG A 149 -23.53 -21.34 9.23
CA ARG A 149 -23.84 -22.71 9.61
C ARG A 149 -25.11 -22.78 10.47
N GLY A 150 -25.89 -21.69 10.47
CA GLY A 150 -27.11 -21.60 11.25
C GLY A 150 -27.91 -20.35 10.87
N SER A 151 -29.00 -20.09 11.59
CA SER A 151 -29.88 -18.97 11.32
C SER A 151 -30.42 -18.39 12.63
N HIS A 152 -31.16 -17.28 12.55
CA HIS A 152 -31.71 -16.61 13.70
C HIS A 152 -33.03 -15.92 13.34
N HIS A 153 -33.84 -15.60 14.36
CA HIS A 153 -35.15 -15.00 14.17
C HIS A 153 -35.48 -14.06 15.33
N HIS A 154 -36.63 -13.37 15.24
CA HIS A 154 -37.07 -12.42 16.25
C HIS A 154 -38.56 -12.60 16.54
N HIS A 155 -39.19 -13.62 15.97
CA HIS A 155 -40.60 -13.92 16.16
C HIS A 155 -40.84 -15.41 15.89
N HIS A 156 -41.86 -16.00 16.52
CA HIS A 156 -42.18 -17.40 16.33
C HIS A 156 -43.64 -17.73 16.68
N HIS A 157 -44.40 -16.75 17.20
CA HIS A 157 -45.78 -16.96 17.60
C HIS A 157 -46.55 -15.65 17.57
N MET B 1 7.43 23.83 25.12
CA MET B 1 7.83 25.25 25.06
C MET B 1 7.97 25.70 23.61
N LEU B 2 9.00 25.24 22.90
CA LEU B 2 9.21 25.57 21.49
C LEU B 2 8.19 24.85 20.60
N ASP B 3 7.34 24.01 21.21
CA ASP B 3 6.33 23.23 20.51
C ASP B 3 5.14 22.98 21.42
N LEU B 4 4.07 22.38 20.89
CA LEU B 4 2.85 22.11 21.63
C LEU B 4 2.30 20.73 21.25
N PRO B 5 1.44 20.15 22.10
CA PRO B 5 0.78 18.87 21.88
C PRO B 5 0.02 18.77 20.55
N GLY B 6 -0.43 17.56 20.24
CA GLY B 6 -1.18 17.27 19.02
C GLY B 6 -2.32 16.29 19.28
N ASN B 7 -2.51 15.91 20.55
CA ASN B 7 -3.58 15.01 20.98
C ASN B 7 -4.91 15.75 21.06
N LYS B 8 -5.12 16.72 20.17
CA LYS B 8 -6.29 17.59 20.17
C LYS B 8 -6.88 17.76 18.77
N ASP B 9 -6.21 17.20 17.76
CA ASP B 9 -6.67 17.24 16.38
C ASP B 9 -6.03 16.11 15.58
N LYS B 10 -6.35 16.02 14.29
CA LYS B 10 -5.81 14.99 13.41
C LYS B 10 -5.52 15.56 12.02
N LYS B 11 -5.55 16.89 11.88
CA LYS B 11 -5.40 17.55 10.58
C LYS B 11 -4.62 18.87 10.68
N ALA B 12 -4.04 19.18 11.84
CA ALA B 12 -3.33 20.43 12.04
C ALA B 12 -2.11 20.27 12.95
N SER B 13 -1.74 19.04 13.28
CA SER B 13 -0.59 18.76 14.14
C SER B 13 -0.04 17.36 13.85
N SER B 14 0.86 16.87 14.72
CA SER B 14 1.49 15.57 14.57
C SER B 14 1.60 14.89 15.93
N LYS B 15 2.00 13.62 15.95
CA LYS B 15 2.04 12.82 17.17
C LYS B 15 3.29 11.94 17.25
N LYS B 16 4.06 11.85 16.16
CA LYS B 16 5.27 11.03 16.09
C LYS B 16 5.06 9.65 16.71
N SER B 17 3.93 9.01 16.39
CA SER B 17 3.52 7.76 17.00
C SER B 17 3.05 6.75 15.94
N PRO B 18 3.94 6.36 15.01
CA PRO B 18 3.65 5.38 13.97
C PRO B 18 3.48 3.98 14.58
N ALA B 19 3.31 2.97 13.71
CA ALA B 19 3.09 1.59 14.11
C ALA B 19 1.89 1.42 15.04
N LYS B 20 0.96 2.39 15.02
CA LYS B 20 -0.22 2.38 15.86
C LYS B 20 -1.28 1.39 15.35
N VAL B 21 -0.93 0.11 15.36
CA VAL B 21 -1.82 -0.97 14.94
C VAL B 21 -3.10 -1.03 15.78
N GLN B 22 -3.99 -1.96 15.45
CA GLN B 22 -5.30 -2.07 16.08
C GLN B 22 -5.61 -3.51 16.49
N SER B 23 -4.61 -4.40 16.46
CA SER B 23 -4.77 -5.80 16.82
C SER B 23 -3.48 -6.35 17.42
N LYS B 24 -3.57 -7.52 18.06
CA LYS B 24 -2.45 -8.17 18.74
C LYS B 24 -2.59 -9.68 18.66
N ASP B 25 -1.66 -10.40 19.32
CA ASP B 25 -1.62 -11.85 19.36
C ASP B 25 -1.59 -12.47 17.96
N ARG B 26 -1.10 -11.72 16.96
CA ARG B 26 -1.02 -12.18 15.59
C ARG B 26 0.16 -11.53 14.87
N ASP B 27 0.42 -11.99 13.64
CA ASP B 27 1.57 -11.54 12.85
C ASP B 27 1.23 -11.47 11.36
N MET B 28 -0.07 -11.43 11.03
CA MET B 28 -0.53 -11.41 9.64
C MET B 28 0.10 -10.26 8.84
N GLY B 29 0.49 -9.18 9.50
CA GLY B 29 1.12 -8.06 8.81
C GLY B 29 2.53 -8.42 8.35
N ALA B 30 3.27 -9.14 9.21
CA ALA B 30 4.61 -9.58 8.88
C ALA B 30 4.57 -10.67 7.81
N ALA B 31 3.43 -11.35 7.65
CA ALA B 31 3.29 -12.39 6.65
C ALA B 31 3.19 -11.77 5.26
N LEU B 32 2.51 -10.63 5.16
CA LEU B 32 2.38 -9.90 3.91
C LEU B 32 3.66 -9.13 3.61
N ARG B 33 4.27 -8.52 4.64
CA ARG B 33 5.50 -7.75 4.45
C ARG B 33 6.65 -8.67 4.03
N SER B 34 6.69 -9.91 4.54
CA SER B 34 7.73 -10.85 4.18
C SER B 34 7.57 -11.33 2.75
N ALA B 35 6.32 -11.53 2.31
CA ALA B 35 6.03 -11.98 0.96
C ALA B 35 6.40 -10.91 -0.07
N TYR B 36 6.44 -9.65 0.35
CA TYR B 36 6.78 -8.55 -0.54
C TYR B 36 8.20 -8.03 -0.28
N GLN B 37 8.84 -8.46 0.82
CA GLN B 37 10.24 -8.16 1.05
C GLN B 37 11.07 -8.87 -0.01
N LYS B 38 10.66 -10.08 -0.38
CA LYS B 38 11.32 -10.84 -1.43
C LYS B 38 11.26 -10.10 -2.77
N THR B 39 10.14 -9.41 -3.03
CA THR B 39 9.94 -8.64 -4.25
C THR B 39 10.89 -7.45 -4.35
N ILE B 40 11.60 -7.10 -3.26
CA ILE B 40 12.46 -5.92 -3.23
C ILE B 40 13.86 -6.28 -2.71
N GLU B 41 14.17 -7.59 -2.62
CA GLU B 41 15.45 -8.07 -2.11
C GLU B 41 16.58 -7.90 -3.13
N GLU B 42 16.45 -6.96 -4.07
CA GLU B 42 17.41 -6.79 -5.14
C GLU B 42 17.63 -5.30 -5.48
N GLN B 43 18.48 -5.05 -6.48
CA GLN B 43 18.85 -3.71 -6.92
C GLN B 43 17.65 -2.93 -7.49
N VAL B 44 17.92 -1.71 -7.96
CA VAL B 44 16.90 -0.80 -8.45
C VAL B 44 17.34 -0.18 -9.78
N PRO B 45 16.39 0.30 -10.60
CA PRO B 45 16.69 0.96 -11.86
C PRO B 45 17.17 2.38 -11.61
N ASP B 46 17.50 3.10 -12.69
CA ASP B 46 17.93 4.49 -12.60
C ASP B 46 17.46 5.30 -13.82
N GLU B 47 16.78 4.66 -14.76
CA GLU B 47 16.30 5.32 -15.97
C GLU B 47 15.31 6.44 -15.65
N MET B 48 14.63 6.34 -14.50
CA MET B 48 13.65 7.34 -14.10
C MET B 48 14.33 8.64 -13.66
N LEU B 49 15.55 8.54 -13.12
CA LEU B 49 16.29 9.73 -12.75
C LEU B 49 17.08 10.25 -13.95
N ASP B 50 17.22 9.44 -15.01
CA ASP B 50 17.80 9.91 -16.24
C ASP B 50 16.82 10.85 -16.94
N LEU B 51 15.53 10.76 -16.60
CA LEU B 51 14.53 11.68 -17.10
C LEU B 51 14.69 13.04 -16.43
N LEU B 52 15.24 13.06 -15.21
CA LEU B 52 15.48 14.31 -14.52
C LEU B 52 16.72 15.01 -15.06
N ASN B 53 17.56 14.31 -15.84
CA ASN B 53 18.68 14.94 -16.51
C ASN B 53 18.22 15.87 -17.64
N LYS B 54 16.93 16.24 -17.61
CA LYS B 54 16.32 17.17 -18.56
C LYS B 54 15.82 18.43 -17.85
N LEU B 55 15.92 18.48 -16.51
CA LEU B 55 15.46 19.63 -15.74
C LEU B 55 16.12 19.74 -14.36
N ALA B 56 17.03 18.81 -14.02
CA ALA B 56 17.71 18.80 -12.74
C ALA B 56 19.21 18.53 -12.90
N LEU B 57 19.76 18.84 -14.08
CA LEU B 57 21.16 18.64 -14.39
C LEU B 57 21.67 19.83 -15.19
N GLU B 58 22.84 20.36 -14.81
CA GLU B 58 23.44 21.53 -15.45
C GLU B 58 24.96 21.45 -15.36
N LEU B 59 25.65 22.30 -16.11
CA LEU B 59 27.11 22.29 -16.23
C LEU B 59 27.71 23.70 -16.26
N VAL B 60 26.92 24.71 -15.88
CA VAL B 60 27.34 26.10 -15.91
C VAL B 60 26.85 26.81 -14.64
N PRO B 61 27.70 27.62 -14.00
CA PRO B 61 27.35 28.30 -12.77
C PRO B 61 26.34 29.41 -13.01
N ARG B 62 25.66 29.83 -11.94
CA ARG B 62 24.64 30.87 -11.98
C ARG B 62 24.42 31.46 -10.58
N MET A 1 15.70 19.99 -7.69
CA MET A 1 16.94 19.22 -7.91
C MET A 1 17.13 18.19 -6.81
N SER A 2 18.17 17.35 -6.93
CA SER A 2 18.51 16.31 -5.96
C SER A 2 17.34 15.40 -5.61
N LEU A 3 16.31 15.34 -6.47
CA LEU A 3 15.15 14.48 -6.24
C LEU A 3 15.57 13.00 -6.23
N GLY A 4 16.65 12.67 -6.94
CA GLY A 4 17.12 11.30 -7.03
C GLY A 4 17.79 10.82 -5.74
N GLN A 5 18.22 11.76 -4.88
CA GLN A 5 18.87 11.41 -3.63
C GLN A 5 17.87 10.88 -2.60
N GLN A 6 16.58 10.87 -2.94
CA GLN A 6 15.52 10.38 -2.05
C GLN A 6 14.56 9.46 -2.80
N LEU A 7 14.50 9.57 -4.14
CA LEU A 7 13.69 8.67 -4.95
C LEU A 7 14.35 7.29 -5.07
N ALA A 8 15.69 7.26 -5.18
CA ALA A 8 16.46 6.05 -5.44
C ALA A 8 16.22 4.91 -4.44
N PRO A 9 16.23 5.16 -3.12
CA PRO A 9 16.08 4.09 -2.13
C PRO A 9 14.65 3.55 -2.05
N HIS A 10 13.71 4.12 -2.80
CA HIS A 10 12.30 3.78 -2.70
C HIS A 10 11.69 3.45 -4.07
N LEU A 11 12.52 3.31 -5.11
CA LEU A 11 12.04 3.01 -6.45
C LEU A 11 11.19 1.73 -6.54
N PRO A 12 11.61 0.61 -5.93
CA PRO A 12 10.94 -0.66 -6.12
C PRO A 12 9.69 -0.81 -5.24
N PHE A 13 9.48 0.11 -4.30
CA PHE A 13 8.33 0.01 -3.40
C PHE A 13 7.03 0.08 -4.17
N LEU A 14 7.00 0.84 -5.27
CA LEU A 14 5.80 1.01 -6.06
C LEU A 14 5.46 -0.26 -6.84
N ARG A 15 6.42 -1.17 -7.00
CA ARG A 15 6.19 -2.41 -7.72
C ARG A 15 5.94 -3.55 -6.75
N ARG A 16 6.36 -3.41 -5.48
CA ARG A 16 6.17 -4.45 -4.48
C ARG A 16 4.68 -4.72 -4.26
N TYR A 17 3.84 -3.74 -4.61
CA TYR A 17 2.39 -3.89 -4.55
C TYR A 17 1.75 -3.45 -5.86
N GLY A 18 2.49 -2.75 -6.73
CA GLY A 18 1.98 -2.33 -8.01
C GLY A 18 1.58 -3.53 -8.86
N ARG A 19 2.26 -4.67 -8.68
CA ARG A 19 1.90 -5.89 -9.38
C ARG A 19 0.56 -6.44 -8.89
N ALA A 20 0.13 -6.02 -7.70
CA ALA A 20 -1.07 -6.51 -7.05
C ALA A 20 -2.26 -5.55 -7.21
N LEU A 21 -2.09 -4.45 -7.97
CA LEU A 21 -3.16 -3.49 -8.22
C LEU A 21 -3.66 -3.51 -9.66
N THR A 22 -3.19 -4.45 -10.49
CA THR A 22 -3.58 -4.48 -11.90
C THR A 22 -3.48 -5.87 -12.52
N GLY A 23 -2.70 -6.79 -11.95
CA GLY A 23 -2.67 -8.17 -12.41
C GLY A 23 -1.45 -8.50 -13.27
N SER A 24 -0.52 -7.56 -13.46
CA SER A 24 0.66 -7.81 -14.28
C SER A 24 1.81 -6.91 -13.87
N GLN A 25 3.04 -7.42 -13.98
CA GLN A 25 4.23 -6.64 -13.70
C GLN A 25 4.56 -5.72 -14.87
N ASN A 26 4.00 -5.99 -16.05
CA ASN A 26 4.19 -5.12 -17.20
C ASN A 26 3.44 -3.81 -16.99
N GLN A 27 2.31 -3.89 -16.27
CA GLN A 27 1.52 -2.72 -15.93
C GLN A 27 2.10 -2.02 -14.70
N GLY A 28 2.69 -2.78 -13.77
CA GLY A 28 3.29 -2.21 -12.58
C GLY A 28 4.53 -1.41 -12.95
N ASP A 29 5.34 -1.93 -13.89
CA ASP A 29 6.54 -1.24 -14.34
C ASP A 29 6.16 -0.06 -15.25
N LYS A 30 5.03 -0.16 -15.94
CA LYS A 30 4.54 0.92 -16.79
C LYS A 30 4.08 2.09 -15.92
N TYR A 31 3.38 1.81 -14.83
CA TYR A 31 2.85 2.87 -13.97
C TYR A 31 3.96 3.67 -13.32
N VAL A 32 5.03 3.02 -12.84
CA VAL A 32 6.08 3.76 -12.14
C VAL A 32 6.83 4.69 -13.10
N ARG A 33 7.10 4.22 -14.33
CA ARG A 33 7.84 5.03 -15.27
C ARG A 33 6.96 6.10 -15.87
N ALA A 34 5.65 5.83 -15.99
CA ALA A 34 4.69 6.81 -16.45
C ALA A 34 4.45 7.87 -15.36
N THR A 35 4.64 7.49 -14.09
CA THR A 35 4.49 8.43 -12.98
C THR A 35 5.55 9.51 -13.06
N LEU A 36 6.80 9.15 -13.41
CA LEU A 36 7.89 10.11 -13.40
C LEU A 36 7.87 10.97 -14.66
N GLU A 37 7.59 10.39 -15.82
CA GLU A 37 7.60 11.16 -17.06
C GLU A 37 6.48 12.22 -17.03
N ALA A 38 5.44 11.97 -16.24
CA ALA A 38 4.34 12.92 -16.05
C ALA A 38 4.76 14.07 -15.13
N ILE A 39 5.99 14.04 -14.62
CA ILE A 39 6.53 15.04 -13.70
C ILE A 39 7.72 15.74 -14.35
N VAL A 40 8.29 15.16 -15.42
CA VAL A 40 9.38 15.76 -16.17
C VAL A 40 8.95 17.10 -16.82
N ALA A 41 7.65 17.40 -16.78
CA ALA A 41 7.10 18.63 -17.33
C ALA A 41 6.36 19.42 -16.25
N ALA A 42 6.33 18.90 -15.02
CA ALA A 42 5.60 19.50 -13.91
C ALA A 42 6.19 19.05 -12.57
N PRO A 43 7.49 19.29 -12.32
CA PRO A 43 8.15 18.86 -11.10
C PRO A 43 7.60 19.57 -9.87
N ASP A 44 6.78 20.61 -10.05
CA ASP A 44 6.11 21.28 -8.96
C ASP A 44 5.00 20.39 -8.36
N GLN A 45 4.58 19.37 -9.10
CA GLN A 45 3.56 18.42 -8.65
C GLN A 45 4.16 17.34 -7.78
N PHE A 46 5.48 17.39 -7.54
CA PHE A 46 6.18 16.37 -6.77
C PHE A 46 7.08 17.06 -5.73
N PRO A 47 6.47 17.70 -4.72
CA PRO A 47 7.14 18.52 -3.72
C PRO A 47 8.01 17.68 -2.78
N ARG A 48 8.68 18.38 -1.86
CA ARG A 48 9.62 17.78 -0.93
C ARG A 48 9.22 18.11 0.51
N ASP A 49 8.04 18.73 0.66
CA ASP A 49 7.48 19.13 1.95
C ASP A 49 6.86 17.94 2.69
N VAL A 50 7.07 16.72 2.21
CA VAL A 50 6.51 15.51 2.79
C VAL A 50 7.60 14.42 2.86
N ASP A 51 7.28 13.31 3.52
CA ASP A 51 8.21 12.20 3.68
C ASP A 51 8.62 11.66 2.30
N PRO A 52 9.82 11.09 2.20
CA PRO A 52 10.37 10.54 0.97
C PRO A 52 9.65 9.25 0.54
N ARG A 53 8.50 8.96 1.16
CA ARG A 53 7.72 7.76 0.86
C ARG A 53 6.25 8.11 0.65
N LEU A 54 5.79 9.21 1.24
CA LEU A 54 4.40 9.64 1.07
C LEU A 54 4.21 10.25 -0.32
N GLY A 55 5.22 10.96 -0.82
CA GLY A 55 5.14 11.57 -2.14
C GLY A 55 5.28 10.51 -3.22
N LEU A 56 6.00 9.43 -2.92
CA LEU A 56 6.20 8.32 -3.84
C LEU A 56 4.86 7.66 -4.16
N TYR A 57 4.05 7.40 -3.13
CA TYR A 57 2.80 6.69 -3.30
C TYR A 57 1.69 7.61 -3.83
N ARG A 58 1.77 8.91 -3.54
CA ARG A 58 0.77 9.86 -4.00
C ARG A 58 0.77 9.97 -5.52
N MET A 59 1.96 10.05 -6.14
CA MET A 59 2.05 10.19 -7.58
C MET A 59 1.72 8.86 -8.26
N PHE A 60 2.06 7.73 -7.62
CA PHE A 60 1.75 6.42 -8.17
C PHE A 60 0.24 6.17 -8.12
N GLN A 61 -0.43 6.66 -7.07
CA GLN A 61 -1.88 6.54 -6.93
C GLN A 61 -2.57 7.38 -8.00
N GLY A 62 -1.90 8.44 -8.49
CA GLY A 62 -2.46 9.31 -9.51
C GLY A 62 -2.54 8.61 -10.87
N ILE A 63 -1.51 7.82 -11.21
CA ILE A 63 -1.54 7.08 -12.48
C ILE A 63 -2.51 5.91 -12.38
N TRP A 64 -2.61 5.28 -11.20
CA TRP A 64 -3.52 4.17 -11.01
C TRP A 64 -4.97 4.64 -11.13
N ALA A 65 -5.25 5.88 -10.71
CA ALA A 65 -6.60 6.45 -10.86
C ALA A 65 -6.87 6.75 -12.33
N SER A 66 -5.83 7.15 -13.08
CA SER A 66 -5.98 7.42 -14.50
C SER A 66 -6.20 6.12 -15.27
N ALA A 67 -5.72 4.99 -14.71
CA ALA A 67 -5.91 3.69 -15.31
C ALA A 67 -7.32 3.17 -15.03
N ASN A 68 -7.88 3.49 -13.85
CA ASN A 68 -9.26 3.14 -13.53
C ASN A 68 -10.22 4.02 -14.34
N ALA A 69 -9.77 5.19 -14.77
CA ALA A 69 -10.56 6.11 -15.56
C ALA A 69 -10.66 5.65 -17.02
N ASP A 70 -10.04 4.52 -17.36
CA ASP A 70 -10.08 3.96 -18.71
C ASP A 70 -10.39 2.47 -18.69
N GLY A 71 -10.56 1.88 -17.50
CA GLY A 71 -10.90 0.48 -17.35
C GLY A 71 -9.67 -0.43 -17.25
N GLU A 72 -8.48 0.14 -17.40
CA GLU A 72 -7.23 -0.61 -17.45
C GLU A 72 -6.81 -1.12 -16.06
N ALA A 73 -7.51 -0.73 -15.00
CA ALA A 73 -7.13 -1.12 -13.65
C ALA A 73 -8.33 -1.30 -12.71
N GLN A 74 -9.52 -1.55 -13.27
CA GLN A 74 -10.72 -1.77 -12.48
C GLN A 74 -10.74 -3.20 -11.90
N THR A 75 -9.68 -3.97 -12.13
CA THR A 75 -9.55 -5.33 -11.63
C THR A 75 -8.07 -5.67 -11.45
N SER A 76 -7.77 -6.79 -10.78
CA SER A 76 -6.40 -7.19 -10.50
C SER A 76 -6.31 -8.69 -10.28
N GLN A 77 -5.08 -9.21 -10.23
CA GLN A 77 -4.78 -10.62 -10.05
C GLN A 77 -3.37 -10.76 -9.51
N SER A 78 -3.01 -11.96 -9.04
CA SER A 78 -1.65 -12.27 -8.63
C SER A 78 -0.72 -12.31 -9.85
N ASP A 79 0.58 -12.38 -9.58
CA ASP A 79 1.62 -12.47 -10.61
C ASP A 79 2.73 -13.42 -10.12
N ALA A 80 2.36 -14.30 -9.20
CA ALA A 80 3.27 -15.23 -8.54
C ALA A 80 2.52 -16.51 -8.17
N GLU A 81 3.18 -17.42 -7.45
CA GLU A 81 2.60 -18.68 -7.03
C GLU A 81 2.82 -18.92 -5.53
N GLY A 82 3.28 -17.88 -4.81
CA GLY A 82 3.53 -17.98 -3.38
C GLY A 82 3.79 -16.63 -2.72
N THR A 83 3.51 -15.51 -3.41
CA THR A 83 3.76 -14.20 -2.86
C THR A 83 2.64 -13.19 -3.15
N GLU A 84 1.76 -13.51 -4.11
CA GLU A 84 0.63 -12.65 -4.45
C GLU A 84 -0.61 -13.49 -4.65
N ALA A 85 -0.44 -14.74 -5.11
CA ALA A 85 -1.55 -15.68 -5.17
C ALA A 85 -2.03 -15.98 -3.76
N VAL A 86 -1.14 -15.90 -2.77
CA VAL A 86 -1.48 -16.10 -1.38
C VAL A 86 -2.43 -15.00 -0.90
N ALA A 87 -2.23 -13.78 -1.41
CA ALA A 87 -2.95 -12.60 -0.98
C ALA A 87 -4.25 -12.40 -1.74
N ARG A 88 -4.59 -13.31 -2.67
CA ARG A 88 -5.85 -13.24 -3.39
C ARG A 88 -6.59 -14.57 -3.37
N ALA A 89 -5.90 -15.67 -3.07
CA ALA A 89 -6.54 -16.99 -2.97
C ALA A 89 -7.39 -17.08 -1.70
N ARG A 90 -7.22 -16.15 -0.76
CA ARG A 90 -8.00 -16.14 0.48
C ARG A 90 -8.60 -14.78 0.79
N LEU A 91 -8.46 -13.80 -0.12
CA LEU A 91 -8.95 -12.43 0.08
C LEU A 91 -9.60 -11.85 -1.17
N ALA A 92 -9.99 -12.71 -2.12
CA ALA A 92 -10.64 -12.31 -3.37
C ALA A 92 -11.96 -11.55 -3.18
N ARG A 93 -12.34 -11.22 -1.95
CA ARG A 93 -13.59 -10.52 -1.66
C ARG A 93 -13.38 -9.32 -0.75
N MET A 94 -12.12 -8.97 -0.47
CA MET A 94 -11.78 -7.80 0.33
C MET A 94 -12.26 -6.54 -0.41
N THR A 95 -12.59 -5.48 0.34
CA THR A 95 -13.08 -4.24 -0.25
C THR A 95 -11.96 -3.62 -1.11
N PRO A 96 -12.29 -3.07 -2.28
CA PRO A 96 -11.34 -2.43 -3.19
C PRO A 96 -10.45 -1.35 -2.58
N LEU A 97 -10.62 -1.00 -1.30
CA LEU A 97 -9.80 0.03 -0.67
C LEU A 97 -9.32 -0.38 0.72
N SER A 98 -10.02 -1.29 1.41
CA SER A 98 -9.51 -1.79 2.68
C SER A 98 -8.29 -2.67 2.43
N ARG A 99 -8.17 -3.19 1.21
CA ARG A 99 -7.00 -3.93 0.79
C ARG A 99 -5.79 -3.01 0.70
N GLN A 100 -5.98 -1.77 0.26
CA GLN A 100 -4.90 -0.81 0.20
C GLN A 100 -4.57 -0.34 1.62
N ALA A 101 -5.60 -0.20 2.46
CA ALA A 101 -5.40 0.20 3.84
C ALA A 101 -4.62 -0.87 4.61
N LEU A 102 -4.79 -2.15 4.26
CA LEU A 102 -4.07 -3.24 4.90
C LEU A 102 -2.58 -3.11 4.63
N LEU A 103 -2.20 -2.87 3.37
CA LEU A 103 -0.79 -2.71 3.03
C LEU A 103 -0.24 -1.37 3.53
N LEU A 104 -1.13 -0.47 3.97
CA LEU A 104 -0.74 0.87 4.40
C LEU A 104 -0.59 0.99 5.93
N THR A 105 -0.95 -0.05 6.68
CA THR A 105 -0.90 0.02 8.14
C THR A 105 -0.42 -1.28 8.79
N ALA A 106 -0.08 -2.31 7.99
CA ALA A 106 0.42 -3.57 8.54
C ALA A 106 1.75 -3.97 7.90
N MET A 107 2.27 -3.16 6.97
CA MET A 107 3.55 -3.42 6.33
C MET A 107 4.19 -2.15 5.80
N GLU A 108 3.81 -0.98 6.33
CA GLU A 108 4.39 0.29 5.90
C GLU A 108 4.48 1.29 7.05
N GLY A 109 3.66 1.13 8.09
CA GLY A 109 3.79 1.89 9.33
C GLY A 109 3.33 3.34 9.25
N PHE A 110 2.70 3.77 8.15
CA PHE A 110 2.22 5.14 8.02
C PHE A 110 1.18 5.44 9.11
N SER A 111 1.17 6.69 9.60
CA SER A 111 0.20 7.11 10.59
C SER A 111 -1.19 7.21 9.96
N PRO A 112 -2.26 7.05 10.75
CA PRO A 112 -3.63 7.12 10.27
C PRO A 112 -3.95 8.40 9.51
N GLU A 113 -3.24 9.51 9.79
CA GLU A 113 -3.51 10.77 9.13
C GLU A 113 -2.90 10.82 7.73
N ASP A 114 -1.69 10.27 7.57
CA ASP A 114 -1.02 10.25 6.27
C ASP A 114 -1.62 9.14 5.40
N ALA A 115 -2.07 8.06 6.05
CA ALA A 115 -2.72 6.96 5.36
C ALA A 115 -4.09 7.38 4.83
N ALA A 116 -4.72 8.38 5.46
CA ALA A 116 -6.02 8.88 5.03
C ALA A 116 -5.87 9.83 3.84
N TYR A 117 -4.76 10.57 3.81
CA TYR A 117 -4.46 11.48 2.72
C TYR A 117 -4.11 10.69 1.45
N LEU A 118 -3.59 9.47 1.61
CA LEU A 118 -3.17 8.65 0.49
C LEU A 118 -4.36 8.00 -0.24
N ILE A 119 -5.58 8.11 0.31
CA ILE A 119 -6.78 7.55 -0.31
C ILE A 119 -7.95 8.52 -0.24
N GLU A 120 -7.68 9.79 0.08
CA GLU A 120 -8.67 10.86 0.13
C GLU A 120 -9.87 10.54 1.04
N VAL A 121 -9.61 10.22 2.31
CA VAL A 121 -10.65 9.99 3.31
C VAL A 121 -10.29 10.68 4.62
N ASP A 122 -11.17 10.55 5.62
CA ASP A 122 -10.93 11.10 6.94
C ASP A 122 -10.04 10.15 7.76
N THR A 123 -9.38 10.66 8.81
CA THR A 123 -8.53 9.85 9.65
C THR A 123 -9.31 8.68 10.25
N SER A 124 -10.56 8.94 10.66
CA SER A 124 -11.40 7.93 11.29
C SER A 124 -11.89 6.89 10.29
N GLU A 125 -11.89 7.21 8.99
CA GLU A 125 -12.28 6.22 7.99
C GLU A 125 -11.18 5.18 7.84
N VAL A 126 -9.91 5.57 7.95
CA VAL A 126 -8.81 4.61 7.85
C VAL A 126 -8.89 3.66 9.04
N GLU A 127 -9.22 4.18 10.22
CA GLU A 127 -9.34 3.35 11.41
C GLU A 127 -10.44 2.30 11.23
N THR A 128 -11.49 2.64 10.48
CA THR A 128 -12.59 1.71 10.23
C THR A 128 -12.19 0.72 9.14
N LEU A 129 -11.49 1.16 8.10
CA LEU A 129 -11.09 0.29 7.01
C LEU A 129 -10.11 -0.79 7.47
N VAL A 130 -9.26 -0.50 8.46
CA VAL A 130 -8.33 -1.49 8.96
C VAL A 130 -9.00 -2.41 9.97
N THR A 131 -9.99 -1.90 10.71
CA THR A 131 -10.72 -2.71 11.68
C THR A 131 -11.51 -3.79 10.97
N GLU A 132 -12.10 -3.46 9.82
CA GLU A 132 -12.86 -4.42 9.04
C GLU A 132 -11.93 -5.34 8.25
N ALA A 133 -10.73 -4.87 7.92
CA ALA A 133 -9.78 -5.68 7.18
C ALA A 133 -9.25 -6.81 8.05
N LEU A 134 -8.87 -6.50 9.30
CA LEU A 134 -8.34 -7.51 10.21
C LEU A 134 -9.45 -8.41 10.75
N ALA A 135 -10.70 -7.93 10.74
CA ALA A 135 -11.83 -8.73 11.19
C ALA A 135 -12.13 -9.83 10.17
N GLU A 136 -12.02 -9.51 8.87
CA GLU A 136 -12.23 -10.50 7.82
C GLU A 136 -11.06 -11.47 7.77
N ILE A 137 -9.87 -11.04 8.21
CA ILE A 137 -8.72 -11.93 8.25
C ILE A 137 -8.87 -12.92 9.40
N GLU A 138 -9.15 -12.41 10.60
CA GLU A 138 -9.20 -13.24 11.80
C GLU A 138 -10.36 -14.24 11.76
N LYS A 139 -11.41 -13.96 10.97
CA LYS A 139 -12.59 -14.81 10.98
C LYS A 139 -12.48 -16.02 10.06
N GLN A 140 -11.46 -16.12 9.20
CA GLN A 140 -11.39 -17.26 8.29
C GLN A 140 -9.98 -17.63 7.81
N THR A 141 -9.21 -16.70 7.24
CA THR A 141 -7.98 -16.93 6.49
C THR A 141 -8.06 -18.06 5.45
N ARG A 142 -9.18 -18.79 5.35
CA ARG A 142 -9.35 -19.87 4.39
C ARG A 142 -9.66 -19.30 3.00
N ALA A 143 -9.55 -20.16 1.99
CA ALA A 143 -9.86 -19.80 0.62
C ALA A 143 -11.36 -19.53 0.44
N LEU A 144 -11.71 -18.91 -0.68
CA LEU A 144 -13.11 -18.61 -1.02
C LEU A 144 -13.81 -19.87 -1.54
N GLU A 145 -13.31 -21.06 -1.17
CA GLU A 145 -13.84 -22.34 -1.61
C GLU A 145 -13.94 -23.30 -0.42
N LEU A 146 -13.99 -22.73 0.79
CA LEU A 146 -14.07 -23.49 2.02
C LEU A 146 -14.97 -22.76 3.03
N VAL A 147 -15.32 -23.42 4.13
CA VAL A 147 -16.23 -22.90 5.15
C VAL A 147 -17.47 -22.26 4.51
N PRO A 148 -18.17 -22.97 3.62
CA PRO A 148 -19.32 -22.45 2.89
C PRO A 148 -20.57 -22.38 3.77
N ARG A 149 -20.47 -22.80 5.04
CA ARG A 149 -21.60 -22.83 5.96
C ARG A 149 -21.11 -22.63 7.39
N GLY A 150 -22.03 -22.23 8.29
CA GLY A 150 -21.73 -22.02 9.69
C GLY A 150 -22.97 -22.14 10.56
N SER A 151 -24.05 -22.69 9.99
CA SER A 151 -25.31 -22.91 10.69
C SER A 151 -25.17 -23.94 11.81
N HIS A 152 -26.25 -24.17 12.55
CA HIS A 152 -26.28 -25.10 13.67
C HIS A 152 -27.53 -25.99 13.60
N HIS A 153 -28.12 -26.09 12.40
CA HIS A 153 -29.33 -26.88 12.15
C HIS A 153 -30.49 -26.51 13.09
N HIS A 154 -30.41 -25.34 13.74
CA HIS A 154 -31.44 -24.85 14.63
C HIS A 154 -32.73 -24.49 13.87
N HIS A 155 -32.69 -24.59 12.54
CA HIS A 155 -33.84 -24.33 11.68
C HIS A 155 -34.91 -25.44 11.80
N HIS A 156 -34.63 -26.47 12.61
CA HIS A 156 -35.54 -27.59 12.81
C HIS A 156 -35.36 -28.14 14.23
N HIS A 157 -36.34 -28.90 14.71
CA HIS A 157 -36.33 -29.46 16.06
C HIS A 157 -37.02 -30.82 16.08
N MET B 1 8.08 26.00 17.53
CA MET B 1 8.94 24.90 18.01
C MET B 1 9.58 24.16 16.83
N LEU B 2 10.78 23.60 17.04
CA LEU B 2 11.50 22.90 15.98
C LEU B 2 12.33 21.74 16.56
N ASP B 3 12.12 21.42 17.84
CA ASP B 3 12.88 20.38 18.53
C ASP B 3 12.01 19.55 19.47
N LEU B 4 10.69 19.76 19.44
CA LEU B 4 9.72 19.01 20.25
C LEU B 4 8.43 18.83 19.47
N PRO B 5 7.67 17.76 19.74
CA PRO B 5 6.45 17.42 19.04
C PRO B 5 5.26 18.28 19.45
N GLY B 6 5.45 19.24 20.36
CA GLY B 6 4.37 20.12 20.80
C GLY B 6 3.35 19.40 21.68
N ASN B 7 3.78 18.31 22.33
CA ASN B 7 2.91 17.50 23.18
C ASN B 7 3.62 17.09 24.47
N LYS B 8 4.82 17.64 24.72
CA LYS B 8 5.63 17.36 25.90
C LYS B 8 6.36 18.63 26.36
N ASP B 9 5.95 19.78 25.83
CA ASP B 9 6.56 21.07 26.11
C ASP B 9 6.39 21.53 27.56
N LYS B 10 5.49 20.89 28.30
CA LYS B 10 5.16 21.25 29.68
C LYS B 10 4.87 22.76 29.84
N LYS B 11 4.21 23.36 28.84
CA LYS B 11 3.80 24.75 28.84
C LYS B 11 2.34 24.86 28.39
N ALA B 12 1.57 23.79 28.64
CA ALA B 12 0.17 23.70 28.26
C ALA B 12 -0.63 23.01 29.37
N SER B 13 -1.92 22.76 29.13
CA SER B 13 -2.80 22.16 30.12
C SER B 13 -3.65 21.04 29.49
N SER B 14 -3.24 20.56 28.31
CA SER B 14 -3.92 19.49 27.61
C SER B 14 -2.90 18.67 26.81
N LYS B 15 -3.32 17.51 26.31
CA LYS B 15 -2.45 16.61 25.57
C LYS B 15 -3.27 15.73 24.61
N LYS B 16 -2.56 14.98 23.76
CA LYS B 16 -3.17 14.06 22.80
C LYS B 16 -2.33 12.79 22.70
N SER B 17 -2.87 11.75 22.05
CA SER B 17 -2.20 10.47 21.90
C SER B 17 -2.61 9.81 20.59
N PRO B 18 -1.81 8.83 20.11
CA PRO B 18 -2.10 8.03 18.93
C PRO B 18 -3.46 7.32 18.97
N ALA B 19 -3.82 6.69 17.86
CA ALA B 19 -5.04 5.89 17.74
C ALA B 19 -5.04 4.71 18.70
N LYS B 20 -6.16 3.97 18.76
CA LYS B 20 -6.26 2.78 19.58
C LYS B 20 -7.23 1.78 18.96
N VAL B 21 -7.09 0.51 19.32
CA VAL B 21 -7.87 -0.58 18.78
C VAL B 21 -8.10 -1.66 19.84
N GLN B 22 -8.67 -2.80 19.44
CA GLN B 22 -8.99 -3.90 20.34
C GLN B 22 -8.51 -5.24 19.77
N SER B 23 -7.82 -5.20 18.62
CA SER B 23 -7.28 -6.40 17.99
C SER B 23 -6.09 -6.00 17.10
N LYS B 24 -5.32 -6.98 16.63
CA LYS B 24 -4.13 -6.76 15.83
C LYS B 24 -3.99 -7.85 14.77
N ASP B 25 -3.10 -7.63 13.81
CA ASP B 25 -2.86 -8.58 12.73
C ASP B 25 -2.20 -9.87 13.22
N ARG B 26 -1.60 -9.82 14.42
CA ARG B 26 -0.84 -10.87 15.09
C ARG B 26 0.37 -11.39 14.32
N ASP B 27 0.24 -11.60 13.01
CA ASP B 27 1.33 -12.03 12.15
C ASP B 27 1.00 -11.80 10.67
N MET B 28 -0.25 -11.46 10.35
CA MET B 28 -0.68 -11.26 8.97
C MET B 28 0.08 -10.11 8.31
N GLY B 29 0.55 -9.15 9.09
CA GLY B 29 1.28 -8.02 8.54
C GLY B 29 2.67 -8.45 8.08
N ALA B 30 3.30 -9.37 8.83
CA ALA B 30 4.61 -9.88 8.49
C ALA B 30 4.55 -10.84 7.31
N ALA B 31 3.38 -11.46 7.08
CA ALA B 31 3.20 -12.39 5.98
C ALA B 31 3.23 -11.62 4.66
N LEU B 32 2.51 -10.50 4.61
CA LEU B 32 2.45 -9.67 3.41
C LEU B 32 3.74 -8.85 3.26
N ARG B 33 4.32 -8.39 4.38
CA ARG B 33 5.55 -7.61 4.32
C ARG B 33 6.70 -8.48 3.81
N SER B 34 6.80 -9.73 4.27
CA SER B 34 7.90 -10.60 3.86
C SER B 34 7.84 -10.89 2.37
N ALA B 35 6.64 -11.15 1.84
CA ALA B 35 6.46 -11.46 0.44
C ALA B 35 6.87 -10.29 -0.45
N TYR B 36 6.74 -9.06 0.06
CA TYR B 36 7.06 -7.88 -0.74
C TYR B 36 8.40 -7.29 -0.33
N GLN B 37 8.97 -7.74 0.80
CA GLN B 37 10.29 -7.31 1.24
C GLN B 37 11.35 -7.88 0.30
N LYS B 38 11.12 -9.09 -0.22
CA LYS B 38 12.04 -9.68 -1.19
C LYS B 38 11.91 -8.99 -2.56
N THR B 39 10.74 -8.40 -2.84
CA THR B 39 10.52 -7.67 -4.09
C THR B 39 11.26 -6.33 -4.10
N ILE B 40 11.77 -5.88 -2.95
CA ILE B 40 12.42 -4.57 -2.84
C ILE B 40 13.85 -4.67 -2.31
N GLU B 41 14.46 -5.86 -2.37
CA GLU B 41 15.79 -6.09 -1.84
C GLU B 41 16.68 -6.85 -2.84
N GLU B 42 16.40 -6.76 -4.15
CA GLU B 42 17.21 -7.46 -5.13
C GLU B 42 17.45 -6.66 -6.42
N GLN B 43 16.68 -5.60 -6.68
CA GLN B 43 16.86 -4.80 -7.88
C GLN B 43 16.09 -3.47 -7.79
N VAL B 44 16.51 -2.49 -8.60
CA VAL B 44 15.82 -1.23 -8.79
C VAL B 44 15.91 -0.85 -10.27
N PRO B 45 14.91 -0.13 -10.81
CA PRO B 45 14.88 0.25 -12.21
C PRO B 45 15.87 1.36 -12.54
N ASP B 46 16.07 2.30 -11.61
CA ASP B 46 16.93 3.48 -11.71
C ASP B 46 16.77 4.35 -12.97
N GLU B 47 16.04 3.88 -13.99
CA GLU B 47 15.87 4.63 -15.23
C GLU B 47 15.03 5.89 -15.03
N MET B 48 14.28 5.96 -13.93
CA MET B 48 13.47 7.12 -13.59
C MET B 48 14.34 8.29 -13.13
N LEU B 49 15.62 8.04 -12.84
CA LEU B 49 16.54 9.10 -12.46
C LEU B 49 17.52 9.35 -13.61
N ASP B 50 17.63 8.39 -14.54
CA ASP B 50 18.37 8.61 -15.76
C ASP B 50 17.64 9.63 -16.64
N LEU B 51 16.33 9.81 -16.39
CA LEU B 51 15.53 10.78 -17.12
C LEU B 51 15.34 12.08 -16.31
N LEU B 52 15.79 12.13 -15.06
CA LEU B 52 15.89 13.41 -14.37
C LEU B 52 17.27 14.02 -14.61
N ASN B 53 18.21 13.21 -15.10
CA ASN B 53 19.57 13.63 -15.43
C ASN B 53 19.59 14.52 -16.67
N LYS B 54 18.46 15.17 -16.98
CA LYS B 54 18.32 16.05 -18.14
C LYS B 54 17.59 17.36 -17.79
N LEU B 55 17.11 17.50 -16.55
CA LEU B 55 16.42 18.72 -16.13
C LEU B 55 16.46 18.96 -14.61
N ALA B 56 16.98 18.03 -13.82
CA ALA B 56 16.99 18.17 -12.37
C ALA B 56 18.19 17.51 -11.70
N LEU B 57 19.10 16.95 -12.50
CA LEU B 57 20.29 16.29 -11.99
C LEU B 57 21.42 16.34 -13.02
N GLU B 58 22.66 16.17 -12.53
CA GLU B 58 23.85 16.15 -13.35
C GLU B 58 24.88 15.22 -12.71
N LEU B 59 25.89 14.78 -13.47
CA LEU B 59 26.91 13.88 -12.94
C LEU B 59 28.26 14.05 -13.65
N VAL B 60 28.33 14.85 -14.73
CA VAL B 60 29.57 15.01 -15.48
C VAL B 60 29.57 16.38 -16.18
N PRO B 61 30.71 17.09 -16.17
CA PRO B 61 30.85 18.37 -16.85
C PRO B 61 30.93 18.20 -18.36
N ARG B 62 30.96 19.31 -19.10
CA ARG B 62 31.03 19.31 -20.55
C ARG B 62 31.68 20.58 -21.08
N MET A 1 18.64 20.34 -9.04
CA MET A 1 17.74 19.45 -8.28
C MET A 1 18.47 18.18 -7.87
N SER A 2 17.90 17.42 -6.93
CA SER A 2 18.52 16.24 -6.35
C SER A 2 17.50 15.14 -6.09
N LEU A 3 16.35 15.18 -6.78
CA LEU A 3 15.27 14.23 -6.58
C LEU A 3 15.72 12.78 -6.69
N GLY A 4 16.76 12.50 -7.50
CA GLY A 4 17.21 11.13 -7.71
C GLY A 4 17.91 10.56 -6.48
N GLN A 5 18.39 11.43 -5.59
CA GLN A 5 19.09 11.01 -4.38
C GLN A 5 18.13 10.55 -3.30
N GLN A 6 16.82 10.62 -3.57
CA GLN A 6 15.80 10.19 -2.61
C GLN A 6 14.75 9.32 -3.28
N LEU A 7 14.70 9.29 -4.61
CA LEU A 7 13.81 8.40 -5.34
C LEU A 7 14.43 7.00 -5.42
N ALA A 8 15.73 6.92 -5.67
CA ALA A 8 16.46 5.67 -5.86
C ALA A 8 16.29 4.66 -4.71
N PRO A 9 16.42 5.07 -3.44
CA PRO A 9 16.32 4.14 -2.31
C PRO A 9 14.88 3.64 -2.10
N HIS A 10 13.91 4.15 -2.88
CA HIS A 10 12.51 3.79 -2.73
C HIS A 10 11.85 3.40 -4.05
N LEU A 11 12.63 3.24 -5.12
CA LEU A 11 12.11 2.75 -6.40
C LEU A 11 11.42 1.38 -6.25
N PRO A 12 11.96 0.42 -5.47
CA PRO A 12 11.35 -0.90 -5.38
C PRO A 12 10.12 -0.94 -4.50
N PHE A 13 9.90 0.09 -3.66
CA PHE A 13 8.72 0.13 -2.81
C PHE A 13 7.47 0.36 -3.66
N LEU A 14 7.65 0.98 -4.83
CA LEU A 14 6.54 1.16 -5.77
C LEU A 14 6.09 -0.18 -6.32
N ARG A 15 6.97 -1.20 -6.28
CA ARG A 15 6.64 -2.54 -6.73
C ARG A 15 6.13 -3.38 -5.57
N ARG A 16 6.46 -2.99 -4.34
CA ARG A 16 6.08 -3.71 -3.12
C ARG A 16 4.58 -3.95 -3.08
N TYR A 17 3.81 -3.06 -3.70
CA TYR A 17 2.37 -3.22 -3.78
C TYR A 17 1.83 -2.87 -5.17
N GLY A 18 2.67 -2.30 -6.04
CA GLY A 18 2.26 -1.95 -7.38
C GLY A 18 1.99 -3.21 -8.20
N ARG A 19 2.79 -4.28 -8.00
CA ARG A 19 2.54 -5.55 -8.69
C ARG A 19 1.28 -6.22 -8.14
N ALA A 20 0.99 -5.98 -6.86
CA ALA A 20 -0.17 -6.52 -6.18
C ALA A 20 -1.45 -5.76 -6.58
N LEU A 21 -1.31 -4.72 -7.40
CA LEU A 21 -2.42 -3.90 -7.86
C LEU A 21 -2.62 -4.04 -9.37
N THR A 22 -1.87 -4.92 -10.04
CA THR A 22 -1.95 -5.05 -11.49
C THR A 22 -1.84 -6.49 -11.97
N GLY A 23 -1.26 -7.39 -11.16
CA GLY A 23 -1.09 -8.78 -11.54
C GLY A 23 -0.23 -8.92 -12.81
N SER A 24 0.53 -7.88 -13.17
CA SER A 24 1.37 -7.90 -14.34
C SER A 24 2.54 -6.94 -14.16
N GLN A 25 3.76 -7.40 -14.45
CA GLN A 25 4.94 -6.58 -14.33
C GLN A 25 4.94 -5.48 -15.39
N ASN A 26 4.19 -5.65 -16.48
CA ASN A 26 4.14 -4.65 -17.53
C ASN A 26 3.38 -3.41 -17.07
N GLN A 27 2.31 -3.60 -16.29
CA GLN A 27 1.52 -2.50 -15.77
C GLN A 27 2.17 -1.91 -14.52
N GLY A 28 2.91 -2.74 -13.77
CA GLY A 28 3.55 -2.26 -12.56
C GLY A 28 4.81 -1.46 -12.89
N ASP A 29 5.57 -1.91 -13.90
CA ASP A 29 6.77 -1.22 -14.31
C ASP A 29 6.45 0.08 -15.05
N LYS A 30 5.31 0.13 -15.76
CA LYS A 30 4.96 1.35 -16.48
C LYS A 30 4.23 2.34 -15.57
N TYR A 31 3.57 1.88 -14.51
CA TYR A 31 3.03 2.81 -13.51
C TYR A 31 4.18 3.56 -12.86
N VAL A 32 5.30 2.87 -12.60
CA VAL A 32 6.47 3.50 -11.99
C VAL A 32 7.04 4.59 -12.90
N ARG A 33 7.19 4.28 -14.20
CA ARG A 33 7.83 5.21 -15.12
C ARG A 33 6.86 6.30 -15.57
N ALA A 34 5.57 5.98 -15.67
CA ALA A 34 4.55 6.96 -16.02
C ALA A 34 4.35 7.95 -14.87
N THR A 35 4.63 7.53 -13.63
CA THR A 35 4.54 8.42 -12.49
C THR A 35 5.56 9.54 -12.64
N LEU A 36 6.79 9.21 -13.03
CA LEU A 36 7.82 10.21 -13.17
C LEU A 36 7.58 11.08 -14.40
N GLU A 37 7.18 10.46 -15.51
CA GLU A 37 6.93 11.18 -16.75
C GLU A 37 5.81 12.20 -16.61
N ALA A 38 4.87 11.96 -15.68
CA ALA A 38 3.78 12.86 -15.41
C ALA A 38 4.22 14.03 -14.53
N ILE A 39 5.51 14.06 -14.16
CA ILE A 39 6.09 15.07 -13.27
C ILE A 39 7.22 15.80 -14.00
N VAL A 40 7.68 15.27 -15.14
CA VAL A 40 8.69 15.91 -15.99
C VAL A 40 8.23 17.29 -16.47
N ALA A 41 6.94 17.61 -16.29
CA ALA A 41 6.37 18.90 -16.67
C ALA A 41 5.75 19.60 -15.47
N ALA A 42 5.87 18.98 -14.29
CA ALA A 42 5.24 19.44 -13.07
C ALA A 42 6.03 18.97 -11.84
N PRO A 43 7.34 19.24 -11.75
CA PRO A 43 8.18 18.76 -10.66
C PRO A 43 7.85 19.40 -9.32
N ASP A 44 7.01 20.44 -9.30
CA ASP A 44 6.60 21.07 -8.04
C ASP A 44 5.50 20.24 -7.36
N GLN A 45 4.86 19.35 -8.12
CA GLN A 45 3.79 18.47 -7.67
C GLN A 45 4.35 17.28 -6.90
N PHE A 46 5.67 17.20 -6.78
CA PHE A 46 6.36 16.07 -6.15
C PHE A 46 7.39 16.59 -5.14
N PRO A 47 6.93 17.33 -4.12
CA PRO A 47 7.79 17.95 -3.13
C PRO A 47 8.40 16.91 -2.19
N ARG A 48 9.33 17.36 -1.35
CA ARG A 48 10.04 16.53 -0.38
C ARG A 48 9.69 17.00 1.04
N ASP A 49 8.66 17.83 1.16
CA ASP A 49 8.14 18.33 2.43
C ASP A 49 7.37 17.23 3.19
N VAL A 50 7.49 15.99 2.73
CA VAL A 50 6.81 14.83 3.32
C VAL A 50 7.79 13.67 3.42
N ASP A 51 7.37 12.56 4.03
CA ASP A 51 8.22 11.39 4.19
C ASP A 51 8.74 10.92 2.83
N PRO A 52 9.94 10.35 2.79
CA PRO A 52 10.57 9.87 1.58
C PRO A 52 9.86 8.64 1.00
N ARG A 53 8.67 8.30 1.53
CA ARG A 53 7.85 7.22 1.01
C ARG A 53 6.42 7.68 0.76
N LEU A 54 5.95 8.73 1.45
CA LEU A 54 4.60 9.22 1.22
C LEU A 54 4.51 9.92 -0.13
N GLY A 55 5.59 10.57 -0.56
CA GLY A 55 5.62 11.24 -1.85
C GLY A 55 5.72 10.21 -2.96
N LEU A 56 6.42 9.10 -2.71
CA LEU A 56 6.54 8.02 -3.67
C LEU A 56 5.17 7.40 -3.95
N TYR A 57 4.38 7.18 -2.89
CA TYR A 57 3.09 6.52 -3.04
C TYR A 57 2.02 7.49 -3.54
N ARG A 58 2.12 8.78 -3.18
CA ARG A 58 1.14 9.77 -3.57
C ARG A 58 1.09 9.93 -5.09
N MET A 59 2.26 9.92 -5.74
CA MET A 59 2.30 10.11 -7.18
C MET A 59 1.99 8.81 -7.91
N PHE A 60 2.33 7.65 -7.29
CA PHE A 60 1.98 6.36 -7.87
C PHE A 60 0.46 6.17 -7.85
N GLN A 61 -0.19 6.69 -6.81
CA GLN A 61 -1.64 6.65 -6.69
C GLN A 61 -2.26 7.57 -7.74
N GLY A 62 -1.53 8.60 -8.17
CA GLY A 62 -2.01 9.53 -9.17
C GLY A 62 -2.17 8.87 -10.54
N ILE A 63 -1.22 7.99 -10.93
CA ILE A 63 -1.32 7.30 -12.21
C ILE A 63 -2.41 6.22 -12.14
N TRP A 64 -2.53 5.55 -11.00
CA TRP A 64 -3.51 4.49 -10.82
C TRP A 64 -4.91 5.10 -10.79
N ALA A 65 -5.05 6.33 -10.27
CA ALA A 65 -6.33 7.02 -10.30
C ALA A 65 -6.64 7.53 -11.71
N SER A 66 -5.59 7.88 -12.47
CA SER A 66 -5.74 8.37 -13.83
C SER A 66 -6.07 7.22 -14.79
N ALA A 67 -5.62 6.00 -14.47
CA ALA A 67 -5.90 4.83 -15.28
C ALA A 67 -7.37 4.44 -15.16
N ASN A 68 -7.93 4.51 -13.94
CA ASN A 68 -9.34 4.24 -13.73
C ASN A 68 -10.20 5.39 -14.26
N ALA A 69 -9.58 6.55 -14.52
CA ALA A 69 -10.27 7.70 -15.08
C ALA A 69 -10.30 7.63 -16.61
N ASP A 70 -9.79 6.54 -17.19
CA ASP A 70 -9.77 6.32 -18.63
C ASP A 70 -10.27 4.92 -18.99
N GLY A 71 -10.54 4.09 -17.98
CA GLY A 71 -11.12 2.76 -18.18
C GLY A 71 -10.07 1.66 -18.17
N GLU A 72 -8.79 2.00 -18.09
CA GLU A 72 -7.72 1.02 -18.09
C GLU A 72 -7.77 0.18 -16.82
N ALA A 73 -7.62 -1.13 -16.97
CA ALA A 73 -7.67 -2.08 -15.87
C ALA A 73 -7.13 -3.44 -16.30
N GLN A 74 -6.99 -4.36 -15.35
CA GLN A 74 -6.55 -5.73 -15.59
C GLN A 74 -7.24 -6.66 -14.59
N THR A 75 -7.12 -7.97 -14.83
CA THR A 75 -7.69 -8.98 -13.96
C THR A 75 -7.03 -8.97 -12.57
N SER A 76 -5.82 -8.41 -12.49
CA SER A 76 -5.03 -8.25 -11.26
C SER A 76 -5.00 -9.50 -10.37
N GLN A 77 -5.23 -10.69 -10.95
CA GLN A 77 -5.27 -11.94 -10.21
C GLN A 77 -3.98 -12.16 -9.41
N SER A 78 -2.86 -12.24 -10.11
CA SER A 78 -1.55 -12.47 -9.52
C SER A 78 -0.47 -12.46 -10.60
N ASP A 79 0.79 -12.61 -10.17
CA ASP A 79 1.95 -12.72 -11.03
C ASP A 79 2.87 -13.82 -10.48
N ALA A 80 2.33 -14.67 -9.61
CA ALA A 80 3.05 -15.69 -8.90
C ALA A 80 2.13 -16.87 -8.57
N GLU A 81 2.64 -17.84 -7.81
CA GLU A 81 1.87 -19.03 -7.44
C GLU A 81 2.12 -19.43 -5.98
N GLY A 82 2.78 -18.57 -5.20
CA GLY A 82 3.08 -18.87 -3.80
C GLY A 82 3.57 -17.67 -3.01
N THR A 83 3.51 -16.46 -3.57
CA THR A 83 3.97 -15.26 -2.88
C THR A 83 3.15 -14.02 -3.27
N GLU A 84 2.07 -14.21 -4.03
CA GLU A 84 1.12 -13.16 -4.33
C GLU A 84 -0.26 -13.75 -4.58
N ALA A 85 -0.31 -14.96 -5.16
CA ALA A 85 -1.56 -15.68 -5.31
C ALA A 85 -2.08 -16.15 -3.95
N VAL A 86 -1.17 -16.29 -2.97
CA VAL A 86 -1.55 -16.66 -1.61
C VAL A 86 -2.36 -15.55 -0.96
N ALA A 87 -2.09 -14.31 -1.36
CA ALA A 87 -2.77 -13.14 -0.82
C ALA A 87 -4.13 -12.94 -1.47
N ARG A 88 -4.36 -13.58 -2.63
CA ARG A 88 -5.66 -13.57 -3.28
C ARG A 88 -6.50 -14.72 -2.74
N ALA A 89 -5.93 -15.92 -2.77
CA ALA A 89 -6.64 -17.15 -2.48
C ALA A 89 -7.08 -17.25 -1.02
N ARG A 90 -6.76 -16.25 -0.19
CA ARG A 90 -7.10 -16.24 1.23
C ARG A 90 -7.76 -14.94 1.65
N LEU A 91 -8.05 -14.04 0.69
CA LEU A 91 -8.66 -12.73 0.96
C LEU A 91 -9.62 -12.35 -0.16
N ALA A 92 -10.07 -13.34 -0.95
CA ALA A 92 -10.89 -13.16 -2.14
C ALA A 92 -12.25 -12.50 -1.90
N ARG A 93 -12.54 -12.02 -0.68
CA ARG A 93 -13.82 -11.37 -0.38
C ARG A 93 -13.63 -10.03 0.33
N MET A 94 -12.38 -9.62 0.57
CA MET A 94 -12.09 -8.35 1.24
C MET A 94 -12.48 -7.18 0.33
N THR A 95 -12.83 -6.05 0.95
CA THR A 95 -13.16 -4.82 0.23
C THR A 95 -11.97 -4.38 -0.63
N PRO A 96 -12.20 -3.93 -1.87
CA PRO A 96 -11.15 -3.58 -2.82
C PRO A 96 -10.38 -2.31 -2.43
N LEU A 97 -10.65 -1.73 -1.26
CA LEU A 97 -9.98 -0.51 -0.83
C LEU A 97 -9.45 -0.66 0.60
N SER A 98 -10.15 -1.42 1.44
CA SER A 98 -9.65 -1.74 2.77
C SER A 98 -8.36 -2.54 2.69
N ARG A 99 -8.08 -3.15 1.53
CA ARG A 99 -6.85 -3.87 1.28
C ARG A 99 -5.67 -2.90 1.26
N GLN A 100 -5.87 -1.67 0.79
CA GLN A 100 -4.81 -0.68 0.77
C GLN A 100 -4.63 -0.11 2.18
N ALA A 101 -5.70 -0.04 2.97
CA ALA A 101 -5.58 0.39 4.36
C ALA A 101 -4.79 -0.61 5.17
N LEU A 102 -4.89 -1.91 4.82
CA LEU A 102 -4.17 -2.96 5.50
C LEU A 102 -2.68 -2.83 5.26
N LEU A 103 -2.25 -2.55 4.01
CA LEU A 103 -0.82 -2.44 3.71
C LEU A 103 -0.27 -1.09 4.20
N LEU A 104 -1.13 -0.16 4.60
CA LEU A 104 -0.71 1.13 5.14
C LEU A 104 -0.68 1.12 6.67
N THR A 105 -1.11 0.04 7.32
CA THR A 105 -1.16 0.00 8.78
C THR A 105 -0.67 -1.32 9.35
N ALA A 106 -0.15 -2.21 8.51
CA ALA A 106 0.41 -3.49 8.96
C ALA A 106 1.69 -3.85 8.20
N MET A 107 2.25 -2.92 7.42
CA MET A 107 3.45 -3.16 6.65
C MET A 107 4.43 -1.99 6.64
N GLU A 108 4.03 -0.82 7.15
CA GLU A 108 4.94 0.33 7.20
C GLU A 108 4.68 1.25 8.39
N GLY A 109 3.60 1.02 9.14
CA GLY A 109 3.33 1.77 10.37
C GLY A 109 2.94 3.23 10.12
N PHE A 110 2.50 3.58 8.91
CA PHE A 110 2.05 4.94 8.63
C PHE A 110 0.92 5.32 9.57
N SER A 111 0.81 6.62 9.88
CA SER A 111 -0.28 7.12 10.70
C SER A 111 -1.59 7.04 9.92
N PRO A 112 -2.74 7.08 10.60
CA PRO A 112 -4.03 7.08 9.93
C PRO A 112 -4.23 8.39 9.18
N GLU A 113 -3.43 9.43 9.48
CA GLU A 113 -3.52 10.70 8.80
C GLU A 113 -2.83 10.65 7.44
N ASP A 114 -1.70 9.93 7.34
CA ASP A 114 -0.97 9.81 6.08
C ASP A 114 -1.67 8.81 5.17
N ALA A 115 -2.24 7.76 5.75
CA ALA A 115 -2.99 6.77 4.99
C ALA A 115 -4.31 7.35 4.47
N ALA A 116 -4.87 8.34 5.18
CA ALA A 116 -6.12 8.98 4.77
C ALA A 116 -5.88 9.89 3.57
N TYR A 117 -4.73 10.56 3.54
CA TYR A 117 -4.35 11.43 2.45
C TYR A 117 -4.08 10.62 1.19
N LEU A 118 -3.60 9.38 1.35
CA LEU A 118 -3.24 8.53 0.23
C LEU A 118 -4.45 7.85 -0.42
N ILE A 119 -5.65 7.99 0.16
CA ILE A 119 -6.86 7.38 -0.40
C ILE A 119 -8.05 8.35 -0.39
N GLU A 120 -7.79 9.65 -0.17
CA GLU A 120 -8.79 10.71 -0.20
C GLU A 120 -9.96 10.49 0.76
N VAL A 121 -9.68 10.26 2.04
CA VAL A 121 -10.69 10.12 3.09
C VAL A 121 -10.29 10.89 4.34
N ASP A 122 -11.14 10.86 5.36
CA ASP A 122 -10.84 11.48 6.65
C ASP A 122 -10.03 10.51 7.52
N THR A 123 -9.35 11.03 8.55
CA THR A 123 -8.55 10.20 9.44
C THR A 123 -9.43 9.16 10.14
N SER A 124 -10.66 9.54 10.49
CA SER A 124 -11.58 8.64 11.19
C SER A 124 -12.09 7.55 10.25
N GLU A 125 -12.08 7.79 8.94
CA GLU A 125 -12.50 6.76 8.01
C GLU A 125 -11.44 5.67 7.93
N VAL A 126 -10.16 6.02 8.01
CA VAL A 126 -9.10 5.03 7.98
C VAL A 126 -9.20 4.13 9.21
N GLU A 127 -9.56 4.71 10.37
CA GLU A 127 -9.74 3.93 11.58
C GLU A 127 -10.86 2.90 11.42
N THR A 128 -11.89 3.26 10.66
CA THR A 128 -12.99 2.34 10.39
C THR A 128 -12.58 1.31 9.34
N LEU A 129 -11.80 1.73 8.33
CA LEU A 129 -11.37 0.84 7.27
C LEU A 129 -10.44 -0.26 7.78
N VAL A 130 -9.61 0.01 8.79
CA VAL A 130 -8.78 -1.03 9.36
C VAL A 130 -9.56 -1.92 10.31
N THR A 131 -10.63 -1.38 10.91
CA THR A 131 -11.49 -2.18 11.78
C THR A 131 -12.25 -3.19 10.93
N GLU A 132 -12.68 -2.78 9.72
CA GLU A 132 -13.34 -3.69 8.80
C GLU A 132 -12.33 -4.62 8.15
N ALA A 133 -11.07 -4.18 8.02
CA ALA A 133 -10.05 -5.00 7.40
C ALA A 133 -9.70 -6.18 8.30
N LEU A 134 -9.47 -5.93 9.59
CA LEU A 134 -9.13 -7.00 10.53
C LEU A 134 -10.32 -7.93 10.75
N ALA A 135 -11.55 -7.44 10.51
CA ALA A 135 -12.73 -8.29 10.55
C ALA A 135 -12.78 -9.18 9.31
N GLU A 136 -12.41 -8.64 8.15
CA GLU A 136 -12.36 -9.40 6.91
C GLU A 136 -11.23 -10.41 6.96
N ILE A 137 -10.14 -10.12 7.68
CA ILE A 137 -9.03 -11.05 7.84
C ILE A 137 -9.51 -12.28 8.59
N GLU A 138 -10.18 -12.08 9.73
CA GLU A 138 -10.61 -13.18 10.57
C GLU A 138 -11.70 -14.01 9.90
N LYS A 139 -12.38 -13.45 8.90
CA LYS A 139 -13.48 -14.11 8.22
C LYS A 139 -13.04 -15.16 7.20
N GLN A 140 -11.79 -15.11 6.70
CA GLN A 140 -11.44 -15.94 5.56
C GLN A 140 -9.97 -16.36 5.46
N THR A 141 -9.06 -15.79 6.25
CA THR A 141 -7.66 -16.20 6.17
C THR A 141 -7.44 -17.62 6.68
N ARG A 142 -8.38 -18.15 7.47
CA ARG A 142 -8.31 -19.52 7.98
C ARG A 142 -8.44 -20.53 6.84
N ALA A 143 -7.94 -21.74 7.06
CA ALA A 143 -8.00 -22.81 6.06
C ALA A 143 -8.07 -24.19 6.70
N LEU A 144 -8.17 -24.27 8.03
CA LEU A 144 -8.26 -25.53 8.75
C LEU A 144 -9.23 -25.39 9.92
N GLU A 145 -9.67 -26.53 10.47
CA GLU A 145 -10.56 -26.58 11.63
C GLU A 145 -10.20 -27.75 12.53
N LEU A 146 -9.14 -28.49 12.18
CA LEU A 146 -8.66 -29.65 12.91
C LEU A 146 -7.18 -29.85 12.59
N VAL A 147 -6.54 -30.85 13.21
CA VAL A 147 -5.13 -31.15 12.98
C VAL A 147 -4.94 -32.67 12.96
N PRO A 148 -4.35 -33.22 11.89
CA PRO A 148 -4.11 -34.64 11.74
C PRO A 148 -2.95 -35.11 12.61
N ARG A 149 -2.74 -36.43 12.66
CA ARG A 149 -1.66 -37.05 13.42
C ARG A 149 -1.12 -38.27 12.67
N GLY A 150 0.03 -38.77 13.10
CA GLY A 150 0.68 -39.91 12.48
C GLY A 150 2.02 -40.22 13.14
N SER A 151 2.72 -41.24 12.63
CA SER A 151 4.01 -41.65 13.15
C SER A 151 4.84 -42.34 12.08
N HIS A 152 6.10 -42.64 12.39
CA HIS A 152 7.04 -43.28 11.48
C HIS A 152 8.00 -44.17 12.26
N HIS A 153 8.81 -44.95 11.54
CA HIS A 153 9.76 -45.87 12.15
C HIS A 153 11.05 -46.00 11.33
N HIS A 154 11.22 -45.14 10.32
CA HIS A 154 12.40 -45.14 9.47
C HIS A 154 12.66 -43.76 8.88
N HIS A 155 13.82 -43.58 8.26
CA HIS A 155 14.21 -42.33 7.62
C HIS A 155 15.21 -42.55 6.49
N HIS A 156 15.62 -43.80 6.27
CA HIS A 156 16.58 -44.15 5.23
C HIS A 156 16.42 -45.61 4.84
N HIS A 157 17.02 -46.02 3.72
CA HIS A 157 16.97 -47.39 3.23
C HIS A 157 18.20 -47.70 2.37
N MET B 1 -39.35 10.00 46.54
CA MET B 1 -38.24 9.64 45.64
C MET B 1 -36.99 9.30 46.44
N LEU B 2 -36.19 8.35 45.94
CA LEU B 2 -34.96 7.93 46.59
C LEU B 2 -33.89 7.48 45.58
N ASP B 3 -34.19 7.63 44.28
CA ASP B 3 -33.29 7.22 43.22
C ASP B 3 -33.56 8.05 41.96
N LEU B 4 -32.62 8.04 41.01
CA LEU B 4 -32.71 8.83 39.78
C LEU B 4 -32.07 8.03 38.63
N PRO B 5 -32.40 8.39 37.37
CA PRO B 5 -31.82 7.79 36.18
C PRO B 5 -30.29 7.78 36.18
N GLY B 6 -29.69 6.95 35.33
CA GLY B 6 -28.25 6.84 35.24
C GLY B 6 -27.79 5.91 34.11
N ASN B 7 -28.74 5.36 33.33
CA ASN B 7 -28.42 4.47 32.22
C ASN B 7 -29.52 4.56 31.16
N LYS B 8 -29.15 4.32 29.90
CA LYS B 8 -30.08 4.40 28.76
C LYS B 8 -29.75 3.33 27.72
N ASP B 9 -28.84 2.41 28.03
CA ASP B 9 -28.42 1.37 27.11
C ASP B 9 -29.49 0.28 26.99
N LYS B 10 -30.55 0.38 27.82
CA LYS B 10 -31.65 -0.57 27.83
C LYS B 10 -32.48 -0.51 26.54
N LYS B 11 -32.14 0.42 25.63
CA LYS B 11 -32.84 0.59 24.37
C LYS B 11 -31.89 0.97 23.23
N ALA B 12 -30.58 1.05 23.51
CA ALA B 12 -29.57 1.49 22.57
C ALA B 12 -29.94 2.81 21.87
N SER B 13 -29.17 3.17 20.83
CA SER B 13 -29.40 4.39 20.07
C SER B 13 -29.20 4.15 18.57
N SER B 14 -28.99 2.90 18.17
CA SER B 14 -28.78 2.47 16.78
C SER B 14 -27.71 3.29 16.04
N LYS B 15 -26.85 4.01 16.77
CA LYS B 15 -25.80 4.84 16.18
C LYS B 15 -24.52 4.80 17.01
N LYS B 16 -24.51 4.04 18.10
CA LYS B 16 -23.36 3.92 18.99
C LYS B 16 -23.46 2.61 19.78
N SER B 17 -22.32 2.10 20.26
CA SER B 17 -22.27 0.90 21.06
C SER B 17 -21.04 0.91 21.96
N PRO B 18 -21.06 0.16 23.07
CA PRO B 18 -19.97 0.06 24.01
C PRO B 18 -18.85 -0.86 23.52
N ALA B 19 -18.97 -1.37 22.28
CA ALA B 19 -18.02 -2.31 21.72
C ALA B 19 -16.60 -1.75 21.68
N LYS B 20 -15.61 -2.62 21.83
CA LYS B 20 -14.20 -2.27 21.68
C LYS B 20 -13.38 -3.54 21.49
N VAL B 21 -12.20 -3.41 20.89
CA VAL B 21 -11.30 -4.54 20.63
C VAL B 21 -9.85 -4.12 20.78
N GLN B 22 -8.97 -5.11 20.93
CA GLN B 22 -7.53 -4.89 21.12
C GLN B 22 -6.73 -6.14 20.72
N SER B 23 -7.34 -7.02 19.92
CA SER B 23 -6.75 -8.30 19.53
C SER B 23 -5.34 -8.14 18.96
N LYS B 24 -4.50 -9.15 19.19
CA LYS B 24 -3.10 -9.19 18.79
C LYS B 24 -2.62 -10.63 18.65
N ASP B 25 -3.56 -11.58 18.62
CA ASP B 25 -3.30 -13.01 18.56
C ASP B 25 -2.84 -13.47 17.18
N ARG B 26 -2.39 -12.54 16.33
CA ARG B 26 -2.08 -12.82 14.93
C ARG B 26 -0.88 -12.03 14.45
N ASP B 27 -0.41 -12.35 13.24
CA ASP B 27 0.79 -11.77 12.65
C ASP B 27 0.61 -11.55 11.15
N MET B 28 -0.65 -11.46 10.70
CA MET B 28 -1.00 -11.29 9.29
C MET B 28 -0.27 -10.11 8.65
N GLY B 29 0.11 -9.09 9.43
CA GLY B 29 0.82 -7.93 8.89
C GLY B 29 2.22 -8.31 8.44
N ALA B 30 2.90 -9.16 9.21
CA ALA B 30 4.24 -9.59 8.88
C ALA B 30 4.22 -10.59 7.72
N ALA B 31 3.08 -11.26 7.49
CA ALA B 31 2.96 -12.22 6.42
C ALA B 31 2.91 -11.51 5.07
N LEU B 32 2.22 -10.36 5.03
CA LEU B 32 2.15 -9.56 3.82
C LEU B 32 3.48 -8.86 3.57
N ARG B 33 4.14 -8.39 4.65
CA ARG B 33 5.42 -7.72 4.51
C ARG B 33 6.49 -8.70 4.05
N SER B 34 6.40 -9.97 4.45
CA SER B 34 7.37 -10.98 4.04
C SER B 34 7.30 -11.23 2.54
N ALA B 35 6.08 -11.34 2.01
CA ALA B 35 5.86 -11.64 0.60
C ALA B 35 6.27 -10.46 -0.29
N TYR B 36 6.22 -9.24 0.24
CA TYR B 36 6.53 -8.05 -0.56
C TYR B 36 7.91 -7.50 -0.24
N GLN B 37 8.51 -7.89 0.89
CA GLN B 37 9.91 -7.58 1.13
C GLN B 37 10.74 -8.31 0.08
N LYS B 38 10.28 -9.49 -0.33
CA LYS B 38 10.91 -10.25 -1.41
C LYS B 38 11.00 -9.41 -2.69
N THR B 39 9.96 -8.62 -2.95
CA THR B 39 9.95 -7.71 -4.09
C THR B 39 10.98 -6.57 -3.95
N ILE B 40 11.55 -6.40 -2.76
CA ILE B 40 12.58 -5.40 -2.50
C ILE B 40 13.97 -6.06 -2.37
N GLU B 41 14.02 -7.38 -2.19
CA GLU B 41 15.27 -8.12 -2.13
C GLU B 41 15.90 -8.29 -3.52
N GLU B 42 15.51 -7.47 -4.49
CA GLU B 42 16.00 -7.55 -5.85
C GLU B 42 16.33 -6.17 -6.42
N GLN B 43 17.01 -6.16 -7.57
CA GLN B 43 17.54 -4.97 -8.21
C GLN B 43 16.47 -3.89 -8.48
N VAL B 44 16.91 -2.67 -8.78
CA VAL B 44 16.04 -1.54 -9.07
C VAL B 44 16.42 -0.93 -10.42
N PRO B 45 15.48 -0.24 -11.07
CA PRO B 45 15.75 0.48 -12.30
C PRO B 45 16.42 1.81 -11.98
N ASP B 46 16.74 2.58 -13.02
CA ASP B 46 17.30 3.92 -12.86
C ASP B 46 16.83 4.86 -13.99
N GLU B 47 16.01 4.35 -14.90
CA GLU B 47 15.59 5.10 -16.07
C GLU B 47 14.67 6.27 -15.71
N MET B 48 14.08 6.27 -14.51
CA MET B 48 13.25 7.38 -14.05
C MET B 48 14.12 8.60 -13.77
N LEU B 49 15.38 8.38 -13.39
CA LEU B 49 16.29 9.48 -13.12
C LEU B 49 17.08 9.79 -14.38
N ASP B 50 17.23 8.81 -15.28
CA ASP B 50 17.84 9.02 -16.58
C ASP B 50 17.00 9.95 -17.43
N LEU B 51 15.71 10.09 -17.10
CA LEU B 51 14.81 11.02 -17.77
C LEU B 51 14.67 12.33 -16.98
N LEU B 52 15.33 12.45 -15.83
CA LEU B 52 15.47 13.76 -15.20
C LEU B 52 16.65 14.50 -15.82
N ASN B 53 17.57 13.76 -16.44
CA ASN B 53 18.74 14.31 -17.13
C ASN B 53 18.37 15.13 -18.38
N LYS B 54 17.10 15.55 -18.51
CA LYS B 54 16.65 16.38 -19.62
C LYS B 54 15.90 17.63 -19.12
N LEU B 55 15.89 17.84 -17.78
CA LEU B 55 15.33 19.04 -17.17
C LEU B 55 16.07 19.42 -15.89
N ALA B 56 16.86 18.51 -15.34
CA ALA B 56 17.75 18.82 -14.22
C ALA B 56 18.96 19.64 -14.71
N LEU B 57 19.03 19.88 -16.03
CA LEU B 57 20.10 20.62 -16.67
C LEU B 57 19.55 21.28 -17.93
N GLU B 58 20.33 22.18 -18.55
CA GLU B 58 19.93 22.95 -19.73
C GLU B 58 18.67 23.78 -19.46
N LEU B 59 18.19 24.47 -20.51
CA LEU B 59 17.03 25.35 -20.42
C LEU B 59 15.93 24.89 -21.38
N VAL B 60 16.08 23.71 -21.98
CA VAL B 60 15.11 23.16 -22.92
C VAL B 60 15.16 21.63 -22.86
N PRO B 61 14.00 20.96 -22.90
CA PRO B 61 13.92 19.50 -22.89
C PRO B 61 14.35 18.92 -24.23
N ARG B 62 14.42 17.58 -24.29
CA ARG B 62 14.81 16.85 -25.49
C ARG B 62 14.16 15.48 -25.51
N MET A 1 19.28 18.65 -2.20
CA MET A 1 20.31 18.52 -3.25
C MET A 1 19.69 18.12 -4.59
N SER A 2 19.18 16.89 -4.71
CA SER A 2 18.54 16.42 -5.92
C SER A 2 17.51 15.34 -5.59
N LEU A 3 16.49 15.20 -6.44
CA LEU A 3 15.42 14.23 -6.26
C LEU A 3 15.94 12.81 -6.40
N GLY A 4 17.02 12.60 -7.17
CA GLY A 4 17.52 11.26 -7.42
C GLY A 4 18.18 10.65 -6.18
N GLN A 5 18.64 11.51 -5.25
CA GLN A 5 19.28 11.07 -4.02
C GLN A 5 18.24 10.67 -2.98
N GLN A 6 16.95 10.71 -3.34
CA GLN A 6 15.86 10.34 -2.46
C GLN A 6 14.89 9.39 -3.16
N LEU A 7 14.89 9.39 -4.51
CA LEU A 7 14.05 8.48 -5.26
C LEU A 7 14.66 7.08 -5.31
N ALA A 8 16.00 7.01 -5.44
CA ALA A 8 16.71 5.75 -5.64
C ALA A 8 16.48 4.70 -4.56
N PRO A 9 16.53 5.04 -3.26
CA PRO A 9 16.41 4.06 -2.19
C PRO A 9 14.97 3.53 -2.02
N HIS A 10 14.01 4.06 -2.78
CA HIS A 10 12.62 3.65 -2.67
C HIS A 10 11.99 3.45 -4.06
N LEU A 11 12.82 3.50 -5.10
CA LEU A 11 12.39 3.35 -6.48
C LEU A 11 11.65 2.03 -6.75
N PRO A 12 12.10 0.88 -6.23
CA PRO A 12 11.45 -0.40 -6.48
C PRO A 12 10.24 -0.66 -5.59
N PHE A 13 10.03 0.14 -4.54
CA PHE A 13 8.91 -0.08 -3.63
C PHE A 13 7.58 0.13 -4.34
N LEU A 14 7.57 0.91 -5.42
CA LEU A 14 6.35 1.15 -6.19
C LEU A 14 5.87 -0.14 -6.86
N ARG A 15 6.77 -1.12 -7.00
CA ARG A 15 6.44 -2.38 -7.66
C ARG A 15 6.22 -3.49 -6.64
N ARG A 16 6.74 -3.35 -5.42
CA ARG A 16 6.61 -4.39 -4.41
C ARG A 16 5.16 -4.65 -4.03
N TYR A 17 4.26 -3.73 -4.38
CA TYR A 17 2.83 -3.91 -4.19
C TYR A 17 2.03 -3.37 -5.38
N GLY A 18 2.62 -2.46 -6.17
CA GLY A 18 1.94 -1.93 -7.34
C GLY A 18 1.67 -3.00 -8.38
N ARG A 19 2.46 -4.08 -8.37
CA ARG A 19 2.26 -5.21 -9.27
C ARG A 19 0.96 -5.96 -8.98
N ALA A 20 0.34 -5.68 -7.83
CA ALA A 20 -0.83 -6.40 -7.36
C ALA A 20 -2.07 -5.52 -7.33
N LEU A 21 -1.92 -4.22 -7.58
CA LEU A 21 -3.06 -3.31 -7.70
C LEU A 21 -3.67 -3.36 -9.10
N THR A 22 -3.10 -4.18 -9.99
CA THR A 22 -3.53 -4.25 -11.38
C THR A 22 -3.35 -5.66 -11.97
N GLY A 23 -2.78 -6.60 -11.21
CA GLY A 23 -2.68 -7.99 -11.64
C GLY A 23 -1.63 -8.20 -12.73
N SER A 24 -0.72 -7.25 -12.92
CA SER A 24 0.33 -7.37 -13.93
C SER A 24 1.52 -6.49 -13.56
N GLN A 25 2.72 -7.08 -13.50
CA GLN A 25 3.93 -6.34 -13.23
C GLN A 25 4.29 -5.43 -14.40
N ASN A 26 3.75 -5.71 -15.59
CA ASN A 26 3.99 -4.86 -16.76
C ASN A 26 3.19 -3.56 -16.63
N GLN A 27 2.02 -3.63 -16.00
CA GLN A 27 1.22 -2.44 -15.72
C GLN A 27 1.83 -1.69 -14.54
N GLY A 28 2.38 -2.40 -13.56
CA GLY A 28 2.99 -1.77 -12.40
C GLY A 28 4.30 -1.08 -12.77
N ASP A 29 5.06 -1.68 -13.69
CA ASP A 29 6.33 -1.10 -14.10
C ASP A 29 6.11 0.13 -14.99
N LYS A 30 5.06 0.14 -15.82
CA LYS A 30 4.82 1.30 -16.65
C LYS A 30 4.17 2.42 -15.84
N TYR A 31 3.52 2.09 -14.71
CA TYR A 31 3.01 3.12 -13.83
C TYR A 31 4.18 3.87 -13.20
N VAL A 32 5.27 3.16 -12.88
CA VAL A 32 6.46 3.78 -12.29
C VAL A 32 7.04 4.83 -13.23
N ARG A 33 7.18 4.48 -14.51
CA ARG A 33 7.79 5.39 -15.47
C ARG A 33 6.81 6.49 -15.90
N ALA A 34 5.51 6.18 -15.90
CA ALA A 34 4.49 7.17 -16.22
C ALA A 34 4.32 8.17 -15.09
N THR A 35 4.61 7.75 -13.84
CA THR A 35 4.53 8.63 -12.69
C THR A 35 5.59 9.71 -12.79
N LEU A 36 6.78 9.35 -13.26
CA LEU A 36 7.89 10.28 -13.34
C LEU A 36 7.69 11.27 -14.48
N GLU A 37 7.26 10.79 -15.65
CA GLU A 37 7.06 11.64 -16.82
C GLU A 37 5.94 12.66 -16.54
N ALA A 38 5.02 12.32 -15.63
CA ALA A 38 3.93 13.20 -15.23
C ALA A 38 4.41 14.30 -14.26
N ILE A 39 5.72 14.30 -13.94
CA ILE A 39 6.31 15.24 -12.99
C ILE A 39 7.45 16.00 -13.68
N VAL A 40 7.90 15.54 -14.84
CA VAL A 40 8.93 16.20 -15.64
C VAL A 40 8.52 17.64 -16.03
N ALA A 41 7.22 17.97 -15.90
CA ALA A 41 6.70 19.28 -16.23
C ALA A 41 6.01 19.91 -15.02
N ALA A 42 6.08 19.24 -13.87
CA ALA A 42 5.42 19.68 -12.64
C ALA A 42 6.12 19.12 -11.40
N PRO A 43 7.44 19.34 -11.25
CA PRO A 43 8.21 18.81 -10.15
C PRO A 43 7.77 19.38 -8.80
N ASP A 44 6.95 20.43 -8.81
CA ASP A 44 6.38 21.00 -7.60
C ASP A 44 5.31 20.09 -7.00
N GLN A 45 4.81 19.12 -7.79
CA GLN A 45 3.79 18.19 -7.35
C GLN A 45 4.38 16.99 -6.62
N PHE A 46 5.71 16.95 -6.47
CA PHE A 46 6.40 15.83 -5.86
C PHE A 46 7.36 16.32 -4.76
N PRO A 47 6.80 16.92 -3.70
CA PRO A 47 7.56 17.50 -2.61
C PRO A 47 8.27 16.44 -1.77
N ARG A 48 9.18 16.90 -0.90
CA ARG A 48 9.96 16.05 -0.01
C ARG A 48 9.71 16.47 1.45
N ASP A 49 8.69 17.30 1.66
CA ASP A 49 8.27 17.74 2.99
C ASP A 49 7.57 16.62 3.76
N VAL A 50 7.64 15.39 3.24
CA VAL A 50 7.02 14.22 3.84
C VAL A 50 8.00 13.05 3.81
N ASP A 51 7.64 11.92 4.41
CA ASP A 51 8.49 10.74 4.44
C ASP A 51 8.89 10.33 3.02
N PRO A 52 10.11 9.81 2.85
CA PRO A 52 10.65 9.39 1.57
C PRO A 52 9.94 8.17 1.00
N ARG A 53 8.79 7.78 1.58
CA ARG A 53 7.96 6.71 1.06
C ARG A 53 6.51 7.18 0.93
N LEU A 54 6.14 8.29 1.58
CA LEU A 54 4.78 8.80 1.53
C LEU A 54 4.55 9.57 0.25
N GLY A 55 5.58 10.28 -0.24
CA GLY A 55 5.48 11.02 -1.49
C GLY A 55 5.60 10.07 -2.68
N LEU A 56 6.40 9.00 -2.53
CA LEU A 56 6.58 7.99 -3.55
C LEU A 56 5.24 7.34 -3.90
N TYR A 57 4.48 6.95 -2.87
CA TYR A 57 3.23 6.24 -3.07
C TYR A 57 2.13 7.16 -3.60
N ARG A 58 2.11 8.43 -3.19
CA ARG A 58 1.04 9.34 -3.61
C ARG A 58 1.08 9.56 -5.13
N MET A 59 2.26 9.74 -5.71
CA MET A 59 2.36 9.98 -7.13
C MET A 59 2.03 8.72 -7.92
N PHE A 60 2.40 7.55 -7.38
CA PHE A 60 2.09 6.28 -8.03
C PHE A 60 0.59 6.01 -7.97
N GLN A 61 -0.06 6.37 -6.87
CA GLN A 61 -1.51 6.24 -6.73
C GLN A 61 -2.23 7.19 -7.68
N GLY A 62 -1.54 8.25 -8.15
CA GLY A 62 -2.12 9.19 -9.08
C GLY A 62 -2.26 8.58 -10.47
N ILE A 63 -1.25 7.82 -10.91
CA ILE A 63 -1.34 7.13 -12.20
C ILE A 63 -2.30 5.95 -12.09
N TRP A 64 -2.34 5.30 -10.94
CA TRP A 64 -3.25 4.17 -10.74
C TRP A 64 -4.70 4.65 -10.80
N ALA A 65 -4.99 5.84 -10.27
CA ALA A 65 -6.32 6.40 -10.32
C ALA A 65 -6.70 6.78 -11.76
N SER A 66 -5.70 7.16 -12.57
CA SER A 66 -5.92 7.51 -13.96
C SER A 66 -6.15 6.24 -14.80
N ALA A 67 -5.56 5.11 -14.39
CA ALA A 67 -5.72 3.85 -15.09
C ALA A 67 -7.13 3.29 -14.89
N ASN A 68 -7.74 3.58 -13.74
CA ASN A 68 -9.11 3.17 -13.45
C ASN A 68 -10.11 4.19 -14.00
N ALA A 69 -9.63 5.38 -14.39
CA ALA A 69 -10.46 6.43 -14.94
C ALA A 69 -10.62 6.24 -16.46
N ASP A 70 -10.10 5.14 -17.01
CA ASP A 70 -10.19 4.85 -18.43
C ASP A 70 -10.50 3.37 -18.66
N GLY A 71 -10.67 2.60 -17.59
CA GLY A 71 -11.03 1.19 -17.66
C GLY A 71 -9.88 0.29 -18.10
N GLU A 72 -8.65 0.81 -18.09
CA GLU A 72 -7.48 0.02 -18.49
C GLU A 72 -7.25 -1.15 -17.54
N ALA A 73 -7.85 -1.08 -16.34
CA ALA A 73 -7.83 -2.13 -15.34
C ALA A 73 -9.03 -1.97 -14.42
N GLN A 74 -9.47 -3.06 -13.80
CA GLN A 74 -10.63 -3.04 -12.90
C GLN A 74 -10.49 -4.04 -11.75
N THR A 75 -9.51 -4.95 -11.80
CA THR A 75 -9.34 -5.97 -10.77
C THR A 75 -7.95 -6.61 -10.87
N SER A 76 -7.62 -7.49 -9.91
CA SER A 76 -6.37 -8.22 -9.89
C SER A 76 -6.52 -9.51 -9.09
N GLN A 77 -5.55 -10.41 -9.19
CA GLN A 77 -5.59 -11.66 -8.43
C GLN A 77 -4.19 -12.18 -8.15
N SER A 78 -3.35 -12.27 -9.19
CA SER A 78 -1.96 -12.71 -9.06
C SER A 78 -1.19 -12.47 -10.35
N ASP A 79 0.14 -12.44 -10.24
CA ASP A 79 1.05 -12.30 -11.36
C ASP A 79 2.45 -12.78 -10.96
N ALA A 80 2.54 -13.64 -9.94
CA ALA A 80 3.81 -14.13 -9.42
C ALA A 80 3.71 -15.59 -9.00
N GLU A 81 4.85 -16.16 -8.60
CA GLU A 81 4.94 -17.55 -8.19
C GLU A 81 4.14 -17.85 -6.92
N GLY A 82 3.63 -16.81 -6.27
CA GLY A 82 2.81 -16.98 -5.07
C GLY A 82 2.72 -15.71 -4.22
N THR A 83 3.55 -14.71 -4.49
CA THR A 83 3.60 -13.47 -3.70
C THR A 83 2.32 -12.65 -3.80
N GLU A 84 1.37 -13.08 -4.63
CA GLU A 84 0.10 -12.38 -4.79
C GLU A 84 -1.05 -13.37 -4.64
N ALA A 85 -0.81 -14.63 -4.99
CA ALA A 85 -1.81 -15.67 -4.80
C ALA A 85 -2.01 -15.92 -3.30
N VAL A 86 -0.98 -15.70 -2.49
CA VAL A 86 -1.08 -15.86 -1.05
C VAL A 86 -2.04 -14.84 -0.46
N ALA A 87 -2.13 -13.67 -1.09
CA ALA A 87 -2.94 -12.55 -0.63
C ALA A 87 -4.40 -12.68 -1.08
N ARG A 88 -4.74 -13.74 -1.82
CA ARG A 88 -6.11 -13.99 -2.24
C ARG A 88 -6.52 -15.43 -1.93
N ALA A 89 -5.56 -16.31 -1.68
CA ALA A 89 -5.83 -17.67 -1.24
C ALA A 89 -6.32 -17.68 0.21
N ARG A 90 -6.39 -16.50 0.83
CA ARG A 90 -6.88 -16.37 2.21
C ARG A 90 -7.94 -15.27 2.33
N LEU A 91 -8.09 -14.43 1.32
CA LEU A 91 -8.93 -13.23 1.40
C LEU A 91 -9.63 -12.95 0.06
N ALA A 92 -9.98 -14.01 -0.67
CA ALA A 92 -10.62 -13.97 -1.98
C ALA A 92 -11.89 -13.11 -2.07
N ARG A 93 -12.32 -12.44 -1.00
CA ARG A 93 -13.55 -11.66 -1.01
C ARG A 93 -13.33 -10.24 -0.46
N MET A 94 -12.14 -9.93 0.05
CA MET A 94 -11.85 -8.60 0.58
C MET A 94 -11.83 -7.57 -0.56
N THR A 95 -12.27 -6.35 -0.26
CA THR A 95 -12.27 -5.25 -1.21
C THR A 95 -10.82 -4.90 -1.56
N PRO A 96 -10.50 -4.66 -2.84
CA PRO A 96 -9.12 -4.44 -3.27
C PRO A 96 -8.53 -3.13 -2.75
N LEU A 97 -9.37 -2.16 -2.38
CA LEU A 97 -8.90 -0.90 -1.81
C LEU A 97 -8.51 -1.10 -0.35
N SER A 98 -9.23 -1.98 0.37
CA SER A 98 -8.96 -2.25 1.77
C SER A 98 -7.60 -2.91 1.95
N ARG A 99 -7.08 -3.58 0.90
CA ARG A 99 -5.75 -4.18 0.96
C ARG A 99 -4.67 -3.09 1.03
N GLN A 100 -4.97 -1.91 0.51
CA GLN A 100 -4.05 -0.79 0.54
C GLN A 100 -4.05 -0.17 1.94
N ALA A 101 -5.22 -0.08 2.57
CA ALA A 101 -5.31 0.44 3.93
C ALA A 101 -4.63 -0.53 4.90
N LEU A 102 -4.72 -1.84 4.61
CA LEU A 102 -4.11 -2.87 5.44
C LEU A 102 -2.61 -2.65 5.54
N LEU A 103 -1.93 -2.54 4.39
CA LEU A 103 -0.47 -2.43 4.39
C LEU A 103 0.01 -1.07 4.90
N LEU A 104 -0.88 -0.08 4.97
CA LEU A 104 -0.53 1.23 5.50
C LEU A 104 -0.63 1.27 7.03
N THR A 105 -1.19 0.23 7.66
CA THR A 105 -1.36 0.21 9.11
C THR A 105 -0.96 -1.12 9.75
N ALA A 106 -0.28 -1.99 8.99
CA ALA A 106 0.18 -3.27 9.53
C ALA A 106 1.65 -3.56 9.19
N MET A 107 2.32 -2.66 8.46
CA MET A 107 3.70 -2.91 8.05
C MET A 107 4.56 -1.65 7.99
N GLU A 108 3.97 -0.45 8.07
CA GLU A 108 4.74 0.78 7.94
C GLU A 108 4.33 1.85 8.96
N GLY A 109 3.31 1.56 9.77
CA GLY A 109 2.90 2.41 10.88
C GLY A 109 2.58 3.85 10.47
N PHE A 110 2.17 4.09 9.22
CA PHE A 110 1.81 5.43 8.78
C PHE A 110 0.70 6.01 9.67
N SER A 111 0.67 7.34 9.80
CA SER A 111 -0.43 8.03 10.46
C SER A 111 -1.69 7.80 9.64
N PRO A 112 -2.87 7.77 10.27
CA PRO A 112 -4.12 7.61 9.55
C PRO A 112 -4.37 8.82 8.64
N GLU A 113 -3.66 9.93 8.86
CA GLU A 113 -3.75 11.10 8.01
C GLU A 113 -3.00 10.88 6.71
N ASP A 114 -1.82 10.23 6.77
CA ASP A 114 -1.04 9.92 5.59
C ASP A 114 -1.67 8.75 4.83
N ALA A 115 -2.26 7.79 5.56
CA ALA A 115 -2.95 6.68 4.93
C ALA A 115 -4.21 7.15 4.21
N ALA A 116 -4.82 8.24 4.69
CA ALA A 116 -6.00 8.83 4.06
C ALA A 116 -5.60 9.65 2.85
N TYR A 117 -4.38 10.19 2.88
CA TYR A 117 -3.83 11.01 1.80
C TYR A 117 -3.41 10.16 0.62
N LEU A 118 -3.16 8.86 0.82
CA LEU A 118 -2.79 7.95 -0.25
C LEU A 118 -4.00 7.29 -0.93
N ILE A 119 -5.21 7.49 -0.42
CA ILE A 119 -6.41 6.90 -1.01
C ILE A 119 -7.56 7.91 -1.08
N GLU A 120 -7.22 9.19 -0.90
CA GLU A 120 -8.13 10.34 -0.99
C GLU A 120 -9.47 10.16 -0.24
N VAL A 121 -9.38 9.99 1.08
CA VAL A 121 -10.54 9.92 1.98
C VAL A 121 -10.26 10.75 3.23
N ASP A 122 -11.21 10.79 4.17
CA ASP A 122 -11.02 11.46 5.44
C ASP A 122 -10.25 10.55 6.40
N THR A 123 -9.65 11.12 7.43
CA THR A 123 -8.88 10.35 8.41
C THR A 123 -9.79 9.34 9.12
N SER A 124 -11.05 9.73 9.38
CA SER A 124 -11.99 8.84 10.07
C SER A 124 -12.45 7.72 9.15
N GLU A 125 -12.40 7.92 7.83
CA GLU A 125 -12.78 6.86 6.91
C GLU A 125 -11.72 5.77 6.91
N VAL A 126 -10.44 6.12 7.07
CA VAL A 126 -9.38 5.12 7.14
C VAL A 126 -9.57 4.26 8.39
N GLU A 127 -9.98 4.88 9.50
CA GLU A 127 -10.20 4.14 10.73
C GLU A 127 -11.29 3.07 10.53
N THR A 128 -12.30 3.38 9.72
CA THR A 128 -13.35 2.43 9.42
C THR A 128 -12.87 1.37 8.43
N LEU A 129 -12.05 1.78 7.44
CA LEU A 129 -11.57 0.86 6.43
C LEU A 129 -10.66 -0.21 7.02
N VAL A 130 -9.85 0.13 8.03
CA VAL A 130 -8.98 -0.87 8.65
C VAL A 130 -9.76 -1.72 9.64
N THR A 131 -10.83 -1.16 10.24
CA THR A 131 -11.65 -1.93 11.18
C THR A 131 -12.42 -3.00 10.43
N GLU A 132 -12.90 -2.70 9.23
CA GLU A 132 -13.62 -3.67 8.42
C GLU A 132 -12.64 -4.63 7.75
N ALA A 133 -11.40 -4.20 7.51
CA ALA A 133 -10.41 -5.05 6.88
C ALA A 133 -9.99 -6.16 7.83
N LEU A 134 -9.63 -5.82 9.08
CA LEU A 134 -9.22 -6.81 10.06
C LEU A 134 -10.40 -7.68 10.47
N ALA A 135 -11.62 -7.20 10.30
CA ALA A 135 -12.80 -8.01 10.57
C ALA A 135 -12.90 -9.15 9.55
N GLU A 136 -12.49 -8.89 8.30
CA GLU A 136 -12.47 -9.92 7.27
C GLU A 136 -11.23 -10.79 7.39
N ILE A 137 -10.18 -10.32 8.07
CA ILE A 137 -9.01 -11.15 8.32
C ILE A 137 -9.40 -12.26 9.30
N GLU A 138 -9.98 -11.89 10.44
CA GLU A 138 -10.37 -12.87 11.46
C GLU A 138 -11.57 -13.70 11.02
N LYS A 139 -12.31 -13.25 10.00
CA LYS A 139 -13.47 -13.98 9.50
C LYS A 139 -13.07 -15.32 8.88
N GLN A 140 -11.81 -15.49 8.46
CA GLN A 140 -11.45 -16.67 7.69
C GLN A 140 -9.97 -17.07 7.78
N THR A 141 -9.05 -16.09 7.69
CA THR A 141 -7.61 -16.29 7.52
C THR A 141 -7.19 -17.31 6.46
N ARG A 142 -8.12 -17.98 5.78
CA ARG A 142 -7.81 -18.88 4.67
C ARG A 142 -9.02 -19.03 3.75
N ALA A 143 -8.79 -19.57 2.56
CA ALA A 143 -9.84 -19.79 1.57
C ALA A 143 -9.55 -21.04 0.74
N LEU A 144 -8.76 -21.96 1.29
CA LEU A 144 -8.36 -23.20 0.62
C LEU A 144 -8.41 -24.37 1.61
N GLU A 145 -8.14 -25.59 1.12
CA GLU A 145 -8.24 -26.81 1.91
C GLU A 145 -9.65 -26.96 2.49
N LEU A 146 -10.62 -26.31 1.86
CA LEU A 146 -12.02 -26.33 2.26
C LEU A 146 -12.65 -27.71 2.01
N VAL A 147 -13.97 -27.82 2.19
CA VAL A 147 -14.70 -29.06 2.05
C VAL A 147 -15.89 -28.87 1.10
N PRO A 148 -16.34 -29.95 0.44
CA PRO A 148 -17.43 -29.92 -0.52
C PRO A 148 -18.80 -29.72 0.15
N ARG A 149 -19.83 -29.60 -0.69
CA ARG A 149 -21.23 -29.38 -0.36
C ARG A 149 -21.48 -28.29 0.69
N GLY A 150 -22.76 -28.10 1.03
CA GLY A 150 -23.20 -27.09 1.98
C GLY A 150 -24.72 -27.02 2.07
N SER A 151 -25.40 -28.13 1.72
CA SER A 151 -26.85 -28.21 1.69
C SER A 151 -27.47 -27.92 3.07
N HIS A 152 -28.78 -27.66 3.07
CA HIS A 152 -29.54 -27.34 4.28
C HIS A 152 -30.98 -27.83 4.16
N HIS A 153 -31.23 -28.72 3.20
CA HIS A 153 -32.57 -29.21 2.88
C HIS A 153 -32.52 -30.69 2.48
N HIS A 154 -33.68 -31.27 2.16
CA HIS A 154 -33.79 -32.67 1.82
C HIS A 154 -34.88 -32.88 0.76
N HIS A 155 -35.09 -34.14 0.36
CA HIS A 155 -36.08 -34.50 -0.64
C HIS A 155 -36.68 -35.88 -0.31
N HIS A 156 -37.77 -36.26 -0.98
CA HIS A 156 -38.47 -37.50 -0.68
C HIS A 156 -39.08 -38.18 -1.91
N HIS A 157 -38.68 -37.77 -3.12
CA HIS A 157 -39.14 -38.39 -4.36
C HIS A 157 -37.98 -38.54 -5.33
N MET B 1 23.13 7.35 14.17
CA MET B 1 24.40 7.10 13.44
C MET B 1 24.35 5.75 12.74
N LEU B 2 25.42 5.42 12.01
CA LEU B 2 25.51 4.15 11.29
C LEU B 2 26.95 3.61 11.27
N ASP B 3 27.88 4.29 11.95
CA ASP B 3 29.26 3.86 12.03
C ASP B 3 29.41 2.68 13.00
N LEU B 4 28.31 2.27 13.63
CA LEU B 4 28.27 1.17 14.57
C LEU B 4 26.87 0.55 14.56
N PRO B 5 26.72 -0.72 14.96
CA PRO B 5 25.45 -1.43 14.93
C PRO B 5 24.50 -0.96 16.04
N GLY B 6 25.00 -0.17 17.01
CA GLY B 6 24.17 0.38 18.07
C GLY B 6 24.70 0.04 19.47
N ASN B 7 25.76 -0.77 19.54
CA ASN B 7 26.34 -1.21 20.80
C ASN B 7 27.09 -0.08 21.53
N LYS B 8 27.01 1.15 21.02
CA LYS B 8 27.72 2.31 21.58
C LYS B 8 29.21 2.02 21.78
N ASP B 9 29.75 1.13 20.95
CA ASP B 9 31.15 0.71 21.02
C ASP B 9 31.65 0.33 19.63
N LYS B 10 32.96 0.06 19.50
CA LYS B 10 33.60 -0.26 18.24
C LYS B 10 34.60 -1.41 18.45
N LYS B 11 35.38 -1.74 17.41
CA LYS B 11 36.34 -2.84 17.44
C LYS B 11 35.64 -4.16 17.78
N ALA B 12 34.36 -4.27 17.42
CA ALA B 12 33.54 -5.44 17.67
C ALA B 12 32.61 -5.72 16.48
N SER B 13 32.84 -5.04 15.35
CA SER B 13 32.06 -5.18 14.14
C SER B 13 32.91 -4.83 12.94
N SER B 14 32.37 -5.03 11.73
CA SER B 14 33.07 -4.77 10.48
C SER B 14 32.10 -4.25 9.41
N LYS B 15 30.92 -3.80 9.84
CA LYS B 15 29.84 -3.34 8.97
C LYS B 15 29.42 -4.41 7.97
N LYS B 16 29.77 -5.67 8.25
CA LYS B 16 29.42 -6.83 7.44
C LYS B 16 29.01 -8.00 8.34
N SER B 17 28.89 -7.75 9.65
CA SER B 17 28.48 -8.74 10.63
C SER B 17 27.77 -8.07 11.81
N PRO B 18 26.72 -7.27 11.53
CA PRO B 18 25.99 -6.51 12.53
C PRO B 18 25.16 -7.44 13.43
N ALA B 19 24.48 -6.85 14.42
CA ALA B 19 23.64 -7.57 15.36
C ALA B 19 22.47 -8.26 14.66
N LYS B 20 21.73 -9.07 15.42
CA LYS B 20 20.55 -9.76 14.91
C LYS B 20 19.54 -9.90 16.04
N VAL B 21 18.26 -10.06 15.68
CA VAL B 21 17.14 -10.13 16.62
C VAL B 21 16.10 -11.12 16.11
N GLN B 22 14.94 -11.16 16.78
CA GLN B 22 13.86 -12.08 16.45
C GLN B 22 13.38 -11.89 15.00
N SER B 23 12.64 -12.91 14.50
CA SER B 23 12.16 -12.94 13.13
C SER B 23 10.78 -13.59 13.06
N LYS B 24 10.01 -13.50 14.16
CA LYS B 24 8.68 -14.09 14.28
C LYS B 24 7.73 -13.57 13.20
N ASP B 25 6.61 -14.26 13.02
CA ASP B 25 5.63 -13.96 11.99
C ASP B 25 4.20 -14.20 12.51
N ARG B 26 4.03 -14.17 13.84
CA ARG B 26 2.76 -14.42 14.52
C ARG B 26 1.70 -13.33 14.27
N ASP B 27 1.88 -12.50 13.25
CA ASP B 27 0.95 -11.42 12.95
C ASP B 27 0.75 -11.29 11.44
N MET B 28 -0.42 -10.80 11.03
CA MET B 28 -0.81 -10.71 9.63
C MET B 28 0.09 -9.74 8.85
N GLY B 29 0.68 -8.76 9.53
CA GLY B 29 1.55 -7.80 8.86
C GLY B 29 2.88 -8.43 8.47
N ALA B 30 3.38 -9.37 9.27
CA ALA B 30 4.63 -10.04 8.97
C ALA B 30 4.45 -11.06 7.86
N ALA B 31 3.21 -11.48 7.59
CA ALA B 31 2.92 -12.44 6.55
C ALA B 31 2.93 -11.75 5.18
N LEU B 32 2.35 -10.55 5.14
CA LEU B 32 2.28 -9.76 3.93
C LEU B 32 3.65 -9.23 3.55
N ARG B 33 4.44 -8.76 4.54
CA ARG B 33 5.76 -8.25 4.25
C ARG B 33 6.72 -9.36 3.86
N SER B 34 6.49 -10.60 4.30
CA SER B 34 7.33 -11.71 3.89
C SER B 34 7.20 -11.94 2.38
N ALA B 35 5.95 -11.91 1.88
CA ALA B 35 5.69 -12.12 0.47
C ALA B 35 6.21 -10.95 -0.38
N TYR B 36 6.36 -9.76 0.22
CA TYR B 36 6.82 -8.59 -0.51
C TYR B 36 8.27 -8.25 -0.17
N GLN B 37 8.91 -9.00 0.73
CA GLN B 37 10.33 -8.82 1.01
C GLN B 37 11.14 -9.51 -0.08
N LYS B 38 10.70 -10.70 -0.50
CA LYS B 38 11.35 -11.39 -1.62
C LYS B 38 11.15 -10.62 -2.92
N THR B 39 10.19 -9.69 -2.94
CA THR B 39 9.93 -8.83 -4.09
C THR B 39 10.77 -7.54 -4.06
N ILE B 40 11.50 -7.26 -2.97
CA ILE B 40 12.22 -5.99 -2.84
C ILE B 40 13.71 -6.17 -2.59
N GLU B 41 14.17 -7.41 -2.36
CA GLU B 41 15.58 -7.72 -2.15
C GLU B 41 16.36 -7.80 -3.47
N GLU B 42 15.98 -7.00 -4.47
CA GLU B 42 16.57 -7.06 -5.80
C GLU B 42 17.00 -5.68 -6.30
N GLN B 43 17.63 -5.66 -7.49
CA GLN B 43 18.15 -4.45 -8.13
C GLN B 43 17.04 -3.47 -8.51
N VAL B 44 17.44 -2.31 -9.07
CA VAL B 44 16.51 -1.26 -9.43
C VAL B 44 16.86 -0.67 -10.80
N PRO B 45 15.88 -0.06 -11.48
CA PRO B 45 16.09 0.66 -12.74
C PRO B 45 16.69 2.03 -12.45
N ASP B 46 16.92 2.82 -13.50
CA ASP B 46 17.46 4.17 -13.34
C ASP B 46 16.94 5.12 -14.44
N GLU B 47 16.15 4.62 -15.39
CA GLU B 47 15.66 5.42 -16.48
C GLU B 47 14.69 6.51 -16.00
N MET B 48 14.11 6.35 -14.82
CA MET B 48 13.24 7.39 -14.25
C MET B 48 14.07 8.61 -13.87
N LEU B 49 15.30 8.40 -13.40
CA LEU B 49 16.18 9.52 -13.05
C LEU B 49 16.89 10.03 -14.30
N ASP B 50 16.84 9.28 -15.40
CA ASP B 50 17.36 9.78 -16.66
C ASP B 50 16.43 10.86 -17.22
N LEU B 51 15.17 10.87 -16.77
CA LEU B 51 14.23 11.94 -17.10
C LEU B 51 14.60 13.21 -16.34
N LEU B 52 15.36 13.10 -15.25
CA LEU B 52 15.87 14.29 -14.57
C LEU B 52 17.06 14.85 -15.33
N ASN B 53 17.74 14.03 -16.13
CA ASN B 53 18.79 14.49 -17.02
C ASN B 53 18.18 15.24 -18.20
N LYS B 54 16.86 15.52 -18.13
CA LYS B 54 16.09 16.18 -19.16
C LYS B 54 15.45 17.46 -18.60
N LEU B 55 15.66 17.75 -17.31
CA LEU B 55 15.09 18.95 -16.70
C LEU B 55 15.96 19.53 -15.57
N ALA B 56 16.93 18.77 -15.05
CA ALA B 56 17.78 19.22 -13.96
C ALA B 56 19.27 19.20 -14.33
N LEU B 57 19.59 18.87 -15.59
CA LEU B 57 20.95 18.82 -16.10
C LEU B 57 21.82 17.86 -15.28
N GLU B 58 23.12 17.83 -15.57
CA GLU B 58 24.09 16.99 -14.90
C GLU B 58 25.29 17.80 -14.40
N LEU B 59 25.17 19.13 -14.46
CA LEU B 59 26.21 20.07 -14.06
C LEU B 59 25.54 21.32 -13.49
N VAL B 60 26.32 22.20 -12.85
CA VAL B 60 25.82 23.42 -12.25
C VAL B 60 26.88 24.51 -12.42
N PRO B 61 26.48 25.73 -12.85
CA PRO B 61 27.38 26.85 -13.03
C PRO B 61 27.82 27.45 -11.70
N ARG B 62 28.77 28.39 -11.75
CA ARG B 62 29.29 29.09 -10.58
C ARG B 62 29.77 30.48 -10.95
N MET A 1 16.07 20.08 -8.60
CA MET A 1 17.22 20.21 -7.69
C MET A 1 17.36 18.98 -6.81
N SER A 2 18.50 18.29 -6.91
CA SER A 2 18.82 17.11 -6.13
C SER A 2 17.69 16.06 -6.08
N LEU A 3 16.86 16.02 -7.13
CA LEU A 3 15.72 15.11 -7.18
C LEU A 3 16.17 13.65 -7.15
N GLY A 4 17.35 13.35 -7.71
CA GLY A 4 17.84 11.97 -7.73
C GLY A 4 18.11 11.44 -6.33
N GLN A 5 18.59 12.31 -5.44
CA GLN A 5 18.85 11.97 -4.04
C GLN A 5 17.55 11.82 -3.26
N GLN A 6 16.41 11.96 -3.93
CA GLN A 6 15.10 11.87 -3.31
C GLN A 6 14.20 10.87 -4.05
N LEU A 7 14.73 10.25 -5.11
CA LEU A 7 14.01 9.23 -5.87
C LEU A 7 14.77 7.90 -5.85
N ALA A 8 16.09 7.95 -5.96
CA ALA A 8 16.92 6.75 -6.05
C ALA A 8 16.76 5.79 -4.87
N PRO A 9 16.74 6.28 -3.60
CA PRO A 9 16.61 5.41 -2.45
C PRO A 9 15.17 4.91 -2.28
N HIS A 10 14.27 5.26 -3.20
CA HIS A 10 12.86 4.87 -3.10
C HIS A 10 12.33 4.25 -4.39
N LEU A 11 13.22 3.94 -5.34
CA LEU A 11 12.83 3.31 -6.60
C LEU A 11 12.05 2.00 -6.40
N PRO A 12 12.45 1.10 -5.49
CA PRO A 12 11.79 -0.19 -5.34
C PRO A 12 10.51 -0.11 -4.51
N PHE A 13 10.30 0.98 -3.78
CA PHE A 13 9.12 1.11 -2.94
C PHE A 13 7.86 1.29 -3.77
N LEU A 14 7.99 1.83 -4.99
CA LEU A 14 6.84 1.99 -5.86
C LEU A 14 6.36 0.63 -6.35
N ARG A 15 7.28 -0.35 -6.41
CA ARG A 15 6.98 -1.71 -6.86
C ARG A 15 6.54 -2.57 -5.68
N ARG A 16 7.04 -2.24 -4.47
CA ARG A 16 6.81 -3.00 -3.25
C ARG A 16 5.33 -3.24 -2.96
N TYR A 17 4.45 -2.37 -3.47
CA TYR A 17 3.02 -2.56 -3.31
C TYR A 17 2.25 -2.18 -4.57
N GLY A 18 2.85 -1.36 -5.45
CA GLY A 18 2.18 -0.93 -6.67
C GLY A 18 1.88 -2.11 -7.57
N ARG A 19 2.68 -3.18 -7.49
CA ARG A 19 2.44 -4.40 -8.26
C ARG A 19 1.19 -5.11 -7.75
N ALA A 20 0.92 -5.02 -6.44
CA ALA A 20 -0.20 -5.70 -5.82
C ALA A 20 -1.53 -4.99 -6.08
N LEU A 21 -1.49 -3.76 -6.60
CA LEU A 21 -2.71 -3.02 -6.92
C LEU A 21 -3.22 -3.37 -8.32
N THR A 22 -2.58 -4.33 -8.99
CA THR A 22 -2.94 -4.70 -10.35
C THR A 22 -2.66 -6.18 -10.63
N GLY A 23 -1.82 -6.83 -9.81
CA GLY A 23 -1.64 -8.27 -9.89
C GLY A 23 -0.66 -8.72 -10.98
N SER A 24 0.08 -7.78 -11.59
CA SER A 24 1.01 -8.12 -12.65
C SER A 24 2.21 -7.17 -12.64
N GLN A 25 3.40 -7.72 -12.88
CA GLN A 25 4.62 -6.93 -12.92
C GLN A 25 4.69 -6.09 -14.19
N ASN A 26 3.92 -6.45 -15.23
CA ASN A 26 3.91 -5.69 -16.47
C ASN A 26 3.15 -4.38 -16.27
N GLN A 27 2.07 -4.43 -15.48
CA GLN A 27 1.31 -3.24 -15.14
C GLN A 27 2.01 -2.47 -14.03
N GLY A 28 2.69 -3.18 -13.12
CA GLY A 28 3.42 -2.53 -12.05
C GLY A 28 4.58 -1.70 -12.63
N ASP A 29 5.35 -2.28 -13.55
CA ASP A 29 6.45 -1.57 -14.18
C ASP A 29 5.92 -0.38 -14.99
N LYS A 30 4.72 -0.54 -15.57
CA LYS A 30 4.10 0.51 -16.35
C LYS A 30 3.70 1.67 -15.45
N TYR A 31 3.07 1.42 -14.31
CA TYR A 31 2.65 2.48 -13.41
C TYR A 31 3.84 3.17 -12.76
N VAL A 32 4.88 2.41 -12.44
CA VAL A 32 6.07 2.97 -11.80
C VAL A 32 6.71 4.02 -12.69
N ARG A 33 6.98 3.67 -13.95
CA ARG A 33 7.67 4.57 -14.85
C ARG A 33 6.73 5.64 -15.38
N ALA A 34 5.43 5.35 -15.46
CA ALA A 34 4.43 6.33 -15.85
C ALA A 34 4.26 7.40 -14.78
N THR A 35 4.58 7.07 -13.51
CA THR A 35 4.52 8.05 -12.43
C THR A 35 5.60 9.10 -12.65
N LEU A 36 6.79 8.70 -13.08
CA LEU A 36 7.87 9.64 -13.33
C LEU A 36 7.57 10.44 -14.60
N GLU A 37 7.10 9.76 -15.65
CA GLU A 37 6.78 10.42 -16.92
C GLU A 37 5.72 11.49 -16.75
N ALA A 38 4.87 11.37 -15.71
CA ALA A 38 3.84 12.34 -15.42
C ALA A 38 4.43 13.55 -14.68
N ILE A 39 5.75 13.54 -14.44
CA ILE A 39 6.46 14.61 -13.75
C ILE A 39 7.56 15.17 -14.66
N VAL A 40 7.88 14.46 -15.76
CA VAL A 40 8.84 14.92 -16.77
C VAL A 40 8.38 16.22 -17.44
N ALA A 41 7.13 16.63 -17.20
CA ALA A 41 6.59 17.85 -17.78
C ALA A 41 6.09 18.80 -16.69
N ALA A 42 6.28 18.43 -15.42
CA ALA A 42 5.83 19.20 -14.28
C ALA A 42 6.66 18.86 -13.03
N PRO A 43 7.99 18.97 -13.10
CA PRO A 43 8.89 18.54 -12.03
C PRO A 43 8.73 19.37 -10.77
N ASP A 44 8.00 20.49 -10.83
CA ASP A 44 7.75 21.33 -9.67
C ASP A 44 6.60 20.77 -8.82
N GLN A 45 5.87 19.78 -9.35
CA GLN A 45 4.71 19.22 -8.67
C GLN A 45 5.11 18.09 -7.73
N PHE A 46 6.32 17.56 -7.85
CA PHE A 46 6.78 16.47 -7.01
C PHE A 46 6.88 16.97 -5.56
N PRO A 47 6.06 16.44 -4.65
CA PRO A 47 5.98 16.92 -3.27
C PRO A 47 7.13 16.42 -2.41
N ARG A 48 7.72 17.33 -1.62
CA ARG A 48 8.77 17.06 -0.66
C ARG A 48 8.37 17.58 0.72
N ASP A 49 7.15 18.13 0.82
CA ASP A 49 6.62 18.71 2.05
C ASP A 49 6.08 17.62 2.99
N VAL A 50 6.34 16.35 2.68
CA VAL A 50 5.85 15.20 3.44
C VAL A 50 6.94 14.16 3.59
N ASP A 51 6.63 13.04 4.25
CA ASP A 51 7.57 11.95 4.48
C ASP A 51 8.22 11.50 3.16
N PRO A 52 9.43 10.95 3.23
CA PRO A 52 10.21 10.54 2.07
C PRO A 52 9.59 9.35 1.34
N ARG A 53 8.38 8.94 1.73
CA ARG A 53 7.67 7.82 1.11
C ARG A 53 6.27 8.24 0.69
N LEU A 54 5.69 9.26 1.34
CA LEU A 54 4.37 9.73 0.97
C LEU A 54 4.41 10.45 -0.37
N GLY A 55 5.51 11.14 -0.68
CA GLY A 55 5.62 11.85 -1.94
C GLY A 55 5.65 10.89 -3.11
N LEU A 56 6.40 9.78 -2.94
CA LEU A 56 6.48 8.73 -3.94
C LEU A 56 5.13 8.05 -4.13
N TYR A 57 4.44 7.78 -3.02
CA TYR A 57 3.17 7.05 -3.07
C TYR A 57 2.02 7.94 -3.54
N ARG A 58 2.06 9.24 -3.25
CA ARG A 58 0.99 10.15 -3.67
C ARG A 58 0.94 10.27 -5.18
N MET A 59 2.10 10.37 -5.83
CA MET A 59 2.13 10.49 -7.28
C MET A 59 1.74 9.17 -7.94
N PHE A 60 2.11 8.04 -7.32
CA PHE A 60 1.76 6.74 -7.85
C PHE A 60 0.27 6.46 -7.70
N GLN A 61 -0.33 6.94 -6.61
CA GLN A 61 -1.76 6.80 -6.36
C GLN A 61 -2.56 7.57 -7.41
N GLY A 62 -1.97 8.63 -7.95
CA GLY A 62 -2.62 9.43 -8.98
C GLY A 62 -2.65 8.69 -10.32
N ILE A 63 -1.60 7.93 -10.64
CA ILE A 63 -1.58 7.14 -11.86
C ILE A 63 -2.57 5.98 -11.76
N TRP A 64 -2.67 5.36 -10.58
CA TRP A 64 -3.56 4.23 -10.39
C TRP A 64 -5.02 4.67 -10.45
N ALA A 65 -5.31 5.90 -10.00
CA ALA A 65 -6.66 6.43 -10.10
C ALA A 65 -7.00 6.75 -11.55
N SER A 66 -5.98 7.18 -12.33
CA SER A 66 -6.16 7.49 -13.74
C SER A 66 -6.30 6.19 -14.55
N ALA A 67 -5.76 5.09 -14.05
CA ALA A 67 -5.84 3.80 -14.72
C ALA A 67 -7.26 3.26 -14.65
N ASN A 68 -7.90 3.34 -13.49
CA ASN A 68 -9.29 2.90 -13.33
C ASN A 68 -10.22 3.86 -14.06
N ALA A 69 -9.73 5.06 -14.41
CA ALA A 69 -10.50 6.07 -15.11
C ALA A 69 -10.25 6.00 -16.61
N ASP A 70 -9.52 4.98 -17.08
CA ASP A 70 -9.20 4.81 -18.49
C ASP A 70 -9.42 3.37 -18.95
N GLY A 71 -9.77 2.46 -18.03
CA GLY A 71 -10.14 1.10 -18.42
C GLY A 71 -9.15 0.03 -17.97
N GLU A 72 -8.39 0.27 -16.90
CA GLU A 72 -7.41 -0.69 -16.39
C GLU A 72 -7.62 -0.95 -14.90
N ALA A 73 -6.89 -1.93 -14.36
CA ALA A 73 -7.02 -2.35 -12.97
C ALA A 73 -8.46 -2.64 -12.56
N GLN A 74 -9.32 -2.97 -13.52
CA GLN A 74 -10.74 -3.21 -13.30
C GLN A 74 -11.02 -4.46 -12.45
N THR A 75 -9.99 -5.25 -12.14
CA THR A 75 -10.15 -6.45 -11.32
C THR A 75 -8.88 -6.79 -10.56
N SER A 76 -7.72 -6.29 -11.01
CA SER A 76 -6.43 -6.51 -10.38
C SER A 76 -6.12 -7.98 -10.07
N GLN A 77 -6.70 -8.91 -10.83
CA GLN A 77 -6.42 -10.33 -10.67
C GLN A 77 -4.92 -10.60 -10.83
N SER A 78 -4.41 -11.67 -10.22
CA SER A 78 -2.99 -11.99 -10.25
C SER A 78 -2.78 -13.48 -10.49
N ASP A 79 -1.53 -13.88 -10.72
CA ASP A 79 -1.18 -15.26 -11.03
C ASP A 79 0.26 -15.58 -10.62
N ALA A 80 0.80 -14.83 -9.65
CA ALA A 80 2.16 -15.05 -9.16
C ALA A 80 2.36 -16.48 -8.66
N GLU A 81 3.62 -16.91 -8.54
CA GLU A 81 3.97 -18.28 -8.21
C GLU A 81 3.60 -18.66 -6.76
N GLY A 82 3.29 -17.69 -5.91
CA GLY A 82 2.92 -18.00 -4.52
C GLY A 82 3.25 -16.86 -3.56
N THR A 83 3.41 -15.63 -4.05
CA THR A 83 3.80 -14.50 -3.21
C THR A 83 2.96 -13.26 -3.47
N GLU A 84 1.93 -13.39 -4.32
CA GLU A 84 0.99 -12.31 -4.57
C GLU A 84 -0.37 -12.88 -4.95
N ALA A 85 -0.40 -14.06 -5.59
CA ALA A 85 -1.63 -14.78 -5.81
C ALA A 85 -2.21 -15.26 -4.48
N VAL A 86 -1.35 -15.39 -3.46
CA VAL A 86 -1.78 -15.77 -2.12
C VAL A 86 -2.55 -14.61 -1.46
N ALA A 87 -2.19 -13.38 -1.84
CA ALA A 87 -2.82 -12.17 -1.32
C ALA A 87 -4.05 -11.78 -2.14
N ARG A 88 -4.46 -12.64 -3.07
CA ARG A 88 -5.63 -12.42 -3.91
C ARG A 88 -6.56 -13.61 -3.85
N ALA A 89 -6.01 -14.83 -3.84
CA ALA A 89 -6.80 -16.04 -3.77
C ALA A 89 -7.47 -16.20 -2.40
N ARG A 90 -7.22 -15.26 -1.48
CA ARG A 90 -7.77 -15.31 -0.13
C ARG A 90 -8.40 -13.98 0.28
N LEU A 91 -8.34 -12.95 -0.58
CA LEU A 91 -8.77 -11.60 -0.23
C LEU A 91 -9.57 -10.96 -1.37
N ALA A 92 -10.01 -11.78 -2.34
CA ALA A 92 -10.85 -11.36 -3.44
C ALA A 92 -12.27 -10.98 -2.98
N ARG A 93 -12.45 -10.71 -1.68
CA ARG A 93 -13.77 -10.46 -1.10
C ARG A 93 -13.81 -9.14 -0.34
N MET A 94 -12.79 -8.29 -0.48
CA MET A 94 -12.78 -6.96 0.12
C MET A 94 -12.59 -5.89 -0.95
N THR A 95 -12.87 -4.63 -0.61
CA THR A 95 -12.82 -3.52 -1.55
C THR A 95 -11.38 -3.33 -2.05
N PRO A 96 -11.19 -2.96 -3.33
CA PRO A 96 -9.89 -2.65 -3.92
C PRO A 96 -9.07 -1.60 -3.16
N LEU A 97 -9.58 -1.06 -2.06
CA LEU A 97 -8.89 -0.04 -1.27
C LEU A 97 -8.65 -0.54 0.15
N SER A 98 -9.40 -1.56 0.58
CA SER A 98 -9.17 -2.17 1.88
C SER A 98 -7.84 -2.92 1.87
N ARG A 99 -7.42 -3.39 0.70
CA ARG A 99 -6.15 -4.07 0.53
C ARG A 99 -5.00 -3.08 0.69
N GLN A 100 -5.24 -1.81 0.40
CA GLN A 100 -4.22 -0.77 0.54
C GLN A 100 -4.12 -0.34 2.00
N ALA A 101 -5.28 -0.23 2.68
CA ALA A 101 -5.29 0.12 4.08
C ALA A 101 -4.61 -0.96 4.91
N LEU A 102 -4.75 -2.23 4.49
CA LEU A 102 -4.15 -3.36 5.19
C LEU A 102 -2.63 -3.30 5.11
N LEU A 103 -2.07 -3.09 3.91
CA LEU A 103 -0.62 -3.05 3.73
C LEU A 103 -0.03 -1.74 4.27
N LEU A 104 -0.88 -0.82 4.71
CA LEU A 104 -0.46 0.46 5.24
C LEU A 104 -0.61 0.53 6.77
N THR A 105 -1.18 -0.51 7.38
CA THR A 105 -1.39 -0.52 8.83
C THR A 105 -1.11 -1.88 9.47
N ALA A 106 -0.61 -2.86 8.72
CA ALA A 106 -0.28 -4.17 9.26
C ALA A 106 1.16 -4.59 8.94
N MET A 107 1.91 -3.77 8.21
CA MET A 107 3.29 -4.12 7.86
C MET A 107 4.20 -2.91 7.69
N GLU A 108 3.78 -1.71 8.10
CA GLU A 108 4.63 -0.54 8.00
C GLU A 108 4.43 0.41 9.20
N GLY A 109 3.37 0.20 9.99
CA GLY A 109 3.14 0.95 11.22
C GLY A 109 2.84 2.43 11.01
N PHE A 110 2.51 2.85 9.78
CA PHE A 110 2.18 4.25 9.52
C PHE A 110 0.96 4.66 10.35
N SER A 111 0.93 5.93 10.78
CA SER A 111 -0.20 6.48 11.51
C SER A 111 -1.42 6.52 10.59
N PRO A 112 -2.63 6.47 11.15
CA PRO A 112 -3.85 6.49 10.37
C PRO A 112 -4.07 7.84 9.71
N GLU A 113 -3.38 8.88 10.18
CA GLU A 113 -3.48 10.21 9.59
C GLU A 113 -2.73 10.28 8.27
N ASP A 114 -1.62 9.55 8.16
CA ASP A 114 -0.84 9.52 6.93
C ASP A 114 -1.45 8.52 5.95
N ALA A 115 -2.01 7.43 6.47
CA ALA A 115 -2.71 6.46 5.66
C ALA A 115 -4.00 7.06 5.09
N ALA A 116 -4.58 8.06 5.77
CA ALA A 116 -5.78 8.72 5.30
C ALA A 116 -5.44 9.72 4.20
N TYR A 117 -4.25 10.33 4.29
CA TYR A 117 -3.74 11.26 3.30
C TYR A 117 -3.37 10.53 2.00
N LEU A 118 -3.08 9.22 2.10
CA LEU A 118 -2.66 8.44 0.94
C LEU A 118 -3.84 7.83 0.18
N ILE A 119 -5.07 7.98 0.68
CA ILE A 119 -6.26 7.50 -0.02
C ILE A 119 -7.38 8.55 0.01
N GLU A 120 -7.04 9.78 0.40
CA GLU A 120 -7.94 10.93 0.42
C GLU A 120 -9.24 10.69 1.20
N VAL A 121 -9.11 10.35 2.49
CA VAL A 121 -10.22 10.14 3.39
C VAL A 121 -9.91 10.77 4.76
N ASP A 122 -10.84 10.65 5.71
CA ASP A 122 -10.61 11.11 7.07
C ASP A 122 -9.86 10.05 7.88
N THR A 123 -9.23 10.44 8.98
CA THR A 123 -8.51 9.51 9.83
C THR A 123 -9.43 8.40 10.34
N SER A 124 -10.69 8.74 10.65
CA SER A 124 -11.65 7.78 11.16
C SER A 124 -12.10 6.81 10.07
N GLU A 125 -11.96 7.18 8.79
CA GLU A 125 -12.35 6.29 7.72
C GLU A 125 -11.31 5.21 7.53
N VAL A 126 -10.03 5.49 7.78
CA VAL A 126 -9.00 4.46 7.70
C VAL A 126 -9.24 3.45 8.81
N GLU A 127 -9.66 3.91 9.99
CA GLU A 127 -9.97 3.02 11.10
C GLU A 127 -11.13 2.09 10.76
N THR A 128 -12.05 2.56 9.93
CA THR A 128 -13.18 1.74 9.48
C THR A 128 -12.72 0.76 8.41
N LEU A 129 -11.84 1.18 7.50
CA LEU A 129 -11.37 0.32 6.43
C LEU A 129 -10.53 -0.83 6.98
N VAL A 130 -9.77 -0.61 8.06
CA VAL A 130 -8.98 -1.70 8.65
C VAL A 130 -9.87 -2.62 9.50
N THR A 131 -10.98 -2.08 10.04
CA THR A 131 -11.90 -2.90 10.81
C THR A 131 -12.60 -3.90 9.90
N GLU A 132 -12.97 -3.46 8.69
CA GLU A 132 -13.59 -4.35 7.72
C GLU A 132 -12.54 -5.29 7.13
N ALA A 133 -11.28 -4.85 7.09
CA ALA A 133 -10.21 -5.67 6.54
C ALA A 133 -9.86 -6.81 7.49
N LEU A 134 -9.68 -6.52 8.79
CA LEU A 134 -9.29 -7.55 9.74
C LEU A 134 -10.41 -8.57 9.95
N ALA A 135 -11.66 -8.19 9.67
CA ALA A 135 -12.77 -9.14 9.74
C ALA A 135 -12.71 -10.09 8.55
N GLU A 136 -12.39 -9.55 7.36
CA GLU A 136 -12.26 -10.35 6.17
C GLU A 136 -10.98 -11.19 6.21
N ILE A 137 -10.00 -10.79 7.01
CA ILE A 137 -8.78 -11.59 7.19
C ILE A 137 -9.08 -12.80 8.08
N GLU A 138 -9.81 -12.58 9.18
CA GLU A 138 -10.06 -13.63 10.15
C GLU A 138 -11.00 -14.71 9.60
N LYS A 139 -11.77 -14.40 8.55
CA LYS A 139 -12.80 -15.32 8.08
C LYS A 139 -12.38 -16.24 6.93
N GLN A 140 -11.20 -16.06 6.32
CA GLN A 140 -10.85 -16.89 5.16
C GLN A 140 -9.36 -17.07 4.88
N THR A 141 -8.46 -16.32 5.53
CA THR A 141 -7.03 -16.47 5.26
C THR A 141 -6.51 -17.85 5.65
N ARG A 142 -7.29 -18.61 6.44
CA ARG A 142 -6.91 -19.95 6.86
C ARG A 142 -7.12 -21.00 5.76
N ALA A 143 -7.56 -20.56 4.58
CA ALA A 143 -7.82 -21.45 3.44
C ALA A 143 -7.47 -20.74 2.13
N LEU A 144 -7.57 -21.47 1.02
CA LEU A 144 -7.22 -20.93 -0.29
C LEU A 144 -8.02 -21.58 -1.42
N GLU A 145 -9.08 -22.32 -1.10
CA GLU A 145 -9.90 -23.02 -2.08
C GLU A 145 -11.39 -22.93 -1.75
N LEU A 146 -12.22 -23.30 -2.71
CA LEU A 146 -13.67 -23.28 -2.60
C LEU A 146 -14.27 -24.28 -3.58
N VAL A 147 -15.56 -24.57 -3.47
CA VAL A 147 -16.24 -25.53 -4.34
C VAL A 147 -17.63 -25.01 -4.71
N PRO A 148 -18.17 -25.42 -5.86
CA PRO A 148 -19.49 -25.03 -6.34
C PRO A 148 -20.60 -25.72 -5.54
N ARG A 149 -21.85 -25.32 -5.79
CA ARG A 149 -23.02 -25.86 -5.14
C ARG A 149 -24.25 -25.73 -6.05
N GLY A 150 -25.41 -26.18 -5.57
CA GLY A 150 -26.64 -26.10 -6.33
C GLY A 150 -27.86 -26.28 -5.43
N SER A 151 -29.05 -26.15 -6.02
CA SER A 151 -30.32 -26.25 -5.30
C SER A 151 -31.45 -26.72 -6.21
N HIS A 152 -31.12 -27.28 -7.39
CA HIS A 152 -32.08 -27.67 -8.40
C HIS A 152 -33.03 -26.53 -8.77
N HIS A 153 -32.61 -25.29 -8.49
CA HIS A 153 -33.39 -24.08 -8.74
C HIS A 153 -34.81 -24.14 -8.15
N HIS A 154 -35.03 -25.02 -7.16
CA HIS A 154 -36.32 -25.18 -6.53
C HIS A 154 -36.17 -25.63 -5.06
N HIS A 155 -34.94 -25.58 -4.54
CA HIS A 155 -34.60 -26.02 -3.20
C HIS A 155 -35.08 -27.45 -2.90
N HIS A 156 -35.32 -28.23 -3.96
CA HIS A 156 -35.78 -29.61 -3.83
C HIS A 156 -34.69 -30.53 -3.29
N HIS A 157 -33.45 -30.02 -3.17
CA HIS A 157 -32.31 -30.77 -2.69
C HIS A 157 -31.30 -29.83 -2.03
N MET B 1 11.85 -50.50 38.62
CA MET B 1 12.05 -49.06 38.39
C MET B 1 12.62 -48.40 39.63
N LEU B 2 13.80 -47.76 39.51
CA LEU B 2 14.48 -47.14 40.63
C LEU B 2 15.37 -45.97 40.17
N ASP B 3 15.10 -45.40 38.98
CA ASP B 3 15.94 -44.36 38.41
C ASP B 3 15.12 -43.18 37.91
N LEU B 4 13.83 -43.12 38.25
CA LEU B 4 12.98 -42.01 37.88
C LEU B 4 13.46 -40.73 38.58
N PRO B 5 13.09 -39.54 38.06
CA PRO B 5 13.47 -38.25 38.61
C PRO B 5 13.18 -38.11 40.11
N GLY B 6 12.25 -38.92 40.63
CA GLY B 6 11.93 -38.94 42.05
C GLY B 6 10.60 -39.66 42.29
N ASN B 7 10.35 -40.04 43.55
CA ASN B 7 9.11 -40.71 43.94
C ASN B 7 8.88 -40.60 45.45
N LYS B 8 9.96 -40.50 46.24
CA LYS B 8 9.87 -40.40 47.70
C LYS B 8 11.12 -39.74 48.29
N ASP B 9 11.91 -39.05 47.46
CA ASP B 9 13.17 -38.46 47.88
C ASP B 9 13.38 -37.08 47.25
N LYS B 10 12.30 -36.49 46.71
CA LYS B 10 12.35 -35.17 46.08
C LYS B 10 11.08 -34.37 46.39
N LYS B 11 10.07 -35.02 47.00
CA LYS B 11 8.78 -34.43 47.36
C LYS B 11 8.13 -33.67 46.21
N ALA B 12 8.54 -33.94 44.97
CA ALA B 12 7.99 -33.27 43.80
C ALA B 12 8.20 -34.11 42.54
N SER B 13 7.35 -33.91 41.53
CA SER B 13 7.46 -34.59 40.25
C SER B 13 6.70 -33.85 39.13
N SER B 14 6.07 -32.71 39.45
CA SER B 14 5.23 -31.99 38.52
C SER B 14 5.32 -30.47 38.72
N LYS B 15 6.29 -30.00 39.48
CA LYS B 15 6.48 -28.57 39.76
C LYS B 15 7.09 -27.83 38.57
N LYS B 16 6.77 -28.25 37.35
CA LYS B 16 7.29 -27.66 36.13
C LYS B 16 6.19 -27.59 35.06
N SER B 17 6.41 -26.79 34.02
CA SER B 17 5.42 -26.58 32.97
C SER B 17 6.05 -26.17 31.65
N PRO B 18 7.02 -26.94 31.13
CA PRO B 18 7.65 -26.66 29.85
C PRO B 18 6.67 -26.91 28.70
N ALA B 19 7.04 -26.50 27.48
CA ALA B 19 6.19 -26.66 26.31
C ALA B 19 7.01 -26.84 25.04
N LYS B 20 6.31 -27.05 23.92
CA LYS B 20 6.93 -27.37 22.63
C LYS B 20 6.04 -26.95 21.47
N VAL B 21 5.14 -26.00 21.70
CA VAL B 21 4.14 -25.59 20.71
C VAL B 21 4.04 -24.07 20.64
N GLN B 22 3.16 -23.58 19.75
CA GLN B 22 2.96 -22.15 19.52
C GLN B 22 2.56 -21.39 20.80
N SER B 23 2.65 -20.06 20.74
CA SER B 23 2.35 -19.18 21.87
C SER B 23 1.82 -17.84 21.37
N LYS B 24 1.26 -17.82 20.16
CA LYS B 24 0.75 -16.61 19.51
C LYS B 24 -0.59 -16.91 18.84
N ASP B 25 -1.24 -15.87 18.32
CA ASP B 25 -2.55 -15.99 17.69
C ASP B 25 -2.71 -15.05 16.49
N ARG B 26 -1.65 -14.29 16.15
CA ARG B 26 -1.68 -13.38 15.02
C ARG B 26 -0.29 -13.19 14.45
N ASP B 27 -0.17 -13.19 13.12
CA ASP B 27 1.09 -13.01 12.42
C ASP B 27 0.87 -12.59 10.96
N MET B 28 -0.39 -12.35 10.56
CA MET B 28 -0.74 -12.06 9.18
C MET B 28 -0.02 -10.81 8.64
N GLY B 29 0.35 -9.88 9.52
CA GLY B 29 1.04 -8.67 9.12
C GLY B 29 2.46 -8.97 8.66
N ALA B 30 3.11 -9.96 9.28
CA ALA B 30 4.46 -10.36 8.92
C ALA B 30 4.44 -11.26 7.68
N ALA B 31 3.30 -11.90 7.40
CA ALA B 31 3.16 -12.77 6.25
C ALA B 31 3.16 -11.93 4.97
N LEU B 32 2.42 -10.82 4.98
CA LEU B 32 2.35 -9.92 3.84
C LEU B 32 3.65 -9.11 3.73
N ARG B 33 4.29 -8.81 4.86
CA ARG B 33 5.55 -8.07 4.83
C ARG B 33 6.64 -8.92 4.20
N SER B 34 6.66 -10.23 4.47
CA SER B 34 7.67 -11.12 3.92
C SER B 34 7.52 -11.22 2.40
N ALA B 35 6.28 -11.22 1.90
CA ALA B 35 6.01 -11.32 0.48
C ALA B 35 6.47 -10.07 -0.27
N TYR B 36 6.46 -8.91 0.40
CA TYR B 36 6.85 -7.66 -0.26
C TYR B 36 8.26 -7.24 0.12
N GLN B 37 8.85 -7.84 1.16
CA GLN B 37 10.24 -7.60 1.49
C GLN B 37 11.11 -8.16 0.37
N LYS B 38 10.71 -9.30 -0.19
CA LYS B 38 11.41 -9.91 -1.32
C LYS B 38 11.45 -8.95 -2.51
N THR B 39 10.41 -8.13 -2.65
CA THR B 39 10.29 -7.18 -3.75
C THR B 39 11.22 -5.98 -3.59
N ILE B 40 11.88 -5.84 -2.44
CA ILE B 40 12.82 -4.72 -2.21
C ILE B 40 14.22 -5.23 -1.83
N GLU B 41 14.38 -6.53 -1.61
CA GLU B 41 15.70 -7.14 -1.44
C GLU B 41 16.42 -7.27 -2.77
N GLU B 42 16.07 -6.45 -3.76
CA GLU B 42 16.61 -6.53 -5.11
C GLU B 42 17.06 -5.15 -5.61
N GLN B 43 17.72 -5.15 -6.77
CA GLN B 43 18.26 -3.95 -7.40
C GLN B 43 17.16 -3.00 -7.88
N VAL B 44 17.58 -1.90 -8.50
CA VAL B 44 16.68 -0.85 -9.00
C VAL B 44 17.07 -0.50 -10.44
N PRO B 45 16.09 -0.08 -11.26
CA PRO B 45 16.30 0.18 -12.67
C PRO B 45 16.97 1.53 -12.94
N ASP B 46 16.80 2.49 -12.02
CA ASP B 46 17.31 3.86 -12.14
C ASP B 46 16.92 4.56 -13.45
N GLU B 47 16.12 3.91 -14.30
CA GLU B 47 15.71 4.46 -15.58
C GLU B 47 14.84 5.70 -15.40
N MET B 48 14.20 5.83 -14.24
CA MET B 48 13.34 6.96 -13.94
C MET B 48 14.16 8.23 -13.75
N LEU B 49 15.36 8.13 -13.20
CA LEU B 49 16.22 9.28 -13.06
C LEU B 49 16.96 9.55 -14.37
N ASP B 50 16.98 8.57 -15.28
CA ASP B 50 17.48 8.81 -16.62
C ASP B 50 16.52 9.72 -17.38
N LEU B 51 15.26 9.79 -16.94
CA LEU B 51 14.29 10.72 -17.51
C LEU B 51 14.59 12.15 -17.07
N LEU B 52 15.45 12.31 -16.05
CA LEU B 52 15.90 13.64 -15.66
C LEU B 52 17.12 14.06 -16.46
N ASN B 53 17.85 13.11 -17.06
CA ASN B 53 19.03 13.39 -17.86
C ASN B 53 18.67 14.08 -19.18
N LYS B 54 17.44 14.61 -19.28
CA LYS B 54 16.98 15.34 -20.46
C LYS B 54 16.24 16.62 -20.05
N LEU B 55 16.23 16.96 -18.76
CA LEU B 55 15.60 18.18 -18.28
C LEU B 55 16.24 18.73 -17.00
N ALA B 56 17.24 18.04 -16.44
CA ALA B 56 17.96 18.52 -15.27
C ALA B 56 19.43 18.11 -15.36
N LEU B 57 20.26 18.66 -14.47
CA LEU B 57 21.69 18.39 -14.45
C LEU B 57 22.23 18.59 -13.03
N GLU B 58 23.13 17.72 -12.60
CA GLU B 58 23.76 17.81 -11.30
C GLU B 58 25.19 17.28 -11.37
N LEU B 59 26.03 17.64 -10.38
CA LEU B 59 27.44 17.30 -10.36
C LEU B 59 27.91 17.08 -8.93
N VAL B 60 29.17 16.68 -8.76
CA VAL B 60 29.78 16.43 -7.46
C VAL B 60 31.28 16.73 -7.56
N PRO B 61 31.88 17.36 -6.54
CA PRO B 61 33.31 17.66 -6.52
C PRO B 61 34.15 16.40 -6.37
N ARG B 62 35.45 16.53 -6.62
CA ARG B 62 36.40 15.42 -6.52
C ARG B 62 37.79 15.94 -6.18
N MET A 1 22.18 16.68 -1.73
CA MET A 1 20.72 16.43 -1.66
C MET A 1 20.09 16.64 -3.03
N SER A 2 19.36 15.63 -3.51
CA SER A 2 18.66 15.69 -4.79
C SER A 2 17.47 14.73 -4.76
N LEU A 3 16.56 14.85 -5.73
CA LEU A 3 15.37 14.02 -5.78
C LEU A 3 15.75 12.54 -5.94
N GLY A 4 16.81 12.23 -6.68
CA GLY A 4 17.19 10.85 -6.89
C GLY A 4 17.77 10.23 -5.63
N GLN A 5 18.39 11.06 -4.79
CA GLN A 5 18.95 10.65 -3.51
C GLN A 5 17.81 10.44 -2.49
N GLN A 6 16.57 10.65 -2.93
CA GLN A 6 15.38 10.54 -2.10
C GLN A 6 14.26 9.81 -2.85
N LEU A 7 14.59 9.24 -4.03
CA LEU A 7 13.68 8.42 -4.80
C LEU A 7 14.22 7.00 -4.94
N ALA A 8 15.53 6.86 -5.15
CA ALA A 8 16.17 5.57 -5.38
C ALA A 8 15.98 4.56 -4.25
N PRO A 9 16.13 4.94 -2.97
CA PRO A 9 16.03 4.01 -1.86
C PRO A 9 14.58 3.60 -1.58
N HIS A 10 13.61 4.12 -2.33
CA HIS A 10 12.20 3.83 -2.14
C HIS A 10 11.51 3.50 -3.48
N LEU A 11 12.29 3.48 -4.56
CA LEU A 11 11.82 3.24 -5.91
C LEU A 11 11.12 1.89 -6.10
N PRO A 12 11.64 0.78 -5.55
CA PRO A 12 11.05 -0.53 -5.79
C PRO A 12 9.76 -0.73 -4.99
N PHE A 13 9.45 0.16 -4.04
CA PHE A 13 8.23 0.02 -3.25
C PHE A 13 6.98 0.20 -4.11
N LEU A 14 7.11 0.89 -5.25
CA LEU A 14 5.98 1.05 -6.15
C LEU A 14 5.68 -0.25 -6.88
N ARG A 15 6.63 -1.18 -6.90
CA ARG A 15 6.50 -2.43 -7.63
C ARG A 15 6.21 -3.60 -6.70
N ARG A 16 6.64 -3.50 -5.43
CA ARG A 16 6.42 -4.54 -4.43
C ARG A 16 4.95 -4.81 -4.19
N TYR A 17 4.09 -3.84 -4.55
CA TYR A 17 2.65 -4.01 -4.47
C TYR A 17 1.96 -3.46 -5.72
N GLY A 18 2.67 -2.72 -6.57
CA GLY A 18 2.10 -2.22 -7.81
C GLY A 18 1.69 -3.37 -8.71
N ARG A 19 2.49 -4.45 -8.75
CA ARG A 19 2.11 -5.60 -9.56
C ARG A 19 0.90 -6.30 -8.95
N ALA A 20 0.69 -6.14 -7.65
CA ALA A 20 -0.46 -6.69 -6.93
C ALA A 20 -1.66 -5.76 -7.02
N LEU A 21 -1.53 -4.66 -7.77
CA LEU A 21 -2.58 -3.68 -7.98
C LEU A 21 -2.80 -3.45 -9.48
N THR A 22 -2.11 -4.22 -10.33
CA THR A 22 -2.20 -4.04 -11.78
C THR A 22 -2.32 -5.38 -12.51
N GLY A 23 -2.15 -6.50 -11.81
CA GLY A 23 -2.39 -7.83 -12.37
C GLY A 23 -1.34 -8.26 -13.40
N SER A 24 -0.32 -7.44 -13.65
CA SER A 24 0.71 -7.77 -14.62
C SER A 24 1.99 -7.01 -14.32
N GLN A 25 3.15 -7.68 -14.48
CA GLN A 25 4.43 -7.05 -14.30
C GLN A 25 4.69 -6.01 -15.38
N ASN A 26 3.99 -6.09 -16.51
CA ASN A 26 4.15 -5.13 -17.59
C ASN A 26 3.39 -3.85 -17.28
N GLN A 27 2.27 -3.95 -16.56
CA GLN A 27 1.49 -2.79 -16.17
C GLN A 27 2.14 -2.11 -14.96
N GLY A 28 2.65 -2.89 -14.01
CA GLY A 28 3.32 -2.33 -12.85
C GLY A 28 4.58 -1.58 -13.28
N ASP A 29 5.24 -2.06 -14.34
CA ASP A 29 6.45 -1.42 -14.84
C ASP A 29 6.14 -0.10 -15.52
N LYS A 30 5.04 -0.01 -16.27
CA LYS A 30 4.72 1.21 -17.00
C LYS A 30 4.01 2.23 -16.11
N TYR A 31 3.30 1.80 -15.07
CA TYR A 31 2.67 2.74 -14.15
C TYR A 31 3.73 3.47 -13.34
N VAL A 32 4.82 2.77 -12.99
CA VAL A 32 5.92 3.40 -12.27
C VAL A 32 6.58 4.46 -13.13
N ARG A 33 6.83 4.14 -14.41
CA ARG A 33 7.52 5.05 -15.30
C ARG A 33 6.60 6.16 -15.79
N ALA A 34 5.30 5.89 -15.89
CA ALA A 34 4.32 6.90 -16.29
C ALA A 34 4.13 7.91 -15.15
N THR A 35 4.32 7.47 -13.89
CA THR A 35 4.26 8.36 -12.74
C THR A 35 5.40 9.37 -12.80
N LEU A 36 6.58 8.94 -13.26
CA LEU A 36 7.74 9.81 -13.29
C LEU A 36 7.66 10.75 -14.47
N GLU A 37 7.25 10.26 -15.65
CA GLU A 37 7.14 11.11 -16.83
C GLU A 37 6.09 12.20 -16.62
N ALA A 38 5.12 11.96 -15.72
CA ALA A 38 4.10 12.93 -15.35
C ALA A 38 4.65 13.98 -14.38
N ILE A 39 5.93 13.88 -14.02
CA ILE A 39 6.59 14.78 -13.09
C ILE A 39 7.78 15.46 -13.78
N VAL A 40 8.21 14.93 -14.92
CA VAL A 40 9.23 15.55 -15.77
C VAL A 40 8.77 16.91 -16.27
N ALA A 41 7.47 17.20 -16.14
CA ALA A 41 6.88 18.47 -16.55
C ALA A 41 6.17 19.14 -15.37
N ALA A 42 6.27 18.53 -14.18
CA ALA A 42 5.60 19.01 -12.98
C ALA A 42 6.35 18.59 -11.71
N PRO A 43 7.65 18.92 -11.59
CA PRO A 43 8.42 18.64 -10.39
C PRO A 43 7.93 19.48 -9.22
N ASP A 44 6.99 20.39 -9.46
CA ASP A 44 6.42 21.28 -8.46
C ASP A 44 5.25 20.61 -7.72
N GLN A 45 4.96 19.33 -8.00
CA GLN A 45 3.89 18.61 -7.33
C GLN A 45 4.37 17.25 -6.83
N PHE A 46 5.69 17.09 -6.66
CA PHE A 46 6.30 15.88 -6.13
C PHE A 46 7.31 16.25 -5.04
N PRO A 47 6.88 17.02 -4.03
CA PRO A 47 7.75 17.58 -3.00
C PRO A 47 8.19 16.55 -1.98
N ARG A 48 9.13 16.97 -1.12
CA ARG A 48 9.63 16.21 0.01
C ARG A 48 9.22 16.85 1.33
N ASP A 49 8.20 17.71 1.27
CA ASP A 49 7.56 18.30 2.44
C ASP A 49 6.82 17.22 3.26
N VAL A 50 6.95 15.97 2.84
CA VAL A 50 6.36 14.80 3.47
C VAL A 50 7.42 13.69 3.54
N ASP A 51 7.07 12.55 4.15
CA ASP A 51 8.02 11.44 4.23
C ASP A 51 8.47 11.04 2.83
N PRO A 52 9.69 10.55 2.67
CA PRO A 52 10.28 10.20 1.39
C PRO A 52 9.62 8.96 0.80
N ARG A 53 8.52 8.50 1.39
CA ARG A 53 7.75 7.35 0.91
C ARG A 53 6.28 7.72 0.73
N LEU A 54 5.83 8.84 1.30
CA LEU A 54 4.45 9.26 1.15
C LEU A 54 4.20 9.74 -0.27
N GLY A 55 5.12 10.54 -0.80
CA GLY A 55 5.00 11.08 -2.15
C GLY A 55 5.11 9.97 -3.19
N LEU A 56 5.90 8.94 -2.90
CA LEU A 56 6.07 7.80 -3.80
C LEU A 56 4.71 7.15 -4.05
N TYR A 57 3.96 6.88 -2.98
CA TYR A 57 2.68 6.21 -3.10
C TYR A 57 1.59 7.14 -3.60
N ARG A 58 1.70 8.44 -3.28
CA ARG A 58 0.68 9.42 -3.64
C ARG A 58 0.62 9.62 -5.15
N MET A 59 1.79 9.70 -5.80
CA MET A 59 1.83 9.95 -7.23
C MET A 59 1.55 8.67 -8.03
N PHE A 60 1.93 7.51 -7.48
CA PHE A 60 1.65 6.24 -8.14
C PHE A 60 0.15 5.96 -8.14
N GLN A 61 -0.53 6.30 -7.03
CA GLN A 61 -1.96 6.13 -6.90
C GLN A 61 -2.69 7.14 -7.80
N GLY A 62 -2.05 8.27 -8.09
CA GLY A 62 -2.64 9.30 -8.94
C GLY A 62 -2.77 8.84 -10.38
N ILE A 63 -1.79 8.11 -10.91
CA ILE A 63 -1.87 7.60 -12.27
C ILE A 63 -2.87 6.46 -12.34
N TRP A 64 -2.92 5.63 -11.29
CA TRP A 64 -3.81 4.48 -11.27
C TRP A 64 -5.27 4.92 -11.20
N ALA A 65 -5.56 6.01 -10.48
CA ALA A 65 -6.91 6.54 -10.40
C ALA A 65 -7.29 7.19 -11.73
N SER A 66 -6.32 7.75 -12.45
CA SER A 66 -6.55 8.35 -13.75
C SER A 66 -6.82 7.26 -14.80
N ALA A 67 -6.26 6.06 -14.60
CA ALA A 67 -6.48 4.94 -15.50
C ALA A 67 -7.86 4.34 -15.28
N ASN A 68 -8.33 4.29 -14.04
CA ASN A 68 -9.68 3.83 -13.72
C ASN A 68 -10.72 4.87 -14.14
N ALA A 69 -10.26 6.10 -14.41
CA ALA A 69 -11.11 7.18 -14.89
C ALA A 69 -11.08 7.26 -16.41
N ASP A 70 -10.48 6.27 -17.06
CA ASP A 70 -10.34 6.22 -18.51
C ASP A 70 -10.76 4.85 -19.05
N GLY A 71 -11.00 3.87 -18.18
CA GLY A 71 -11.53 2.59 -18.63
C GLY A 71 -11.11 1.39 -17.79
N GLU A 72 -9.99 1.49 -17.06
CA GLU A 72 -9.50 0.36 -16.28
C GLU A 72 -10.48 0.02 -15.16
N ALA A 73 -10.68 -1.29 -14.91
CA ALA A 73 -11.54 -1.79 -13.87
C ALA A 73 -11.46 -3.32 -13.74
N GLN A 74 -10.43 -3.93 -14.34
CA GLN A 74 -10.28 -5.37 -14.37
C GLN A 74 -9.62 -5.86 -13.08
N THR A 75 -9.59 -7.19 -12.90
CA THR A 75 -8.96 -7.82 -11.75
C THR A 75 -7.45 -7.56 -11.78
N SER A 76 -6.81 -7.55 -10.61
CA SER A 76 -5.40 -7.21 -10.51
C SER A 76 -4.78 -7.63 -9.17
N GLN A 77 -5.51 -8.39 -8.36
CA GLN A 77 -5.14 -8.67 -6.98
C GLN A 77 -3.83 -9.46 -6.83
N SER A 78 -3.28 -10.01 -7.91
CA SER A 78 -2.01 -10.74 -7.84
C SER A 78 -1.33 -10.81 -9.21
N ASP A 79 -0.06 -11.24 -9.21
CA ASP A 79 0.77 -11.35 -10.41
C ASP A 79 1.79 -12.49 -10.25
N ALA A 80 1.54 -13.40 -9.31
CA ALA A 80 2.43 -14.52 -9.03
C ALA A 80 1.60 -15.74 -8.56
N GLU A 81 2.28 -16.78 -8.11
CA GLU A 81 1.63 -18.01 -7.67
C GLU A 81 2.19 -18.51 -6.33
N GLY A 82 2.98 -17.68 -5.64
CA GLY A 82 3.56 -18.06 -4.36
C GLY A 82 4.09 -16.89 -3.53
N THR A 83 3.81 -15.65 -3.95
CA THR A 83 4.26 -14.47 -3.22
C THR A 83 3.27 -13.30 -3.36
N GLU A 84 2.17 -13.51 -4.09
CA GLU A 84 1.10 -12.53 -4.22
C GLU A 84 -0.24 -13.26 -4.23
N ALA A 85 -0.29 -14.44 -4.85
CA ALA A 85 -1.49 -15.26 -4.83
C ALA A 85 -1.77 -15.73 -3.40
N VAL A 86 -0.73 -15.89 -2.58
CA VAL A 86 -0.88 -16.31 -1.19
C VAL A 86 -1.71 -15.29 -0.41
N ALA A 87 -1.59 -14.01 -0.78
CA ALA A 87 -2.23 -12.90 -0.09
C ALA A 87 -3.65 -12.64 -0.60
N ARG A 88 -4.11 -13.43 -1.58
CA ARG A 88 -5.47 -13.29 -2.09
C ARG A 88 -6.18 -14.63 -2.20
N ALA A 89 -5.44 -15.74 -2.07
CA ALA A 89 -6.02 -17.06 -2.02
C ALA A 89 -6.65 -17.31 -0.64
N ARG A 90 -6.50 -16.35 0.27
CA ARG A 90 -7.08 -16.39 1.60
C ARG A 90 -7.98 -15.18 1.85
N LEU A 91 -7.91 -14.17 0.97
CA LEU A 91 -8.66 -12.92 1.08
C LEU A 91 -9.26 -12.55 -0.28
N ALA A 92 -9.70 -13.55 -1.05
CA ALA A 92 -10.28 -13.39 -2.38
C ALA A 92 -11.57 -12.56 -2.38
N ARG A 93 -11.94 -11.91 -1.27
CA ARG A 93 -13.15 -11.09 -1.18
C ARG A 93 -12.87 -9.71 -0.59
N MET A 94 -11.60 -9.42 -0.24
CA MET A 94 -11.25 -8.11 0.29
C MET A 94 -11.36 -7.05 -0.81
N THR A 95 -11.80 -5.85 -0.43
CA THR A 95 -12.01 -4.75 -1.37
C THR A 95 -10.66 -4.28 -1.94
N PRO A 96 -10.59 -4.00 -3.25
CA PRO A 96 -9.41 -3.47 -3.94
C PRO A 96 -8.86 -2.16 -3.37
N LEU A 97 -9.43 -1.64 -2.27
CA LEU A 97 -9.01 -0.37 -1.69
C LEU A 97 -8.74 -0.55 -0.20
N SER A 98 -9.48 -1.42 0.48
CA SER A 98 -9.21 -1.73 1.87
C SER A 98 -7.85 -2.42 2.00
N ARG A 99 -7.39 -3.08 0.93
CA ARG A 99 -6.08 -3.70 0.89
C ARG A 99 -4.99 -2.63 0.84
N GLN A 100 -5.29 -1.47 0.25
CA GLN A 100 -4.30 -0.40 0.18
C GLN A 100 -4.12 0.23 1.56
N ALA A 101 -5.22 0.36 2.33
CA ALA A 101 -5.14 0.87 3.68
C ALA A 101 -4.46 -0.16 4.59
N LEU A 102 -4.65 -1.45 4.29
CA LEU A 102 -4.05 -2.53 5.07
C LEU A 102 -2.53 -2.48 4.92
N LEU A 103 -2.01 -2.33 3.70
CA LEU A 103 -0.57 -2.28 3.51
C LEU A 103 0.02 -0.95 3.98
N LEU A 104 -0.83 0.04 4.28
CA LEU A 104 -0.38 1.30 4.85
C LEU A 104 -0.41 1.26 6.37
N THR A 105 -0.91 0.18 6.98
CA THR A 105 -1.00 0.07 8.44
C THR A 105 -0.54 -1.28 8.96
N ALA A 106 0.00 -2.14 8.09
CA ALA A 106 0.53 -3.44 8.48
C ALA A 106 1.80 -3.78 7.69
N MET A 107 2.32 -2.82 6.91
CA MET A 107 3.48 -3.04 6.05
C MET A 107 4.35 -1.79 5.92
N GLU A 108 3.97 -0.66 6.53
CA GLU A 108 4.78 0.55 6.43
C GLU A 108 4.63 1.44 7.67
N GLY A 109 3.59 1.23 8.50
CA GLY A 109 3.43 1.91 9.77
C GLY A 109 3.01 3.37 9.65
N PHE A 110 2.51 3.80 8.48
CA PHE A 110 2.05 5.16 8.30
C PHE A 110 0.90 5.47 9.27
N SER A 111 0.79 6.74 9.67
CA SER A 111 -0.30 7.20 10.52
C SER A 111 -1.59 7.27 9.70
N PRO A 112 -2.76 7.18 10.35
CA PRO A 112 -4.05 7.27 9.68
C PRO A 112 -4.18 8.53 8.83
N GLU A 113 -3.47 9.61 9.16
CA GLU A 113 -3.58 10.85 8.41
C GLU A 113 -2.92 10.72 7.04
N ASP A 114 -1.84 9.93 6.95
CA ASP A 114 -1.14 9.73 5.70
C ASP A 114 -1.83 8.65 4.87
N ALA A 115 -2.37 7.62 5.54
CA ALA A 115 -3.07 6.55 4.87
C ALA A 115 -4.40 7.02 4.29
N ALA A 116 -5.03 8.03 4.91
CA ALA A 116 -6.28 8.60 4.41
C ALA A 116 -6.00 9.54 3.24
N TYR A 117 -4.85 10.23 3.28
CA TYR A 117 -4.43 11.13 2.22
C TYR A 117 -4.06 10.36 0.95
N LEU A 118 -3.57 9.12 1.10
CA LEU A 118 -3.22 8.27 -0.04
C LEU A 118 -4.45 7.67 -0.73
N ILE A 119 -5.65 7.86 -0.19
CA ILE A 119 -6.86 7.30 -0.79
C ILE A 119 -7.99 8.35 -0.80
N GLU A 120 -7.65 9.61 -0.51
CA GLU A 120 -8.56 10.74 -0.54
C GLU A 120 -9.83 10.55 0.28
N VAL A 121 -9.68 10.25 1.58
CA VAL A 121 -10.79 10.14 2.52
C VAL A 121 -10.45 10.84 3.83
N ASP A 122 -11.41 10.89 4.75
CA ASP A 122 -11.18 11.47 6.07
C ASP A 122 -10.32 10.53 6.92
N THR A 123 -9.63 11.08 7.93
CA THR A 123 -8.78 10.29 8.80
C THR A 123 -9.58 9.20 9.52
N SER A 124 -10.82 9.49 9.90
CA SER A 124 -11.64 8.51 10.59
C SER A 124 -12.17 7.45 9.65
N GLU A 125 -12.22 7.73 8.34
CA GLU A 125 -12.69 6.75 7.39
C GLU A 125 -11.63 5.68 7.17
N VAL A 126 -10.36 6.04 7.03
CA VAL A 126 -9.33 5.03 6.82
C VAL A 126 -9.18 4.15 8.06
N GLU A 127 -9.46 4.71 9.25
CA GLU A 127 -9.45 3.91 10.47
C GLU A 127 -10.55 2.86 10.42
N THR A 128 -11.67 3.18 9.76
CA THR A 128 -12.77 2.23 9.61
C THR A 128 -12.43 1.21 8.53
N LEU A 129 -11.73 1.62 7.46
CA LEU A 129 -11.38 0.70 6.39
C LEU A 129 -10.39 -0.36 6.86
N VAL A 130 -9.47 -0.02 7.77
CA VAL A 130 -8.53 -1.02 8.27
C VAL A 130 -9.19 -1.90 9.33
N THR A 131 -10.20 -1.38 10.02
CA THR A 131 -10.92 -2.16 11.01
C THR A 131 -11.70 -3.27 10.30
N GLU A 132 -12.21 -3.00 9.10
CA GLU A 132 -12.93 -4.00 8.33
C GLU A 132 -11.95 -4.92 7.60
N ALA A 133 -10.74 -4.45 7.32
CA ALA A 133 -9.74 -5.26 6.64
C ALA A 133 -9.23 -6.36 7.57
N LEU A 134 -8.96 -6.02 8.84
CA LEU A 134 -8.52 -7.00 9.82
C LEU A 134 -9.67 -7.87 10.28
N ALA A 135 -10.91 -7.38 10.13
CA ALA A 135 -12.09 -8.18 10.45
C ALA A 135 -12.25 -9.31 9.44
N GLU A 136 -11.91 -9.06 8.17
CA GLU A 136 -11.96 -10.09 7.15
C GLU A 136 -10.79 -11.05 7.28
N ILE A 137 -9.70 -10.62 7.93
CA ILE A 137 -8.57 -11.50 8.20
C ILE A 137 -8.93 -12.47 9.32
N GLU A 138 -9.41 -11.96 10.45
CA GLU A 138 -9.70 -12.79 11.62
C GLU A 138 -10.91 -13.70 11.39
N LYS A 139 -11.76 -13.36 10.41
CA LYS A 139 -12.97 -14.11 10.11
C LYS A 139 -12.68 -15.45 9.45
N GLN A 140 -11.51 -15.62 8.84
CA GLN A 140 -11.24 -16.84 8.07
C GLN A 140 -9.77 -17.22 7.96
N THR A 141 -8.87 -16.25 7.81
CA THR A 141 -7.46 -16.41 7.44
C THR A 141 -7.18 -17.34 6.25
N ARG A 142 -8.18 -18.08 5.74
CA ARG A 142 -8.04 -18.85 4.50
C ARG A 142 -9.39 -19.32 3.97
N ALA A 143 -10.34 -19.62 4.84
CA ALA A 143 -11.66 -20.09 4.47
C ALA A 143 -12.59 -20.14 5.69
N LEU A 144 -13.87 -20.40 5.45
CA LEU A 144 -14.87 -20.58 6.49
C LEU A 144 -15.97 -21.49 5.99
N GLU A 145 -16.71 -22.14 6.90
CA GLU A 145 -17.75 -23.09 6.53
C GLU A 145 -18.82 -23.20 7.62
N LEU A 146 -18.79 -22.32 8.62
CA LEU A 146 -19.73 -22.37 9.73
C LEU A 146 -20.07 -20.96 10.21
N VAL A 147 -21.33 -20.57 10.00
CA VAL A 147 -21.88 -19.29 10.41
C VAL A 147 -23.34 -19.49 10.78
N PRO A 148 -23.61 -20.05 11.97
CA PRO A 148 -24.93 -20.47 12.41
C PRO A 148 -25.89 -19.31 12.66
N ARG A 149 -25.48 -18.07 12.34
CA ARG A 149 -26.29 -16.88 12.55
C ARG A 149 -26.21 -15.92 11.36
N GLY A 150 -25.82 -16.43 10.18
CA GLY A 150 -25.65 -15.58 9.01
C GLY A 150 -25.67 -16.36 7.70
N SER A 151 -26.22 -17.58 7.68
CA SER A 151 -26.24 -18.41 6.48
C SER A 151 -27.57 -19.16 6.32
N HIS A 152 -28.58 -18.83 7.12
CA HIS A 152 -29.89 -19.47 7.01
C HIS A 152 -30.99 -18.52 7.50
N HIS A 153 -32.24 -18.91 7.28
CA HIS A 153 -33.41 -18.12 7.68
C HIS A 153 -34.55 -19.02 8.14
N HIS A 154 -34.31 -20.33 8.24
CA HIS A 154 -35.30 -21.31 8.64
C HIS A 154 -34.62 -22.55 9.21
N HIS A 155 -35.37 -23.40 9.91
CA HIS A 155 -34.84 -24.61 10.53
C HIS A 155 -35.94 -25.66 10.70
N HIS A 156 -35.55 -26.87 11.10
CA HIS A 156 -36.48 -27.97 11.32
C HIS A 156 -36.00 -28.88 12.47
N HIS A 157 -34.95 -28.46 13.17
CA HIS A 157 -34.37 -29.22 14.28
C HIS A 157 -33.85 -28.27 15.36
N MET B 1 -2.79 -8.42 32.98
CA MET B 1 -4.16 -8.85 32.64
C MET B 1 -4.78 -9.56 33.84
N LEU B 2 -6.03 -9.22 34.17
CA LEU B 2 -6.74 -9.80 35.29
C LEU B 2 -8.24 -9.90 35.00
N ASP B 3 -8.64 -9.62 33.75
CA ASP B 3 -10.04 -9.60 33.31
C ASP B 3 -10.90 -8.61 34.12
N LEU B 4 -10.25 -7.68 34.83
CA LEU B 4 -10.92 -6.65 35.61
C LEU B 4 -10.42 -5.28 35.15
N PRO B 5 -11.19 -4.22 35.39
CA PRO B 5 -10.87 -2.86 34.97
C PRO B 5 -9.73 -2.26 35.82
N GLY B 6 -9.31 -2.96 36.88
CA GLY B 6 -8.23 -2.50 37.73
C GLY B 6 -8.04 -3.44 38.92
N ASN B 7 -6.99 -3.20 39.71
CA ASN B 7 -6.69 -4.02 40.88
C ASN B 7 -5.90 -3.25 41.94
N LYS B 8 -5.49 -2.01 41.63
CA LYS B 8 -4.72 -1.13 42.52
C LYS B 8 -3.57 -1.84 43.24
N ASP B 9 -2.99 -2.88 42.63
CA ASP B 9 -1.95 -3.69 43.25
C ASP B 9 -1.01 -4.27 42.19
N LYS B 10 0.14 -4.82 42.62
CA LYS B 10 1.10 -5.43 41.73
C LYS B 10 1.97 -6.48 42.43
N LYS B 11 1.55 -6.97 43.61
CA LYS B 11 2.34 -7.91 44.39
C LYS B 11 1.49 -8.92 45.17
N ALA B 12 0.16 -8.84 45.06
CA ALA B 12 -0.75 -9.73 45.76
C ALA B 12 -1.93 -10.12 44.88
N SER B 13 -1.87 -9.78 43.58
CA SER B 13 -2.93 -10.09 42.62
C SER B 13 -2.35 -10.25 41.22
N SER B 14 -1.02 -10.35 41.12
CA SER B 14 -0.32 -10.50 39.86
C SER B 14 0.95 -11.32 40.08
N LYS B 15 1.62 -11.72 38.98
CA LYS B 15 2.80 -12.56 39.06
C LYS B 15 3.71 -12.29 37.86
N LYS B 16 4.97 -12.72 37.95
CA LYS B 16 5.96 -12.59 36.88
C LYS B 16 5.49 -13.33 35.63
N SER B 17 6.16 -13.07 34.50
CA SER B 17 5.80 -13.65 33.21
C SER B 17 7.07 -14.08 32.48
N PRO B 18 7.02 -15.19 31.72
CA PRO B 18 8.15 -15.72 30.98
C PRO B 18 8.48 -14.89 29.74
N ALA B 19 7.79 -13.76 29.54
CA ALA B 19 7.95 -12.90 28.38
C ALA B 19 7.70 -13.64 27.06
N LYS B 20 8.01 -12.98 25.94
CA LYS B 20 7.74 -13.44 24.58
C LYS B 20 6.33 -14.03 24.40
N VAL B 21 5.36 -13.51 25.15
CA VAL B 21 3.95 -13.89 25.06
C VAL B 21 3.08 -12.65 25.14
N GLN B 22 1.78 -12.80 24.88
CA GLN B 22 0.81 -11.70 24.84
C GLN B 22 1.25 -10.58 23.89
N SER B 23 2.14 -10.90 22.94
CA SER B 23 2.67 -9.95 21.97
C SER B 23 2.94 -10.63 20.63
N LYS B 24 2.43 -11.86 20.45
CA LYS B 24 2.67 -12.67 19.27
C LYS B 24 1.38 -13.37 18.83
N ASP B 25 0.24 -12.92 19.33
CA ASP B 25 -1.06 -13.50 19.00
C ASP B 25 -1.41 -13.29 17.52
N ARG B 26 -0.65 -12.44 16.82
CA ARG B 26 -0.88 -12.16 15.42
C ARG B 26 0.39 -11.56 14.79
N ASP B 27 0.65 -11.91 13.54
CA ASP B 27 1.82 -11.43 12.80
C ASP B 27 1.52 -11.35 11.30
N MET B 28 0.23 -11.35 10.91
CA MET B 28 -0.17 -11.36 9.51
C MET B 28 0.48 -10.22 8.70
N GLY B 29 0.66 -9.05 9.32
CA GLY B 29 1.26 -7.92 8.62
C GLY B 29 2.69 -8.26 8.18
N ALA B 30 3.43 -8.99 9.01
CA ALA B 30 4.79 -9.39 8.69
C ALA B 30 4.81 -10.55 7.70
N ALA B 31 3.68 -11.24 7.53
CA ALA B 31 3.61 -12.40 6.64
C ALA B 31 3.70 -11.95 5.18
N LEU B 32 2.78 -11.08 4.74
CA LEU B 32 2.82 -10.63 3.36
C LEU B 32 3.83 -9.51 3.16
N ARG B 33 4.33 -8.90 4.25
CA ARG B 33 5.46 -7.98 4.14
C ARG B 33 6.72 -8.75 3.77
N SER B 34 6.87 -9.97 4.29
CA SER B 34 8.03 -10.79 3.98
C SER B 34 8.00 -11.18 2.51
N ALA B 35 6.81 -11.40 1.96
CA ALA B 35 6.66 -11.69 0.55
C ALA B 35 7.06 -10.49 -0.31
N TYR B 36 6.84 -9.27 0.21
CA TYR B 36 7.20 -8.06 -0.51
C TYR B 36 8.65 -7.67 -0.23
N GLN B 37 9.23 -8.14 0.88
CA GLN B 37 10.61 -7.80 1.24
C GLN B 37 11.60 -8.44 0.28
N LYS B 38 11.33 -9.66 -0.19
CA LYS B 38 12.22 -10.32 -1.13
C LYS B 38 12.24 -9.59 -2.47
N THR B 39 11.24 -8.73 -2.72
CA THR B 39 11.21 -7.89 -3.91
C THR B 39 12.13 -6.67 -3.70
N ILE B 40 12.58 -6.40 -2.48
CA ILE B 40 13.43 -5.25 -2.18
C ILE B 40 14.88 -5.68 -2.00
N GLU B 41 15.12 -6.97 -1.77
CA GLU B 41 16.46 -7.55 -1.67
C GLU B 41 17.09 -7.67 -3.06
N GLU B 42 16.71 -6.79 -4.00
CA GLU B 42 17.12 -6.84 -5.40
C GLU B 42 17.47 -5.44 -5.90
N GLN B 43 17.91 -5.36 -7.16
CA GLN B 43 18.23 -4.11 -7.84
C GLN B 43 16.98 -3.25 -8.04
N VAL B 44 17.16 -2.07 -8.64
CA VAL B 44 16.07 -1.14 -8.89
C VAL B 44 16.18 -0.57 -10.30
N PRO B 45 15.05 -0.20 -10.92
CA PRO B 45 14.98 0.33 -12.26
C PRO B 45 15.38 1.81 -12.29
N ASP B 46 16.68 2.09 -12.26
CA ASP B 46 17.19 3.45 -12.25
C ASP B 46 16.77 4.28 -13.47
N GLU B 47 16.07 3.67 -14.43
CA GLU B 47 15.61 4.37 -15.63
C GLU B 47 14.67 5.51 -15.30
N MET B 48 13.99 5.48 -14.15
CA MET B 48 13.11 6.56 -13.74
C MET B 48 13.92 7.81 -13.42
N LEU B 49 15.12 7.64 -12.87
CA LEU B 49 15.99 8.77 -12.57
C LEU B 49 16.77 9.19 -13.81
N ASP B 50 16.78 8.36 -14.86
CA ASP B 50 17.35 8.75 -16.13
C ASP B 50 16.45 9.79 -16.80
N LEU B 51 15.17 9.81 -16.44
CA LEU B 51 14.23 10.83 -16.91
C LEU B 51 14.49 12.16 -16.23
N LEU B 52 15.22 12.16 -15.11
CA LEU B 52 15.64 13.39 -14.48
C LEU B 52 17.01 13.84 -15.00
N ASN B 53 17.72 12.94 -15.68
CA ASN B 53 19.05 13.19 -16.24
C ASN B 53 18.96 14.13 -17.45
N LYS B 54 17.85 14.85 -17.58
CA LYS B 54 17.60 15.80 -18.67
C LYS B 54 16.96 17.07 -18.14
N LEU B 55 16.83 17.22 -16.82
CA LEU B 55 16.25 18.42 -16.22
C LEU B 55 16.82 18.74 -14.83
N ALA B 56 17.47 17.77 -14.18
CA ALA B 56 18.08 18.00 -12.87
C ALA B 56 19.35 18.83 -12.97
N LEU B 57 19.83 19.10 -14.19
CA LEU B 57 21.06 19.81 -14.47
C LEU B 57 22.29 19.22 -13.76
N GLU B 58 23.45 19.81 -14.06
CA GLU B 58 24.72 19.41 -13.46
C GLU B 58 25.74 20.54 -13.56
N LEU B 59 26.92 20.32 -12.97
CA LEU B 59 28.02 21.27 -12.99
C LEU B 59 29.36 20.53 -12.97
N VAL B 60 30.44 21.23 -13.32
CA VAL B 60 31.78 20.65 -13.37
C VAL B 60 32.83 21.76 -13.19
N PRO B 61 33.92 21.49 -12.48
CA PRO B 61 35.02 22.44 -12.33
C PRO B 61 35.81 22.56 -13.63
N ARG B 62 36.82 23.44 -13.62
CA ARG B 62 37.68 23.73 -14.76
C ARG B 62 36.87 23.91 -16.06
N MET A 1 18.99 20.04 -9.15
CA MET A 1 18.11 19.64 -8.02
C MET A 1 18.76 18.50 -7.24
N SER A 2 17.99 17.84 -6.36
CA SER A 2 18.50 16.75 -5.54
C SER A 2 17.43 15.68 -5.31
N LEU A 3 16.31 15.74 -6.05
CA LEU A 3 15.21 14.80 -5.91
C LEU A 3 15.68 13.35 -6.04
N GLY A 4 16.69 13.09 -6.88
CA GLY A 4 17.17 11.73 -7.09
C GLY A 4 17.74 11.12 -5.82
N GLN A 5 18.18 11.96 -4.86
CA GLN A 5 18.74 11.51 -3.61
C GLN A 5 17.64 11.13 -2.61
N GLN A 6 16.38 11.28 -3.01
CA GLN A 6 15.23 10.99 -2.16
C GLN A 6 14.19 10.18 -2.92
N LEU A 7 14.50 9.82 -4.17
CA LEU A 7 13.64 9.00 -5.01
C LEU A 7 14.23 7.59 -5.11
N ALA A 8 15.55 7.49 -5.24
CA ALA A 8 16.25 6.23 -5.40
C ALA A 8 16.08 5.26 -4.22
N PRO A 9 16.16 5.69 -2.95
CA PRO A 9 16.14 4.78 -1.82
C PRO A 9 14.76 4.18 -1.55
N HIS A 10 13.73 4.60 -2.30
CA HIS A 10 12.37 4.08 -2.14
C HIS A 10 11.75 3.78 -3.49
N LEU A 11 12.57 3.78 -4.55
CA LEU A 11 12.12 3.52 -5.91
C LEU A 11 11.39 2.18 -6.08
N PRO A 12 11.82 1.08 -5.46
CA PRO A 12 11.19 -0.21 -5.66
C PRO A 12 9.93 -0.39 -4.82
N PHE A 13 9.64 0.53 -3.90
CA PHE A 13 8.47 0.40 -3.03
C PHE A 13 7.18 0.52 -3.86
N LEU A 14 7.25 1.14 -5.04
CA LEU A 14 6.09 1.26 -5.91
C LEU A 14 5.76 -0.10 -6.54
N ARG A 15 6.74 -1.02 -6.56
CA ARG A 15 6.55 -2.36 -7.09
C ARG A 15 6.26 -3.33 -5.96
N ARG A 16 6.61 -2.94 -4.72
CA ARG A 16 6.42 -3.74 -3.51
C ARG A 16 4.97 -4.20 -3.36
N TYR A 17 4.04 -3.42 -3.92
CA TYR A 17 2.63 -3.80 -3.94
C TYR A 17 1.97 -3.44 -5.27
N GLY A 18 2.62 -2.60 -6.09
CA GLY A 18 2.07 -2.22 -7.38
C GLY A 18 1.97 -3.41 -8.32
N ARG A 19 2.85 -4.41 -8.18
CA ARG A 19 2.80 -5.58 -9.04
C ARG A 19 1.59 -6.47 -8.73
N ALA A 20 0.82 -6.12 -7.71
CA ALA A 20 -0.36 -6.86 -7.29
C ALA A 20 -1.58 -5.95 -7.24
N LEU A 21 -1.41 -4.70 -7.70
CA LEU A 21 -2.47 -3.70 -7.76
C LEU A 21 -2.87 -3.46 -9.22
N THR A 22 -2.34 -4.27 -10.15
CA THR A 22 -2.57 -4.09 -11.58
C THR A 22 -2.93 -5.39 -12.27
N GLY A 23 -2.62 -6.54 -11.65
CA GLY A 23 -2.94 -7.85 -12.19
C GLY A 23 -1.89 -8.34 -13.20
N SER A 24 -0.87 -7.53 -13.50
CA SER A 24 0.18 -7.92 -14.43
C SER A 24 1.44 -7.11 -14.20
N GLN A 25 2.61 -7.77 -14.27
CA GLN A 25 3.88 -7.07 -14.09
C GLN A 25 4.12 -6.07 -15.23
N ASN A 26 3.43 -6.24 -16.36
CA ASN A 26 3.56 -5.32 -17.48
C ASN A 26 2.87 -4.00 -17.17
N GLN A 27 1.76 -4.05 -16.41
CA GLN A 27 1.04 -2.84 -16.01
C GLN A 27 1.69 -2.23 -14.78
N GLY A 28 2.32 -3.07 -13.94
CA GLY A 28 2.98 -2.58 -12.74
C GLY A 28 4.23 -1.81 -13.11
N ASP A 29 4.99 -2.30 -14.09
CA ASP A 29 6.19 -1.62 -14.56
C ASP A 29 5.82 -0.36 -15.35
N LYS A 30 4.69 -0.41 -16.07
CA LYS A 30 4.25 0.70 -16.89
C LYS A 30 3.79 1.88 -16.03
N TYR A 31 2.99 1.64 -14.99
CA TYR A 31 2.52 2.72 -14.15
C TYR A 31 3.67 3.33 -13.34
N VAL A 32 4.67 2.52 -12.97
CA VAL A 32 5.81 3.04 -12.22
C VAL A 32 6.59 4.05 -13.07
N ARG A 33 6.93 3.67 -14.30
CA ARG A 33 7.73 4.54 -15.15
C ARG A 33 6.88 5.68 -15.71
N ALA A 34 5.56 5.46 -15.85
CA ALA A 34 4.65 6.50 -16.30
C ALA A 34 4.41 7.52 -15.19
N THR A 35 4.62 7.13 -13.92
CA THR A 35 4.48 8.06 -12.80
C THR A 35 5.51 9.15 -12.94
N LEU A 36 6.78 8.79 -13.19
CA LEU A 36 7.84 9.77 -13.29
C LEU A 36 7.69 10.60 -14.57
N GLU A 37 7.22 9.96 -15.66
CA GLU A 37 7.03 10.64 -16.93
C GLU A 37 5.92 11.68 -16.81
N ALA A 38 5.09 11.59 -15.77
CA ALA A 38 4.06 12.58 -15.48
C ALA A 38 4.61 13.72 -14.63
N ILE A 39 5.86 13.60 -14.15
CA ILE A 39 6.46 14.63 -13.32
C ILE A 39 7.38 15.53 -14.15
N VAL A 40 7.93 15.02 -15.26
CA VAL A 40 8.82 15.83 -16.09
C VAL A 40 8.10 16.98 -16.77
N ALA A 41 6.77 17.04 -16.67
CA ALA A 41 5.99 18.15 -17.20
C ALA A 41 5.84 19.25 -16.15
N ALA A 42 6.11 18.92 -14.88
CA ALA A 42 5.99 19.84 -13.76
C ALA A 42 6.62 19.19 -12.52
N PRO A 43 7.92 19.38 -12.27
CA PRO A 43 8.61 18.77 -11.15
C PRO A 43 8.14 19.32 -9.80
N ASP A 44 7.27 20.35 -9.83
CA ASP A 44 6.65 20.87 -8.62
C ASP A 44 5.51 19.96 -8.16
N GLN A 45 5.06 19.05 -9.03
CA GLN A 45 3.99 18.10 -8.73
C GLN A 45 4.52 16.87 -7.99
N PHE A 46 5.79 16.91 -7.57
CA PHE A 46 6.41 15.82 -6.84
C PHE A 46 7.09 16.37 -5.58
N PRO A 47 6.31 16.63 -4.53
CA PRO A 47 6.80 17.28 -3.33
C PRO A 47 7.76 16.38 -2.56
N ARG A 48 8.60 17.02 -1.74
CA ARG A 48 9.58 16.35 -0.89
C ARG A 48 9.61 16.99 0.49
N ASP A 49 8.67 17.90 0.74
CA ASP A 49 8.45 18.54 2.03
C ASP A 49 7.77 17.58 3.01
N VAL A 50 7.67 16.29 2.63
CA VAL A 50 7.04 15.25 3.43
C VAL A 50 7.97 14.03 3.48
N ASP A 51 7.48 12.91 4.03
CA ASP A 51 8.30 11.71 4.17
C ASP A 51 8.79 11.26 2.79
N PRO A 52 9.97 10.63 2.72
CA PRO A 52 10.59 10.19 1.49
C PRO A 52 9.85 9.02 0.84
N ARG A 53 8.62 8.74 1.29
CA ARG A 53 7.78 7.70 0.69
C ARG A 53 6.39 8.23 0.37
N LEU A 54 5.98 9.36 0.96
CA LEU A 54 4.67 9.91 0.67
C LEU A 54 4.62 10.49 -0.74
N GLY A 55 5.70 11.14 -1.18
CA GLY A 55 5.75 11.66 -2.54
C GLY A 55 5.76 10.51 -3.55
N LEU A 56 6.48 9.43 -3.23
CA LEU A 56 6.59 8.26 -4.07
C LEU A 56 5.20 7.65 -4.29
N TYR A 57 4.49 7.35 -3.21
CA TYR A 57 3.20 6.68 -3.30
C TYR A 57 2.12 7.62 -3.85
N ARG A 58 2.15 8.91 -3.49
CA ARG A 58 1.07 9.82 -3.88
C ARG A 58 0.94 9.91 -5.40
N MET A 59 2.06 9.98 -6.12
CA MET A 59 2.00 10.10 -7.56
C MET A 59 1.76 8.75 -8.23
N PHE A 60 2.18 7.64 -7.61
CA PHE A 60 1.88 6.33 -8.16
C PHE A 60 0.38 6.05 -8.07
N GLN A 61 -0.25 6.47 -6.96
CA GLN A 61 -1.69 6.35 -6.80
C GLN A 61 -2.42 7.25 -7.78
N GLY A 62 -1.77 8.32 -8.24
CA GLY A 62 -2.36 9.23 -9.21
C GLY A 62 -2.49 8.59 -10.59
N ILE A 63 -1.52 7.79 -11.01
CA ILE A 63 -1.60 7.11 -12.29
C ILE A 63 -2.64 6.01 -12.24
N TRP A 64 -2.69 5.27 -11.13
CA TRP A 64 -3.64 4.16 -10.98
C TRP A 64 -5.08 4.69 -10.89
N ALA A 65 -5.27 5.85 -10.24
CA ALA A 65 -6.58 6.45 -10.13
C ALA A 65 -7.03 6.98 -11.49
N SER A 66 -6.09 7.35 -12.36
CA SER A 66 -6.41 7.83 -13.70
C SER A 66 -6.65 6.66 -14.66
N ALA A 67 -6.18 5.46 -14.28
CA ALA A 67 -6.33 4.28 -15.11
C ALA A 67 -7.76 3.75 -15.06
N ASN A 68 -8.33 3.64 -13.85
CA ASN A 68 -9.70 3.16 -13.72
C ASN A 68 -10.70 4.25 -14.07
N ALA A 69 -10.24 5.50 -14.13
CA ALA A 69 -11.06 6.63 -14.53
C ALA A 69 -11.18 6.72 -16.05
N ASP A 70 -10.59 5.76 -16.77
CA ASP A 70 -10.64 5.71 -18.23
C ASP A 70 -10.87 4.29 -18.73
N GLY A 71 -11.02 3.33 -17.81
CA GLY A 71 -11.35 1.95 -18.16
C GLY A 71 -10.13 1.09 -18.46
N GLU A 72 -8.92 1.64 -18.26
CA GLU A 72 -7.69 0.88 -18.53
C GLU A 72 -7.50 -0.25 -17.54
N ALA A 73 -8.25 -0.22 -16.43
CA ALA A 73 -8.23 -1.27 -15.42
C ALA A 73 -9.50 -1.20 -14.58
N GLN A 74 -9.92 -2.33 -14.00
CA GLN A 74 -11.09 -2.39 -13.13
C GLN A 74 -10.92 -3.41 -12.01
N THR A 75 -9.87 -4.24 -12.05
CA THR A 75 -9.61 -5.28 -11.06
C THR A 75 -8.17 -5.78 -11.20
N SER A 76 -7.75 -6.70 -10.33
CA SER A 76 -6.43 -7.30 -10.39
C SER A 76 -6.44 -8.70 -9.77
N GLN A 77 -5.49 -9.53 -10.18
CA GLN A 77 -5.35 -10.90 -9.69
C GLN A 77 -3.90 -11.35 -9.92
N SER A 78 -3.45 -12.41 -9.24
CA SER A 78 -2.08 -12.88 -9.35
C SER A 78 -2.03 -14.39 -9.40
N ASP A 79 -0.88 -14.94 -9.79
CA ASP A 79 -0.70 -16.38 -9.98
C ASP A 79 0.75 -16.79 -9.69
N ALA A 80 1.45 -16.01 -8.84
CA ALA A 80 2.82 -16.32 -8.47
C ALA A 80 2.93 -17.70 -7.85
N GLU A 81 4.16 -18.22 -7.75
CA GLU A 81 4.42 -19.57 -7.29
C GLU A 81 4.02 -19.81 -5.83
N GLY A 82 3.71 -18.75 -5.08
CA GLY A 82 3.29 -18.89 -3.69
C GLY A 82 3.51 -17.62 -2.86
N THR A 83 3.60 -16.45 -3.51
CA THR A 83 3.90 -15.21 -2.80
C THR A 83 3.06 -14.03 -3.26
N GLU A 84 2.07 -14.28 -4.13
CA GLU A 84 1.09 -13.27 -4.54
C GLU A 84 -0.28 -13.90 -4.72
N ALA A 85 -0.34 -15.15 -5.20
CA ALA A 85 -1.59 -15.86 -5.32
C ALA A 85 -2.17 -16.13 -3.93
N VAL A 86 -1.29 -16.24 -2.93
CA VAL A 86 -1.72 -16.47 -1.55
C VAL A 86 -2.48 -15.26 -1.02
N ALA A 87 -2.19 -14.07 -1.55
CA ALA A 87 -2.80 -12.83 -1.11
C ALA A 87 -4.14 -12.57 -1.81
N ARG A 88 -4.57 -13.45 -2.71
CA ARG A 88 -5.86 -13.32 -3.38
C ARG A 88 -6.67 -14.62 -3.31
N ALA A 89 -6.02 -15.75 -3.04
CA ALA A 89 -6.72 -17.02 -2.85
C ALA A 89 -7.36 -17.08 -1.47
N ARG A 90 -7.17 -16.03 -0.66
CA ARG A 90 -7.68 -15.96 0.70
C ARG A 90 -8.45 -14.67 0.97
N LEU A 91 -8.31 -13.66 0.09
CA LEU A 91 -8.84 -12.33 0.31
C LEU A 91 -9.66 -11.83 -0.89
N ALA A 92 -10.05 -12.74 -1.79
CA ALA A 92 -10.89 -12.43 -2.96
C ALA A 92 -12.26 -11.85 -2.60
N ARG A 93 -12.49 -11.49 -1.33
CA ARG A 93 -13.78 -11.00 -0.85
C ARG A 93 -13.61 -9.64 -0.16
N MET A 94 -12.46 -9.00 -0.37
CA MET A 94 -12.15 -7.69 0.20
C MET A 94 -12.01 -6.67 -0.92
N THR A 95 -12.48 -5.45 -0.69
CA THR A 95 -12.40 -4.38 -1.68
C THR A 95 -10.94 -3.96 -1.90
N PRO A 96 -10.54 -3.69 -3.14
CA PRO A 96 -9.19 -3.28 -3.49
C PRO A 96 -8.65 -2.09 -2.69
N LEU A 97 -9.54 -1.26 -2.13
CA LEU A 97 -9.11 -0.08 -1.40
C LEU A 97 -8.67 -0.47 0.01
N SER A 98 -9.46 -1.30 0.69
CA SER A 98 -9.12 -1.74 2.05
C SER A 98 -7.89 -2.64 2.04
N ARG A 99 -7.60 -3.29 0.90
CA ARG A 99 -6.41 -4.12 0.77
C ARG A 99 -5.16 -3.25 0.83
N GLN A 100 -5.24 -2.02 0.31
CA GLN A 100 -4.13 -1.09 0.34
C GLN A 100 -3.99 -0.52 1.76
N ALA A 101 -5.11 -0.28 2.43
CA ALA A 101 -5.08 0.24 3.79
C ALA A 101 -4.46 -0.79 4.73
N LEU A 102 -4.68 -2.09 4.45
CA LEU A 102 -4.11 -3.15 5.26
C LEU A 102 -2.59 -3.08 5.21
N LEU A 103 -2.03 -3.03 3.99
CA LEU A 103 -0.58 -2.99 3.85
C LEU A 103 0.00 -1.60 4.11
N LEU A 104 -0.86 -0.62 4.43
CA LEU A 104 -0.41 0.72 4.75
C LEU A 104 -0.29 0.93 6.26
N THR A 105 -0.72 -0.04 7.07
CA THR A 105 -0.59 0.06 8.52
C THR A 105 -0.21 -1.25 9.20
N ALA A 106 -0.37 -2.40 8.53
CA ALA A 106 -0.07 -3.69 9.16
C ALA A 106 1.42 -4.03 9.14
N MET A 107 2.25 -3.32 8.37
CA MET A 107 3.67 -3.61 8.30
C MET A 107 4.53 -2.41 7.93
N GLU A 108 3.98 -1.19 8.00
CA GLU A 108 4.73 0.01 7.62
C GLU A 108 4.66 1.09 8.70
N GLY A 109 3.78 0.93 9.68
CA GLY A 109 3.74 1.79 10.86
C GLY A 109 3.29 3.23 10.58
N PHE A 110 2.84 3.55 9.36
CA PHE A 110 2.34 4.90 9.08
C PHE A 110 1.17 5.25 10.01
N SER A 111 1.02 6.53 10.30
CA SER A 111 -0.11 7.03 11.08
C SER A 111 -1.37 6.96 10.23
N PRO A 112 -2.56 7.00 10.86
CA PRO A 112 -3.81 7.01 10.12
C PRO A 112 -3.98 8.31 9.34
N GLU A 113 -3.20 9.35 9.67
CA GLU A 113 -3.27 10.62 8.97
C GLU A 113 -2.50 10.54 7.65
N ASP A 114 -1.29 9.96 7.67
CA ASP A 114 -0.49 9.83 6.47
C ASP A 114 -1.07 8.74 5.57
N ALA A 115 -1.67 7.72 6.19
CA ALA A 115 -2.31 6.64 5.46
C ALA A 115 -3.58 7.13 4.76
N ALA A 116 -4.16 8.23 5.25
CA ALA A 116 -5.37 8.80 4.65
C ALA A 116 -5.01 9.65 3.43
N TYR A 117 -3.82 10.25 3.45
CA TYR A 117 -3.34 11.07 2.35
C TYR A 117 -3.06 10.24 1.11
N LEU A 118 -2.51 9.04 1.28
CA LEU A 118 -2.17 8.17 0.15
C LEU A 118 -3.40 7.52 -0.52
N ILE A 119 -4.61 7.74 0.01
CA ILE A 119 -5.82 7.21 -0.61
C ILE A 119 -6.93 8.26 -0.64
N GLU A 120 -6.58 9.52 -0.36
CA GLU A 120 -7.49 10.68 -0.41
C GLU A 120 -8.78 10.48 0.38
N VAL A 121 -8.66 10.24 1.69
CA VAL A 121 -9.81 10.12 2.59
C VAL A 121 -9.52 10.88 3.90
N ASP A 122 -10.46 10.82 4.85
CA ASP A 122 -10.27 11.43 6.16
C ASP A 122 -9.50 10.46 7.06
N THR A 123 -8.89 10.98 8.13
CA THR A 123 -8.15 10.15 9.07
C THR A 123 -9.06 9.09 9.70
N SER A 124 -10.32 9.46 9.99
CA SER A 124 -11.27 8.55 10.60
C SER A 124 -11.70 7.46 9.62
N GLU A 125 -11.61 7.72 8.32
CA GLU A 125 -11.99 6.71 7.34
C GLU A 125 -10.95 5.60 7.32
N VAL A 126 -9.66 5.92 7.47
CA VAL A 126 -8.64 4.89 7.47
C VAL A 126 -8.82 3.98 8.68
N GLU A 127 -9.17 4.56 9.82
CA GLU A 127 -9.38 3.80 11.05
C GLU A 127 -10.46 2.75 10.84
N THR A 128 -11.51 3.08 10.08
CA THR A 128 -12.58 2.14 9.78
C THR A 128 -12.15 1.16 8.69
N LEU A 129 -11.40 1.64 7.69
CA LEU A 129 -10.99 0.79 6.58
C LEU A 129 -10.05 -0.32 7.04
N VAL A 130 -9.21 -0.08 8.04
CA VAL A 130 -8.34 -1.12 8.56
C VAL A 130 -9.10 -2.04 9.51
N THR A 131 -10.13 -1.51 10.19
CA THR A 131 -10.94 -2.32 11.08
C THR A 131 -11.76 -3.33 10.27
N GLU A 132 -12.26 -2.91 9.10
CA GLU A 132 -13.01 -3.81 8.23
C GLU A 132 -12.08 -4.76 7.50
N ALA A 133 -10.83 -4.34 7.25
CA ALA A 133 -9.88 -5.19 6.55
C ALA A 133 -9.51 -6.39 7.41
N LEU A 134 -9.12 -6.14 8.67
CA LEU A 134 -8.73 -7.23 9.57
C LEU A 134 -9.94 -8.06 9.99
N ALA A 135 -11.15 -7.49 9.89
CA ALA A 135 -12.37 -8.23 10.21
C ALA A 135 -12.69 -9.23 9.11
N GLU A 136 -12.45 -8.87 7.84
CA GLU A 136 -12.67 -9.78 6.73
C GLU A 136 -11.57 -10.84 6.69
N ILE A 137 -10.43 -10.58 7.33
CA ILE A 137 -9.36 -11.57 7.42
C ILE A 137 -9.74 -12.66 8.42
N GLU A 138 -10.04 -12.27 9.66
CA GLU A 138 -10.34 -13.26 10.70
C GLU A 138 -11.64 -14.02 10.44
N LYS A 139 -12.49 -13.48 9.55
CA LYS A 139 -13.75 -14.09 9.21
C LYS A 139 -13.57 -15.36 8.38
N GLN A 140 -12.43 -15.53 7.70
CA GLN A 140 -12.27 -16.65 6.78
C GLN A 140 -10.82 -17.03 6.51
N THR A 141 -9.91 -16.05 6.39
CA THR A 141 -8.54 -16.26 5.90
C THR A 141 -8.49 -17.15 4.65
N ARG A 142 -9.62 -17.30 3.95
CA ARG A 142 -9.78 -18.24 2.85
C ARG A 142 -10.74 -17.66 1.82
N ALA A 143 -10.53 -18.00 0.55
CA ALA A 143 -11.37 -17.54 -0.54
C ALA A 143 -11.14 -18.41 -1.78
N LEU A 144 -11.01 -19.72 -1.55
CA LEU A 144 -10.63 -20.69 -2.58
C LEU A 144 -11.65 -21.82 -2.68
N GLU A 145 -12.88 -21.57 -2.22
CA GLU A 145 -13.96 -22.54 -2.29
C GLU A 145 -15.23 -21.88 -2.82
N LEU A 146 -16.14 -22.69 -3.37
CA LEU A 146 -17.37 -22.19 -3.97
C LEU A 146 -18.41 -23.30 -4.09
N VAL A 147 -19.66 -22.91 -4.41
CA VAL A 147 -20.78 -23.82 -4.61
C VAL A 147 -20.83 -24.93 -3.55
N PRO A 148 -20.92 -24.57 -2.26
CA PRO A 148 -20.99 -25.52 -1.17
C PRO A 148 -22.32 -26.26 -1.18
N ARG A 149 -22.41 -27.35 -0.42
CA ARG A 149 -23.62 -28.17 -0.33
C ARG A 149 -23.65 -28.90 1.00
N GLY A 150 -24.85 -29.30 1.44
CA GLY A 150 -25.02 -30.01 2.69
C GLY A 150 -26.51 -30.13 3.06
N SER A 151 -26.79 -30.67 4.24
CA SER A 151 -28.14 -30.89 4.72
C SER A 151 -28.19 -30.79 6.24
N HIS A 152 -27.20 -30.13 6.84
CA HIS A 152 -27.05 -30.04 8.29
C HIS A 152 -26.60 -28.65 8.74
N HIS A 153 -26.64 -27.67 7.82
CA HIS A 153 -26.24 -26.29 8.11
C HIS A 153 -27.13 -25.27 7.41
N HIS A 154 -28.27 -25.72 6.87
CA HIS A 154 -29.28 -24.87 6.25
C HIS A 154 -28.68 -23.81 5.31
N HIS A 155 -27.67 -24.20 4.52
CA HIS A 155 -27.05 -23.31 3.54
C HIS A 155 -28.07 -22.74 2.57
N HIS A 156 -27.69 -21.67 1.86
CA HIS A 156 -28.54 -21.00 0.89
C HIS A 156 -27.67 -20.32 -0.16
N HIS A 157 -28.28 -19.90 -1.29
CA HIS A 157 -27.55 -19.26 -2.37
C HIS A 157 -27.01 -17.88 -1.95
N MET B 1 -32.31 29.44 13.87
CA MET B 1 -30.85 29.23 13.76
C MET B 1 -30.56 27.79 13.35
N LEU B 2 -29.38 27.54 12.79
CA LEU B 2 -28.94 26.24 12.31
C LEU B 2 -29.96 25.60 11.35
N ASP B 3 -30.80 26.41 10.71
CA ASP B 3 -31.82 25.95 9.77
C ASP B 3 -31.19 25.45 8.46
N LEU B 4 -29.86 25.40 8.38
CA LEU B 4 -29.14 25.01 7.17
C LEU B 4 -27.86 24.25 7.56
N PRO B 5 -27.33 23.42 6.66
CA PRO B 5 -26.14 22.60 6.93
C PRO B 5 -24.89 23.45 6.93
N GLY B 6 -23.86 23.01 7.67
CA GLY B 6 -22.61 23.74 7.79
C GLY B 6 -21.69 23.19 8.87
N ASN B 7 -21.96 21.98 9.37
CA ASN B 7 -21.20 21.42 10.48
C ASN B 7 -21.10 19.90 10.40
N LYS B 8 -20.36 19.31 11.34
CA LYS B 8 -20.06 17.89 11.39
C LYS B 8 -21.30 17.02 11.68
N ASP B 9 -22.50 17.60 11.67
CA ASP B 9 -23.73 16.86 11.98
C ASP B 9 -24.80 17.10 10.92
N LYS B 10 -24.50 17.91 9.89
CA LYS B 10 -25.40 18.17 8.78
C LYS B 10 -24.65 18.23 7.45
N LYS B 11 -23.33 17.97 7.47
CA LYS B 11 -22.49 17.96 6.29
C LYS B 11 -21.47 16.83 6.37
N ALA B 12 -21.59 15.98 7.39
CA ALA B 12 -20.70 14.85 7.64
C ALA B 12 -21.45 13.79 8.44
N SER B 13 -20.76 12.70 8.80
CA SER B 13 -21.37 11.62 9.56
C SER B 13 -20.49 11.16 10.72
N SER B 14 -19.31 11.77 10.89
CA SER B 14 -18.42 11.46 12.00
C SER B 14 -17.41 12.58 12.20
N LYS B 15 -16.77 12.59 13.38
CA LYS B 15 -15.72 13.53 13.74
C LYS B 15 -14.78 12.91 14.79
N LYS B 16 -14.98 11.62 15.08
CA LYS B 16 -14.24 10.90 16.10
C LYS B 16 -12.78 10.66 15.67
N SER B 17 -11.96 10.21 16.62
CA SER B 17 -10.56 9.92 16.38
C SER B 17 -10.01 8.87 17.37
N PRO B 18 -10.68 7.72 17.50
CA PRO B 18 -10.29 6.68 18.44
C PRO B 18 -8.99 5.96 18.03
N ALA B 19 -8.39 6.36 16.91
CA ALA B 19 -7.17 5.77 16.38
C ALA B 19 -7.28 4.25 16.22
N LYS B 20 -6.14 3.59 16.00
CA LYS B 20 -6.05 2.15 15.90
C LYS B 20 -4.72 1.70 16.50
N VAL B 21 -4.68 0.52 17.11
CA VAL B 21 -3.53 0.08 17.90
C VAL B 21 -3.27 -1.42 17.76
N GLN B 22 -4.02 -2.11 16.89
CA GLN B 22 -3.93 -3.57 16.79
C GLN B 22 -4.02 -4.08 15.35
N SER B 23 -3.81 -3.19 14.37
CA SER B 23 -3.79 -3.57 12.95
C SER B 23 -2.62 -4.51 12.62
N LYS B 24 -1.80 -4.85 13.61
CA LYS B 24 -0.64 -5.72 13.45
C LYS B 24 -0.47 -6.65 14.65
N ASP B 25 -1.53 -6.77 15.47
CA ASP B 25 -1.53 -7.62 16.66
C ASP B 25 -1.61 -9.11 16.29
N ARG B 26 -1.43 -9.44 15.00
CA ARG B 26 -1.50 -10.79 14.49
C ARG B 26 -0.44 -11.02 13.42
N ASP B 27 -0.13 -12.29 13.15
CA ASP B 27 0.93 -12.68 12.24
C ASP B 27 0.64 -12.29 10.79
N MET B 28 -0.61 -11.90 10.49
CA MET B 28 -0.99 -11.55 9.12
C MET B 28 -0.16 -10.36 8.60
N GLY B 29 0.32 -9.50 9.49
CA GLY B 29 1.12 -8.36 9.09
C GLY B 29 2.51 -8.81 8.65
N ALA B 30 3.03 -9.85 9.28
CA ALA B 30 4.34 -10.39 8.93
C ALA B 30 4.24 -11.30 7.71
N ALA B 31 3.05 -11.86 7.44
CA ALA B 31 2.84 -12.71 6.28
C ALA B 31 2.91 -11.88 5.01
N LEU B 32 2.27 -10.70 5.05
CA LEU B 32 2.28 -9.77 3.93
C LEU B 32 3.66 -9.15 3.77
N ARG B 33 4.32 -8.84 4.89
CA ARG B 33 5.63 -8.20 4.84
C ARG B 33 6.67 -9.16 4.27
N SER B 34 6.58 -10.45 4.56
CA SER B 34 7.55 -11.41 4.04
C SER B 34 7.43 -11.51 2.52
N ALA B 35 6.20 -11.55 2.02
CA ALA B 35 5.93 -11.66 0.59
C ALA B 35 6.39 -10.42 -0.17
N TYR B 36 6.48 -9.27 0.51
CA TYR B 36 6.81 -8.02 -0.15
C TYR B 36 8.20 -7.51 0.22
N GLN B 37 8.80 -8.04 1.28
CA GLN B 37 10.18 -7.70 1.63
C GLN B 37 11.11 -8.27 0.56
N LYS B 38 10.80 -9.47 0.07
CA LYS B 38 11.57 -10.08 -1.00
C LYS B 38 11.47 -9.28 -2.30
N THR B 39 10.38 -8.51 -2.46
CA THR B 39 10.18 -7.67 -3.64
C THR B 39 11.11 -6.45 -3.63
N ILE B 40 11.77 -6.15 -2.51
CA ILE B 40 12.65 -4.98 -2.40
C ILE B 40 14.03 -5.35 -1.86
N GLU B 41 14.31 -6.65 -1.71
CA GLU B 41 15.57 -7.14 -1.18
C GLU B 41 16.67 -7.15 -2.25
N GLU B 42 16.54 -6.31 -3.28
CA GLU B 42 17.47 -6.28 -4.40
C GLU B 42 17.68 -4.85 -4.93
N GLN B 43 18.50 -4.72 -5.97
CA GLN B 43 18.84 -3.45 -6.61
C GLN B 43 17.61 -2.76 -7.18
N VAL B 44 17.81 -1.54 -7.71
CA VAL B 44 16.72 -0.70 -8.19
C VAL B 44 17.06 -0.07 -9.55
N PRO B 45 16.05 0.30 -10.35
CA PRO B 45 16.24 0.97 -11.62
C PRO B 45 16.89 2.35 -11.46
N ASP B 46 17.16 3.00 -12.59
CA ASP B 46 17.65 4.38 -12.62
C ASP B 46 17.17 5.12 -13.86
N GLU B 47 16.44 4.43 -14.76
CA GLU B 47 15.95 5.03 -15.99
C GLU B 47 14.94 6.14 -15.72
N MET B 48 14.28 6.09 -14.57
CA MET B 48 13.29 7.09 -14.20
C MET B 48 13.94 8.38 -13.76
N LEU B 49 15.08 8.30 -13.06
CA LEU B 49 15.80 9.51 -12.70
C LEU B 49 16.58 10.03 -13.91
N ASP B 50 16.75 9.19 -14.94
CA ASP B 50 17.34 9.66 -16.18
C ASP B 50 16.36 10.58 -16.91
N LEU B 51 15.07 10.47 -16.58
CA LEU B 51 14.07 11.38 -17.10
C LEU B 51 14.21 12.75 -16.45
N LEU B 52 14.97 12.84 -15.35
CA LEU B 52 15.26 14.12 -14.72
C LEU B 52 16.52 14.75 -15.30
N ASN B 53 17.35 13.97 -16.00
CA ASN B 53 18.56 14.47 -16.62
C ASN B 53 18.26 15.36 -17.84
N LYS B 54 17.02 15.86 -17.94
CA LYS B 54 16.61 16.75 -19.03
C LYS B 54 15.82 17.97 -18.50
N LEU B 55 15.66 18.10 -17.18
CA LEU B 55 15.00 19.25 -16.58
C LEU B 55 15.45 19.56 -15.16
N ALA B 56 16.33 18.73 -14.57
CA ALA B 56 16.79 18.94 -13.21
C ALA B 56 18.31 18.82 -13.09
N LEU B 57 19.01 18.57 -14.20
CA LEU B 57 20.45 18.51 -14.23
C LEU B 57 21.01 19.95 -14.23
N GLU B 58 22.23 20.11 -13.72
CA GLU B 58 22.90 21.40 -13.64
C GLU B 58 24.41 21.23 -13.86
N LEU B 59 25.11 22.36 -14.03
CA LEU B 59 26.54 22.36 -14.28
C LEU B 59 27.33 21.88 -13.05
N VAL B 60 26.67 21.75 -11.91
CA VAL B 60 27.31 21.30 -10.67
C VAL B 60 26.28 20.58 -9.79
N PRO B 61 26.67 19.48 -9.14
CA PRO B 61 25.81 18.73 -8.25
C PRO B 61 25.59 19.47 -6.92
N ARG B 62 24.79 18.89 -6.03
CA ARG B 62 24.48 19.46 -4.73
C ARG B 62 24.22 18.34 -3.72
N MET A 1 20.62 17.71 -10.36
CA MET A 1 19.63 16.75 -9.86
C MET A 1 19.56 16.79 -8.34
N SER A 2 18.35 16.66 -7.79
CA SER A 2 18.14 16.59 -6.35
C SER A 2 16.99 15.65 -5.98
N LEU A 3 16.20 15.22 -6.97
CA LEU A 3 15.09 14.30 -6.73
C LEU A 3 15.57 12.85 -6.75
N GLY A 4 16.61 12.53 -7.54
CA GLY A 4 17.09 11.16 -7.65
C GLY A 4 17.73 10.71 -6.34
N GLN A 5 18.33 11.65 -5.60
CA GLN A 5 18.94 11.41 -4.31
C GLN A 5 17.89 11.17 -3.23
N GLN A 6 16.61 11.18 -3.60
CA GLN A 6 15.51 10.98 -2.67
C GLN A 6 14.53 9.93 -3.20
N LEU A 7 14.56 9.67 -4.51
CA LEU A 7 13.70 8.67 -5.13
C LEU A 7 14.37 7.29 -5.11
N ALA A 8 15.69 7.25 -5.22
CA ALA A 8 16.45 6.01 -5.33
C ALA A 8 16.27 5.06 -4.15
N PRO A 9 16.30 5.52 -2.89
CA PRO A 9 16.20 4.64 -1.73
C PRO A 9 14.79 4.07 -1.56
N HIS A 10 13.84 4.47 -2.41
CA HIS A 10 12.47 4.01 -2.35
C HIS A 10 11.95 3.64 -3.75
N LEU A 11 12.86 3.54 -4.72
CA LEU A 11 12.53 3.21 -6.10
C LEU A 11 11.80 1.86 -6.22
N PRO A 12 12.21 0.80 -5.50
CA PRO A 12 11.54 -0.48 -5.60
C PRO A 12 10.21 -0.51 -4.84
N PHE A 13 9.92 0.51 -4.01
CA PHE A 13 8.70 0.52 -3.23
C PHE A 13 7.48 0.74 -4.13
N LEU A 14 7.69 1.32 -5.32
CA LEU A 14 6.60 1.58 -6.25
C LEU A 14 6.07 0.27 -6.85
N ARG A 15 6.92 -0.76 -6.94
CA ARG A 15 6.52 -2.05 -7.48
C ARG A 15 6.35 -3.07 -6.38
N ARG A 16 6.85 -2.75 -5.17
CA ARG A 16 6.69 -3.57 -3.98
C ARG A 16 5.22 -3.90 -3.74
N TYR A 17 4.32 -3.05 -4.24
CA TYR A 17 2.90 -3.32 -4.18
C TYR A 17 2.18 -2.91 -5.47
N GLY A 18 2.87 -2.20 -6.37
CA GLY A 18 2.30 -1.89 -7.69
C GLY A 18 1.96 -3.17 -8.43
N ARG A 19 2.69 -4.26 -8.14
CA ARG A 19 2.41 -5.58 -8.72
C ARG A 19 1.10 -6.15 -8.19
N ALA A 20 0.49 -5.51 -7.18
CA ALA A 20 -0.73 -6.00 -6.54
C ALA A 20 -1.90 -5.04 -6.75
N LEU A 21 -1.69 -3.94 -7.47
CA LEU A 21 -2.74 -3.00 -7.83
C LEU A 21 -3.26 -3.25 -9.24
N THR A 22 -2.66 -4.21 -9.97
CA THR A 22 -3.08 -4.53 -11.33
C THR A 22 -2.71 -5.95 -11.76
N GLY A 23 -1.95 -6.68 -10.93
CA GLY A 23 -1.62 -8.08 -11.18
C GLY A 23 -0.92 -8.32 -12.52
N SER A 24 -0.23 -7.30 -13.05
CA SER A 24 0.48 -7.44 -14.31
C SER A 24 1.69 -6.50 -14.31
N GLN A 25 2.86 -7.04 -14.61
CA GLN A 25 4.08 -6.25 -14.64
C GLN A 25 4.11 -5.33 -15.86
N ASN A 26 3.29 -5.61 -16.88
CA ASN A 26 3.22 -4.74 -18.05
C ASN A 26 2.59 -3.41 -17.66
N GLN A 27 1.53 -3.46 -16.84
CA GLN A 27 0.87 -2.26 -16.35
C GLN A 27 1.64 -1.72 -15.15
N GLY A 28 2.27 -2.60 -14.36
CA GLY A 28 3.03 -2.18 -13.20
C GLY A 28 4.25 -1.36 -13.59
N ASP A 29 4.97 -1.79 -14.63
CA ASP A 29 6.12 -1.06 -15.11
C ASP A 29 5.68 0.22 -15.82
N LYS A 30 4.50 0.21 -16.44
CA LYS A 30 3.98 1.39 -17.13
C LYS A 30 3.56 2.46 -16.14
N TYR A 31 2.90 2.09 -15.04
CA TYR A 31 2.43 3.06 -14.07
C TYR A 31 3.59 3.78 -13.38
N VAL A 32 4.63 3.04 -12.96
CA VAL A 32 5.73 3.68 -12.23
C VAL A 32 6.53 4.60 -13.15
N ARG A 33 6.67 4.24 -14.43
CA ARG A 33 7.42 5.05 -15.37
C ARG A 33 6.58 6.24 -15.85
N ALA A 34 5.27 6.05 -15.96
CA ALA A 34 4.37 7.13 -16.32
C ALA A 34 4.24 8.12 -15.15
N THR A 35 4.43 7.63 -13.91
CA THR A 35 4.41 8.49 -12.73
C THR A 35 5.56 9.47 -12.80
N LEU A 36 6.74 9.01 -13.25
CA LEU A 36 7.91 9.85 -13.32
C LEU A 36 7.83 10.76 -14.55
N GLU A 37 7.26 10.27 -15.65
CA GLU A 37 7.12 11.07 -16.85
C GLU A 37 6.25 12.31 -16.57
N ALA A 38 5.39 12.24 -15.56
CA ALA A 38 4.57 13.37 -15.14
C ALA A 38 5.40 14.37 -14.34
N ILE A 39 6.57 13.96 -13.84
CA ILE A 39 7.45 14.83 -13.07
C ILE A 39 8.44 15.53 -14.02
N VAL A 40 8.60 14.99 -15.23
CA VAL A 40 9.45 15.60 -16.27
C VAL A 40 8.90 16.95 -16.70
N ALA A 41 7.73 17.35 -16.18
CA ALA A 41 7.11 18.63 -16.48
C ALA A 41 6.87 19.44 -15.21
N ALA A 42 7.26 18.89 -14.06
CA ALA A 42 7.08 19.54 -12.77
C ALA A 42 8.07 19.00 -11.73
N PRO A 43 9.38 19.02 -12.03
CA PRO A 43 10.43 18.48 -11.16
C PRO A 43 10.64 19.33 -9.91
N ASP A 44 9.94 20.46 -9.81
CA ASP A 44 10.11 21.42 -8.72
C ASP A 44 8.95 21.35 -7.71
N GLN A 45 8.11 20.33 -7.80
CA GLN A 45 6.97 20.21 -6.90
C GLN A 45 6.74 18.78 -6.40
N PHE A 46 7.66 17.85 -6.69
CA PHE A 46 7.55 16.48 -6.23
C PHE A 46 7.41 16.47 -4.71
N PRO A 47 6.44 15.73 -4.15
CA PRO A 47 6.13 15.74 -2.74
C PRO A 47 7.23 15.09 -1.90
N ARG A 48 7.80 15.86 -0.97
CA ARG A 48 8.79 15.40 0.01
C ARG A 48 8.55 16.08 1.35
N ASP A 49 7.46 16.84 1.48
CA ASP A 49 7.08 17.53 2.71
C ASP A 49 6.33 16.58 3.65
N VAL A 50 6.40 15.28 3.36
CA VAL A 50 5.73 14.23 4.11
C VAL A 50 6.68 13.04 4.24
N ASP A 51 6.18 11.87 4.65
CA ASP A 51 7.01 10.69 4.79
C ASP A 51 7.80 10.46 3.49
N PRO A 52 9.05 9.98 3.61
CA PRO A 52 9.90 9.73 2.47
C PRO A 52 9.36 8.60 1.58
N ARG A 53 8.21 8.04 1.92
CA ARG A 53 7.54 7.00 1.13
C ARG A 53 6.14 7.44 0.72
N LEU A 54 5.57 8.44 1.39
CA LEU A 54 4.22 8.88 1.06
C LEU A 54 4.22 9.67 -0.25
N GLY A 55 5.31 10.38 -0.54
CA GLY A 55 5.43 11.14 -1.76
C GLY A 55 5.57 10.21 -2.97
N LEU A 56 6.24 9.07 -2.78
CA LEU A 56 6.39 8.06 -3.81
C LEU A 56 5.03 7.52 -4.20
N TYR A 57 4.18 7.23 -3.20
CA TYR A 57 2.87 6.64 -3.44
C TYR A 57 1.85 7.70 -3.85
N ARG A 58 2.11 8.98 -3.57
CA ARG A 58 1.17 10.03 -3.93
C ARG A 58 1.14 10.23 -5.44
N MET A 59 2.31 10.32 -6.09
CA MET A 59 2.33 10.50 -7.54
C MET A 59 1.91 9.20 -8.22
N PHE A 60 2.25 8.05 -7.63
CA PHE A 60 1.87 6.76 -8.20
C PHE A 60 0.36 6.54 -8.16
N GLN A 61 -0.29 6.97 -7.06
CA GLN A 61 -1.73 6.85 -6.93
C GLN A 61 -2.43 7.79 -7.90
N GLY A 62 -1.76 8.87 -8.32
CA GLY A 62 -2.33 9.82 -9.26
C GLY A 62 -2.48 9.21 -10.64
N ILE A 63 -1.53 8.38 -11.08
CA ILE A 63 -1.63 7.72 -12.38
C ILE A 63 -2.68 6.62 -12.32
N TRP A 64 -2.71 5.84 -11.24
CA TRP A 64 -3.64 4.72 -11.14
C TRP A 64 -5.08 5.22 -11.05
N ALA A 65 -5.31 6.33 -10.33
CA ALA A 65 -6.66 6.87 -10.19
C ALA A 65 -7.12 7.53 -11.48
N SER A 66 -6.18 8.07 -12.28
CA SER A 66 -6.51 8.73 -13.53
C SER A 66 -6.78 7.72 -14.64
N ALA A 67 -6.11 6.57 -14.59
CA ALA A 67 -6.28 5.53 -15.61
C ALA A 67 -7.61 4.80 -15.43
N ASN A 68 -8.08 4.66 -14.18
CA ASN A 68 -9.35 4.00 -13.90
C ASN A 68 -10.52 4.98 -14.04
N ALA A 69 -10.23 6.29 -14.12
CA ALA A 69 -11.26 7.30 -14.25
C ALA A 69 -11.80 7.40 -15.67
N ASP A 70 -11.30 6.58 -16.59
CA ASP A 70 -11.74 6.58 -17.98
C ASP A 70 -11.83 5.17 -18.55
N GLY A 71 -11.61 4.15 -17.70
CA GLY A 71 -11.71 2.75 -18.09
C GLY A 71 -10.44 2.24 -18.77
N GLU A 72 -9.38 3.05 -18.80
CA GLU A 72 -8.11 2.67 -19.41
C GLU A 72 -7.32 1.71 -18.52
N ALA A 73 -7.91 1.26 -17.41
CA ALA A 73 -7.25 0.38 -16.46
C ALA A 73 -8.26 -0.52 -15.75
N GLN A 74 -7.73 -1.47 -14.98
CA GLN A 74 -8.49 -2.45 -14.23
C GLN A 74 -7.75 -2.78 -12.93
N THR A 75 -8.15 -3.85 -12.25
CA THR A 75 -7.53 -4.28 -11.02
C THR A 75 -7.41 -5.80 -10.99
N SER A 76 -6.57 -6.33 -10.09
CA SER A 76 -6.28 -7.75 -9.99
C SER A 76 -5.76 -8.08 -8.59
N GLN A 77 -5.30 -9.32 -8.38
CA GLN A 77 -4.85 -9.75 -7.07
C GLN A 77 -3.73 -10.81 -7.13
N SER A 78 -3.17 -11.08 -8.32
CA SER A 78 -2.09 -12.05 -8.45
C SER A 78 -1.10 -11.64 -9.54
N ASP A 79 0.19 -11.89 -9.29
CA ASP A 79 1.27 -11.68 -10.24
C ASP A 79 2.45 -12.61 -9.94
N ALA A 80 2.25 -13.58 -9.04
CA ALA A 80 3.28 -14.49 -8.59
C ALA A 80 2.65 -15.81 -8.14
N GLU A 81 3.47 -16.71 -7.60
CA GLU A 81 3.02 -18.02 -7.14
C GLU A 81 3.44 -18.25 -5.68
N GLY A 82 3.91 -17.18 -5.01
CA GLY A 82 4.33 -17.27 -3.62
C GLY A 82 4.51 -15.89 -2.98
N THR A 83 4.09 -14.81 -3.65
CA THR A 83 4.24 -13.47 -3.11
C THR A 83 3.02 -12.58 -3.36
N GLU A 84 2.05 -13.05 -4.16
CA GLU A 84 0.85 -12.29 -4.46
C GLU A 84 -0.36 -13.21 -4.42
N ALA A 85 -0.21 -14.44 -4.91
CA ALA A 85 -1.27 -15.43 -4.80
C ALA A 85 -1.51 -15.76 -3.34
N VAL A 86 -0.48 -15.59 -2.49
CA VAL A 86 -0.59 -15.84 -1.06
C VAL A 86 -1.54 -14.83 -0.41
N ALA A 87 -1.60 -13.61 -0.97
CA ALA A 87 -2.38 -12.52 -0.43
C ALA A 87 -3.85 -12.60 -0.88
N ARG A 88 -4.19 -13.61 -1.69
CA ARG A 88 -5.57 -13.83 -2.13
C ARG A 88 -6.01 -15.27 -1.93
N ALA A 89 -5.06 -16.18 -1.69
CA ALA A 89 -5.35 -17.57 -1.37
C ALA A 89 -5.88 -17.67 0.06
N ARG A 90 -5.96 -16.54 0.77
CA ARG A 90 -6.49 -16.48 2.12
C ARG A 90 -7.55 -15.39 2.26
N LEU A 91 -7.62 -14.46 1.31
CA LEU A 91 -8.47 -13.28 1.37
C LEU A 91 -9.15 -13.01 0.02
N ALA A 92 -9.53 -14.08 -0.69
CA ALA A 92 -10.19 -13.99 -1.99
C ALA A 92 -11.52 -13.22 -1.99
N ARG A 93 -11.88 -12.56 -0.88
CA ARG A 93 -13.15 -11.85 -0.75
C ARG A 93 -12.96 -10.42 -0.22
N MET A 94 -11.72 -9.98 -0.01
CA MET A 94 -11.45 -8.65 0.51
C MET A 94 -11.91 -7.56 -0.46
N THR A 95 -12.43 -6.46 0.09
CA THR A 95 -12.90 -5.31 -0.67
C THR A 95 -11.75 -4.71 -1.47
N PRO A 96 -11.97 -4.29 -2.72
CA PRO A 96 -10.95 -3.75 -3.61
C PRO A 96 -10.38 -2.41 -3.14
N LEU A 97 -10.77 -1.93 -1.95
CA LEU A 97 -10.28 -0.66 -1.43
C LEU A 97 -9.68 -0.89 -0.03
N SER A 98 -10.26 -1.81 0.75
CA SER A 98 -9.66 -2.23 2.02
C SER A 98 -8.30 -2.87 1.75
N ARG A 99 -8.06 -3.31 0.51
CA ARG A 99 -6.79 -3.86 0.07
C ARG A 99 -5.68 -2.84 0.26
N GLN A 100 -5.94 -1.57 -0.04
CA GLN A 100 -4.93 -0.53 0.08
C GLN A 100 -4.77 -0.14 1.55
N ALA A 101 -5.89 -0.08 2.29
CA ALA A 101 -5.84 0.28 3.70
C ALA A 101 -5.06 -0.77 4.50
N LEU A 102 -5.15 -2.03 4.09
CA LEU A 102 -4.45 -3.12 4.75
C LEU A 102 -2.93 -2.96 4.57
N LEU A 103 -2.48 -2.70 3.34
CA LEU A 103 -1.07 -2.55 3.04
C LEU A 103 -0.50 -1.27 3.66
N LEU A 104 -1.35 -0.34 4.11
CA LEU A 104 -0.93 0.92 4.68
C LEU A 104 -0.95 0.89 6.21
N THR A 105 -1.43 -0.22 6.81
CA THR A 105 -1.49 -0.32 8.27
C THR A 105 -1.02 -1.68 8.77
N ALA A 106 -0.42 -2.49 7.89
CA ALA A 106 0.13 -3.79 8.27
C ALA A 106 1.48 -4.07 7.60
N MET A 107 2.02 -3.10 6.85
CA MET A 107 3.30 -3.27 6.18
C MET A 107 4.19 -2.03 6.21
N GLU A 108 3.71 -0.89 6.73
CA GLU A 108 4.55 0.30 6.80
C GLU A 108 4.21 1.21 7.98
N GLY A 109 3.14 0.90 8.73
CA GLY A 109 2.80 1.65 9.93
C GLY A 109 2.48 3.12 9.67
N PHE A 110 2.03 3.49 8.46
CA PHE A 110 1.65 4.85 8.17
C PHE A 110 0.59 5.32 9.17
N SER A 111 0.56 6.63 9.46
CA SER A 111 -0.44 7.19 10.35
C SER A 111 -1.81 7.12 9.68
N PRO A 112 -2.90 7.07 10.46
CA PRO A 112 -4.25 7.03 9.94
C PRO A 112 -4.54 8.17 8.95
N GLU A 113 -3.86 9.31 9.12
CA GLU A 113 -4.07 10.45 8.24
C GLU A 113 -3.45 10.19 6.87
N ASP A 114 -2.34 9.44 6.81
CA ASP A 114 -1.66 9.18 5.56
C ASP A 114 -2.32 8.01 4.83
N ALA A 115 -2.79 7.00 5.58
CA ALA A 115 -3.48 5.87 5.00
C ALA A 115 -4.80 6.29 4.36
N ALA A 116 -5.43 7.35 4.89
CA ALA A 116 -6.66 7.88 4.34
C ALA A 116 -6.38 8.81 3.16
N TYR A 117 -5.21 9.44 3.14
CA TYR A 117 -4.82 10.39 2.11
C TYR A 117 -4.52 9.68 0.79
N LEU A 118 -4.10 8.41 0.84
CA LEU A 118 -3.81 7.63 -0.36
C LEU A 118 -5.05 6.95 -0.93
N ILE A 119 -6.22 7.13 -0.31
CA ILE A 119 -7.47 6.52 -0.78
C ILE A 119 -8.63 7.51 -0.77
N GLU A 120 -8.32 8.79 -0.54
CA GLU A 120 -9.28 9.89 -0.59
C GLU A 120 -10.50 9.70 0.33
N VAL A 121 -10.25 9.45 1.62
CA VAL A 121 -11.31 9.36 2.63
C VAL A 121 -10.91 10.14 3.88
N ASP A 122 -11.82 10.24 4.85
CA ASP A 122 -11.53 10.92 6.10
C ASP A 122 -10.66 10.02 6.99
N THR A 123 -9.95 10.62 7.94
CA THR A 123 -9.08 9.86 8.85
C THR A 123 -9.88 8.83 9.64
N SER A 124 -11.11 9.15 10.04
CA SER A 124 -11.91 8.23 10.83
C SER A 124 -12.50 7.12 9.96
N GLU A 125 -12.59 7.35 8.64
CA GLU A 125 -13.10 6.33 7.74
C GLU A 125 -12.07 5.23 7.57
N VAL A 126 -10.79 5.57 7.35
CA VAL A 126 -9.79 4.54 7.15
C VAL A 126 -9.62 3.71 8.41
N GLU A 127 -9.81 4.33 9.59
CA GLU A 127 -9.76 3.59 10.85
C GLU A 127 -10.86 2.54 10.89
N THR A 128 -12.02 2.85 10.31
CA THR A 128 -13.12 1.89 10.27
C THR A 128 -12.86 0.81 9.22
N LEU A 129 -12.24 1.19 8.09
CA LEU A 129 -11.95 0.23 7.03
C LEU A 129 -10.91 -0.79 7.47
N VAL A 130 -9.91 -0.40 8.26
CA VAL A 130 -8.92 -1.36 8.72
C VAL A 130 -9.48 -2.22 9.84
N THR A 131 -10.46 -1.72 10.58
CA THR A 131 -11.12 -2.50 11.63
C THR A 131 -11.90 -3.64 10.99
N GLU A 132 -12.49 -3.42 9.82
CA GLU A 132 -13.20 -4.45 9.10
C GLU A 132 -12.22 -5.34 8.33
N ALA A 133 -11.06 -4.80 7.95
CA ALA A 133 -10.06 -5.56 7.22
C ALA A 133 -9.41 -6.60 8.12
N LEU A 134 -9.14 -6.25 9.38
CA LEU A 134 -8.57 -7.21 10.32
C LEU A 134 -9.65 -8.16 10.83
N ALA A 135 -10.92 -7.76 10.76
CA ALA A 135 -12.01 -8.63 11.17
C ALA A 135 -12.20 -9.76 10.15
N GLU A 136 -12.07 -9.45 8.85
CA GLU A 136 -12.21 -10.47 7.83
C GLU A 136 -10.95 -11.33 7.71
N ILE A 137 -9.81 -10.85 8.22
CA ILE A 137 -8.61 -11.66 8.30
C ILE A 137 -8.85 -12.83 9.25
N GLU A 138 -9.34 -12.55 10.46
CA GLU A 138 -9.58 -13.58 11.46
C GLU A 138 -10.80 -14.44 11.10
N LYS A 139 -11.66 -13.96 10.19
CA LYS A 139 -12.87 -14.66 9.79
C LYS A 139 -12.57 -15.89 8.93
N GLN A 140 -11.37 -16.00 8.35
CA GLN A 140 -11.10 -17.08 7.41
C GLN A 140 -9.63 -17.52 7.39
N THR A 141 -8.69 -16.58 7.43
CA THR A 141 -7.23 -16.77 7.33
C THR A 141 -6.73 -17.71 6.22
N ARG A 142 -7.60 -18.43 5.50
CA ARG A 142 -7.16 -19.38 4.49
C ARG A 142 -8.23 -19.74 3.45
N ALA A 143 -9.42 -19.14 3.52
CA ALA A 143 -10.46 -19.42 2.55
C ALA A 143 -10.12 -18.81 1.19
N LEU A 144 -10.67 -19.37 0.11
CA LEU A 144 -10.44 -18.89 -1.24
C LEU A 144 -11.64 -19.19 -2.17
N GLU A 145 -12.73 -19.71 -1.60
CA GLU A 145 -13.91 -20.08 -2.36
C GLU A 145 -15.18 -19.86 -1.53
N LEU A 146 -15.06 -19.07 -0.46
CA LEU A 146 -16.15 -18.79 0.46
C LEU A 146 -17.34 -18.14 -0.26
N VAL A 147 -18.54 -18.31 0.29
CA VAL A 147 -19.77 -17.74 -0.24
C VAL A 147 -20.64 -17.32 0.93
N PRO A 148 -21.26 -16.12 0.88
CA PRO A 148 -22.08 -15.58 1.96
C PRO A 148 -23.42 -16.31 2.12
N ARG A 149 -23.69 -17.33 1.29
CA ARG A 149 -24.94 -18.09 1.30
C ARG A 149 -26.17 -17.17 1.37
N GLY A 150 -26.07 -16.00 0.73
CA GLY A 150 -27.14 -15.00 0.73
C GLY A 150 -28.28 -15.38 -0.22
N SER A 151 -28.21 -16.55 -0.85
CA SER A 151 -29.23 -17.02 -1.79
C SER A 151 -29.29 -18.54 -1.77
N HIS A 152 -30.31 -19.10 -2.44
CA HIS A 152 -30.52 -20.54 -2.53
C HIS A 152 -31.26 -20.87 -3.83
N HIS A 153 -31.33 -22.16 -4.18
CA HIS A 153 -31.94 -22.61 -5.43
C HIS A 153 -32.69 -23.93 -5.23
N HIS A 154 -32.83 -24.37 -3.98
CA HIS A 154 -33.48 -25.63 -3.61
C HIS A 154 -32.84 -26.86 -4.28
N HIS A 155 -31.73 -26.67 -4.99
CA HIS A 155 -30.99 -27.74 -5.64
C HIS A 155 -29.56 -27.28 -5.90
N HIS A 156 -28.61 -28.21 -5.86
CA HIS A 156 -27.20 -27.93 -6.09
C HIS A 156 -26.52 -29.17 -6.68
N HIS A 157 -25.29 -29.00 -7.17
CA HIS A 157 -24.51 -30.06 -7.79
C HIS A 157 -23.01 -29.79 -7.66
N MET B 1 -16.66 32.62 20.81
CA MET B 1 -15.21 32.68 20.56
C MET B 1 -14.46 32.91 21.88
N LEU B 2 -13.12 32.83 21.82
CA LEU B 2 -12.26 33.03 22.98
C LEU B 2 -10.91 33.56 22.51
N ASP B 3 -10.16 34.21 23.39
CA ASP B 3 -8.87 34.80 23.06
C ASP B 3 -7.80 33.76 22.79
N LEU B 4 -8.07 32.49 23.07
CA LEU B 4 -7.16 31.37 22.84
C LEU B 4 -7.97 30.12 22.50
N PRO B 5 -7.34 29.12 21.86
CA PRO B 5 -7.94 27.83 21.58
C PRO B 5 -8.48 27.15 22.83
N GLY B 6 -9.34 26.15 22.64
CA GLY B 6 -9.91 25.37 23.74
C GLY B 6 -10.85 24.29 23.22
N ASN B 7 -11.29 23.41 24.13
CA ASN B 7 -12.15 22.27 23.82
C ASN B 7 -11.54 21.38 22.72
N LYS B 8 -12.24 20.29 22.36
CA LYS B 8 -11.81 19.34 21.34
C LYS B 8 -10.33 18.92 21.51
N ASP B 9 -9.86 18.87 22.75
CA ASP B 9 -8.48 18.53 23.05
C ASP B 9 -8.39 17.64 24.30
N LYS B 10 -9.51 17.02 24.68
CA LYS B 10 -9.57 16.14 25.85
C LYS B 10 -8.64 14.93 25.72
N LYS B 11 -8.07 14.71 24.52
CA LYS B 11 -7.12 13.63 24.29
C LYS B 11 -5.81 13.86 25.04
N ALA B 12 -5.55 15.12 25.44
CA ALA B 12 -4.32 15.53 26.12
C ALA B 12 -3.05 15.11 25.37
N SER B 13 -1.89 15.34 25.98
CA SER B 13 -0.61 15.00 25.38
C SER B 13 0.42 14.61 26.44
N SER B 14 0.00 14.50 27.70
CA SER B 14 0.89 14.11 28.80
C SER B 14 1.38 12.68 28.63
N LYS B 15 2.43 12.32 29.38
CA LYS B 15 2.99 10.97 29.35
C LYS B 15 1.98 9.98 29.92
N LYS B 16 2.06 8.72 29.48
CA LYS B 16 1.15 7.65 29.90
C LYS B 16 1.92 6.33 29.97
N SER B 17 1.29 5.30 30.55
CA SER B 17 1.88 3.98 30.68
C SER B 17 2.09 3.34 29.30
N PRO B 18 2.94 2.31 29.21
CA PRO B 18 3.17 1.54 27.99
C PRO B 18 1.88 1.02 27.35
N ALA B 19 1.97 0.56 26.11
CA ALA B 19 0.84 0.03 25.38
C ALA B 19 0.21 -1.17 26.10
N LYS B 20 1.07 -1.95 26.78
CA LYS B 20 0.72 -3.14 27.54
C LYS B 20 -0.40 -3.95 26.87
N VAL B 21 -0.15 -4.34 25.61
CA VAL B 21 -1.08 -5.14 24.81
C VAL B 21 -1.36 -6.50 25.47
N GLN B 22 -2.25 -7.27 24.85
CA GLN B 22 -2.67 -8.57 25.34
C GLN B 22 -2.85 -9.57 24.20
N SER B 23 -2.41 -9.21 23.00
CA SER B 23 -2.56 -10.05 21.81
C SER B 23 -1.34 -9.88 20.90
N LYS B 24 -1.21 -10.78 19.92
CA LYS B 24 -0.07 -10.79 19.00
C LYS B 24 -0.49 -11.19 17.58
N ASP B 25 -1.81 -11.26 17.33
CA ASP B 25 -2.33 -11.67 16.03
C ASP B 25 -1.93 -10.68 14.92
N ARG B 26 -1.32 -9.55 15.29
CA ARG B 26 -0.86 -8.55 14.34
C ARG B 26 0.29 -9.05 13.48
N ASP B 27 0.84 -10.23 13.80
CA ASP B 27 1.94 -10.81 13.06
C ASP B 27 1.55 -11.15 11.62
N MET B 28 0.26 -11.06 11.29
CA MET B 28 -0.21 -11.28 9.93
C MET B 28 0.40 -10.24 8.98
N GLY B 29 0.71 -9.04 9.50
CA GLY B 29 1.31 -8.00 8.69
C GLY B 29 2.77 -8.34 8.39
N ALA B 30 3.45 -9.03 9.31
CA ALA B 30 4.82 -9.43 9.12
C ALA B 30 4.94 -10.54 8.07
N ALA B 31 3.83 -11.22 7.77
CA ALA B 31 3.82 -12.28 6.78
C ALA B 31 3.71 -11.67 5.38
N LEU B 32 2.86 -10.65 5.25
CA LEU B 32 2.69 -9.93 4.00
C LEU B 32 3.93 -9.07 3.74
N ARG B 33 4.51 -8.49 4.80
CA ARG B 33 5.73 -7.71 4.69
C ARG B 33 6.90 -8.60 4.29
N SER B 34 6.89 -9.88 4.66
CA SER B 34 7.98 -10.78 4.28
C SER B 34 7.97 -11.00 2.77
N ALA B 35 6.78 -11.14 2.18
CA ALA B 35 6.65 -11.34 0.74
C ALA B 35 7.04 -10.10 -0.04
N TYR B 36 6.95 -8.92 0.59
CA TYR B 36 7.25 -7.67 -0.09
C TYR B 36 8.60 -7.09 0.34
N GLN B 37 9.20 -7.61 1.41
CA GLN B 37 10.54 -7.20 1.82
C GLN B 37 11.55 -7.77 0.83
N LYS B 38 11.33 -9.01 0.37
CA LYS B 38 12.21 -9.63 -0.61
C LYS B 38 12.17 -8.89 -1.93
N THR B 39 11.09 -8.13 -2.18
CA THR B 39 10.99 -7.29 -3.37
C THR B 39 11.88 -6.05 -3.25
N ILE B 40 12.39 -5.74 -2.05
CA ILE B 40 13.30 -4.62 -1.83
C ILE B 40 14.74 -5.11 -1.81
N GLU B 41 14.94 -6.39 -1.49
CA GLU B 41 16.26 -7.01 -1.40
C GLU B 41 16.83 -7.34 -2.78
N GLU B 42 16.44 -6.60 -3.82
CA GLU B 42 16.89 -6.84 -5.18
C GLU B 42 17.17 -5.51 -5.91
N GLN B 43 17.68 -5.62 -7.14
CA GLN B 43 18.06 -4.49 -7.97
C GLN B 43 16.86 -3.61 -8.35
N VAL B 44 17.13 -2.52 -9.06
CA VAL B 44 16.12 -1.56 -9.46
C VAL B 44 16.33 -1.17 -10.93
N PRO B 45 15.28 -0.73 -11.63
CA PRO B 45 15.35 -0.42 -13.05
C PRO B 45 16.03 0.91 -13.36
N ASP B 46 15.99 1.84 -12.40
CA ASP B 46 16.51 3.21 -12.47
C ASP B 46 16.21 4.00 -13.75
N GLU B 47 15.48 3.43 -14.72
CA GLU B 47 15.17 4.11 -15.97
C GLU B 47 14.24 5.31 -15.73
N MET B 48 13.58 5.36 -14.57
CA MET B 48 12.73 6.47 -14.21
C MET B 48 13.55 7.73 -13.98
N LEU B 49 14.70 7.60 -13.31
CA LEU B 49 15.58 8.74 -13.09
C LEU B 49 16.39 9.03 -14.36
N ASP B 50 16.45 8.06 -15.28
CA ASP B 50 17.09 8.29 -16.57
C ASP B 50 16.26 9.29 -17.39
N LEU B 51 14.98 9.44 -17.06
CA LEU B 51 14.14 10.46 -17.67
C LEU B 51 14.55 11.85 -17.20
N LEU B 52 15.08 11.94 -15.97
CA LEU B 52 15.53 13.22 -15.43
C LEU B 52 16.84 13.65 -16.07
N ASN B 53 17.54 12.75 -16.76
CA ASN B 53 18.74 13.13 -17.49
C ASN B 53 18.38 14.03 -18.68
N LYS B 54 17.09 14.31 -18.87
CA LYS B 54 16.61 15.18 -19.94
C LYS B 54 16.39 16.62 -19.46
N LEU B 55 16.43 16.87 -18.15
CA LEU B 55 16.18 18.21 -17.63
C LEU B 55 16.80 18.50 -16.26
N ALA B 56 17.49 17.53 -15.65
CA ALA B 56 18.08 17.73 -14.32
C ALA B 56 19.49 17.14 -14.21
N LEU B 57 20.08 16.71 -15.32
CA LEU B 57 21.44 16.16 -15.33
C LEU B 57 22.13 16.44 -16.65
N GLU B 58 23.44 16.19 -16.71
CA GLU B 58 24.29 16.43 -17.87
C GLU B 58 25.36 15.34 -17.96
N LEU B 59 26.21 15.41 -18.98
CA LEU B 59 27.28 14.45 -19.18
C LEU B 59 28.26 14.45 -18.00
N VAL B 60 29.07 13.39 -17.92
CA VAL B 60 30.05 13.22 -16.86
C VAL B 60 31.04 14.39 -16.83
N PRO B 61 31.36 14.92 -15.65
CA PRO B 61 32.31 16.01 -15.50
C PRO B 61 33.75 15.54 -15.73
N ARG B 62 34.68 16.50 -15.79
CA ARG B 62 36.09 16.22 -16.00
C ARG B 62 36.96 17.34 -15.41
N MET A 1 20.57 17.05 -9.32
CA MET A 1 20.56 17.89 -8.10
C MET A 1 20.56 17.02 -6.85
N SER A 2 19.40 16.57 -6.39
CA SER A 2 19.32 15.71 -5.20
C SER A 2 18.04 14.88 -5.16
N LEU A 3 17.12 15.04 -6.12
CA LEU A 3 15.87 14.29 -6.09
C LEU A 3 16.13 12.79 -6.29
N GLY A 4 17.09 12.43 -7.15
CA GLY A 4 17.43 11.04 -7.38
C GLY A 4 17.95 10.38 -6.11
N GLN A 5 18.57 11.17 -5.23
CA GLN A 5 19.11 10.68 -3.97
C GLN A 5 18.00 10.48 -2.94
N GLN A 6 16.74 10.72 -3.32
CA GLN A 6 15.60 10.58 -2.42
C GLN A 6 14.49 9.75 -3.07
N LEU A 7 14.66 9.34 -4.33
CA LEU A 7 13.70 8.48 -5.01
C LEU A 7 14.28 7.10 -5.26
N ALA A 8 15.62 6.98 -5.36
CA ALA A 8 16.28 5.70 -5.61
C ALA A 8 16.08 4.68 -4.49
N PRO A 9 16.18 5.04 -3.19
CA PRO A 9 16.08 4.08 -2.10
C PRO A 9 14.64 3.60 -1.85
N HIS A 10 13.68 4.13 -2.60
CA HIS A 10 12.28 3.76 -2.45
C HIS A 10 11.63 3.51 -3.82
N LEU A 11 12.47 3.41 -4.85
CA LEU A 11 12.07 3.22 -6.24
C LEU A 11 11.35 1.89 -6.50
N PRO A 12 11.78 0.75 -5.91
CA PRO A 12 11.23 -0.54 -6.28
C PRO A 12 9.86 -0.79 -5.67
N PHE A 13 9.54 -0.16 -4.53
CA PHE A 13 8.30 -0.45 -3.82
C PHE A 13 7.09 -0.36 -4.73
N LEU A 14 7.07 0.61 -5.64
CA LEU A 14 5.92 0.82 -6.50
C LEU A 14 5.70 -0.33 -7.48
N ARG A 15 6.74 -1.15 -7.73
CA ARG A 15 6.68 -2.20 -8.74
C ARG A 15 6.74 -3.60 -8.12
N ARG A 16 7.45 -3.74 -7.00
CA ARG A 16 7.62 -5.04 -6.35
C ARG A 16 6.33 -5.45 -5.63
N TYR A 17 5.34 -4.56 -5.57
CA TYR A 17 3.99 -4.90 -5.15
C TYR A 17 2.95 -4.24 -6.07
N GLY A 18 3.35 -3.27 -6.90
CA GLY A 18 2.44 -2.70 -7.88
C GLY A 18 1.90 -3.79 -8.78
N ARG A 19 2.71 -4.82 -9.08
CA ARG A 19 2.26 -5.94 -9.91
C ARG A 19 1.06 -6.66 -9.29
N ALA A 20 0.90 -6.56 -7.96
CA ALA A 20 -0.21 -7.17 -7.24
C ALA A 20 -1.37 -6.18 -7.13
N LEU A 21 -1.19 -4.99 -7.69
CA LEU A 21 -2.19 -3.92 -7.71
C LEU A 21 -2.54 -3.54 -9.15
N THR A 22 -1.99 -4.26 -10.13
CA THR A 22 -2.18 -3.95 -11.54
C THR A 22 -2.39 -5.20 -12.40
N GLY A 23 -2.07 -6.38 -11.86
CA GLY A 23 -2.28 -7.64 -12.57
C GLY A 23 -1.14 -7.99 -13.52
N SER A 24 -0.13 -7.12 -13.65
CA SER A 24 1.01 -7.38 -14.52
C SER A 24 2.20 -6.53 -14.13
N GLN A 25 3.39 -7.14 -14.10
CA GLN A 25 4.62 -6.40 -13.85
C GLN A 25 4.92 -5.42 -14.98
N ASN A 26 4.33 -5.61 -16.16
CA ASN A 26 4.52 -4.71 -17.28
C ASN A 26 3.72 -3.42 -17.06
N GLN A 27 2.61 -3.51 -16.32
CA GLN A 27 1.82 -2.34 -15.97
C GLN A 27 2.52 -1.60 -14.83
N GLY A 28 3.11 -2.34 -13.89
CA GLY A 28 3.85 -1.73 -12.79
C GLY A 28 5.10 -1.04 -13.31
N ASP A 29 5.67 -1.55 -14.40
CA ASP A 29 6.84 -0.95 -15.03
C ASP A 29 6.48 0.38 -15.68
N LYS A 30 5.33 0.46 -16.36
CA LYS A 30 4.97 1.67 -17.08
C LYS A 30 4.30 2.70 -16.19
N TYR A 31 3.66 2.30 -15.08
CA TYR A 31 3.07 3.27 -14.17
C TYR A 31 4.17 3.99 -13.40
N VAL A 32 5.25 3.28 -13.05
CA VAL A 32 6.38 3.91 -12.36
C VAL A 32 7.06 4.92 -13.25
N ARG A 33 7.25 4.59 -14.53
CA ARG A 33 7.94 5.49 -15.45
C ARG A 33 7.01 6.61 -15.91
N ALA A 34 5.69 6.36 -15.94
CA ALA A 34 4.72 7.39 -16.28
C ALA A 34 4.52 8.35 -15.11
N THR A 35 4.74 7.88 -13.87
CA THR A 35 4.68 8.75 -12.70
C THR A 35 5.78 9.80 -12.80
N LEU A 36 6.95 9.39 -13.28
CA LEU A 36 8.09 10.29 -13.40
C LEU A 36 7.85 11.26 -14.56
N GLU A 37 7.41 10.73 -15.70
CA GLU A 37 7.13 11.53 -16.89
C GLU A 37 6.10 12.62 -16.61
N ALA A 38 5.17 12.36 -15.69
CA ALA A 38 4.13 13.31 -15.33
C ALA A 38 4.66 14.42 -14.41
N ILE A 39 5.96 14.38 -14.09
CA ILE A 39 6.60 15.34 -13.19
C ILE A 39 7.80 15.98 -13.89
N VAL A 40 8.26 15.42 -15.01
CA VAL A 40 9.32 16.01 -15.84
C VAL A 40 8.90 17.39 -16.37
N ALA A 41 7.61 17.72 -16.28
CA ALA A 41 7.07 19.00 -16.71
C ALA A 41 6.34 19.68 -15.56
N ALA A 42 6.42 19.08 -14.36
CA ALA A 42 5.71 19.57 -13.19
C ALA A 42 6.44 19.17 -11.90
N PRO A 43 7.74 19.46 -11.77
CA PRO A 43 8.53 19.09 -10.61
C PRO A 43 8.08 19.85 -9.35
N ASP A 44 7.18 20.82 -9.52
CA ASP A 44 6.59 21.58 -8.43
C ASP A 44 5.43 20.80 -7.79
N GLN A 45 5.18 19.58 -8.27
CA GLN A 45 4.09 18.75 -7.79
C GLN A 45 4.60 17.50 -7.07
N PHE A 46 5.92 17.44 -6.82
CA PHE A 46 6.52 16.30 -6.14
C PHE A 46 7.41 16.78 -4.98
N PRO A 47 6.80 17.41 -3.96
CA PRO A 47 7.50 17.94 -2.80
C PRO A 47 8.07 16.82 -1.93
N ARG A 48 8.90 17.20 -0.96
CA ARG A 48 9.58 16.27 -0.06
C ARG A 48 9.30 16.62 1.40
N ASP A 49 8.31 17.50 1.62
CA ASP A 49 7.87 17.92 2.95
C ASP A 49 7.08 16.80 3.65
N VAL A 50 7.23 15.56 3.20
CA VAL A 50 6.50 14.39 3.70
C VAL A 50 7.46 13.22 3.85
N ASP A 51 6.96 12.07 4.32
CA ASP A 51 7.78 10.88 4.45
C ASP A 51 8.43 10.55 3.11
N PRO A 52 9.62 9.95 3.13
CA PRO A 52 10.39 9.64 1.93
C PRO A 52 9.73 8.52 1.11
N ARG A 53 8.54 8.07 1.51
CA ARG A 53 7.79 7.03 0.83
C ARG A 53 6.36 7.47 0.53
N LEU A 54 5.83 8.43 1.30
CA LEU A 54 4.47 8.90 1.06
C LEU A 54 4.39 9.64 -0.27
N GLY A 55 5.48 10.31 -0.67
CA GLY A 55 5.52 11.02 -1.95
C GLY A 55 5.61 10.03 -3.10
N LEU A 56 6.32 8.91 -2.90
CA LEU A 56 6.43 7.88 -3.92
C LEU A 56 5.06 7.26 -4.16
N TYR A 57 4.32 6.99 -3.09
CA TYR A 57 3.03 6.33 -3.18
C TYR A 57 1.96 7.28 -3.70
N ARG A 58 2.04 8.57 -3.36
CA ARG A 58 1.01 9.53 -3.72
C ARG A 58 1.02 9.87 -5.20
N MET A 59 2.20 9.96 -5.82
CA MET A 59 2.27 10.28 -7.24
C MET A 59 1.93 9.05 -8.06
N PHE A 60 2.26 7.84 -7.56
CA PHE A 60 1.88 6.61 -8.22
C PHE A 60 0.37 6.45 -8.17
N GLN A 61 -0.26 6.89 -7.07
CA GLN A 61 -1.70 6.82 -6.92
C GLN A 61 -2.38 7.70 -7.96
N GLY A 62 -1.73 8.80 -8.36
CA GLY A 62 -2.29 9.70 -9.34
C GLY A 62 -2.38 9.04 -10.72
N ILE A 63 -1.33 8.32 -11.12
CA ILE A 63 -1.34 7.63 -12.41
C ILE A 63 -2.27 6.41 -12.33
N TRP A 64 -2.25 5.70 -11.21
CA TRP A 64 -3.02 4.48 -11.06
C TRP A 64 -4.52 4.78 -11.03
N ALA A 65 -4.94 5.84 -10.34
CA ALA A 65 -6.35 6.19 -10.27
C ALA A 65 -6.86 6.64 -11.64
N SER A 66 -5.99 7.28 -12.44
CA SER A 66 -6.36 7.70 -13.78
C SER A 66 -6.51 6.50 -14.72
N ALA A 67 -5.83 5.40 -14.40
CA ALA A 67 -5.90 4.18 -15.20
C ALA A 67 -7.07 3.29 -14.77
N ASN A 68 -7.36 3.22 -13.48
CA ASN A 68 -8.48 2.42 -12.97
C ASN A 68 -9.80 3.08 -13.33
N ALA A 69 -9.77 4.36 -13.72
CA ALA A 69 -10.94 5.10 -14.14
C ALA A 69 -11.31 4.78 -15.59
N ASP A 70 -10.65 3.79 -16.19
CA ASP A 70 -10.89 3.42 -17.59
C ASP A 70 -11.10 1.92 -17.76
N GLY A 71 -10.94 1.13 -16.70
CA GLY A 71 -11.24 -0.30 -16.74
C GLY A 71 -10.23 -1.19 -16.04
N GLU A 72 -9.08 -0.66 -15.63
CA GLU A 72 -8.03 -1.44 -14.98
C GLU A 72 -8.40 -1.86 -13.55
N ALA A 73 -9.64 -1.56 -13.15
CA ALA A 73 -10.14 -1.78 -11.80
C ALA A 73 -10.58 -3.23 -11.56
N GLN A 74 -10.05 -4.18 -12.34
CA GLN A 74 -10.39 -5.59 -12.23
C GLN A 74 -9.24 -6.46 -12.73
N THR A 75 -9.32 -7.76 -12.46
CA THR A 75 -8.33 -8.77 -12.83
C THR A 75 -6.90 -8.30 -12.55
N SER A 76 -6.71 -7.61 -11.43
CA SER A 76 -5.44 -6.97 -11.10
C SER A 76 -4.98 -7.27 -9.68
N GLN A 77 -5.64 -8.21 -8.98
CA GLN A 77 -5.35 -8.51 -7.59
C GLN A 77 -4.03 -9.29 -7.41
N SER A 78 -3.47 -9.84 -8.49
CA SER A 78 -2.22 -10.59 -8.40
C SER A 78 -1.58 -10.79 -9.78
N ASP A 79 -0.31 -11.20 -9.78
CA ASP A 79 0.46 -11.49 -10.99
C ASP A 79 1.44 -12.65 -10.75
N ALA A 80 1.15 -13.50 -9.77
CA ALA A 80 1.97 -14.65 -9.45
C ALA A 80 1.10 -15.83 -9.03
N GLU A 81 1.73 -16.96 -8.70
CA GLU A 81 1.03 -18.18 -8.34
C GLU A 81 1.68 -18.86 -7.13
N GLY A 82 2.53 -18.14 -6.41
CA GLY A 82 3.20 -18.70 -5.23
C GLY A 82 3.57 -17.66 -4.18
N THR A 83 3.30 -16.37 -4.43
CA THR A 83 3.60 -15.33 -3.45
C THR A 83 2.65 -14.13 -3.57
N GLU A 84 1.59 -14.27 -4.39
CA GLU A 84 0.54 -13.27 -4.52
C GLU A 84 -0.82 -13.94 -4.59
N ALA A 85 -0.86 -15.17 -5.12
CA ALA A 85 -2.10 -15.94 -5.14
C ALA A 85 -2.48 -16.33 -3.72
N VAL A 86 -1.50 -16.46 -2.82
CA VAL A 86 -1.76 -16.77 -1.42
C VAL A 86 -2.47 -15.59 -0.74
N ALA A 87 -2.22 -14.38 -1.24
CA ALA A 87 -2.77 -13.16 -0.68
C ALA A 87 -4.16 -12.84 -1.23
N ARG A 88 -4.70 -13.70 -2.11
CA ARG A 88 -6.04 -13.53 -2.64
C ARG A 88 -6.85 -14.81 -2.54
N ALA A 89 -6.19 -15.97 -2.38
CA ALA A 89 -6.86 -17.24 -2.16
C ALA A 89 -7.40 -17.32 -0.73
N ARG A 90 -7.15 -16.28 0.07
CA ARG A 90 -7.59 -16.21 1.46
C ARG A 90 -8.34 -14.91 1.74
N LEU A 91 -8.26 -13.95 0.82
CA LEU A 91 -8.81 -12.61 0.99
C LEU A 91 -9.64 -12.23 -0.24
N ALA A 92 -10.15 -13.25 -0.96
CA ALA A 92 -10.95 -13.10 -2.18
C ALA A 92 -12.24 -12.27 -2.00
N ARG A 93 -12.45 -11.64 -0.84
CA ARG A 93 -13.66 -10.89 -0.56
C ARG A 93 -13.35 -9.49 -0.01
N MET A 94 -12.06 -9.15 0.12
CA MET A 94 -11.65 -7.84 0.62
C MET A 94 -12.01 -6.75 -0.38
N THR A 95 -12.32 -5.56 0.13
CA THR A 95 -12.69 -4.40 -0.69
C THR A 95 -11.51 -3.95 -1.55
N PRO A 96 -11.75 -3.55 -2.81
CA PRO A 96 -10.74 -3.03 -3.74
C PRO A 96 -9.89 -1.86 -3.25
N LEU A 97 -10.07 -1.41 -2.00
CA LEU A 97 -9.32 -0.29 -1.45
C LEU A 97 -8.77 -0.60 -0.05
N SER A 98 -9.33 -1.60 0.63
CA SER A 98 -8.83 -2.02 1.93
C SER A 98 -7.48 -2.70 1.79
N ARG A 99 -7.13 -3.18 0.59
CA ARG A 99 -5.87 -3.86 0.34
C ARG A 99 -4.70 -2.92 0.52
N GLN A 100 -4.80 -1.71 -0.03
CA GLN A 100 -3.72 -0.73 0.07
C GLN A 100 -3.79 0.03 1.40
N ALA A 101 -4.99 0.14 2.00
CA ALA A 101 -5.10 0.72 3.33
C ALA A 101 -4.43 -0.20 4.35
N LEU A 102 -4.53 -1.53 4.14
CA LEU A 102 -3.92 -2.52 5.01
C LEU A 102 -2.39 -2.45 4.87
N LEU A 103 -1.89 -2.20 3.66
CA LEU A 103 -0.46 -2.05 3.40
C LEU A 103 0.08 -0.80 4.09
N LEU A 104 -0.81 0.16 4.40
CA LEU A 104 -0.44 1.42 4.99
C LEU A 104 -0.48 1.37 6.53
N THR A 105 -1.11 0.34 7.12
CA THR A 105 -1.31 0.30 8.57
C THR A 105 -0.98 -1.06 9.19
N ALA A 106 -0.46 -2.01 8.41
CA ALA A 106 -0.02 -3.29 8.95
C ALA A 106 1.44 -3.55 8.59
N MET A 107 2.04 -2.70 7.76
CA MET A 107 3.40 -2.90 7.27
C MET A 107 4.18 -1.60 7.14
N GLU A 108 3.57 -0.46 7.48
CA GLU A 108 4.22 0.84 7.31
C GLU A 108 4.03 1.73 8.53
N GLY A 109 3.02 1.44 9.37
CA GLY A 109 2.82 2.11 10.64
C GLY A 109 2.61 3.62 10.55
N PHE A 110 2.26 4.15 9.37
CA PHE A 110 2.03 5.58 9.24
C PHE A 110 0.74 5.95 9.99
N SER A 111 0.57 7.25 10.28
CA SER A 111 -0.65 7.74 10.89
C SER A 111 -1.81 7.56 9.91
N PRO A 112 -3.03 7.28 10.41
CA PRO A 112 -4.22 7.20 9.58
C PRO A 112 -4.44 8.45 8.74
N GLU A 113 -3.82 9.58 9.13
CA GLU A 113 -3.94 10.83 8.40
C GLU A 113 -3.17 10.78 7.09
N ASP A 114 -2.06 10.03 7.05
CA ASP A 114 -1.26 9.90 5.84
C ASP A 114 -1.90 8.89 4.89
N ALA A 115 -2.49 7.83 5.46
CA ALA A 115 -3.22 6.84 4.70
C ALA A 115 -4.48 7.45 4.09
N ALA A 116 -5.09 8.42 4.78
CA ALA A 116 -6.29 9.08 4.29
C ALA A 116 -5.97 10.02 3.13
N TYR A 117 -4.77 10.61 3.15
CA TYR A 117 -4.28 11.46 2.08
C TYR A 117 -3.89 10.63 0.86
N LEU A 118 -3.59 9.35 1.07
CA LEU A 118 -3.14 8.46 0.01
C LEU A 118 -4.32 7.86 -0.77
N ILE A 119 -5.55 8.02 -0.28
CA ILE A 119 -6.74 7.52 -0.97
C ILE A 119 -7.86 8.56 -0.99
N GLU A 120 -7.54 9.81 -0.64
CA GLU A 120 -8.45 10.95 -0.67
C GLU A 120 -9.77 10.71 0.08
N VAL A 121 -9.67 10.43 1.38
CA VAL A 121 -10.82 10.27 2.26
C VAL A 121 -10.55 10.97 3.59
N ASP A 122 -11.52 10.91 4.52
CA ASP A 122 -11.35 11.47 5.85
C ASP A 122 -10.53 10.52 6.72
N THR A 123 -9.87 11.05 7.76
CA THR A 123 -9.07 10.23 8.65
C THR A 123 -9.91 9.13 9.30
N SER A 124 -11.16 9.45 9.64
CA SER A 124 -12.05 8.52 10.31
C SER A 124 -12.52 7.42 9.36
N GLU A 125 -12.53 7.69 8.05
CA GLU A 125 -12.92 6.66 7.09
C GLU A 125 -11.86 5.57 7.04
N VAL A 126 -10.57 5.95 7.10
CA VAL A 126 -9.50 4.96 7.06
C VAL A 126 -9.57 4.07 8.29
N GLU A 127 -9.85 4.67 9.46
CA GLU A 127 -9.91 3.92 10.71
C GLU A 127 -10.97 2.83 10.62
N THR A 128 -12.09 3.10 9.94
CA THR A 128 -13.16 2.12 9.80
C THR A 128 -12.80 1.09 8.73
N LEU A 129 -12.16 1.53 7.64
CA LEU A 129 -11.82 0.64 6.53
C LEU A 129 -10.80 -0.41 6.96
N VAL A 130 -9.85 -0.06 7.83
CA VAL A 130 -8.85 -1.04 8.27
C VAL A 130 -9.40 -1.90 9.40
N THR A 131 -10.32 -1.37 10.21
CA THR A 131 -10.90 -2.13 11.31
C THR A 131 -11.78 -3.25 10.76
N GLU A 132 -12.53 -2.99 9.68
CA GLU A 132 -13.36 -4.01 9.08
C GLU A 132 -12.52 -5.00 8.28
N ALA A 133 -11.37 -4.54 7.76
CA ALA A 133 -10.48 -5.40 7.00
C ALA A 133 -9.84 -6.45 7.89
N LEU A 134 -9.21 -6.03 8.99
CA LEU A 134 -8.53 -6.95 9.89
C LEU A 134 -9.51 -7.82 10.68
N ALA A 135 -10.75 -7.37 10.84
CA ALA A 135 -11.76 -8.18 11.49
C ALA A 135 -12.10 -9.38 10.62
N GLU A 136 -12.17 -9.18 9.30
CA GLU A 136 -12.43 -10.27 8.37
C GLU A 136 -11.21 -11.16 8.21
N ILE A 137 -10.02 -10.66 8.58
CA ILE A 137 -8.81 -11.48 8.51
C ILE A 137 -8.80 -12.49 9.66
N GLU A 138 -8.92 -12.02 10.91
CA GLU A 138 -8.86 -12.91 12.06
C GLU A 138 -10.05 -13.87 12.11
N LYS A 139 -11.14 -13.53 11.40
CA LYS A 139 -12.34 -14.33 11.39
C LYS A 139 -12.18 -15.65 10.63
N GLN A 140 -11.20 -15.75 9.72
CA GLN A 140 -11.15 -16.90 8.83
C GLN A 140 -9.81 -17.12 8.14
N THR A 141 -9.06 -16.06 7.81
CA THR A 141 -7.85 -16.12 6.97
C THR A 141 -8.08 -16.99 5.73
N ARG A 142 -9.34 -17.13 5.29
CA ARG A 142 -9.77 -18.04 4.23
C ARG A 142 -10.97 -17.45 3.49
N ALA A 143 -11.18 -16.14 3.59
CA ALA A 143 -12.35 -15.44 3.09
C ALA A 143 -12.64 -15.71 1.61
N LEU A 144 -13.92 -15.81 1.28
CA LEU A 144 -14.38 -15.99 -0.10
C LEU A 144 -15.83 -15.52 -0.27
N GLU A 145 -16.50 -15.15 0.82
CA GLU A 145 -17.88 -14.69 0.79
C GLU A 145 -18.18 -13.86 2.04
N LEU A 146 -19.07 -12.88 1.91
CA LEU A 146 -19.47 -11.99 3.00
C LEU A 146 -20.77 -11.29 2.60
N VAL A 147 -21.48 -10.72 3.58
CA VAL A 147 -22.74 -10.01 3.34
C VAL A 147 -22.76 -8.71 4.15
N PRO A 148 -23.41 -7.67 3.61
CA PRO A 148 -23.49 -6.34 4.20
C PRO A 148 -24.55 -6.22 5.30
N ARG A 149 -25.20 -7.33 5.68
CA ARG A 149 -26.33 -7.26 6.60
C ARG A 149 -26.32 -8.42 7.60
N GLY A 150 -27.08 -8.25 8.69
CA GLY A 150 -27.18 -9.23 9.77
C GLY A 150 -28.38 -8.91 10.65
N SER A 151 -28.52 -9.62 11.79
CA SER A 151 -29.64 -9.43 12.68
C SER A 151 -29.23 -9.69 14.13
N HIS A 152 -30.12 -9.39 15.08
CA HIS A 152 -29.87 -9.56 16.50
C HIS A 152 -31.19 -9.69 17.26
N HIS A 153 -31.14 -10.27 18.46
CA HIS A 153 -32.30 -10.44 19.32
C HIS A 153 -31.87 -10.56 20.78
N HIS A 154 -32.83 -10.57 21.70
CA HIS A 154 -32.55 -10.69 23.13
C HIS A 154 -33.64 -11.47 23.87
N HIS A 155 -34.81 -11.66 23.23
CA HIS A 155 -35.91 -12.40 23.82
C HIS A 155 -36.88 -12.88 22.73
N HIS A 156 -37.77 -13.80 23.10
CA HIS A 156 -38.80 -14.32 22.20
C HIS A 156 -40.03 -14.79 22.98
N HIS A 157 -40.00 -14.64 24.31
CA HIS A 157 -41.05 -15.07 25.23
C HIS A 157 -41.61 -16.44 24.86
N MET B 1 -49.10 -28.79 30.96
CA MET B 1 -49.83 -30.07 31.11
C MET B 1 -51.20 -29.84 31.70
N LEU B 2 -52.15 -30.74 31.41
CA LEU B 2 -53.55 -30.63 31.84
C LEU B 2 -54.14 -29.27 31.48
N ASP B 3 -53.69 -28.68 30.37
CA ASP B 3 -54.12 -27.38 29.90
C ASP B 3 -54.16 -27.33 28.37
N LEU B 4 -54.70 -26.25 27.81
CA LEU B 4 -54.82 -26.08 26.37
C LEU B 4 -53.43 -26.13 25.73
N PRO B 5 -53.23 -26.97 24.70
CA PRO B 5 -51.95 -27.11 24.02
C PRO B 5 -51.67 -25.91 23.12
N GLY B 6 -50.42 -25.81 22.67
CA GLY B 6 -49.98 -24.74 21.78
C GLY B 6 -48.48 -24.83 21.54
N ASN B 7 -47.97 -24.03 20.59
CA ASN B 7 -46.55 -24.01 20.26
C ASN B 7 -46.20 -22.70 19.54
N LYS B 8 -44.90 -22.41 19.44
CA LYS B 8 -44.38 -21.25 18.73
C LYS B 8 -42.96 -21.55 18.25
N ASP B 9 -42.53 -20.86 17.18
CA ASP B 9 -41.22 -21.09 16.57
C ASP B 9 -40.73 -19.83 15.85
N LYS B 10 -39.56 -19.92 15.23
CA LYS B 10 -38.95 -18.83 14.49
C LYS B 10 -38.13 -19.39 13.33
N LYS B 11 -37.53 -18.52 12.52
CA LYS B 11 -36.79 -18.92 11.33
C LYS B 11 -35.52 -18.08 11.15
N ALA B 12 -35.09 -17.39 12.21
CA ALA B 12 -33.92 -16.54 12.16
C ALA B 12 -33.20 -16.51 13.52
N SER B 13 -32.01 -15.91 13.55
CA SER B 13 -31.19 -15.78 14.75
C SER B 13 -30.23 -14.60 14.60
N SER B 14 -29.51 -14.28 15.66
CA SER B 14 -28.53 -13.19 15.65
C SER B 14 -27.34 -13.52 14.72
N LYS B 15 -26.54 -12.50 14.39
CA LYS B 15 -25.34 -12.67 13.59
C LYS B 15 -24.21 -13.35 14.37
N LYS B 16 -24.46 -13.66 15.66
CA LYS B 16 -23.48 -14.26 16.57
C LYS B 16 -22.17 -13.47 16.62
N SER B 17 -21.15 -14.06 17.27
CA SER B 17 -19.83 -13.46 17.42
C SER B 17 -19.86 -11.98 17.80
N PRO B 18 -20.57 -11.61 18.87
CA PRO B 18 -20.65 -10.24 19.34
C PRO B 18 -19.32 -9.79 19.94
N ALA B 19 -19.16 -8.48 20.15
CA ALA B 19 -17.93 -7.92 20.70
C ALA B 19 -18.20 -6.58 21.38
N LYS B 20 -17.20 -6.07 22.11
CA LYS B 20 -17.28 -4.80 22.81
C LYS B 20 -15.90 -4.13 22.90
N VAL B 21 -14.94 -4.64 22.11
CA VAL B 21 -13.56 -4.18 22.10
C VAL B 21 -13.03 -4.17 20.66
N GLN B 22 -11.74 -3.86 20.49
CA GLN B 22 -11.09 -3.81 19.20
C GLN B 22 -9.71 -4.45 19.25
N SER B 23 -9.07 -4.61 18.08
CA SER B 23 -7.78 -5.27 17.97
C SER B 23 -7.04 -4.77 16.72
N LYS B 24 -5.93 -5.42 16.36
CA LYS B 24 -5.10 -5.05 15.22
C LYS B 24 -4.75 -6.30 14.42
N ASP B 25 -4.07 -6.11 13.28
CA ASP B 25 -3.70 -7.22 12.40
C ASP B 25 -2.79 -8.22 13.10
N ARG B 26 -2.09 -7.75 14.15
CA ARG B 26 -1.13 -8.43 15.03
C ARG B 26 -0.03 -9.28 14.39
N ASP B 27 -0.27 -9.94 13.27
CA ASP B 27 0.73 -10.79 12.62
C ASP B 27 0.48 -10.88 11.11
N MET B 28 -0.71 -10.49 10.63
CA MET B 28 -1.04 -10.60 9.22
C MET B 28 -0.17 -9.66 8.38
N GLY B 29 0.26 -8.53 8.96
CA GLY B 29 1.09 -7.58 8.24
C GLY B 29 2.47 -8.17 7.96
N ALA B 30 2.99 -8.97 8.91
CA ALA B 30 4.29 -9.61 8.75
C ALA B 30 4.26 -10.65 7.62
N ALA B 31 3.07 -11.15 7.28
CA ALA B 31 2.93 -12.16 6.24
C ALA B 31 2.86 -11.49 4.88
N LEU B 32 2.20 -10.33 4.81
CA LEU B 32 2.04 -9.58 3.58
C LEU B 32 3.35 -8.91 3.17
N ARG B 33 4.06 -8.28 4.11
CA ARG B 33 5.32 -7.62 3.78
C ARG B 33 6.42 -8.64 3.55
N SER B 34 6.34 -9.83 4.15
CA SER B 34 7.34 -10.86 3.90
C SER B 34 7.25 -11.35 2.47
N ALA B 35 6.04 -11.42 1.91
CA ALA B 35 5.83 -11.85 0.54
C ALA B 35 6.34 -10.78 -0.44
N TYR B 36 6.29 -9.51 -0.06
CA TYR B 36 6.75 -8.43 -0.92
C TYR B 36 8.23 -8.11 -0.69
N GLN B 37 8.77 -8.40 0.49
CA GLN B 37 10.16 -8.09 0.78
C GLN B 37 11.09 -8.99 -0.02
N LYS B 38 10.74 -10.26 -0.20
CA LYS B 38 11.56 -11.16 -1.00
C LYS B 38 11.64 -10.69 -2.45
N THR B 39 10.68 -9.85 -2.86
CA THR B 39 10.66 -9.22 -4.18
C THR B 39 11.46 -7.92 -4.18
N ILE B 40 12.00 -7.50 -3.04
CA ILE B 40 12.71 -6.22 -2.90
C ILE B 40 14.15 -6.43 -2.45
N GLU B 41 14.52 -7.66 -2.08
CA GLU B 41 15.89 -8.01 -1.69
C GLU B 41 16.86 -7.99 -2.87
N GLU B 42 16.60 -7.17 -3.90
CA GLU B 42 17.43 -7.09 -5.09
C GLU B 42 17.55 -5.65 -5.60
N GLN B 43 18.31 -5.46 -6.68
CA GLN B 43 18.61 -4.15 -7.27
C GLN B 43 17.36 -3.38 -7.71
N VAL B 44 17.57 -2.16 -8.20
CA VAL B 44 16.52 -1.26 -8.63
C VAL B 44 16.87 -0.66 -10.00
N PRO B 45 15.88 -0.17 -10.76
CA PRO B 45 16.11 0.48 -12.04
C PRO B 45 16.68 1.88 -11.84
N ASP B 46 16.94 2.60 -12.93
CA ASP B 46 17.45 3.97 -12.85
C ASP B 46 16.97 4.82 -14.04
N GLU B 47 16.22 4.22 -14.98
CA GLU B 47 15.76 4.91 -16.17
C GLU B 47 14.77 6.03 -15.84
N MET B 48 14.11 5.96 -14.67
CA MET B 48 13.20 7.02 -14.25
C MET B 48 14.00 8.29 -13.97
N LEU B 49 15.11 8.16 -13.25
CA LEU B 49 15.91 9.30 -12.90
C LEU B 49 16.71 9.78 -14.11
N ASP B 50 16.90 8.90 -15.09
CA ASP B 50 17.53 9.28 -16.35
C ASP B 50 16.66 10.28 -17.10
N LEU B 51 15.36 10.32 -16.80
CA LEU B 51 14.47 11.32 -17.35
C LEU B 51 14.77 12.70 -16.75
N LEU B 52 15.31 12.72 -15.53
CA LEU B 52 15.66 13.98 -14.89
C LEU B 52 16.90 14.59 -15.51
N ASN B 53 17.69 13.79 -16.25
CA ASN B 53 18.84 14.30 -16.98
C ASN B 53 18.40 15.19 -18.15
N LYS B 54 17.15 15.66 -18.13
CA LYS B 54 16.60 16.55 -19.14
C LYS B 54 16.18 17.90 -18.52
N LEU B 55 16.33 18.05 -17.20
CA LEU B 55 15.99 19.27 -16.49
C LEU B 55 16.78 19.48 -15.19
N ALA B 56 17.45 18.43 -14.69
CA ALA B 56 18.27 18.53 -13.49
C ALA B 56 19.50 19.39 -13.75
N LEU B 57 20.23 19.71 -12.66
CA LEU B 57 21.45 20.50 -12.72
C LEU B 57 22.38 20.07 -11.60
N GLU B 58 23.67 20.40 -11.73
CA GLU B 58 24.70 20.08 -10.76
C GLU B 58 25.75 21.19 -10.73
N LEU B 59 26.70 21.10 -9.78
CA LEU B 59 27.75 22.09 -9.63
C LEU B 59 28.99 21.44 -9.02
N VAL B 60 30.16 22.04 -9.22
CA VAL B 60 31.42 21.54 -8.70
C VAL B 60 32.38 22.72 -8.50
N PRO B 61 33.17 22.72 -7.42
CA PRO B 61 34.16 23.77 -7.15
C PRO B 61 35.35 23.67 -8.09
N ARG B 62 36.20 24.71 -8.06
CA ARG B 62 37.41 24.84 -8.88
C ARG B 62 37.22 24.31 -10.30
#